data_1K3Q
#
_entry.id   1K3Q
#
loop_
_entity.id
_entity.type
_entity.pdbx_description
1 polymer 'Protein Kinase SPK1'
2 polymer 'DNA repair protein Rad9'
#
loop_
_entity_poly.entity_id
_entity_poly.type
_entity_poly.pdbx_seq_one_letter_code
_entity_poly.pdbx_strand_id
1 'polypeptide(L)'
;ATQRFLIEKFSQEQIGENIVCRVICTTGQIPIRDLSADISQVLKEKRSIKKVWTFGRNPACDYHLGNISRLSNKHFQILL
GEDGNLLLNDISTNGTWLNGQKVEKNSNQLLSQGDEITVGVGVESDILSLVIFINDKFKQCLEQNKVDRIR
;
A
2 'polypeptide(L)' SLEV(TPO)EADATFVQ B
#
# COMPACT_ATOMS: atom_id res chain seq x y z
N ALA A 1 42.57 -5.91 3.19
CA ALA A 1 42.53 -4.48 3.46
C ALA A 1 41.14 -3.91 3.20
N THR A 2 40.18 -4.27 4.05
CA THR A 2 38.81 -3.79 3.90
C THR A 2 38.50 -2.72 4.93
N GLN A 3 39.02 -1.51 4.70
CA GLN A 3 38.80 -0.39 5.61
C GLN A 3 37.34 0.07 5.53
N ARG A 4 36.84 0.25 4.31
CA ARG A 4 35.47 0.70 4.12
C ARG A 4 34.48 -0.39 4.54
N PHE A 5 34.83 -1.64 4.27
CA PHE A 5 33.97 -2.76 4.62
C PHE A 5 33.82 -2.88 6.13
N LEU A 6 34.89 -2.58 6.86
CA LEU A 6 34.87 -2.66 8.31
C LEU A 6 33.84 -1.71 8.89
N ILE A 7 33.76 -0.50 8.32
CA ILE A 7 32.80 0.49 8.79
C ILE A 7 31.37 0.08 8.45
N GLU A 8 31.19 -0.57 7.32
CA GLU A 8 29.87 -1.01 6.90
C GLU A 8 29.25 -1.92 7.96
N LYS A 9 30.09 -2.72 8.61
CA LYS A 9 29.65 -3.63 9.66
C LYS A 9 29.16 -2.84 10.87
N PHE A 10 29.64 -1.62 11.02
CA PHE A 10 29.26 -0.76 12.14
C PHE A 10 27.75 -0.57 12.21
N SER A 11 27.15 -0.26 11.07
CA SER A 11 25.71 -0.06 10.98
C SER A 11 24.98 -1.39 11.01
N GLN A 12 25.45 -2.34 10.20
CA GLN A 12 24.84 -3.67 10.13
C GLN A 12 23.42 -3.59 9.56
N GLU A 13 22.49 -3.13 10.38
CA GLU A 13 21.10 -3.01 9.96
C GLU A 13 20.76 -1.57 9.58
N GLN A 14 20.32 -1.37 8.35
CA GLN A 14 19.97 -0.04 7.86
C GLN A 14 18.47 0.09 7.65
N ILE A 15 17.81 0.89 8.49
CA ILE A 15 16.38 1.10 8.39
C ILE A 15 16.04 2.12 7.34
N GLY A 16 15.00 1.82 6.59
CA GLY A 16 14.54 2.71 5.53
C GLY A 16 15.48 2.70 4.34
N GLU A 17 15.83 1.49 3.89
CA GLU A 17 16.73 1.33 2.75
C GLU A 17 16.20 2.06 1.52
N ASN A 18 14.91 1.89 1.23
CA ASN A 18 14.29 2.52 0.08
C ASN A 18 12.80 2.29 0.17
N ILE A 19 12.34 2.28 1.40
CA ILE A 19 10.98 2.03 1.72
C ILE A 19 10.07 3.22 1.45
N VAL A 20 8.98 2.94 0.77
CA VAL A 20 8.01 3.93 0.40
C VAL A 20 6.97 4.05 1.51
N CYS A 21 6.27 2.94 1.74
CA CYS A 21 5.25 2.87 2.78
C CYS A 21 5.14 1.45 3.32
N ARG A 22 4.61 1.32 4.53
CA ARG A 22 4.47 0.00 5.16
C ARG A 22 3.01 -0.32 5.47
N VAL A 23 2.61 -1.55 5.21
CA VAL A 23 1.23 -1.97 5.46
C VAL A 23 1.15 -2.84 6.71
N ILE A 24 0.33 -2.40 7.66
CA ILE A 24 0.15 -3.12 8.92
C ILE A 24 -1.30 -3.52 9.13
N CYS A 25 -1.55 -4.82 9.19
CA CYS A 25 -2.91 -5.33 9.41
C CYS A 25 -3.29 -5.24 10.88
N THR A 26 -4.24 -4.37 11.19
CA THR A 26 -4.69 -4.19 12.56
C THR A 26 -5.77 -5.20 12.93
N THR A 27 -6.42 -5.78 11.92
CA THR A 27 -7.48 -6.76 12.17
C THR A 27 -6.92 -8.17 12.38
N GLY A 28 -5.59 -8.30 12.26
CA GLY A 28 -4.93 -9.57 12.47
C GLY A 28 -5.27 -10.63 11.45
N GLN A 29 -4.71 -10.51 10.25
CA GLN A 29 -4.93 -11.48 9.18
C GLN A 29 -3.71 -11.60 8.28
N ILE A 30 -3.11 -10.46 7.93
CA ILE A 30 -1.94 -10.43 7.06
C ILE A 30 -0.72 -9.92 7.83
N PRO A 31 0.47 -10.51 7.59
CA PRO A 31 1.69 -10.08 8.27
C PRO A 31 2.20 -8.74 7.75
N ILE A 32 2.72 -7.92 8.65
CA ILE A 32 3.22 -6.60 8.29
C ILE A 32 4.30 -6.68 7.20
N ARG A 33 4.12 -5.87 6.16
CA ARG A 33 5.06 -5.83 5.05
C ARG A 33 5.47 -4.39 4.77
N ASP A 34 6.55 -4.20 4.02
CA ASP A 34 7.03 -2.86 3.70
C ASP A 34 7.14 -2.64 2.20
N LEU A 35 6.39 -1.67 1.69
CA LEU A 35 6.43 -1.33 0.28
C LEU A 35 7.62 -0.42 0.01
N SER A 36 8.40 -0.70 -1.03
CA SER A 36 9.56 0.12 -1.31
C SER A 36 9.75 0.41 -2.78
N ALA A 37 10.44 1.52 -3.00
CA ALA A 37 10.77 1.97 -4.36
C ALA A 37 12.12 2.66 -4.37
N ASP A 38 12.89 2.43 -5.44
CA ASP A 38 14.21 3.03 -5.56
C ASP A 38 14.13 4.45 -6.09
N ILE A 39 14.97 5.33 -5.55
CA ILE A 39 15.00 6.73 -5.94
C ILE A 39 15.43 6.90 -7.40
N SER A 40 16.47 6.19 -7.78
CA SER A 40 17.01 6.27 -9.13
C SER A 40 15.92 5.92 -10.15
N GLN A 41 15.12 4.94 -9.79
CA GLN A 41 14.02 4.49 -10.65
C GLN A 41 12.95 5.55 -10.73
N VAL A 42 12.72 6.24 -9.62
CA VAL A 42 11.70 7.29 -9.56
C VAL A 42 12.10 8.47 -10.43
N LEU A 43 13.36 8.87 -10.34
CA LEU A 43 13.86 10.00 -11.13
C LEU A 43 13.99 9.62 -12.60
N LYS A 44 14.25 8.33 -12.85
CA LYS A 44 14.40 7.84 -14.21
C LYS A 44 13.03 7.59 -14.85
N GLU A 45 12.13 7.00 -14.08
CA GLU A 45 10.79 6.71 -14.58
C GLU A 45 10.04 7.98 -14.94
N LYS A 46 9.35 7.97 -16.07
CA LYS A 46 8.59 9.13 -16.52
C LYS A 46 7.35 8.71 -17.30
N ARG A 47 6.81 7.55 -16.95
CA ARG A 47 5.62 7.03 -17.62
C ARG A 47 4.37 7.27 -16.76
N SER A 48 4.34 8.41 -16.08
CA SER A 48 3.22 8.76 -15.23
C SER A 48 3.02 7.72 -14.11
N ILE A 49 4.11 7.04 -13.75
CA ILE A 49 4.06 6.03 -12.71
C ILE A 49 5.44 5.42 -12.47
N LYS A 50 5.81 5.29 -11.21
CA LYS A 50 7.10 4.72 -10.85
C LYS A 50 6.97 3.26 -10.42
N LYS A 51 6.29 3.04 -9.30
CA LYS A 51 6.08 1.69 -8.78
C LYS A 51 4.74 1.58 -8.06
N VAL A 52 4.01 0.52 -8.38
CA VAL A 52 2.70 0.30 -7.78
C VAL A 52 2.58 -1.11 -7.20
N TRP A 53 1.96 -1.19 -6.03
CA TRP A 53 1.75 -2.47 -5.36
C TRP A 53 0.31 -2.96 -5.49
N THR A 54 0.14 -4.26 -5.71
CA THR A 54 -1.19 -4.84 -5.81
C THR A 54 -1.45 -5.73 -4.60
N PHE A 55 -2.59 -5.53 -3.95
CA PHE A 55 -2.95 -6.31 -2.77
C PHE A 55 -4.19 -7.15 -3.01
N GLY A 56 -4.23 -8.32 -2.39
CA GLY A 56 -5.38 -9.21 -2.54
C GLY A 56 -5.06 -10.64 -2.18
N ARG A 57 -5.99 -11.54 -2.49
CA ARG A 57 -5.81 -12.96 -2.19
C ARG A 57 -4.98 -13.67 -3.25
N ASN A 58 -4.50 -12.92 -4.24
CA ASN A 58 -3.69 -13.50 -5.31
C ASN A 58 -2.22 -13.60 -4.88
N PRO A 59 -1.58 -14.76 -5.10
CA PRO A 59 -0.17 -14.96 -4.75
C PRO A 59 0.74 -14.08 -5.60
N ALA A 60 0.19 -13.50 -6.65
CA ALA A 60 0.93 -12.62 -7.52
C ALA A 60 0.96 -11.25 -6.91
N CYS A 61 -0.20 -10.87 -6.41
CA CYS A 61 -0.36 -9.60 -5.76
C CYS A 61 0.78 -9.32 -4.81
N ASP A 62 1.25 -8.11 -4.83
CA ASP A 62 2.32 -7.71 -3.94
C ASP A 62 1.93 -7.97 -2.49
N TYR A 63 0.63 -8.14 -2.24
CA TYR A 63 0.14 -8.40 -0.90
C TYR A 63 -0.80 -9.62 -0.89
N HIS A 64 -0.49 -10.59 -0.04
CA HIS A 64 -1.31 -11.79 0.07
C HIS A 64 -2.16 -11.75 1.34
N LEU A 65 -3.48 -11.87 1.17
CA LEU A 65 -4.39 -11.85 2.32
C LEU A 65 -4.64 -13.25 2.86
N GLY A 66 -5.64 -13.38 3.72
CA GLY A 66 -5.96 -14.67 4.31
C GLY A 66 -6.99 -15.44 3.49
N ASN A 67 -7.18 -15.04 2.25
CA ASN A 67 -8.13 -15.71 1.37
C ASN A 67 -9.58 -15.45 1.81
N ILE A 68 -10.09 -14.28 1.48
CA ILE A 68 -11.46 -13.91 1.83
C ILE A 68 -12.37 -13.95 0.60
N SER A 69 -13.45 -14.71 0.69
CA SER A 69 -14.39 -14.85 -0.41
C SER A 69 -14.89 -13.49 -0.88
N ARG A 70 -15.10 -12.57 0.05
CA ARG A 70 -15.58 -11.23 -0.29
C ARG A 70 -14.52 -10.44 -1.05
N LEU A 71 -13.28 -10.51 -0.58
CA LEU A 71 -12.18 -9.79 -1.22
C LEU A 71 -11.80 -10.43 -2.55
N SER A 72 -11.28 -9.63 -3.47
CA SER A 72 -10.88 -10.15 -4.79
C SER A 72 -9.39 -10.48 -4.84
N ASN A 73 -8.98 -11.22 -5.88
CA ASN A 73 -7.58 -11.61 -6.06
C ASN A 73 -6.68 -10.42 -5.76
N LYS A 74 -6.97 -9.32 -6.43
CA LYS A 74 -6.26 -8.07 -6.26
C LYS A 74 -7.27 -7.05 -5.77
N HIS A 75 -7.53 -7.08 -4.47
CA HIS A 75 -8.52 -6.22 -3.87
C HIS A 75 -8.20 -4.75 -4.03
N PHE A 76 -6.96 -4.39 -3.76
CA PHE A 76 -6.54 -2.99 -3.89
C PHE A 76 -5.11 -2.86 -4.35
N GLN A 77 -4.76 -1.69 -4.88
CA GLN A 77 -3.41 -1.45 -5.38
C GLN A 77 -2.89 -0.08 -4.96
N ILE A 78 -1.60 0.01 -4.62
CA ILE A 78 -1.02 1.29 -4.22
C ILE A 78 0.03 1.76 -5.22
N LEU A 79 -0.08 3.01 -5.66
CA LEU A 79 0.87 3.56 -6.64
C LEU A 79 1.76 4.62 -6.00
N LEU A 80 2.98 4.71 -6.52
CA LEU A 80 3.95 5.69 -6.03
C LEU A 80 4.46 6.56 -7.19
N GLY A 81 4.33 7.87 -7.04
CA GLY A 81 4.77 8.79 -8.07
C GLY A 81 4.66 10.24 -7.66
N GLU A 82 4.17 11.07 -8.57
CA GLU A 82 4.01 12.50 -8.29
C GLU A 82 5.36 13.15 -7.98
N ASP A 83 5.33 14.44 -7.69
CA ASP A 83 6.55 15.18 -7.37
C ASP A 83 7.25 14.59 -6.15
N GLY A 84 6.46 14.04 -5.24
CA GLY A 84 7.01 13.44 -4.03
C GLY A 84 5.94 12.98 -3.07
N ASN A 85 4.91 12.33 -3.61
CA ASN A 85 3.82 11.82 -2.78
C ASN A 85 3.37 10.44 -3.24
N LEU A 86 2.51 9.81 -2.45
CA LEU A 86 2.01 8.47 -2.78
C LEU A 86 0.52 8.51 -3.09
N LEU A 87 0.05 7.52 -3.83
CA LEU A 87 -1.35 7.44 -4.21
C LEU A 87 -1.88 6.02 -3.97
N LEU A 88 -3.15 5.92 -3.60
CA LEU A 88 -3.77 4.63 -3.36
C LEU A 88 -4.82 4.33 -4.41
N ASN A 89 -4.74 3.15 -5.02
CA ASN A 89 -5.68 2.77 -6.06
C ASN A 89 -6.49 1.54 -5.67
N ASP A 90 -7.79 1.73 -5.53
CA ASP A 90 -8.68 0.62 -5.18
C ASP A 90 -8.95 -0.23 -6.42
N ILE A 91 -8.96 -1.55 -6.25
CA ILE A 91 -9.18 -2.46 -7.38
C ILE A 91 -9.93 -3.72 -6.96
N SER A 92 -10.91 -3.59 -6.08
CA SER A 92 -11.67 -4.72 -5.61
C SER A 92 -13.00 -4.87 -6.35
N THR A 93 -13.55 -6.07 -6.30
CA THR A 93 -14.83 -6.35 -6.94
C THR A 93 -15.96 -5.62 -6.21
N ASN A 94 -15.86 -5.56 -4.88
CA ASN A 94 -16.89 -4.92 -4.08
C ASN A 94 -16.54 -3.48 -3.68
N GLY A 95 -15.25 -3.14 -3.73
CA GLY A 95 -14.86 -1.80 -3.38
C GLY A 95 -13.81 -1.74 -2.28
N THR A 96 -13.16 -0.59 -2.19
CA THR A 96 -12.12 -0.34 -1.19
C THR A 96 -12.57 0.80 -0.28
N TRP A 97 -12.33 0.68 1.02
CA TRP A 97 -12.75 1.70 1.96
C TRP A 97 -11.61 2.41 2.65
N LEU A 98 -11.86 3.68 2.95
CA LEU A 98 -10.90 4.50 3.67
C LEU A 98 -11.58 5.06 4.91
N ASN A 99 -11.12 4.63 6.08
CA ASN A 99 -11.68 5.06 7.34
C ASN A 99 -13.21 5.06 7.34
N GLY A 100 -13.82 4.02 6.77
CA GLY A 100 -15.25 3.94 6.74
C GLY A 100 -15.87 4.59 5.51
N GLN A 101 -15.07 5.33 4.76
CA GLN A 101 -15.58 5.99 3.57
C GLN A 101 -15.11 5.27 2.30
N LYS A 102 -16.07 4.78 1.53
CA LYS A 102 -15.79 4.07 0.32
C LYS A 102 -15.33 5.03 -0.79
N VAL A 103 -14.22 4.67 -1.44
CA VAL A 103 -13.67 5.49 -2.51
C VAL A 103 -13.98 4.90 -3.88
N GLU A 104 -13.82 5.71 -4.93
CA GLU A 104 -14.08 5.27 -6.29
C GLU A 104 -13.01 4.27 -6.74
N LYS A 105 -13.46 3.10 -7.20
CA LYS A 105 -12.53 2.06 -7.65
C LYS A 105 -11.54 2.63 -8.67
N ASN A 106 -10.44 1.90 -8.85
CA ASN A 106 -9.39 2.29 -9.78
C ASN A 106 -9.19 3.81 -9.84
N SER A 107 -9.39 4.46 -8.71
CA SER A 107 -9.23 5.90 -8.60
C SER A 107 -8.03 6.25 -7.72
N ASN A 108 -7.27 7.25 -8.16
CA ASN A 108 -6.09 7.68 -7.41
C ASN A 108 -6.48 8.58 -6.24
N GLN A 109 -5.93 8.27 -5.06
CA GLN A 109 -6.22 9.05 -3.87
C GLN A 109 -4.93 9.46 -3.18
N LEU A 110 -4.94 10.63 -2.55
CA LEU A 110 -3.76 11.12 -1.84
C LEU A 110 -3.55 10.34 -0.55
N LEU A 111 -2.29 9.96 -0.29
CA LEU A 111 -1.98 9.19 0.90
C LEU A 111 -2.20 9.99 2.17
N SER A 112 -2.47 9.27 3.24
CA SER A 112 -2.71 9.85 4.55
C SER A 112 -1.75 9.26 5.57
N GLN A 113 -1.43 10.01 6.62
CA GLN A 113 -0.52 9.53 7.66
C GLN A 113 -1.20 8.45 8.50
N GLY A 114 -0.56 7.29 8.60
CA GLY A 114 -1.12 6.20 9.36
C GLY A 114 -2.52 5.83 8.90
N ASP A 115 -2.83 6.17 7.65
CA ASP A 115 -4.14 5.89 7.08
C ASP A 115 -4.49 4.42 7.20
N GLU A 116 -5.73 4.09 6.91
CA GLU A 116 -6.20 2.71 6.98
C GLU A 116 -7.24 2.44 5.89
N ILE A 117 -7.10 1.29 5.22
CA ILE A 117 -8.02 0.91 4.16
C ILE A 117 -8.84 -0.29 4.59
N THR A 118 -10.16 -0.18 4.46
CA THR A 118 -11.06 -1.26 4.83
C THR A 118 -11.58 -1.95 3.58
N VAL A 119 -11.69 -3.28 3.62
CA VAL A 119 -12.13 -4.03 2.47
C VAL A 119 -13.07 -5.18 2.84
N GLY A 120 -13.85 -5.64 1.87
CA GLY A 120 -14.78 -6.72 2.10
C GLY A 120 -16.03 -6.25 2.81
N VAL A 121 -16.55 -5.13 2.36
CA VAL A 121 -17.73 -4.55 2.97
C VAL A 121 -19.02 -5.16 2.43
N GLY A 122 -19.96 -5.36 3.35
CA GLY A 122 -21.23 -5.95 3.04
C GLY A 122 -21.75 -6.68 4.25
N VAL A 123 -20.83 -7.33 4.94
CA VAL A 123 -21.12 -8.06 6.15
C VAL A 123 -20.18 -7.58 7.26
N GLU A 124 -20.74 -7.06 8.34
CA GLU A 124 -19.92 -6.56 9.44
C GLU A 124 -18.88 -7.56 9.87
N SER A 125 -19.17 -8.85 9.68
CA SER A 125 -18.26 -9.91 10.06
C SER A 125 -17.36 -10.34 8.90
N ASP A 126 -17.42 -9.63 7.76
CA ASP A 126 -16.60 -10.01 6.63
C ASP A 126 -15.80 -8.85 6.05
N ILE A 127 -15.47 -7.92 6.92
CA ILE A 127 -14.67 -6.77 6.54
C ILE A 127 -13.25 -6.87 7.10
N LEU A 128 -12.30 -6.48 6.27
CA LEU A 128 -10.88 -6.51 6.62
C LEU A 128 -10.31 -5.10 6.66
N SER A 129 -9.55 -4.80 7.70
CA SER A 129 -8.94 -3.48 7.87
C SER A 129 -7.42 -3.53 7.79
N LEU A 130 -6.86 -2.58 7.04
CA LEU A 130 -5.41 -2.48 6.87
C LEU A 130 -4.94 -1.06 7.15
N VAL A 131 -3.80 -0.92 7.83
CA VAL A 131 -3.25 0.39 8.14
C VAL A 131 -1.97 0.64 7.35
N ILE A 132 -1.83 1.86 6.82
CA ILE A 132 -0.69 2.22 6.04
C ILE A 132 0.25 3.15 6.81
N PHE A 133 1.53 2.79 6.83
CA PHE A 133 2.54 3.58 7.52
C PHE A 133 3.48 4.24 6.52
N ILE A 134 3.85 5.49 6.77
CA ILE A 134 4.72 6.22 5.87
C ILE A 134 6.12 6.40 6.46
N ASN A 135 7.13 6.15 5.63
CA ASN A 135 8.52 6.27 6.05
C ASN A 135 9.01 7.70 5.84
N ASP A 136 9.20 8.42 6.95
CA ASP A 136 9.67 9.80 6.89
C ASP A 136 11.01 9.91 6.16
N LYS A 137 11.79 8.83 6.20
CA LYS A 137 13.09 8.81 5.55
C LYS A 137 12.95 9.03 4.05
N PHE A 138 11.99 8.33 3.45
CA PHE A 138 11.74 8.43 2.02
C PHE A 138 11.40 9.86 1.63
N LYS A 139 10.55 10.50 2.42
CA LYS A 139 10.14 11.87 2.16
C LYS A 139 11.34 12.81 2.17
N GLN A 140 12.30 12.54 3.05
CA GLN A 140 13.50 13.36 3.15
C GLN A 140 14.25 13.40 1.83
N CYS A 141 14.38 12.25 1.18
CA CYS A 141 15.08 12.16 -0.09
C CYS A 141 14.36 12.95 -1.17
N LEU A 142 13.05 12.77 -1.24
CA LEU A 142 12.24 13.47 -2.24
C LEU A 142 12.21 14.98 -1.97
N GLU A 143 12.21 15.34 -0.69
CA GLU A 143 12.19 16.75 -0.30
C GLU A 143 13.47 17.46 -0.76
N GLN A 144 14.59 16.78 -0.60
CA GLN A 144 15.88 17.34 -1.00
C GLN A 144 16.14 17.09 -2.48
N ASN A 145 15.65 15.96 -2.98
CA ASN A 145 15.81 15.59 -4.39
C ASN A 145 17.24 15.87 -4.89
N LYS A 146 17.46 17.06 -5.43
CA LYS A 146 18.78 17.44 -5.93
C LYS A 146 19.63 18.05 -4.83
N VAL A 147 20.79 17.46 -4.59
CA VAL A 147 21.70 17.94 -3.55
C VAL A 147 22.72 18.91 -4.14
N ASP A 148 22.80 20.11 -3.56
CA ASP A 148 23.74 21.12 -4.02
C ASP A 148 25.09 20.96 -3.33
N ARG A 149 26.05 20.39 -4.04
CA ARG A 149 27.39 20.19 -3.50
C ARG A 149 28.39 19.89 -4.60
N ILE A 150 28.11 18.86 -5.39
CA ILE A 150 28.99 18.46 -6.49
C ILE A 150 28.61 19.18 -7.78
N ARG A 151 29.61 19.80 -8.41
CA ARG A 151 29.38 20.53 -9.66
C ARG A 151 29.13 19.56 -10.81
N SER B 1 -17.81 -9.44 -15.15
CA SER B 1 -17.54 -10.85 -14.79
C SER B 1 -18.18 -11.21 -13.46
N LEU B 2 -18.76 -12.41 -13.38
CA LEU B 2 -19.40 -12.87 -12.15
C LEU B 2 -19.30 -14.39 -12.02
N GLU B 3 -18.56 -14.83 -11.01
CA GLU B 3 -18.38 -16.27 -10.77
C GLU B 3 -17.68 -16.51 -9.44
N VAL B 4 -16.47 -15.98 -9.31
CA VAL B 4 -15.69 -16.14 -8.09
C VAL B 4 -15.66 -14.84 -7.29
N TPO B 5 -15.38 -14.96 -5.99
CA TPO B 5 -15.33 -13.79 -5.12
CB TPO B 5 -14.26 -12.78 -5.61
CG2 TPO B 5 -14.23 -11.55 -4.70
OG1 TPO B 5 -13.00 -13.39 -5.62
P TPO B 5 -12.13 -13.23 -6.91
O1P TPO B 5 -13.03 -13.78 -8.06
O2P TPO B 5 -11.97 -11.70 -7.09
O3P TPO B 5 -10.82 -13.95 -6.82
C TPO B 5 -16.67 -13.10 -5.04
O TPO B 5 -17.23 -12.68 -6.06
H2 TPO B 5 -15.22 -15.85 -5.62
HA TPO B 5 -15.04 -14.13 -4.14
HB TPO B 5 -14.52 -12.47 -6.61
HG21 TPO B 5 -13.43 -10.89 -5.04
HG22 TPO B 5 -14.02 -11.86 -3.69
HG23 TPO B 5 -15.18 -11.04 -4.76
N GLU B 6 -17.21 -12.98 -3.82
CA GLU B 6 -18.50 -12.34 -3.61
C GLU B 6 -18.45 -10.88 -4.03
N ALA B 7 -19.53 -10.41 -4.66
CA ALA B 7 -19.61 -9.03 -5.12
C ALA B 7 -20.97 -8.43 -4.80
N ASP B 8 -21.08 -7.11 -4.93
CA ASP B 8 -22.33 -6.41 -4.67
C ASP B 8 -22.67 -5.44 -5.80
N ALA B 9 -23.91 -4.94 -5.80
CA ALA B 9 -24.35 -4.01 -6.82
C ALA B 9 -25.75 -3.49 -6.52
N THR B 10 -25.89 -2.17 -6.48
CA THR B 10 -27.18 -1.54 -6.21
C THR B 10 -28.02 -1.44 -7.47
N PHE B 11 -29.33 -1.58 -7.32
CA PHE B 11 -30.25 -1.50 -8.46
C PHE B 11 -31.01 -0.18 -8.45
N VAL B 12 -30.28 0.92 -8.30
CA VAL B 12 -30.89 2.25 -8.27
C VAL B 12 -30.03 3.26 -9.01
N GLN B 13 -30.37 3.51 -10.27
CA GLN B 13 -29.63 4.46 -11.09
C GLN B 13 -30.54 5.10 -12.14
N ALA A 1 34.24 -2.82 7.75
CA ALA A 1 33.18 -3.13 8.70
C ALA A 1 33.37 -4.53 9.27
N THR A 2 33.57 -4.61 10.59
CA THR A 2 33.76 -5.89 11.25
C THR A 2 32.84 -6.01 12.46
N GLN A 3 33.11 -5.21 13.49
CA GLN A 3 32.31 -5.23 14.71
C GLN A 3 30.85 -4.87 14.41
N ARG A 4 30.67 -3.84 13.59
CA ARG A 4 29.33 -3.39 13.22
C ARG A 4 28.62 -4.43 12.35
N PHE A 5 29.37 -5.03 11.44
CA PHE A 5 28.82 -6.05 10.55
C PHE A 5 28.24 -7.22 11.34
N LEU A 6 28.92 -7.60 12.41
CA LEU A 6 28.48 -8.70 13.25
C LEU A 6 27.11 -8.40 13.85
N ILE A 7 26.92 -7.17 14.29
CA ILE A 7 25.65 -6.75 14.88
C ILE A 7 24.56 -6.61 13.81
N GLU A 8 24.96 -6.16 12.62
CA GLU A 8 24.02 -5.98 11.53
C GLU A 8 23.31 -7.29 11.22
N LYS A 9 24.02 -8.40 11.38
CA LYS A 9 23.44 -9.72 11.12
C LYS A 9 22.35 -10.05 12.13
N PHE A 10 22.41 -9.41 13.30
CA PHE A 10 21.42 -9.64 14.34
C PHE A 10 20.01 -9.37 13.85
N SER A 11 19.85 -8.23 13.18
CA SER A 11 18.55 -7.85 12.64
C SER A 11 18.28 -8.54 11.31
N GLN A 12 19.35 -8.88 10.60
CA GLN A 12 19.25 -9.56 9.31
C GLN A 12 18.61 -8.63 8.28
N GLU A 13 17.29 -8.48 8.35
CA GLU A 13 16.56 -7.62 7.43
C GLU A 13 16.87 -6.15 7.69
N GLN A 14 17.23 -5.43 6.63
CA GLN A 14 17.54 -4.01 6.75
C GLN A 14 16.30 -3.16 6.54
N ILE A 15 15.79 -2.60 7.64
CA ILE A 15 14.60 -1.75 7.58
C ILE A 15 14.94 -0.34 7.18
N GLY A 16 14.10 0.20 6.32
CA GLY A 16 14.28 1.56 5.84
C GLY A 16 15.37 1.65 4.77
N GLU A 17 15.55 0.57 4.03
CA GLU A 17 16.56 0.52 2.98
C GLU A 17 16.20 1.45 1.83
N ASN A 18 14.90 1.56 1.55
CA ASN A 18 14.41 2.42 0.47
C ASN A 18 12.90 2.25 0.41
N ILE A 19 12.34 2.14 1.58
CA ILE A 19 10.93 1.92 1.74
C ILE A 19 10.11 3.15 1.43
N VAL A 20 9.04 2.93 0.70
CA VAL A 20 8.14 3.96 0.30
C VAL A 20 7.03 4.11 1.33
N CYS A 21 6.32 3.00 1.54
CA CYS A 21 5.24 2.93 2.52
C CYS A 21 5.13 1.53 3.11
N ARG A 22 4.41 1.40 4.22
CA ARG A 22 4.26 0.10 4.87
C ARG A 22 2.79 -0.22 5.14
N VAL A 23 2.40 -1.47 4.91
CA VAL A 23 1.04 -1.91 5.15
C VAL A 23 0.96 -2.81 6.38
N ILE A 24 0.14 -2.42 7.35
CA ILE A 24 0.00 -3.16 8.58
C ILE A 24 -1.47 -3.52 8.85
N CYS A 25 -1.75 -4.81 8.98
CA CYS A 25 -3.11 -5.28 9.25
C CYS A 25 -3.40 -5.18 10.75
N THR A 26 -4.36 -4.33 11.12
CA THR A 26 -4.72 -4.13 12.51
C THR A 26 -5.71 -5.19 13.00
N THR A 27 -6.49 -5.75 12.08
CA THR A 27 -7.48 -6.76 12.43
C THR A 27 -6.83 -8.14 12.59
N GLY A 28 -5.53 -8.22 12.35
CA GLY A 28 -4.82 -9.48 12.51
C GLY A 28 -5.26 -10.53 11.52
N GLN A 29 -4.79 -10.43 10.28
CA GLN A 29 -5.13 -11.40 9.24
C GLN A 29 -3.97 -11.56 8.26
N ILE A 30 -3.40 -10.44 7.83
CA ILE A 30 -2.29 -10.44 6.88
C ILE A 30 -1.01 -9.95 7.54
N PRO A 31 0.15 -10.57 7.24
CA PRO A 31 1.43 -10.15 7.81
C PRO A 31 1.93 -8.84 7.22
N ILE A 32 2.47 -7.98 8.08
CA ILE A 32 2.97 -6.69 7.66
C ILE A 32 3.98 -6.80 6.51
N ARG A 33 3.80 -5.98 5.49
CA ARG A 33 4.69 -5.97 4.33
C ARG A 33 5.36 -4.61 4.18
N ASP A 34 6.42 -4.55 3.40
CA ASP A 34 7.13 -3.30 3.18
C ASP A 34 7.18 -2.92 1.71
N LEU A 35 6.60 -1.75 1.39
CA LEU A 35 6.60 -1.25 0.03
C LEU A 35 7.79 -0.33 -0.16
N SER A 36 8.62 -0.59 -1.16
CA SER A 36 9.79 0.24 -1.39
C SER A 36 10.03 0.56 -2.84
N ALA A 37 10.72 1.66 -3.03
CA ALA A 37 11.09 2.14 -4.35
C ALA A 37 12.40 2.92 -4.30
N ASP A 38 13.23 2.75 -5.32
CA ASP A 38 14.52 3.43 -5.36
C ASP A 38 14.38 4.84 -5.94
N ILE A 39 15.10 5.78 -5.34
CA ILE A 39 15.08 7.18 -5.76
C ILE A 39 15.64 7.38 -7.16
N SER A 40 16.76 6.74 -7.43
CA SER A 40 17.43 6.85 -8.72
C SER A 40 16.49 6.45 -9.85
N GLN A 41 15.74 5.39 -9.61
CA GLN A 41 14.79 4.88 -10.59
C GLN A 41 13.64 5.86 -10.79
N VAL A 42 13.23 6.50 -9.70
CA VAL A 42 12.14 7.45 -9.73
C VAL A 42 12.56 8.73 -10.47
N LEU A 43 13.74 9.24 -10.13
CA LEU A 43 14.26 10.45 -10.76
C LEU A 43 14.66 10.18 -12.20
N LYS A 44 15.05 8.94 -12.50
CA LYS A 44 15.45 8.56 -13.84
C LYS A 44 14.23 8.30 -14.73
N GLU A 45 13.30 7.52 -14.21
CA GLU A 45 12.09 7.19 -14.96
C GLU A 45 11.26 8.44 -15.24
N LYS A 46 11.21 8.83 -16.51
CA LYS A 46 10.45 10.00 -16.92
C LYS A 46 9.07 9.61 -17.44
N ARG A 47 8.34 8.85 -16.64
CA ARG A 47 7.00 8.40 -17.01
C ARG A 47 5.96 8.92 -16.03
N SER A 48 4.72 8.48 -16.20
CA SER A 48 3.63 8.92 -15.33
C SER A 48 3.61 8.10 -14.04
N ILE A 49 4.08 6.86 -14.12
CA ILE A 49 4.11 5.98 -12.96
C ILE A 49 5.51 5.43 -12.72
N LYS A 50 5.86 5.21 -11.46
CA LYS A 50 7.17 4.68 -11.10
C LYS A 50 7.06 3.24 -10.61
N LYS A 51 6.35 3.05 -9.51
CA LYS A 51 6.18 1.71 -8.95
C LYS A 51 4.87 1.59 -8.19
N VAL A 52 4.11 0.53 -8.48
CA VAL A 52 2.83 0.32 -7.83
C VAL A 52 2.72 -1.08 -7.24
N TRP A 53 2.14 -1.15 -6.05
CA TRP A 53 1.95 -2.41 -5.34
C TRP A 53 0.52 -2.93 -5.46
N THR A 54 0.39 -4.24 -5.64
CA THR A 54 -0.93 -4.87 -5.72
C THR A 54 -1.18 -5.75 -4.49
N PHE A 55 -2.34 -5.59 -3.88
CA PHE A 55 -2.69 -6.35 -2.69
C PHE A 55 -3.95 -7.17 -2.92
N GLY A 56 -4.01 -8.36 -2.32
CA GLY A 56 -5.17 -9.22 -2.47
C GLY A 56 -4.90 -10.66 -2.10
N ARG A 57 -5.86 -11.54 -2.42
CA ARG A 57 -5.74 -12.96 -2.10
C ARG A 57 -4.89 -13.70 -3.13
N ASN A 58 -4.36 -12.97 -4.11
CA ASN A 58 -3.55 -13.59 -5.15
C ASN A 58 -2.09 -13.71 -4.70
N PRO A 59 -1.46 -14.88 -4.94
CA PRO A 59 -0.06 -15.11 -4.56
C PRO A 59 0.88 -14.25 -5.37
N ALA A 60 0.36 -13.64 -6.44
CA ALA A 60 1.14 -12.77 -7.28
C ALA A 60 1.20 -11.40 -6.67
N CYS A 61 0.03 -10.99 -6.21
CA CYS A 61 -0.13 -9.71 -5.58
C CYS A 61 0.99 -9.44 -4.59
N ASP A 62 1.48 -8.23 -4.60
CA ASP A 62 2.54 -7.83 -3.70
C ASP A 62 2.11 -8.09 -2.25
N TYR A 63 0.80 -8.23 -2.02
CA TYR A 63 0.28 -8.48 -0.68
C TYR A 63 -0.67 -9.68 -0.68
N HIS A 64 -0.29 -10.72 0.05
CA HIS A 64 -1.11 -11.93 0.13
C HIS A 64 -1.86 -11.97 1.46
N LEU A 65 -3.17 -11.74 1.39
CA LEU A 65 -4.01 -11.75 2.59
C LEU A 65 -4.35 -13.18 3.01
N GLY A 66 -5.17 -13.85 2.19
CA GLY A 66 -5.57 -15.21 2.50
C GLY A 66 -6.46 -15.80 1.42
N ASN A 67 -7.76 -15.55 1.53
CA ASN A 67 -8.72 -16.07 0.56
C ASN A 67 -10.14 -15.69 0.94
N ILE A 68 -10.36 -14.40 1.23
CA ILE A 68 -11.68 -13.92 1.61
C ILE A 68 -12.59 -13.83 0.38
N SER A 69 -13.76 -14.45 0.49
CA SER A 69 -14.73 -14.45 -0.61
C SER A 69 -15.09 -13.02 -1.04
N ARG A 70 -15.27 -12.14 -0.05
CA ARG A 70 -15.61 -10.76 -0.33
C ARG A 70 -14.47 -10.03 -1.05
N LEU A 71 -13.24 -10.26 -0.59
CA LEU A 71 -12.08 -9.62 -1.18
C LEU A 71 -11.75 -10.25 -2.53
N SER A 72 -11.14 -9.46 -3.42
CA SER A 72 -10.78 -9.94 -4.75
C SER A 72 -9.30 -10.34 -4.84
N ASN A 73 -8.94 -11.03 -5.92
CA ASN A 73 -7.55 -11.46 -6.13
C ASN A 73 -6.60 -10.32 -5.80
N LYS A 74 -6.85 -9.19 -6.43
CA LYS A 74 -6.09 -7.97 -6.19
C LYS A 74 -7.06 -6.95 -5.62
N HIS A 75 -7.27 -7.04 -4.32
CA HIS A 75 -8.22 -6.18 -3.65
C HIS A 75 -7.90 -4.71 -3.81
N PHE A 76 -6.64 -4.37 -3.64
CA PHE A 76 -6.23 -2.96 -3.76
C PHE A 76 -4.80 -2.82 -4.27
N GLN A 77 -4.49 -1.65 -4.81
CA GLN A 77 -3.17 -1.38 -5.36
C GLN A 77 -2.65 -0.01 -4.92
N ILE A 78 -1.36 0.10 -4.65
CA ILE A 78 -0.78 1.39 -4.26
C ILE A 78 0.27 1.85 -5.26
N LEU A 79 0.15 3.09 -5.73
CA LEU A 79 1.10 3.62 -6.71
C LEU A 79 1.98 4.73 -6.12
N LEU A 80 3.19 4.83 -6.65
CA LEU A 80 4.14 5.85 -6.21
C LEU A 80 4.62 6.66 -7.40
N GLY A 81 4.45 7.97 -7.33
CA GLY A 81 4.86 8.84 -8.42
C GLY A 81 6.11 9.63 -8.09
N GLU A 82 6.58 10.41 -9.06
CA GLU A 82 7.77 11.23 -8.87
C GLU A 82 7.40 12.66 -8.53
N ASP A 83 6.24 12.85 -7.92
CA ASP A 83 5.78 14.18 -7.54
C ASP A 83 6.21 14.53 -6.12
N GLY A 84 6.41 13.50 -5.30
CA GLY A 84 6.83 13.73 -3.92
C GLY A 84 5.90 13.08 -2.91
N ASN A 85 4.73 12.66 -3.38
CA ASN A 85 3.74 12.04 -2.50
C ASN A 85 3.41 10.62 -2.98
N LEU A 86 2.38 10.03 -2.38
CA LEU A 86 1.96 8.68 -2.74
C LEU A 86 0.48 8.65 -3.12
N LEU A 87 0.08 7.61 -3.84
CA LEU A 87 -1.31 7.47 -4.26
C LEU A 87 -1.83 6.08 -3.95
N LEU A 88 -3.10 5.98 -3.59
CA LEU A 88 -3.72 4.70 -3.27
C LEU A 88 -4.75 4.35 -4.33
N ASN A 89 -4.60 3.17 -4.94
CA ASN A 89 -5.54 2.74 -5.98
C ASN A 89 -6.30 1.50 -5.56
N ASP A 90 -7.61 1.64 -5.41
CA ASP A 90 -8.46 0.52 -5.05
C ASP A 90 -8.73 -0.33 -6.29
N ILE A 91 -8.70 -1.65 -6.13
CA ILE A 91 -8.93 -2.55 -7.26
C ILE A 91 -9.78 -3.75 -6.88
N SER A 92 -10.58 -3.62 -5.82
CA SER A 92 -11.42 -4.69 -5.35
C SER A 92 -12.79 -4.69 -6.01
N THR A 93 -13.40 -5.85 -6.02
CA THR A 93 -14.74 -6.02 -6.59
C THR A 93 -15.79 -5.33 -5.73
N ASN A 94 -15.78 -5.65 -4.44
CA ASN A 94 -16.74 -5.10 -3.50
C ASN A 94 -16.37 -3.68 -3.08
N GLY A 95 -15.23 -3.18 -3.54
CA GLY A 95 -14.82 -1.85 -3.20
C GLY A 95 -13.78 -1.82 -2.09
N THR A 96 -13.04 -0.72 -2.03
CA THR A 96 -12.00 -0.50 -1.03
C THR A 96 -12.36 0.69 -0.17
N TRP A 97 -12.16 0.58 1.13
CA TRP A 97 -12.52 1.66 2.05
C TRP A 97 -11.33 2.31 2.72
N LEU A 98 -11.48 3.59 3.01
CA LEU A 98 -10.47 4.35 3.72
C LEU A 98 -11.11 4.96 4.95
N ASN A 99 -10.68 4.50 6.12
CA ASN A 99 -11.23 4.98 7.39
C ASN A 99 -12.76 5.06 7.38
N GLY A 100 -13.41 4.05 6.81
CA GLY A 100 -14.85 4.03 6.77
C GLY A 100 -15.44 4.72 5.55
N GLN A 101 -14.59 5.35 4.75
CA GLN A 101 -15.07 6.05 3.56
C GLN A 101 -14.73 5.25 2.29
N LYS A 102 -15.77 4.85 1.58
CA LYS A 102 -15.62 4.10 0.36
C LYS A 102 -15.14 4.98 -0.80
N VAL A 103 -13.92 4.74 -1.26
CA VAL A 103 -13.34 5.50 -2.34
C VAL A 103 -13.69 4.88 -3.70
N GLU A 104 -13.54 5.67 -4.76
CA GLU A 104 -13.84 5.19 -6.10
C GLU A 104 -12.82 4.15 -6.54
N LYS A 105 -13.29 2.99 -7.00
CA LYS A 105 -12.40 1.93 -7.44
C LYS A 105 -11.42 2.46 -8.47
N ASN A 106 -10.33 1.72 -8.66
CA ASN A 106 -9.28 2.08 -9.62
C ASN A 106 -9.09 3.59 -9.73
N SER A 107 -9.24 4.27 -8.60
CA SER A 107 -9.07 5.72 -8.54
C SER A 107 -7.83 6.10 -7.72
N ASN A 108 -7.17 7.17 -8.14
CA ASN A 108 -5.98 7.65 -7.44
C ASN A 108 -6.36 8.59 -6.30
N GLN A 109 -5.90 8.27 -5.10
CA GLN A 109 -6.20 9.10 -3.94
C GLN A 109 -4.93 9.44 -3.16
N LEU A 110 -4.89 10.63 -2.58
CA LEU A 110 -3.75 11.06 -1.80
C LEU A 110 -3.72 10.34 -0.46
N LEU A 111 -2.64 9.59 -0.20
CA LEU A 111 -2.52 8.84 1.03
C LEU A 111 -2.64 9.73 2.26
N SER A 112 -2.85 9.09 3.39
CA SER A 112 -2.97 9.76 4.68
C SER A 112 -1.96 9.18 5.67
N GLN A 113 -1.55 9.98 6.65
CA GLN A 113 -0.57 9.51 7.62
C GLN A 113 -1.21 8.48 8.55
N GLY A 114 -0.59 7.30 8.61
CA GLY A 114 -1.10 6.23 9.44
C GLY A 114 -2.53 5.86 9.06
N ASP A 115 -2.92 6.20 7.83
CA ASP A 115 -4.25 5.91 7.35
C ASP A 115 -4.57 4.43 7.47
N GLU A 116 -5.80 4.07 7.15
CA GLU A 116 -6.24 2.68 7.22
C GLU A 116 -7.22 2.35 6.11
N ILE A 117 -7.03 1.20 5.46
CA ILE A 117 -7.92 0.78 4.40
C ILE A 117 -8.80 -0.37 4.86
N THR A 118 -10.10 -0.21 4.69
CA THR A 118 -11.05 -1.25 5.09
C THR A 118 -11.58 -1.97 3.85
N VAL A 119 -11.73 -3.29 3.97
CA VAL A 119 -12.19 -4.08 2.84
C VAL A 119 -13.18 -5.18 3.26
N GLY A 120 -13.97 -5.64 2.30
CA GLY A 120 -14.94 -6.67 2.56
C GLY A 120 -16.19 -6.13 3.21
N VAL A 121 -16.66 -5.00 2.71
CA VAL A 121 -17.83 -4.36 3.26
C VAL A 121 -19.11 -4.94 2.69
N GLY A 122 -20.10 -5.08 3.57
CA GLY A 122 -21.37 -5.64 3.23
C GLY A 122 -21.90 -6.46 4.38
N VAL A 123 -20.97 -7.12 5.06
CA VAL A 123 -21.27 -7.92 6.22
C VAL A 123 -20.39 -7.47 7.38
N GLU A 124 -21.02 -7.11 8.49
CA GLU A 124 -20.28 -6.63 9.66
C GLU A 124 -19.16 -7.58 10.05
N SER A 125 -19.38 -8.87 9.84
CA SER A 125 -18.39 -9.88 10.18
C SER A 125 -17.49 -10.25 9.01
N ASP A 126 -17.59 -9.53 7.88
CA ASP A 126 -16.78 -9.85 6.72
C ASP A 126 -15.92 -8.69 6.25
N ILE A 127 -15.64 -7.79 7.16
CA ILE A 127 -14.81 -6.64 6.85
C ILE A 127 -13.43 -6.78 7.48
N LEU A 128 -12.43 -6.37 6.73
CA LEU A 128 -11.03 -6.43 7.16
C LEU A 128 -10.40 -5.04 7.06
N SER A 129 -9.68 -4.64 8.10
CA SER A 129 -9.04 -3.33 8.10
C SER A 129 -7.53 -3.44 8.00
N LEU A 130 -6.95 -2.41 7.40
CA LEU A 130 -5.51 -2.32 7.22
C LEU A 130 -5.01 -0.92 7.56
N VAL A 131 -3.72 -0.81 7.88
CA VAL A 131 -3.13 0.49 8.22
C VAL A 131 -1.93 0.79 7.33
N ILE A 132 -1.81 2.04 6.91
CA ILE A 132 -0.74 2.46 6.06
C ILE A 132 0.30 3.28 6.82
N PHE A 133 1.54 2.82 6.79
CA PHE A 133 2.64 3.51 7.47
C PHE A 133 3.55 4.17 6.44
N ILE A 134 3.66 5.49 6.52
CA ILE A 134 4.49 6.25 5.59
C ILE A 134 5.86 6.56 6.19
N ASN A 135 6.90 6.35 5.39
CA ASN A 135 8.27 6.62 5.84
C ASN A 135 8.63 8.08 5.62
N ASP A 136 8.78 8.82 6.72
CA ASP A 136 9.13 10.24 6.65
C ASP A 136 10.45 10.45 5.93
N LYS A 137 11.34 9.46 6.03
CA LYS A 137 12.64 9.55 5.39
C LYS A 137 12.48 9.72 3.88
N PHE A 138 11.57 8.96 3.29
CA PHE A 138 11.31 9.03 1.87
C PHE A 138 10.89 10.44 1.46
N LYS A 139 10.01 11.04 2.25
CA LYS A 139 9.52 12.39 1.98
C LYS A 139 10.66 13.40 2.01
N GLN A 140 11.60 13.20 2.92
CA GLN A 140 12.74 14.09 3.07
C GLN A 140 13.55 14.16 1.77
N CYS A 141 13.83 12.99 1.20
CA CYS A 141 14.60 12.90 -0.04
C CYS A 141 13.86 13.60 -1.19
N LEU A 142 12.58 13.31 -1.31
CA LEU A 142 11.76 13.90 -2.36
C LEU A 142 11.62 15.41 -2.16
N GLU A 143 11.46 15.82 -0.90
CA GLU A 143 11.31 17.24 -0.57
C GLU A 143 12.54 18.02 -0.99
N GLN A 144 13.72 17.47 -0.72
CA GLN A 144 14.98 18.13 -1.07
C GLN A 144 15.34 17.86 -2.52
N ASN A 145 15.04 16.65 -2.99
CA ASN A 145 15.33 16.25 -4.37
C ASN A 145 16.72 16.72 -4.80
N LYS A 146 17.71 15.87 -4.60
CA LYS A 146 19.08 16.20 -4.98
C LYS A 146 19.22 16.31 -6.49
N VAL A 147 19.79 17.41 -6.95
CA VAL A 147 19.98 17.64 -8.38
C VAL A 147 21.41 17.30 -8.81
N ASP A 148 21.53 16.51 -9.87
CA ASP A 148 22.83 16.10 -10.38
C ASP A 148 22.80 15.93 -11.89
N ARG A 149 23.19 16.99 -12.61
CA ARG A 149 23.20 16.95 -14.06
C ARG A 149 24.34 17.81 -14.62
N ILE A 150 24.64 17.62 -15.89
CA ILE A 150 25.71 18.37 -16.55
C ILE A 150 25.22 19.76 -16.96
N ARG A 151 25.92 20.79 -16.49
CA ARG A 151 25.57 22.16 -16.81
C ARG A 151 26.28 22.63 -18.09
N SER B 1 -11.91 -25.52 -3.37
CA SER B 1 -12.47 -25.51 -4.75
C SER B 1 -12.93 -24.12 -5.16
N LEU B 2 -12.73 -23.78 -6.42
CA LEU B 2 -13.13 -22.48 -6.94
C LEU B 2 -12.39 -21.35 -6.22
N GLU B 3 -12.32 -20.19 -6.85
CA GLU B 3 -11.64 -19.04 -6.25
C GLU B 3 -12.25 -17.74 -6.77
N VAL B 4 -13.54 -17.77 -7.07
CA VAL B 4 -14.24 -16.59 -7.57
C VAL B 4 -14.48 -15.58 -6.45
N TPO B 5 -14.70 -14.32 -6.82
CA TPO B 5 -14.95 -13.28 -5.85
CB TPO B 5 -14.33 -11.94 -6.30
CG2 TPO B 5 -14.62 -10.83 -5.29
OG1 TPO B 5 -12.95 -12.08 -6.45
P TPO B 5 -12.33 -11.88 -7.87
O1P TPO B 5 -10.97 -12.62 -7.82
O2P TPO B 5 -13.29 -12.66 -8.81
O3P TPO B 5 -12.21 -10.44 -8.25
C TPO B 5 -16.45 -13.09 -5.63
O TPO B 5 -17.23 -13.04 -6.57
H2 TPO B 5 -14.70 -14.11 -7.77
HA TPO B 5 -14.49 -13.57 -4.91
HB TPO B 5 -14.76 -11.66 -7.25
HG21 TPO B 5 -14.24 -11.12 -4.32
HG22 TPO B 5 -15.69 -10.68 -5.22
HG23 TPO B 5 -14.15 -9.91 -5.62
N GLU B 6 -16.84 -12.98 -4.36
CA GLU B 6 -18.25 -12.80 -4.00
C GLU B 6 -18.58 -11.32 -3.84
N ALA B 7 -19.34 -10.78 -4.78
CA ALA B 7 -19.73 -9.37 -4.73
C ALA B 7 -21.24 -9.22 -4.56
N ASP B 8 -21.64 -8.28 -3.71
CA ASP B 8 -23.06 -8.04 -3.45
C ASP B 8 -23.53 -6.75 -4.13
N ALA B 9 -24.81 -6.44 -3.97
CA ALA B 9 -25.38 -5.25 -4.56
C ALA B 9 -25.99 -4.34 -3.50
N THR B 10 -25.55 -3.07 -3.49
CA THR B 10 -26.05 -2.11 -2.52
C THR B 10 -26.74 -0.94 -3.22
N PHE B 11 -26.19 -0.53 -4.36
CA PHE B 11 -26.74 0.55 -5.13
C PHE B 11 -26.90 0.10 -6.58
N VAL B 12 -26.82 1.04 -7.47
CA VAL B 12 -26.95 0.78 -8.89
C VAL B 12 -25.61 0.41 -9.51
N GLN B 13 -25.66 -0.37 -10.59
CA GLN B 13 -24.44 -0.80 -11.27
C GLN B 13 -24.70 -1.02 -12.75
N ALA A 1 25.89 -11.13 -5.54
CA ALA A 1 25.08 -11.47 -4.37
C ALA A 1 23.62 -11.12 -4.60
N THR A 2 22.90 -11.99 -5.31
CA THR A 2 21.49 -11.76 -5.59
C THR A 2 20.61 -12.66 -4.73
N GLN A 3 20.68 -13.96 -4.98
CA GLN A 3 19.89 -14.93 -4.24
C GLN A 3 20.37 -15.02 -2.79
N ARG A 4 21.68 -14.98 -2.61
CA ARG A 4 22.27 -15.06 -1.27
C ARG A 4 21.92 -13.83 -0.44
N PHE A 5 21.85 -12.67 -1.11
CA PHE A 5 21.51 -11.43 -0.43
C PHE A 5 20.16 -11.54 0.27
N LEU A 6 19.19 -12.14 -0.41
CA LEU A 6 17.86 -12.31 0.15
C LEU A 6 17.92 -13.13 1.44
N ILE A 7 18.87 -14.05 1.50
CA ILE A 7 19.04 -14.90 2.68
C ILE A 7 19.64 -14.10 3.83
N GLU A 8 20.53 -13.17 3.52
CA GLU A 8 21.17 -12.35 4.53
C GLU A 8 20.12 -11.61 5.35
N LYS A 9 19.07 -11.14 4.67
CA LYS A 9 17.99 -10.42 5.34
C LYS A 9 17.21 -11.35 6.26
N PHE A 10 17.27 -12.65 5.97
CA PHE A 10 16.57 -13.65 6.77
C PHE A 10 16.98 -13.58 8.23
N SER A 11 18.30 -13.52 8.45
CA SER A 11 18.83 -13.45 9.80
C SER A 11 18.77 -12.02 10.33
N GLN A 12 19.16 -11.06 9.49
CA GLN A 12 19.16 -9.65 9.87
C GLN A 12 18.54 -8.79 8.77
N GLU A 13 17.32 -8.34 8.99
CA GLU A 13 16.62 -7.51 8.01
C GLU A 13 16.96 -6.04 8.21
N GLN A 14 17.16 -5.33 7.10
CA GLN A 14 17.50 -3.92 7.16
C GLN A 14 16.34 -3.05 6.65
N ILE A 15 15.60 -2.47 7.58
CA ILE A 15 14.46 -1.63 7.24
C ILE A 15 14.87 -0.18 7.00
N GLY A 16 14.29 0.39 5.97
CA GLY A 16 14.58 1.76 5.60
C GLY A 16 15.62 1.86 4.50
N GLU A 17 15.60 0.90 3.58
CA GLU A 17 16.56 0.89 2.47
C GLU A 17 16.08 1.79 1.34
N ASN A 18 14.76 1.87 1.16
CA ASN A 18 14.16 2.70 0.12
C ASN A 18 12.68 2.47 0.15
N ILE A 19 12.18 2.36 1.37
CA ILE A 19 10.80 2.09 1.62
C ILE A 19 9.91 3.28 1.34
N VAL A 20 8.81 2.99 0.66
CA VAL A 20 7.83 3.97 0.29
C VAL A 20 6.78 4.09 1.37
N CYS A 21 6.11 2.96 1.63
CA CYS A 21 5.08 2.90 2.65
C CYS A 21 4.96 1.47 3.20
N ARG A 22 4.50 1.34 4.43
CA ARG A 22 4.36 0.03 5.07
C ARG A 22 2.90 -0.30 5.33
N VAL A 23 2.52 -1.55 5.08
CA VAL A 23 1.15 -1.99 5.28
C VAL A 23 1.04 -2.90 6.51
N ILE A 24 0.20 -2.50 7.46
CA ILE A 24 0.00 -3.26 8.69
C ILE A 24 -1.46 -3.63 8.88
N CYS A 25 -1.74 -4.93 9.02
CA CYS A 25 -3.11 -5.39 9.23
C CYS A 25 -3.53 -5.20 10.68
N THR A 26 -4.66 -4.53 10.87
CA THR A 26 -5.18 -4.27 12.21
C THR A 26 -6.13 -5.37 12.69
N THR A 27 -6.84 -5.97 11.75
CA THR A 27 -7.79 -7.03 12.09
C THR A 27 -7.08 -8.37 12.32
N GLY A 28 -5.77 -8.38 12.12
CA GLY A 28 -5.00 -9.59 12.33
C GLY A 28 -5.31 -10.69 11.32
N GLN A 29 -4.73 -10.57 10.14
CA GLN A 29 -4.94 -11.55 9.08
C GLN A 29 -3.69 -11.70 8.21
N ILE A 30 -3.06 -10.56 7.90
CA ILE A 30 -1.87 -10.55 7.07
C ILE A 30 -0.68 -9.98 7.84
N PRO A 31 0.53 -10.57 7.67
CA PRO A 31 1.73 -10.09 8.37
C PRO A 31 2.25 -8.80 7.77
N ILE A 32 2.79 -7.94 8.62
CA ILE A 32 3.32 -6.65 8.19
C ILE A 32 4.39 -6.82 7.12
N ARG A 33 4.23 -6.07 6.02
CA ARG A 33 5.18 -6.12 4.92
C ARG A 33 5.72 -4.72 4.63
N ASP A 34 6.81 -4.62 3.90
CA ASP A 34 7.41 -3.33 3.57
C ASP A 34 7.42 -3.07 2.08
N LEU A 35 6.74 -1.99 1.67
CA LEU A 35 6.69 -1.60 0.27
C LEU A 35 7.78 -0.57 0.01
N SER A 36 8.48 -0.70 -1.12
CA SER A 36 9.56 0.24 -1.41
C SER A 36 9.73 0.52 -2.89
N ALA A 37 10.35 1.66 -3.13
CA ALA A 37 10.64 2.10 -4.48
C ALA A 37 11.94 2.91 -4.52
N ASP A 38 12.71 2.73 -5.59
CA ASP A 38 13.97 3.43 -5.74
C ASP A 38 13.75 4.90 -6.11
N ILE A 39 14.24 5.79 -5.27
CA ILE A 39 14.11 7.22 -5.47
C ILE A 39 14.84 7.71 -6.72
N SER A 40 16.06 7.20 -6.91
CA SER A 40 16.88 7.59 -8.06
C SER A 40 16.14 7.30 -9.36
N GLN A 41 15.47 6.17 -9.39
CA GLN A 41 14.72 5.75 -10.56
C GLN A 41 13.51 6.66 -10.78
N VAL A 42 12.88 7.05 -9.68
CA VAL A 42 11.71 7.92 -9.74
C VAL A 42 12.10 9.35 -10.10
N LEU A 43 13.21 9.80 -9.52
CA LEU A 43 13.70 11.15 -9.78
C LEU A 43 14.26 11.27 -11.20
N LYS A 44 14.91 10.21 -11.66
CA LYS A 44 15.49 10.18 -13.00
C LYS A 44 14.40 10.09 -14.06
N GLU A 45 13.46 9.17 -13.86
CA GLU A 45 12.36 8.98 -14.80
C GLU A 45 11.21 9.94 -14.50
N LYS A 46 11.11 10.98 -15.31
CA LYS A 46 10.05 11.98 -15.13
C LYS A 46 8.73 11.47 -15.69
N ARG A 47 8.05 10.65 -14.91
CA ARG A 47 6.76 10.09 -15.32
C ARG A 47 5.74 10.16 -14.20
N SER A 48 4.47 9.97 -14.54
CA SER A 48 3.41 10.01 -13.54
C SER A 48 3.39 8.73 -12.71
N ILE A 49 3.89 7.65 -13.28
CA ILE A 49 3.92 6.37 -12.60
C ILE A 49 5.33 5.78 -12.61
N LYS A 50 5.65 5.01 -11.57
CA LYS A 50 6.96 4.38 -11.46
C LYS A 50 6.84 2.95 -10.96
N LYS A 51 6.33 2.79 -9.74
CA LYS A 51 6.15 1.47 -9.15
C LYS A 51 4.81 1.37 -8.42
N VAL A 52 4.08 0.30 -8.68
CA VAL A 52 2.78 0.11 -8.05
C VAL A 52 2.64 -1.26 -7.39
N TRP A 53 2.03 -1.25 -6.22
CA TRP A 53 1.79 -2.48 -5.45
C TRP A 53 0.36 -2.97 -5.58
N THR A 54 0.19 -4.27 -5.77
CA THR A 54 -1.14 -4.84 -5.85
C THR A 54 -1.36 -5.78 -4.67
N PHE A 55 -2.47 -5.60 -3.96
CA PHE A 55 -2.77 -6.41 -2.80
C PHE A 55 -3.95 -7.33 -3.05
N GLY A 56 -3.91 -8.52 -2.46
CA GLY A 56 -5.00 -9.46 -2.65
C GLY A 56 -4.70 -10.85 -2.10
N ARG A 57 -5.53 -11.81 -2.49
CA ARG A 57 -5.39 -13.19 -2.03
C ARG A 57 -4.44 -14.00 -2.91
N ASN A 58 -4.05 -13.44 -4.06
CA ASN A 58 -3.15 -14.13 -4.98
C ASN A 58 -1.69 -13.94 -4.60
N PRO A 59 -0.87 -15.00 -4.75
CA PRO A 59 0.56 -14.95 -4.45
C PRO A 59 1.32 -14.06 -5.43
N ALA A 60 0.62 -13.58 -6.45
CA ALA A 60 1.21 -12.71 -7.43
C ALA A 60 1.22 -11.31 -6.91
N CYS A 61 0.06 -10.94 -6.39
CA CYS A 61 -0.13 -9.64 -5.83
C CYS A 61 1.03 -9.27 -4.92
N ASP A 62 1.43 -8.03 -4.99
CA ASP A 62 2.52 -7.55 -4.16
C ASP A 62 2.20 -7.80 -2.69
N TYR A 63 0.93 -8.02 -2.38
CA TYR A 63 0.50 -8.30 -1.00
C TYR A 63 -0.37 -9.54 -0.94
N HIS A 64 0.03 -10.52 -0.14
CA HIS A 64 -0.72 -11.76 0.00
C HIS A 64 -1.57 -11.74 1.27
N LEU A 65 -2.88 -11.90 1.09
CA LEU A 65 -3.80 -11.91 2.21
C LEU A 65 -4.16 -13.34 2.62
N GLY A 66 -4.80 -13.48 3.77
CA GLY A 66 -5.18 -14.79 4.26
C GLY A 66 -6.06 -15.54 3.27
N ASN A 67 -7.36 -15.25 3.30
CA ASN A 67 -8.31 -15.89 2.40
C ASN A 67 -9.71 -15.35 2.63
N ILE A 68 -9.97 -14.14 2.13
CA ILE A 68 -11.27 -13.51 2.28
C ILE A 68 -12.08 -13.57 0.98
N SER A 69 -13.17 -14.33 1.01
CA SER A 69 -14.02 -14.48 -0.16
C SER A 69 -14.56 -13.14 -0.65
N ARG A 70 -14.94 -12.28 0.29
CA ARG A 70 -15.48 -10.97 -0.06
C ARG A 70 -14.47 -10.14 -0.84
N LEU A 71 -13.18 -10.38 -0.56
CA LEU A 71 -12.12 -9.64 -1.24
C LEU A 71 -11.83 -10.25 -2.61
N SER A 72 -11.35 -9.43 -3.54
CA SER A 72 -11.04 -9.91 -4.88
C SER A 72 -9.57 -10.29 -5.02
N ASN A 73 -9.21 -10.95 -6.12
CA ASN A 73 -7.82 -11.34 -6.36
C ASN A 73 -6.90 -10.20 -5.95
N LYS A 74 -6.97 -9.12 -6.71
CA LYS A 74 -6.21 -7.92 -6.41
C LYS A 74 -7.19 -6.91 -5.85
N HIS A 75 -7.44 -7.00 -4.56
CA HIS A 75 -8.40 -6.14 -3.90
C HIS A 75 -8.06 -4.67 -4.03
N PHE A 76 -6.81 -4.34 -3.80
CA PHE A 76 -6.39 -2.94 -3.90
C PHE A 76 -4.96 -2.81 -4.41
N GLN A 77 -4.64 -1.64 -4.99
CA GLN A 77 -3.31 -1.40 -5.54
C GLN A 77 -2.79 -0.02 -5.16
N ILE A 78 -1.49 0.09 -4.90
CA ILE A 78 -0.88 1.37 -4.54
C ILE A 78 0.13 1.80 -5.60
N LEU A 79 -0.03 3.01 -6.14
CA LEU A 79 0.87 3.50 -7.17
C LEU A 79 1.64 4.74 -6.70
N LEU A 80 2.92 4.78 -7.04
CA LEU A 80 3.78 5.91 -6.68
C LEU A 80 4.44 6.49 -7.93
N GLY A 81 4.48 7.82 -8.01
CA GLY A 81 5.09 8.47 -9.15
C GLY A 81 5.27 9.96 -8.95
N GLU A 82 6.14 10.56 -9.75
CA GLU A 82 6.40 11.99 -9.66
C GLU A 82 6.96 12.37 -8.29
N ASP A 83 7.74 13.44 -8.24
CA ASP A 83 8.33 13.89 -6.99
C ASP A 83 7.29 14.57 -6.10
N GLY A 84 6.86 13.86 -5.07
CA GLY A 84 5.86 14.40 -4.16
C GLY A 84 5.41 13.39 -3.13
N ASN A 85 4.44 12.56 -3.51
CA ASN A 85 3.91 11.54 -2.61
C ASN A 85 3.42 10.32 -3.40
N LEU A 86 2.79 9.39 -2.70
CA LEU A 86 2.27 8.18 -3.32
C LEU A 86 0.76 8.22 -3.42
N LEU A 87 0.21 7.40 -4.31
CA LEU A 87 -1.23 7.34 -4.53
C LEU A 87 -1.78 5.95 -4.20
N LEU A 88 -3.03 5.92 -3.73
CA LEU A 88 -3.66 4.65 -3.37
C LEU A 88 -4.78 4.36 -4.36
N ASN A 89 -4.70 3.19 -5.01
CA ASN A 89 -5.70 2.82 -6.00
C ASN A 89 -6.53 1.61 -5.56
N ASP A 90 -7.83 1.81 -5.48
CA ASP A 90 -8.75 0.75 -5.10
C ASP A 90 -9.08 -0.11 -6.33
N ILE A 91 -8.89 -1.42 -6.21
CA ILE A 91 -9.14 -2.33 -7.34
C ILE A 91 -9.88 -3.59 -6.90
N SER A 92 -10.82 -3.47 -5.97
CA SER A 92 -11.55 -4.60 -5.48
C SER A 92 -12.91 -4.75 -6.15
N THR A 93 -13.38 -5.99 -6.21
CA THR A 93 -14.69 -6.28 -6.77
C THR A 93 -15.79 -5.72 -5.87
N ASN A 94 -15.53 -5.75 -4.56
CA ASN A 94 -16.50 -5.29 -3.58
C ASN A 94 -16.27 -3.84 -3.15
N GLY A 95 -15.06 -3.31 -3.34
CA GLY A 95 -14.79 -1.95 -2.96
C GLY A 95 -13.70 -1.81 -1.92
N THR A 96 -13.08 -0.64 -1.91
CA THR A 96 -12.00 -0.31 -0.98
C THR A 96 -12.44 0.85 -0.10
N TRP A 97 -12.15 0.79 1.19
CA TRP A 97 -12.57 1.85 2.10
C TRP A 97 -11.42 2.55 2.78
N LEU A 98 -11.64 3.84 3.06
CA LEU A 98 -10.68 4.66 3.75
C LEU A 98 -11.35 5.26 4.98
N ASN A 99 -10.89 4.85 6.15
CA ASN A 99 -11.45 5.34 7.41
C ASN A 99 -12.99 5.36 7.40
N GLY A 100 -13.60 4.31 6.87
CA GLY A 100 -15.04 4.24 6.84
C GLY A 100 -15.66 4.89 5.61
N GLN A 101 -14.84 5.63 4.86
CA GLN A 101 -15.34 6.29 3.66
C GLN A 101 -14.88 5.55 2.41
N LYS A 102 -15.84 5.06 1.65
CA LYS A 102 -15.56 4.34 0.43
C LYS A 102 -15.08 5.28 -0.68
N VAL A 103 -13.86 5.05 -1.14
CA VAL A 103 -13.27 5.87 -2.20
C VAL A 103 -13.68 5.37 -3.58
N GLU A 104 -13.47 6.20 -4.59
CA GLU A 104 -13.81 5.83 -5.97
C GLU A 104 -12.87 4.74 -6.47
N LYS A 105 -13.44 3.65 -6.96
CA LYS A 105 -12.64 2.53 -7.47
C LYS A 105 -11.65 3.00 -8.52
N ASN A 106 -10.59 2.22 -8.68
CA ASN A 106 -9.52 2.51 -9.64
C ASN A 106 -9.24 4.00 -9.73
N SER A 107 -9.35 4.66 -8.59
CA SER A 107 -9.10 6.10 -8.51
C SER A 107 -7.85 6.41 -7.71
N ASN A 108 -7.12 7.45 -8.12
CA ASN A 108 -5.90 7.85 -7.43
C ASN A 108 -6.22 8.73 -6.23
N GLN A 109 -5.73 8.34 -5.06
CA GLN A 109 -5.97 9.10 -3.84
C GLN A 109 -4.66 9.37 -3.09
N LEU A 110 -4.59 10.53 -2.45
CA LEU A 110 -3.40 10.89 -1.69
C LEU A 110 -3.39 10.18 -0.34
N LEU A 111 -2.39 9.32 -0.13
CA LEU A 111 -2.28 8.57 1.10
C LEU A 111 -2.33 9.47 2.34
N SER A 112 -2.57 8.85 3.48
CA SER A 112 -2.63 9.54 4.76
C SER A 112 -1.65 8.91 5.74
N GLN A 113 -1.18 9.69 6.70
CA GLN A 113 -0.23 9.17 7.69
C GLN A 113 -0.94 8.20 8.64
N GLY A 114 -0.43 6.97 8.70
CA GLY A 114 -1.05 5.97 9.54
C GLY A 114 -2.47 5.67 9.13
N ASP A 115 -2.79 6.00 7.88
CA ASP A 115 -4.12 5.77 7.34
C ASP A 115 -4.51 4.31 7.45
N GLU A 116 -5.77 4.01 7.11
CA GLU A 116 -6.26 2.65 7.18
C GLU A 116 -7.26 2.38 6.04
N ILE A 117 -7.11 1.22 5.40
CA ILE A 117 -8.01 0.84 4.31
C ILE A 117 -8.89 -0.33 4.74
N THR A 118 -10.18 -0.17 4.58
CA THR A 118 -11.13 -1.23 4.94
C THR A 118 -11.64 -1.92 3.69
N VAL A 119 -11.79 -3.24 3.76
CA VAL A 119 -12.25 -4.01 2.62
C VAL A 119 -13.23 -5.11 3.02
N GLY A 120 -14.03 -5.56 2.06
CA GLY A 120 -15.00 -6.60 2.31
C GLY A 120 -16.22 -6.06 3.02
N VAL A 121 -16.67 -4.89 2.59
CA VAL A 121 -17.81 -4.25 3.19
C VAL A 121 -19.13 -4.76 2.62
N GLY A 122 -20.10 -4.90 3.52
CA GLY A 122 -21.39 -5.41 3.17
C GLY A 122 -21.94 -6.22 4.31
N VAL A 123 -21.03 -6.96 4.95
CA VAL A 123 -21.34 -7.77 6.09
C VAL A 123 -20.39 -7.42 7.23
N GLU A 124 -20.95 -6.94 8.34
CA GLU A 124 -20.13 -6.54 9.48
C GLU A 124 -19.15 -7.64 9.88
N SER A 125 -19.49 -8.88 9.57
CA SER A 125 -18.65 -10.01 9.91
C SER A 125 -17.71 -10.40 8.77
N ASP A 126 -17.67 -9.61 7.69
CA ASP A 126 -16.82 -9.94 6.57
C ASP A 126 -15.99 -8.77 6.07
N ILE A 127 -15.68 -7.88 6.99
CA ILE A 127 -14.86 -6.73 6.68
C ILE A 127 -13.46 -6.90 7.25
N LEU A 128 -12.48 -6.49 6.46
CA LEU A 128 -11.08 -6.57 6.85
C LEU A 128 -10.43 -5.20 6.78
N SER A 129 -9.67 -4.84 7.81
CA SER A 129 -9.02 -3.54 7.85
C SER A 129 -7.51 -3.63 7.75
N LEU A 130 -6.93 -2.60 7.16
CA LEU A 130 -5.50 -2.50 6.98
C LEU A 130 -5.02 -1.09 7.33
N VAL A 131 -3.78 -0.97 7.81
CA VAL A 131 -3.22 0.33 8.15
C VAL A 131 -1.96 0.60 7.36
N ILE A 132 -1.82 1.83 6.86
CA ILE A 132 -0.70 2.23 6.07
C ILE A 132 0.24 3.13 6.87
N PHE A 133 1.52 2.77 6.91
CA PHE A 133 2.51 3.55 7.63
C PHE A 133 3.50 4.19 6.65
N ILE A 134 3.50 5.51 6.59
CA ILE A 134 4.38 6.24 5.69
C ILE A 134 5.72 6.54 6.35
N ASN A 135 6.81 6.28 5.62
CA ASN A 135 8.15 6.54 6.13
C ASN A 135 8.51 8.01 6.00
N ASP A 136 8.64 8.68 7.13
CA ASP A 136 8.98 10.10 7.15
C ASP A 136 10.31 10.36 6.44
N LYS A 137 11.24 9.41 6.58
CA LYS A 137 12.55 9.53 5.95
C LYS A 137 12.41 9.67 4.44
N PHE A 138 11.55 8.84 3.86
CA PHE A 138 11.33 8.86 2.42
C PHE A 138 10.83 10.22 1.96
N LYS A 139 9.89 10.79 2.73
CA LYS A 139 9.33 12.10 2.41
C LYS A 139 10.42 13.17 2.40
N GLN A 140 11.32 13.10 3.38
CA GLN A 140 12.40 14.07 3.49
C GLN A 140 13.27 14.07 2.24
N CYS A 141 13.54 12.89 1.71
CA CYS A 141 14.35 12.75 0.50
C CYS A 141 13.66 13.40 -0.70
N LEU A 142 12.38 13.13 -0.85
CA LEU A 142 11.60 13.69 -1.96
C LEU A 142 11.53 15.21 -1.86
N GLU A 143 11.44 15.70 -0.63
CA GLU A 143 11.36 17.14 -0.40
C GLU A 143 12.58 17.86 -0.96
N GLN A 144 13.74 17.21 -0.86
CA GLN A 144 14.98 17.78 -1.37
C GLN A 144 15.21 17.38 -2.82
N ASN A 145 14.86 16.14 -3.15
CA ASN A 145 15.02 15.61 -4.50
C ASN A 145 16.38 15.97 -5.09
N LYS A 146 16.57 15.69 -6.37
CA LYS A 146 17.82 15.98 -7.05
C LYS A 146 17.65 17.09 -8.08
N VAL A 147 18.74 17.81 -8.37
CA VAL A 147 18.70 18.90 -9.34
C VAL A 147 18.65 18.35 -10.77
N ASP A 148 17.82 18.98 -11.59
CA ASP A 148 17.68 18.56 -12.98
C ASP A 148 17.48 19.76 -13.90
N ARG A 149 18.08 20.88 -13.53
CA ARG A 149 17.97 22.11 -14.32
C ARG A 149 18.89 22.07 -15.52
N ILE A 150 20.07 21.47 -15.35
CA ILE A 150 21.04 21.36 -16.43
C ILE A 150 20.83 20.09 -17.24
N ARG A 151 20.94 20.21 -18.56
CA ARG A 151 20.76 19.06 -19.45
C ARG A 151 22.10 18.50 -19.88
N SER B 1 -16.16 -24.27 3.15
CA SER B 1 -14.99 -23.55 2.59
C SER B 1 -15.38 -22.70 1.39
N LEU B 2 -14.71 -21.56 1.23
CA LEU B 2 -14.99 -20.66 0.12
C LEU B 2 -13.96 -20.83 -1.00
N GLU B 3 -14.30 -20.36 -2.19
CA GLU B 3 -13.42 -20.45 -3.34
C GLU B 3 -13.60 -19.26 -4.27
N VAL B 4 -14.85 -19.00 -4.65
CA VAL B 4 -15.16 -17.89 -5.54
C VAL B 4 -15.30 -16.59 -4.77
N TPO B 5 -14.96 -15.48 -5.42
CA TPO B 5 -15.05 -14.17 -4.79
CB TPO B 5 -14.14 -13.14 -5.51
CG2 TPO B 5 -14.26 -11.76 -4.87
OG1 TPO B 5 -12.82 -13.56 -5.46
P TPO B 5 -12.08 -13.83 -6.82
O1P TPO B 5 -13.16 -14.50 -7.71
O2P TPO B 5 -11.78 -12.42 -7.37
O3P TPO B 5 -10.85 -14.66 -6.65
C TPO B 5 -16.49 -13.66 -4.78
O TPO B 5 -17.16 -13.66 -5.82
H2 TPO B 5 -14.65 -15.54 -6.34
HA TPO B 5 -14.71 -14.26 -3.77
HB TPO B 5 -14.47 -13.06 -6.53
HG21 TPO B 5 -13.58 -11.08 -5.35
HG22 TPO B 5 -14.02 -11.84 -3.81
HG23 TPO B 5 -15.27 -11.40 -4.98
N GLU B 6 -16.95 -13.21 -3.62
CA GLU B 6 -18.30 -12.69 -3.49
C GLU B 6 -18.36 -11.22 -3.89
N ALA B 7 -19.29 -10.89 -4.78
CA ALA B 7 -19.44 -9.52 -5.25
C ALA B 7 -20.74 -8.90 -4.74
N ASP B 8 -21.73 -9.76 -4.45
CA ASP B 8 -23.02 -9.30 -3.96
C ASP B 8 -23.74 -8.49 -5.02
N ALA B 9 -24.91 -7.94 -4.65
CA ALA B 9 -25.70 -7.14 -5.59
C ALA B 9 -25.46 -5.65 -5.36
N THR B 10 -25.69 -4.86 -6.41
CA THR B 10 -25.50 -3.42 -6.32
C THR B 10 -26.39 -2.69 -7.35
N PHE B 11 -26.76 -1.46 -7.03
CA PHE B 11 -27.59 -0.66 -7.91
C PHE B 11 -26.75 0.10 -8.92
N VAL B 12 -25.96 -0.63 -9.70
CA VAL B 12 -25.10 -0.03 -10.71
C VAL B 12 -24.89 -0.96 -11.88
N GLN B 13 -24.42 -0.41 -13.00
CA GLN B 13 -24.18 -1.20 -14.20
C GLN B 13 -25.47 -1.86 -14.70
N ALA A 1 18.07 -14.30 -8.90
CA ALA A 1 19.45 -13.93 -9.22
C ALA A 1 20.31 -13.96 -7.97
N THR A 2 19.85 -13.30 -6.91
CA THR A 2 20.58 -13.26 -5.65
C THR A 2 19.81 -13.96 -4.54
N GLN A 3 19.81 -15.30 -4.60
CA GLN A 3 19.11 -16.09 -3.61
C GLN A 3 19.81 -16.03 -2.26
N ARG A 4 21.13 -16.18 -2.27
CA ARG A 4 21.91 -16.13 -1.04
C ARG A 4 21.80 -14.76 -0.38
N PHE A 5 21.73 -13.71 -1.20
CA PHE A 5 21.63 -12.36 -0.69
C PHE A 5 20.36 -12.18 0.16
N LEU A 6 19.27 -12.77 -0.32
CA LEU A 6 18.00 -12.69 0.40
C LEU A 6 18.12 -13.30 1.79
N ILE A 7 18.99 -14.30 1.93
CA ILE A 7 19.21 -14.95 3.22
C ILE A 7 20.00 -14.05 4.16
N GLU A 8 20.93 -13.27 3.60
CA GLU A 8 21.74 -12.37 4.40
C GLU A 8 20.86 -11.40 5.17
N LYS A 9 19.82 -10.89 4.50
CA LYS A 9 18.87 -9.97 5.13
C LYS A 9 18.08 -10.66 6.23
N PHE A 10 17.97 -12.00 6.13
CA PHE A 10 17.24 -12.78 7.11
C PHE A 10 17.79 -12.56 8.52
N SER A 11 19.11 -12.63 8.64
CA SER A 11 19.78 -12.44 9.93
C SER A 11 19.81 -10.96 10.30
N GLN A 12 20.07 -10.11 9.33
CA GLN A 12 20.13 -8.67 9.56
C GLN A 12 19.45 -7.90 8.42
N GLU A 13 18.16 -7.65 8.57
CA GLU A 13 17.40 -6.92 7.56
C GLU A 13 17.42 -5.43 7.83
N GLN A 14 17.67 -4.63 6.79
CA GLN A 14 17.72 -3.18 6.93
C GLN A 14 16.37 -2.56 6.61
N ILE A 15 15.63 -2.19 7.65
CA ILE A 15 14.32 -1.58 7.48
C ILE A 15 14.41 -0.07 7.37
N GLY A 16 13.62 0.46 6.46
CA GLY A 16 13.59 1.89 6.22
C GLY A 16 14.74 2.36 5.35
N GLU A 17 15.10 1.54 4.36
CA GLU A 17 16.19 1.88 3.45
C GLU A 17 15.67 2.65 2.25
N ASN A 18 14.43 2.36 1.85
CA ASN A 18 13.82 3.02 0.71
C ASN A 18 12.36 2.62 0.68
N ILE A 19 11.82 2.48 1.87
CA ILE A 19 10.48 2.04 2.07
C ILE A 19 9.47 3.17 1.95
N VAL A 20 8.90 3.28 0.77
CA VAL A 20 7.91 4.27 0.46
C VAL A 20 6.82 4.32 1.54
N CYS A 21 6.12 3.20 1.70
CA CYS A 21 5.06 3.08 2.69
C CYS A 21 5.00 1.65 3.24
N ARG A 22 4.32 1.48 4.37
CA ARG A 22 4.19 0.17 5.00
C ARG A 22 2.74 -0.19 5.28
N VAL A 23 2.36 -1.44 5.02
CA VAL A 23 1.00 -1.89 5.25
C VAL A 23 0.92 -2.77 6.49
N ILE A 24 0.09 -2.38 7.45
CA ILE A 24 -0.08 -3.12 8.69
C ILE A 24 -1.52 -3.53 8.92
N CYS A 25 -1.74 -4.82 9.15
CA CYS A 25 -3.09 -5.33 9.40
C CYS A 25 -3.40 -5.28 10.89
N THR A 26 -4.22 -4.29 11.28
CA THR A 26 -4.59 -4.12 12.68
C THR A 26 -5.69 -5.10 13.10
N THR A 27 -6.41 -5.63 12.13
CA THR A 27 -7.49 -6.57 12.41
C THR A 27 -6.95 -7.98 12.70
N GLY A 28 -5.65 -8.14 12.59
CA GLY A 28 -5.02 -9.43 12.86
C GLY A 28 -5.45 -10.50 11.88
N GLN A 29 -4.95 -10.41 10.64
CA GLN A 29 -5.28 -11.39 9.62
C GLN A 29 -4.10 -11.62 8.67
N ILE A 30 -3.41 -10.53 8.33
CA ILE A 30 -2.26 -10.62 7.42
C ILE A 30 -1.01 -10.03 8.08
N PRO A 31 0.17 -10.65 7.84
CA PRO A 31 1.42 -10.18 8.41
C PRO A 31 1.88 -8.85 7.78
N ILE A 32 2.49 -8.01 8.60
CA ILE A 32 2.97 -6.71 8.14
C ILE A 32 3.97 -6.85 6.99
N ARG A 33 3.77 -6.03 5.96
CA ARG A 33 4.66 -6.04 4.80
C ARG A 33 5.19 -4.63 4.55
N ASP A 34 6.24 -4.52 3.75
CA ASP A 34 6.83 -3.20 3.46
C ASP A 34 6.92 -2.93 1.97
N LEU A 35 6.25 -1.86 1.54
CA LEU A 35 6.28 -1.44 0.14
C LEU A 35 7.41 -0.44 -0.03
N SER A 36 8.30 -0.69 -0.99
CA SER A 36 9.41 0.24 -1.18
C SER A 36 9.70 0.59 -2.62
N ALA A 37 10.32 1.75 -2.75
CA ALA A 37 10.71 2.28 -4.05
C ALA A 37 12.00 3.09 -3.94
N ASP A 38 12.85 2.97 -4.95
CA ASP A 38 14.12 3.70 -4.95
C ASP A 38 13.96 5.08 -5.57
N ILE A 39 14.59 6.07 -4.94
CA ILE A 39 14.52 7.46 -5.41
C ILE A 39 15.17 7.63 -6.78
N SER A 40 16.33 7.00 -6.95
CA SER A 40 17.07 7.10 -8.21
C SER A 40 16.20 6.63 -9.36
N GLN A 41 15.44 5.58 -9.11
CA GLN A 41 14.53 5.01 -10.10
C GLN A 41 13.40 5.96 -10.41
N VAL A 42 12.87 6.59 -9.37
CA VAL A 42 11.76 7.54 -9.51
C VAL A 42 12.20 8.76 -10.32
N LEU A 43 13.36 9.31 -9.98
CA LEU A 43 13.88 10.48 -10.67
C LEU A 43 14.34 10.12 -12.09
N LYS A 44 14.78 8.88 -12.26
CA LYS A 44 15.24 8.40 -13.56
C LYS A 44 14.07 8.10 -14.49
N GLU A 45 13.08 7.39 -13.97
CA GLU A 45 11.90 7.03 -14.76
C GLU A 45 11.11 8.29 -15.14
N LYS A 46 11.14 8.63 -16.44
CA LYS A 46 10.42 9.79 -16.94
C LYS A 46 9.05 9.39 -17.48
N ARG A 47 8.11 9.17 -16.58
CA ARG A 47 6.76 8.78 -16.98
C ARG A 47 5.73 9.32 -15.98
N SER A 48 4.50 8.83 -16.09
CA SER A 48 3.42 9.26 -15.21
C SER A 48 3.43 8.44 -13.92
N ILE A 49 3.84 7.18 -14.02
CA ILE A 49 3.89 6.30 -12.86
C ILE A 49 5.30 5.75 -12.65
N LYS A 50 5.62 5.41 -11.40
CA LYS A 50 6.94 4.88 -11.07
C LYS A 50 6.84 3.44 -10.57
N LYS A 51 6.20 3.25 -9.43
CA LYS A 51 6.05 1.92 -8.85
C LYS A 51 4.71 1.77 -8.13
N VAL A 52 4.03 0.66 -8.37
CA VAL A 52 2.74 0.41 -7.75
C VAL A 52 2.63 -1.01 -7.22
N TRP A 53 2.02 -1.13 -6.05
CA TRP A 53 1.83 -2.44 -5.41
C TRP A 53 0.40 -2.94 -5.55
N THR A 54 0.24 -4.23 -5.80
CA THR A 54 -1.08 -4.83 -5.91
C THR A 54 -1.32 -5.78 -4.74
N PHE A 55 -2.44 -5.58 -4.05
CA PHE A 55 -2.79 -6.40 -2.89
C PHE A 55 -3.99 -7.28 -3.18
N GLY A 56 -3.99 -8.48 -2.59
CA GLY A 56 -5.10 -9.39 -2.79
C GLY A 56 -4.76 -10.82 -2.42
N ARG A 57 -5.72 -11.72 -2.60
CA ARG A 57 -5.54 -13.13 -2.27
C ARG A 57 -4.68 -13.85 -3.31
N ASN A 58 -4.28 -13.12 -4.36
CA ASN A 58 -3.46 -13.71 -5.41
C ASN A 58 -1.97 -13.67 -5.05
N PRO A 59 -1.26 -14.79 -5.27
CA PRO A 59 0.17 -14.89 -4.97
C PRO A 59 1.00 -14.02 -5.91
N ALA A 60 0.34 -13.44 -6.91
CA ALA A 60 1.02 -12.58 -7.87
C ALA A 60 1.10 -11.20 -7.28
N CYS A 61 -0.02 -10.80 -6.69
CA CYS A 61 -0.13 -9.52 -6.05
C CYS A 61 1.09 -9.23 -5.20
N ASP A 62 1.58 -8.02 -5.31
CA ASP A 62 2.73 -7.60 -4.55
C ASP A 62 2.49 -7.83 -3.05
N TYR A 63 1.21 -7.96 -2.66
CA TYR A 63 0.86 -8.18 -1.27
C TYR A 63 -0.09 -9.37 -1.13
N HIS A 64 0.34 -10.39 -0.39
CA HIS A 64 -0.47 -11.57 -0.19
C HIS A 64 -1.25 -11.48 1.12
N LEU A 65 -2.57 -11.66 1.04
CA LEU A 65 -3.43 -11.59 2.22
C LEU A 65 -4.26 -12.87 2.36
N GLY A 66 -5.09 -12.90 3.39
CA GLY A 66 -5.93 -14.07 3.62
C GLY A 66 -6.94 -14.28 2.52
N ASN A 67 -7.26 -15.54 2.25
CA ASN A 67 -8.23 -15.89 1.21
C ASN A 67 -9.65 -15.56 1.66
N ILE A 68 -10.08 -14.33 1.39
CA ILE A 68 -11.43 -13.90 1.76
C ILE A 68 -12.33 -13.78 0.53
N SER A 69 -13.41 -14.56 0.53
CA SER A 69 -14.34 -14.55 -0.59
C SER A 69 -14.84 -13.13 -0.87
N ARG A 70 -14.90 -12.30 0.17
CA ARG A 70 -15.35 -10.92 0.03
C ARG A 70 -14.30 -10.08 -0.70
N LEU A 71 -13.04 -10.51 -0.63
CA LEU A 71 -11.95 -9.79 -1.29
C LEU A 71 -11.65 -10.39 -2.65
N SER A 72 -11.14 -9.57 -3.56
CA SER A 72 -10.81 -10.04 -4.91
C SER A 72 -9.34 -10.41 -5.05
N ASN A 73 -8.99 -11.09 -6.15
CA ASN A 73 -7.60 -11.50 -6.41
C ASN A 73 -6.67 -10.34 -6.09
N LYS A 74 -6.96 -9.21 -6.70
CA LYS A 74 -6.22 -7.97 -6.47
C LYS A 74 -7.19 -6.97 -5.88
N HIS A 75 -7.36 -7.07 -4.57
CA HIS A 75 -8.30 -6.23 -3.87
C HIS A 75 -8.00 -4.76 -4.01
N PHE A 76 -6.74 -4.40 -3.83
CA PHE A 76 -6.36 -3.00 -3.94
C PHE A 76 -4.93 -2.85 -4.43
N GLN A 77 -4.61 -1.66 -4.96
CA GLN A 77 -3.27 -1.40 -5.47
C GLN A 77 -2.76 -0.03 -5.02
N ILE A 78 -1.48 0.08 -4.69
CA ILE A 78 -0.91 1.35 -4.25
C ILE A 78 0.15 1.83 -5.24
N LEU A 79 -0.01 3.06 -5.73
CA LEU A 79 0.95 3.61 -6.69
C LEU A 79 1.81 4.71 -6.07
N LEU A 80 3.02 4.86 -6.59
CA LEU A 80 3.94 5.88 -6.11
C LEU A 80 4.40 6.78 -7.27
N GLY A 81 4.20 8.09 -7.11
CA GLY A 81 4.59 9.02 -8.15
C GLY A 81 4.04 10.41 -7.92
N GLU A 82 3.91 11.17 -8.99
CA GLU A 82 3.37 12.53 -8.91
C GLU A 82 4.25 13.41 -8.01
N ASP A 83 5.20 14.09 -8.61
CA ASP A 83 6.11 14.97 -7.87
C ASP A 83 6.94 14.17 -6.87
N GLY A 84 6.34 13.87 -5.72
CA GLY A 84 7.05 13.12 -4.69
C GLY A 84 6.11 12.60 -3.62
N ASN A 85 4.88 12.31 -3.99
CA ASN A 85 3.88 11.81 -3.05
C ASN A 85 3.46 10.40 -3.42
N LEU A 86 2.49 9.86 -2.67
CA LEU A 86 1.99 8.52 -2.93
C LEU A 86 0.49 8.55 -3.23
N LEU A 87 0.02 7.52 -3.93
CA LEU A 87 -1.39 7.42 -4.29
C LEU A 87 -1.92 6.03 -4.00
N LEU A 88 -3.18 5.94 -3.63
CA LEU A 88 -3.80 4.66 -3.33
C LEU A 88 -4.87 4.33 -4.36
N ASN A 89 -4.75 3.15 -4.98
CA ASN A 89 -5.70 2.76 -6.02
C ASN A 89 -6.46 1.49 -5.63
N ASP A 90 -7.77 1.63 -5.46
CA ASP A 90 -8.61 0.49 -5.12
C ASP A 90 -8.87 -0.34 -6.38
N ILE A 91 -8.90 -1.66 -6.23
CA ILE A 91 -9.13 -2.54 -7.37
C ILE A 91 -9.93 -3.78 -6.99
N SER A 92 -10.74 -3.68 -5.93
CA SER A 92 -11.52 -4.79 -5.46
C SER A 92 -12.91 -4.83 -6.09
N THR A 93 -13.48 -6.02 -6.12
CA THR A 93 -14.82 -6.22 -6.65
C THR A 93 -15.87 -5.60 -5.73
N ASN A 94 -15.80 -5.97 -4.45
CA ASN A 94 -16.74 -5.48 -3.45
C ASN A 94 -16.44 -4.05 -3.02
N GLY A 95 -15.36 -3.47 -3.53
CA GLY A 95 -15.00 -2.12 -3.19
C GLY A 95 -13.94 -2.03 -2.11
N THR A 96 -13.25 -0.91 -2.09
CA THR A 96 -12.20 -0.64 -1.12
C THR A 96 -12.58 0.57 -0.27
N TRP A 97 -12.34 0.49 1.03
CA TRP A 97 -12.71 1.58 1.93
C TRP A 97 -11.53 2.32 2.53
N LEU A 98 -11.75 3.60 2.78
CA LEU A 98 -10.76 4.44 3.41
C LEU A 98 -11.39 5.07 4.66
N ASN A 99 -10.87 4.68 5.82
CA ASN A 99 -11.37 5.19 7.10
C ASN A 99 -12.91 5.21 7.17
N GLY A 100 -13.55 4.13 6.68
CA GLY A 100 -14.98 4.05 6.74
C GLY A 100 -15.66 4.65 5.53
N GLN A 101 -14.91 5.41 4.72
CA GLN A 101 -15.48 6.02 3.54
C GLN A 101 -15.05 5.27 2.28
N LYS A 102 -16.03 4.73 1.57
CA LYS A 102 -15.78 3.98 0.37
C LYS A 102 -15.33 4.90 -0.77
N VAL A 103 -14.12 4.65 -1.27
CA VAL A 103 -13.56 5.44 -2.36
C VAL A 103 -13.91 4.83 -3.71
N GLU A 104 -13.75 5.61 -4.77
CA GLU A 104 -14.03 5.15 -6.12
C GLU A 104 -13.00 4.11 -6.56
N LYS A 105 -13.47 2.96 -7.03
CA LYS A 105 -12.58 1.91 -7.48
C LYS A 105 -11.62 2.43 -8.54
N ASN A 106 -10.54 1.69 -8.75
CA ASN A 106 -9.49 2.05 -9.72
C ASN A 106 -9.29 3.57 -9.81
N SER A 107 -9.44 4.23 -8.67
CA SER A 107 -9.27 5.68 -8.60
C SER A 107 -8.04 6.04 -7.77
N ASN A 108 -7.36 7.12 -8.17
CA ASN A 108 -6.17 7.56 -7.46
C ASN A 108 -6.52 8.54 -6.35
N GLN A 109 -5.96 8.31 -5.17
CA GLN A 109 -6.21 9.18 -4.02
C GLN A 109 -4.90 9.61 -3.38
N LEU A 110 -4.89 10.79 -2.78
CA LEU A 110 -3.69 11.29 -2.13
C LEU A 110 -3.41 10.53 -0.84
N LEU A 111 -2.15 10.18 -0.63
CA LEU A 111 -1.77 9.42 0.57
C LEU A 111 -2.08 10.19 1.83
N SER A 112 -2.31 9.45 2.89
CA SER A 112 -2.62 10.01 4.20
C SER A 112 -1.66 9.48 5.25
N GLN A 113 -1.43 10.25 6.31
CA GLN A 113 -0.54 9.84 7.38
C GLN A 113 -1.18 8.73 8.21
N GLY A 114 -0.54 7.57 8.25
CA GLY A 114 -1.08 6.45 8.99
C GLY A 114 -2.44 6.04 8.50
N ASP A 115 -2.73 6.35 7.23
CA ASP A 115 -4.01 6.02 6.63
C ASP A 115 -4.38 4.56 6.86
N GLU A 116 -5.64 4.22 6.59
CA GLU A 116 -6.11 2.86 6.76
C GLU A 116 -7.16 2.52 5.70
N ILE A 117 -7.03 1.32 5.11
CA ILE A 117 -7.96 0.88 4.09
C ILE A 117 -8.79 -0.29 4.61
N THR A 118 -10.11 -0.17 4.48
CA THR A 118 -11.03 -1.21 4.93
C THR A 118 -11.57 -1.97 3.73
N VAL A 119 -11.69 -3.29 3.86
CA VAL A 119 -12.18 -4.11 2.76
C VAL A 119 -13.12 -5.22 3.23
N GLY A 120 -13.93 -5.72 2.30
CA GLY A 120 -14.86 -6.77 2.61
C GLY A 120 -16.10 -6.25 3.30
N VAL A 121 -16.62 -5.15 2.79
CA VAL A 121 -17.79 -4.52 3.36
C VAL A 121 -19.09 -5.15 2.86
N GLY A 122 -20.02 -5.29 3.78
CA GLY A 122 -21.29 -5.88 3.51
C GLY A 122 -21.78 -6.62 4.73
N VAL A 123 -20.83 -7.28 5.40
CA VAL A 123 -21.09 -8.01 6.60
C VAL A 123 -20.11 -7.52 7.68
N GLU A 124 -20.65 -7.00 8.78
CA GLU A 124 -19.82 -6.49 9.86
C GLU A 124 -18.74 -7.48 10.26
N SER A 125 -19.04 -8.77 10.08
CA SER A 125 -18.11 -9.82 10.44
C SER A 125 -17.23 -10.25 9.26
N ASP A 126 -17.32 -9.55 8.13
CA ASP A 126 -16.53 -9.93 6.96
C ASP A 126 -15.72 -8.78 6.40
N ILE A 127 -15.39 -7.84 7.25
CA ILE A 127 -14.58 -6.70 6.87
C ILE A 127 -13.18 -6.81 7.44
N LEU A 128 -12.21 -6.45 6.63
CA LEU A 128 -10.80 -6.48 7.00
C LEU A 128 -10.17 -5.11 6.81
N SER A 129 -9.40 -4.65 7.80
CA SER A 129 -8.77 -3.35 7.71
C SER A 129 -7.25 -3.43 7.61
N LEU A 130 -6.69 -2.45 6.95
CA LEU A 130 -5.25 -2.35 6.76
C LEU A 130 -4.77 -0.92 7.00
N VAL A 131 -3.62 -0.77 7.66
CA VAL A 131 -3.08 0.56 7.94
C VAL A 131 -1.82 0.82 7.13
N ILE A 132 -1.70 2.05 6.61
CA ILE A 132 -0.58 2.44 5.81
C ILE A 132 0.35 3.37 6.58
N PHE A 133 1.60 2.97 6.73
CA PHE A 133 2.59 3.76 7.45
C PHE A 133 3.61 4.35 6.48
N ILE A 134 3.76 5.67 6.51
CA ILE A 134 4.69 6.35 5.64
C ILE A 134 6.06 6.50 6.29
N ASN A 135 7.11 6.11 5.55
CA ASN A 135 8.46 6.21 6.05
C ASN A 135 9.00 7.62 5.91
N ASP A 136 9.26 8.28 7.04
CA ASP A 136 9.77 9.64 7.03
C ASP A 136 11.09 9.73 6.27
N LYS A 137 11.86 8.65 6.30
CA LYS A 137 13.14 8.60 5.60
C LYS A 137 12.95 8.86 4.12
N PHE A 138 11.94 8.22 3.53
CA PHE A 138 11.64 8.37 2.13
C PHE A 138 11.36 9.83 1.78
N LYS A 139 10.58 10.48 2.63
CA LYS A 139 10.24 11.88 2.42
C LYS A 139 11.46 12.77 2.49
N GLN A 140 12.37 12.45 3.40
CA GLN A 140 13.60 13.22 3.57
C GLN A 140 14.43 13.23 2.29
N CYS A 141 14.58 12.06 1.66
CA CYS A 141 15.35 11.95 0.43
C CYS A 141 14.65 12.65 -0.72
N LEU A 142 13.34 12.48 -0.80
CA LEU A 142 12.54 13.09 -1.86
C LEU A 142 12.49 14.61 -1.68
N GLU A 143 12.33 15.05 -0.44
CA GLU A 143 12.26 16.47 -0.13
C GLU A 143 13.53 17.20 -0.59
N GLN A 144 14.67 16.61 -0.27
CA GLN A 144 15.96 17.20 -0.64
C GLN A 144 16.33 16.83 -2.08
N ASN A 145 15.91 15.64 -2.50
CA ASN A 145 16.19 15.14 -3.85
C ASN A 145 17.63 15.44 -4.26
N LYS A 146 18.54 14.54 -3.92
CA LYS A 146 19.95 14.72 -4.26
C LYS A 146 20.42 13.63 -5.22
N VAL A 147 21.43 13.95 -6.02
CA VAL A 147 21.96 12.99 -6.99
C VAL A 147 22.91 12.00 -6.32
N ASP A 148 22.70 10.72 -6.59
CA ASP A 148 23.53 9.67 -6.01
C ASP A 148 24.41 9.02 -7.08
N ARG A 149 25.09 7.95 -6.71
CA ARG A 149 25.96 7.23 -7.64
C ARG A 149 26.00 5.75 -7.32
N ILE A 150 26.12 4.92 -8.35
CA ILE A 150 26.17 3.48 -8.18
C ILE A 150 27.61 2.97 -8.22
N ARG A 151 27.96 2.11 -7.27
CA ARG A 151 29.31 1.54 -7.20
C ARG A 151 29.32 0.10 -7.69
N SER B 1 -10.41 -25.34 -6.19
CA SER B 1 -10.01 -23.94 -6.51
C SER B 1 -11.20 -23.13 -6.98
N LEU B 2 -11.09 -21.81 -6.84
CA LEU B 2 -12.17 -20.90 -7.25
C LEU B 2 -11.63 -19.78 -8.11
N GLU B 3 -12.54 -18.94 -8.62
CA GLU B 3 -12.16 -17.82 -9.47
C GLU B 3 -13.11 -16.65 -9.28
N VAL B 4 -14.41 -16.94 -9.31
CA VAL B 4 -15.43 -15.91 -9.14
C VAL B 4 -15.44 -15.37 -7.71
N TPO B 5 -15.57 -14.05 -7.58
CA TPO B 5 -15.59 -13.41 -6.27
CB TPO B 5 -14.50 -12.34 -6.16
CG2 TPO B 5 -14.54 -11.64 -4.81
OG1 TPO B 5 -13.23 -12.91 -6.35
P TPO B 5 -12.45 -12.57 -7.65
O1P TPO B 5 -13.34 -13.08 -8.80
O2P TPO B 5 -12.43 -11.02 -7.68
O3P TPO B 5 -11.07 -13.16 -7.68
C TPO B 5 -16.95 -12.78 -6.00
O TPO B 5 -17.56 -12.18 -6.89
H2 TPO B 5 -15.66 -13.50 -8.39
HA TPO B 5 -15.40 -14.17 -5.52
HB TPO B 5 -14.66 -11.60 -6.93
HG21 TPO B 5 -14.88 -10.62 -4.93
HG22 TPO B 5 -13.55 -11.64 -4.36
HG23 TPO B 5 -15.22 -12.17 -4.15
N GLU B 6 -17.42 -12.91 -4.76
CA GLU B 6 -18.71 -12.34 -4.38
C GLU B 6 -18.70 -10.82 -4.53
N ALA B 7 -19.90 -10.24 -4.61
CA ALA B 7 -20.03 -8.80 -4.77
C ALA B 7 -21.46 -8.35 -4.51
N ASP B 8 -21.61 -7.23 -3.81
CA ASP B 8 -22.92 -6.69 -3.49
C ASP B 8 -22.84 -5.21 -3.14
N ALA B 9 -24.00 -4.56 -3.04
CA ALA B 9 -24.06 -3.15 -2.71
C ALA B 9 -23.31 -2.31 -3.74
N THR B 10 -23.95 -2.08 -4.89
CA THR B 10 -23.35 -1.30 -5.95
C THR B 10 -24.41 -0.49 -6.71
N PHE B 11 -25.49 -1.16 -7.07
CA PHE B 11 -26.58 -0.51 -7.80
C PHE B 11 -27.51 0.23 -6.84
N VAL B 12 -26.95 1.17 -6.10
CA VAL B 12 -27.72 1.95 -5.13
C VAL B 12 -28.38 1.05 -4.10
N GLN B 13 -27.87 1.10 -2.88
CA GLN B 13 -28.41 0.29 -1.78
C GLN B 13 -27.76 0.67 -0.46
N ALA A 1 6.54 -6.18 30.44
CA ALA A 1 7.08 -5.58 29.23
C ALA A 1 6.30 -6.04 28.00
N THR A 2 5.23 -5.32 27.69
CA THR A 2 4.39 -5.64 26.54
C THR A 2 3.85 -4.38 25.89
N GLN A 3 2.86 -3.77 26.52
CA GLN A 3 2.26 -2.55 26.01
C GLN A 3 3.29 -1.43 25.89
N ARG A 4 4.09 -1.26 26.94
CA ARG A 4 5.12 -0.23 26.96
C ARG A 4 6.26 -0.58 26.00
N PHE A 5 6.57 -1.87 25.90
CA PHE A 5 7.63 -2.34 25.03
C PHE A 5 7.39 -1.90 23.59
N LEU A 6 6.13 -2.02 23.15
CA LEU A 6 5.75 -1.63 21.79
C LEU A 6 6.08 -0.16 21.54
N ILE A 7 5.95 0.65 22.60
CA ILE A 7 6.23 2.08 22.49
C ILE A 7 7.73 2.32 22.40
N GLU A 8 8.52 1.51 23.10
CA GLU A 8 9.96 1.64 23.10
C GLU A 8 10.49 1.54 21.67
N LYS A 9 9.84 0.73 20.85
CA LYS A 9 10.24 0.54 19.47
C LYS A 9 10.01 1.82 18.66
N PHE A 10 9.09 2.66 19.14
CA PHE A 10 8.77 3.91 18.47
C PHE A 10 10.01 4.79 18.31
N SER A 11 10.76 4.94 19.40
CA SER A 11 11.97 5.74 19.38
C SER A 11 13.13 5.01 18.71
N GLN A 12 13.07 3.68 18.73
CA GLN A 12 14.12 2.85 18.13
C GLN A 12 14.37 3.27 16.68
N GLU A 13 15.54 2.91 16.17
CA GLU A 13 15.90 3.24 14.80
C GLU A 13 15.06 2.44 13.81
N GLN A 14 14.33 3.16 12.95
CA GLN A 14 13.48 2.53 11.96
C GLN A 14 14.28 2.14 10.72
N ILE A 15 14.06 0.94 10.22
CA ILE A 15 14.76 0.45 9.04
C ILE A 15 14.12 0.96 7.77
N GLY A 16 14.97 1.34 6.85
CA GLY A 16 14.52 1.85 5.57
C GLY A 16 15.62 1.86 4.52
N GLU A 17 15.57 0.90 3.61
CA GLU A 17 16.57 0.79 2.55
C GLU A 17 16.15 1.60 1.33
N ASN A 18 14.84 1.70 1.11
CA ASN A 18 14.29 2.43 -0.03
C ASN A 18 12.80 2.28 0.03
N ILE A 19 12.29 2.35 1.25
CA ILE A 19 10.92 2.16 1.53
C ILE A 19 10.06 3.32 1.05
N VAL A 20 8.88 2.98 0.59
CA VAL A 20 7.93 3.93 0.06
C VAL A 20 6.76 4.08 1.02
N CYS A 21 6.21 2.95 1.44
CA CYS A 21 5.09 2.93 2.38
C CYS A 21 5.00 1.58 3.08
N ARG A 22 4.31 1.54 4.22
CA ARG A 22 4.17 0.30 4.99
C ARG A 22 2.71 -0.05 5.21
N VAL A 23 2.39 -1.33 5.07
CA VAL A 23 1.01 -1.79 5.28
C VAL A 23 0.91 -2.64 6.54
N ILE A 24 0.05 -2.23 7.46
CA ILE A 24 -0.12 -2.94 8.73
C ILE A 24 -1.58 -3.32 8.97
N CYS A 25 -1.83 -4.62 9.11
CA CYS A 25 -3.17 -5.11 9.37
C CYS A 25 -3.51 -4.99 10.85
N THR A 26 -4.50 -4.16 11.17
CA THR A 26 -4.90 -3.94 12.56
C THR A 26 -5.91 -4.98 13.04
N THR A 27 -6.63 -5.60 12.11
CA THR A 27 -7.62 -6.60 12.46
C THR A 27 -6.98 -7.96 12.74
N GLY A 28 -5.67 -8.03 12.58
CA GLY A 28 -4.95 -9.27 12.84
C GLY A 28 -5.29 -10.38 11.87
N GLN A 29 -4.74 -10.29 10.66
CA GLN A 29 -4.99 -11.31 9.64
C GLN A 29 -3.75 -11.51 8.77
N ILE A 30 -3.13 -10.40 8.37
CA ILE A 30 -1.94 -10.45 7.52
C ILE A 30 -0.74 -9.84 8.24
N PRO A 31 0.46 -10.43 8.07
CA PRO A 31 1.67 -9.92 8.71
C PRO A 31 2.17 -8.63 8.07
N ILE A 32 2.69 -7.73 8.90
CA ILE A 32 3.19 -6.45 8.42
C ILE A 32 4.24 -6.62 7.32
N ARG A 33 4.15 -5.76 6.31
CA ARG A 33 5.10 -5.80 5.19
C ARG A 33 5.60 -4.39 4.89
N ASP A 34 6.68 -4.28 4.13
CA ASP A 34 7.25 -2.98 3.79
C ASP A 34 7.25 -2.73 2.29
N LEU A 35 6.55 -1.67 1.87
CA LEU A 35 6.49 -1.30 0.47
C LEU A 35 7.65 -0.36 0.15
N SER A 36 8.30 -0.56 -0.99
CA SER A 36 9.43 0.27 -1.35
C SER A 36 9.52 0.53 -2.85
N ALA A 37 10.20 1.61 -3.14
CA ALA A 37 10.43 2.02 -4.53
C ALA A 37 11.86 2.52 -4.71
N ASP A 38 12.46 2.19 -5.86
CA ASP A 38 13.82 2.60 -6.14
C ASP A 38 13.89 4.09 -6.49
N ILE A 39 14.65 4.83 -5.69
CA ILE A 39 14.82 6.27 -5.89
C ILE A 39 15.52 6.59 -7.21
N SER A 40 16.57 5.84 -7.52
CA SER A 40 17.34 6.07 -8.73
C SER A 40 16.45 5.90 -9.95
N GLN A 41 15.59 4.89 -9.91
CA GLN A 41 14.68 4.60 -10.99
C GLN A 41 13.62 5.70 -11.12
N VAL A 42 13.19 6.23 -9.98
CA VAL A 42 12.20 7.29 -9.95
C VAL A 42 12.73 8.56 -10.61
N LEU A 43 13.98 8.88 -10.33
CA LEU A 43 14.61 10.07 -10.89
C LEU A 43 14.85 9.89 -12.39
N LYS A 44 15.11 8.66 -12.79
CA LYS A 44 15.35 8.34 -14.20
C LYS A 44 14.05 8.29 -14.98
N GLU A 45 12.99 7.79 -14.33
CA GLU A 45 11.68 7.69 -14.97
C GLU A 45 11.13 9.07 -15.30
N LYS A 46 10.88 9.30 -16.58
CA LYS A 46 10.34 10.59 -17.03
C LYS A 46 8.82 10.60 -16.96
N ARG A 47 8.22 9.43 -17.09
CA ARG A 47 6.76 9.31 -17.03
C ARG A 47 6.22 9.84 -15.71
N SER A 48 4.90 9.74 -15.53
CA SER A 48 4.26 10.21 -14.32
C SER A 48 4.27 9.13 -13.24
N ILE A 49 3.95 7.90 -13.64
CA ILE A 49 3.92 6.78 -12.71
C ILE A 49 5.32 6.20 -12.51
N LYS A 50 5.58 5.71 -11.30
CA LYS A 50 6.88 5.12 -10.98
C LYS A 50 6.73 3.65 -10.60
N LYS A 51 6.11 3.39 -9.46
CA LYS A 51 5.90 2.02 -8.99
C LYS A 51 4.56 1.90 -8.27
N VAL A 52 3.87 0.79 -8.52
CA VAL A 52 2.58 0.56 -7.90
C VAL A 52 2.46 -0.84 -7.31
N TRP A 53 1.85 -0.91 -6.13
CA TRP A 53 1.65 -2.18 -5.42
C TRP A 53 0.24 -2.70 -5.60
N THR A 54 0.12 -4.00 -5.79
CA THR A 54 -1.19 -4.64 -5.91
C THR A 54 -1.40 -5.57 -4.72
N PHE A 55 -2.51 -5.37 -4.03
CA PHE A 55 -2.83 -6.16 -2.85
C PHE A 55 -4.07 -7.02 -3.07
N GLY A 56 -4.07 -8.22 -2.49
CA GLY A 56 -5.20 -9.10 -2.63
C GLY A 56 -4.87 -10.53 -2.22
N ARG A 57 -5.76 -11.45 -2.56
CA ARG A 57 -5.58 -12.86 -2.22
C ARG A 57 -4.72 -13.59 -3.26
N ASN A 58 -4.29 -12.86 -4.29
CA ASN A 58 -3.46 -13.46 -5.34
C ASN A 58 -1.98 -13.46 -4.94
N PRO A 59 -1.29 -14.60 -5.16
CA PRO A 59 0.14 -14.71 -4.83
C PRO A 59 1.00 -13.84 -5.73
N ALA A 60 0.39 -13.28 -6.77
CA ALA A 60 1.09 -12.41 -7.68
C ALA A 60 1.12 -11.03 -7.10
N CYS A 61 -0.03 -10.65 -6.56
CA CYS A 61 -0.20 -9.38 -5.94
C CYS A 61 0.99 -9.06 -5.06
N ASP A 62 1.42 -7.83 -5.12
CA ASP A 62 2.54 -7.39 -4.31
C ASP A 62 2.26 -7.67 -2.83
N TYR A 63 0.98 -7.85 -2.49
CA TYR A 63 0.58 -8.14 -1.13
C TYR A 63 -0.35 -9.36 -1.05
N HIS A 64 -0.03 -10.29 -0.17
CA HIS A 64 -0.84 -11.50 -0.01
C HIS A 64 -1.63 -11.45 1.29
N LEU A 65 -2.95 -11.46 1.18
CA LEU A 65 -3.83 -11.41 2.35
C LEU A 65 -4.75 -12.63 2.39
N GLY A 66 -4.21 -13.77 2.80
CA GLY A 66 -5.00 -14.99 2.90
C GLY A 66 -5.84 -15.23 1.65
N ASN A 67 -7.14 -15.40 1.85
CA ASN A 67 -8.05 -15.66 0.73
C ASN A 67 -9.50 -15.60 1.19
N ILE A 68 -10.10 -14.41 1.12
CA ILE A 68 -11.48 -14.23 1.54
C ILE A 68 -12.39 -14.07 0.32
N SER A 69 -13.52 -14.76 0.33
CA SER A 69 -14.47 -14.70 -0.77
C SER A 69 -14.90 -13.26 -1.05
N ARG A 70 -14.99 -12.47 0.01
CA ARG A 70 -15.39 -11.07 -0.12
C ARG A 70 -14.35 -10.26 -0.87
N LEU A 71 -13.07 -10.52 -0.57
CA LEU A 71 -11.98 -9.80 -1.21
C LEU A 71 -11.64 -10.43 -2.56
N SER A 72 -11.11 -9.61 -3.48
CA SER A 72 -10.76 -10.09 -4.81
C SER A 72 -9.27 -10.43 -4.91
N ASN A 73 -8.89 -11.13 -5.99
CA ASN A 73 -7.49 -11.50 -6.22
C ASN A 73 -6.59 -10.33 -5.90
N LYS A 74 -6.87 -9.21 -6.57
CA LYS A 74 -6.16 -7.96 -6.35
C LYS A 74 -7.18 -6.97 -5.83
N HIS A 75 -7.39 -7.01 -4.52
CA HIS A 75 -8.37 -6.18 -3.87
C HIS A 75 -8.08 -4.70 -4.03
N PHE A 76 -6.85 -4.31 -3.81
CA PHE A 76 -6.49 -2.90 -3.93
C PHE A 76 -5.07 -2.71 -4.45
N GLN A 77 -4.79 -1.53 -4.99
CA GLN A 77 -3.47 -1.23 -5.55
C GLN A 77 -3.00 0.16 -5.12
N ILE A 78 -1.71 0.30 -4.84
CA ILE A 78 -1.15 1.60 -4.43
C ILE A 78 -0.10 2.06 -5.43
N LEU A 79 -0.25 3.29 -5.93
CA LEU A 79 0.71 3.82 -6.90
C LEU A 79 1.53 4.97 -6.32
N LEU A 80 2.77 5.10 -6.79
CA LEU A 80 3.66 6.15 -6.33
C LEU A 80 4.18 6.95 -7.52
N GLY A 81 3.94 8.26 -7.50
CA GLY A 81 4.40 9.11 -8.59
C GLY A 81 5.82 9.60 -8.39
N GLU A 82 6.13 10.74 -9.00
CA GLU A 82 7.47 11.31 -8.89
C GLU A 82 7.69 11.90 -7.50
N ASP A 83 7.66 11.04 -6.49
CA ASP A 83 7.86 11.48 -5.11
C ASP A 83 6.93 12.62 -4.76
N GLY A 84 7.05 13.14 -3.53
CA GLY A 84 6.21 14.23 -3.10
C GLY A 84 4.91 13.76 -2.46
N ASN A 85 4.21 12.88 -3.16
CA ASN A 85 2.94 12.36 -2.66
C ASN A 85 2.63 11.00 -3.28
N LEU A 86 1.94 10.15 -2.52
CA LEU A 86 1.56 8.82 -2.99
C LEU A 86 0.07 8.76 -3.30
N LEU A 87 -0.33 7.77 -4.09
CA LEU A 87 -1.73 7.61 -4.47
C LEU A 87 -2.20 6.20 -4.15
N LEU A 88 -3.46 6.08 -3.75
CA LEU A 88 -4.04 4.79 -3.43
C LEU A 88 -5.12 4.44 -4.45
N ASN A 89 -4.99 3.28 -5.09
CA ASN A 89 -5.96 2.87 -6.09
C ASN A 89 -6.70 1.61 -5.68
N ASP A 90 -7.99 1.74 -5.47
CA ASP A 90 -8.82 0.60 -5.10
C ASP A 90 -9.10 -0.26 -6.34
N ILE A 91 -9.04 -1.58 -6.19
CA ILE A 91 -9.26 -2.48 -7.33
C ILE A 91 -9.96 -3.78 -6.91
N SER A 92 -10.91 -3.68 -5.98
CA SER A 92 -11.61 -4.85 -5.52
C SER A 92 -12.96 -5.00 -6.21
N THR A 93 -13.44 -6.23 -6.26
CA THR A 93 -14.74 -6.51 -6.86
C THR A 93 -15.85 -5.93 -5.99
N ASN A 94 -15.62 -5.93 -4.68
CA ASN A 94 -16.60 -5.42 -3.73
C ASN A 94 -16.34 -3.97 -3.33
N GLY A 95 -15.12 -3.49 -3.53
CA GLY A 95 -14.80 -2.12 -3.18
C GLY A 95 -13.76 -2.01 -2.07
N THR A 96 -13.16 -0.83 -2.01
CA THR A 96 -12.14 -0.52 -1.02
C THR A 96 -12.63 0.63 -0.12
N TRP A 97 -12.40 0.52 1.17
CA TRP A 97 -12.88 1.54 2.09
C TRP A 97 -11.77 2.30 2.79
N LEU A 98 -12.06 3.56 3.08
CA LEU A 98 -11.14 4.43 3.78
C LEU A 98 -11.85 4.97 5.02
N ASN A 99 -11.38 4.57 6.18
CA ASN A 99 -11.95 5.00 7.46
C ASN A 99 -13.49 4.96 7.44
N GLY A 100 -14.06 3.89 6.89
CA GLY A 100 -15.50 3.76 6.86
C GLY A 100 -16.13 4.38 5.63
N GLN A 101 -15.36 5.17 4.88
CA GLN A 101 -15.88 5.80 3.68
C GLN A 101 -15.37 5.08 2.44
N LYS A 102 -16.31 4.54 1.67
CA LYS A 102 -15.99 3.82 0.45
C LYS A 102 -15.55 4.77 -0.66
N VAL A 103 -14.35 4.53 -1.19
CA VAL A 103 -13.81 5.36 -2.27
C VAL A 103 -14.16 4.78 -3.62
N GLU A 104 -14.02 5.60 -4.67
CA GLU A 104 -14.32 5.15 -6.03
C GLU A 104 -13.28 4.14 -6.50
N LYS A 105 -13.76 2.97 -6.93
CA LYS A 105 -12.85 1.92 -7.41
C LYS A 105 -11.91 2.47 -8.48
N ASN A 106 -10.82 1.75 -8.71
CA ASN A 106 -9.80 2.13 -9.69
C ASN A 106 -9.62 3.64 -9.77
N SER A 107 -9.75 4.30 -8.63
CA SER A 107 -9.58 5.74 -8.55
C SER A 107 -8.33 6.11 -7.75
N ASN A 108 -7.67 7.18 -8.15
CA ASN A 108 -6.47 7.64 -7.46
C ASN A 108 -6.84 8.59 -6.32
N GLN A 109 -6.34 8.30 -5.12
CA GLN A 109 -6.62 9.13 -3.95
C GLN A 109 -5.34 9.50 -3.22
N LEU A 110 -5.31 10.69 -2.65
CA LEU A 110 -4.15 11.16 -1.91
C LEU A 110 -4.09 10.46 -0.55
N LEU A 111 -3.10 9.60 -0.36
CA LEU A 111 -2.95 8.86 0.88
C LEU A 111 -2.96 9.78 2.10
N SER A 112 -3.10 9.16 3.26
CA SER A 112 -3.12 9.87 4.53
C SER A 112 -2.05 9.31 5.47
N GLN A 113 -1.57 10.13 6.39
CA GLN A 113 -0.55 9.69 7.33
C GLN A 113 -1.14 8.70 8.32
N GLY A 114 -0.67 7.45 8.24
CA GLY A 114 -1.18 6.42 9.11
C GLY A 114 -2.62 6.08 8.79
N ASP A 115 -3.02 6.35 7.55
CA ASP A 115 -4.38 6.08 7.10
C ASP A 115 -4.74 4.62 7.28
N GLU A 116 -5.97 4.27 6.95
CA GLU A 116 -6.44 2.90 7.08
C GLU A 116 -7.42 2.55 5.97
N ILE A 117 -7.24 1.37 5.37
CA ILE A 117 -8.12 0.91 4.31
C ILE A 117 -8.92 -0.31 4.74
N THR A 118 -10.23 -0.23 4.61
CA THR A 118 -11.10 -1.33 5.00
C THR A 118 -11.60 -2.07 3.76
N VAL A 119 -11.63 -3.39 3.82
CA VAL A 119 -12.07 -4.19 2.68
C VAL A 119 -12.92 -5.38 3.09
N GLY A 120 -13.72 -5.88 2.15
CA GLY A 120 -14.58 -7.00 2.41
C GLY A 120 -15.90 -6.58 3.01
N VAL A 121 -16.35 -5.40 2.64
CA VAL A 121 -17.58 -4.86 3.15
C VAL A 121 -18.80 -5.56 2.58
N GLY A 122 -19.78 -5.77 3.45
CA GLY A 122 -21.00 -6.43 3.09
C GLY A 122 -21.62 -7.09 4.31
N VAL A 123 -20.75 -7.68 5.11
CA VAL A 123 -21.14 -8.33 6.34
C VAL A 123 -20.30 -7.77 7.49
N GLU A 124 -20.95 -7.45 8.60
CA GLU A 124 -20.25 -6.88 9.75
C GLU A 124 -19.03 -7.72 10.14
N SER A 125 -19.15 -9.04 10.06
CA SER A 125 -18.08 -9.93 10.44
C SER A 125 -17.19 -10.33 9.26
N ASP A 126 -17.39 -9.73 8.09
CA ASP A 126 -16.60 -10.09 6.92
C ASP A 126 -15.78 -8.94 6.37
N ILE A 127 -15.50 -7.99 7.24
CA ILE A 127 -14.70 -6.84 6.88
C ILE A 127 -13.30 -6.92 7.48
N LEU A 128 -12.32 -6.52 6.69
CA LEU A 128 -10.93 -6.52 7.11
C LEU A 128 -10.32 -5.13 6.93
N SER A 129 -9.60 -4.67 7.94
CA SER A 129 -8.99 -3.34 7.89
C SER A 129 -7.48 -3.40 7.80
N LEU A 130 -6.92 -2.39 7.16
CA LEU A 130 -5.49 -2.28 6.97
C LEU A 130 -5.01 -0.85 7.23
N VAL A 131 -3.81 -0.71 7.77
CA VAL A 131 -3.26 0.63 8.04
C VAL A 131 -2.04 0.90 7.18
N ILE A 132 -1.93 2.13 6.69
CA ILE A 132 -0.84 2.52 5.84
C ILE A 132 0.15 3.42 6.60
N PHE A 133 1.39 2.97 6.67
CA PHE A 133 2.44 3.72 7.36
C PHE A 133 3.43 4.31 6.36
N ILE A 134 3.33 5.62 6.16
CA ILE A 134 4.21 6.32 5.23
C ILE A 134 5.53 6.71 5.90
N ASN A 135 6.63 6.25 5.33
CA ASN A 135 7.96 6.55 5.89
C ASN A 135 8.44 7.93 5.44
N ASP A 136 8.78 8.77 6.40
CA ASP A 136 9.26 10.11 6.10
C ASP A 136 10.69 10.08 5.56
N LYS A 137 11.39 8.97 5.78
CA LYS A 137 12.76 8.84 5.32
C LYS A 137 12.84 9.05 3.81
N PHE A 138 11.87 8.48 3.10
CA PHE A 138 11.81 8.59 1.65
C PHE A 138 11.71 10.06 1.24
N LYS A 139 10.88 10.82 1.95
CA LYS A 139 10.69 12.22 1.67
C LYS A 139 11.97 13.02 1.91
N GLN A 140 12.75 12.59 2.90
CA GLN A 140 14.00 13.25 3.24
C GLN A 140 14.99 13.16 2.08
N CYS A 141 15.10 11.98 1.49
CA CYS A 141 16.02 11.76 0.38
C CYS A 141 15.69 12.69 -0.79
N LEU A 142 14.41 12.78 -1.13
CA LEU A 142 13.98 13.64 -2.23
C LEU A 142 14.14 15.11 -1.87
N GLU A 143 13.91 15.44 -0.60
CA GLU A 143 14.04 16.82 -0.14
C GLU A 143 15.42 17.38 -0.45
N GLN A 144 16.44 16.53 -0.38
CA GLN A 144 17.80 16.93 -0.66
C GLN A 144 18.15 16.70 -2.14
N ASN A 145 17.59 15.63 -2.69
CA ASN A 145 17.82 15.26 -4.10
C ASN A 145 19.29 15.43 -4.48
N LYS A 146 20.09 14.42 -4.17
CA LYS A 146 21.52 14.45 -4.48
C LYS A 146 21.92 13.23 -5.30
N VAL A 147 22.52 13.48 -6.46
CA VAL A 147 22.96 12.41 -7.34
C VAL A 147 24.44 12.13 -7.16
N ASP A 148 24.77 10.88 -6.83
CA ASP A 148 26.16 10.47 -6.62
C ASP A 148 26.57 9.42 -7.64
N ARG A 149 27.73 9.61 -8.25
CA ARG A 149 28.24 8.67 -9.24
C ARG A 149 29.36 7.81 -8.65
N ILE A 150 29.12 6.51 -8.57
CA ILE A 150 30.12 5.58 -8.03
C ILE A 150 31.22 5.31 -9.04
N ARG A 151 32.47 5.37 -8.57
CA ARG A 151 33.62 5.13 -9.43
C ARG A 151 34.52 4.04 -8.86
N SER B 1 -11.19 -25.29 -4.95
CA SER B 1 -10.37 -24.07 -4.72
C SER B 1 -11.24 -22.81 -4.71
N LEU B 2 -10.60 -21.65 -4.74
CA LEU B 2 -11.31 -20.38 -4.73
C LEU B 2 -10.94 -19.54 -5.94
N GLU B 3 -11.80 -19.56 -6.96
CA GLU B 3 -11.56 -18.79 -8.18
C GLU B 3 -12.54 -17.62 -8.28
N VAL B 4 -13.82 -17.92 -8.15
CA VAL B 4 -14.85 -16.89 -8.22
C VAL B 4 -14.92 -16.08 -6.93
N TPO B 5 -15.11 -14.77 -7.07
CA TPO B 5 -15.18 -13.88 -5.91
CB TPO B 5 -14.37 -12.59 -6.14
CG2 TPO B 5 -14.49 -11.66 -4.95
OG1 TPO B 5 -13.03 -12.90 -6.37
P TPO B 5 -12.48 -12.79 -7.83
O1P TPO B 5 -10.94 -12.88 -7.68
O2P TPO B 5 -12.99 -14.07 -8.53
O3P TPO B 5 -12.92 -11.53 -8.51
C TPO B 5 -16.64 -13.53 -5.61
O TPO B 5 -17.45 -13.37 -6.51
H2 TPO B 5 -15.19 -14.39 -7.97
HA TPO B 5 -14.77 -14.40 -5.07
HB TPO B 5 -14.77 -12.08 -7.02
HG21 TPO B 5 -15.54 -11.45 -4.75
HG22 TPO B 5 -13.98 -10.73 -5.16
HG23 TPO B 5 -14.04 -12.11 -4.08
N GLU B 6 -16.94 -13.38 -4.32
CA GLU B 6 -18.29 -13.04 -3.90
C GLU B 6 -18.46 -11.52 -3.78
N ALA B 7 -19.27 -10.96 -4.67
CA ALA B 7 -19.52 -9.52 -4.68
C ALA B 7 -20.97 -9.21 -4.34
N ASP B 8 -21.20 -8.02 -3.77
CA ASP B 8 -22.54 -7.61 -3.40
C ASP B 8 -23.02 -6.46 -4.27
N ALA B 9 -24.31 -6.15 -4.19
CA ALA B 9 -24.90 -5.08 -4.98
C ALA B 9 -26.13 -4.50 -4.30
N THR B 10 -26.38 -3.21 -4.51
CA THR B 10 -27.54 -2.54 -3.92
C THR B 10 -28.46 -1.99 -5.00
N PHE B 11 -29.11 -2.88 -5.73
CA PHE B 11 -30.02 -2.48 -6.79
C PHE B 11 -31.47 -2.78 -6.41
N VAL B 12 -32.05 -1.92 -5.57
CA VAL B 12 -33.42 -2.09 -5.13
C VAL B 12 -34.32 -1.00 -5.68
N GLN B 13 -35.45 -1.40 -6.24
CA GLN B 13 -36.40 -0.45 -6.82
C GLN B 13 -37.41 0.00 -5.77
N ALA A 1 34.24 -1.01 0.22
CA ALA A 1 33.51 -2.07 0.91
C ALA A 1 32.20 -2.39 0.21
N THR A 2 31.90 -3.69 0.11
CA THR A 2 30.67 -4.14 -0.55
C THR A 2 30.18 -5.44 0.06
N GLN A 3 30.99 -6.49 -0.05
CA GLN A 3 30.64 -7.79 0.48
C GLN A 3 30.60 -7.76 2.01
N ARG A 4 31.60 -7.11 2.60
CA ARG A 4 31.68 -7.01 4.06
C ARG A 4 30.49 -6.23 4.62
N PHE A 5 30.10 -5.17 3.91
CA PHE A 5 28.98 -4.35 4.34
C PHE A 5 27.69 -5.16 4.37
N LEU A 6 27.54 -6.09 3.44
CA LEU A 6 26.36 -6.93 3.36
C LEU A 6 26.23 -7.80 4.61
N ILE A 7 27.36 -8.25 5.14
CA ILE A 7 27.38 -9.08 6.32
C ILE A 7 27.01 -8.28 7.56
N GLU A 8 27.44 -7.02 7.59
CA GLU A 8 27.14 -6.15 8.73
C GLU A 8 25.64 -6.06 8.96
N LYS A 9 24.89 -5.93 7.86
CA LYS A 9 23.43 -5.85 7.94
C LYS A 9 22.85 -7.18 8.42
N PHE A 10 23.60 -8.26 8.23
CA PHE A 10 23.17 -9.59 8.65
C PHE A 10 22.85 -9.62 10.13
N SER A 11 23.75 -9.08 10.94
CA SER A 11 23.57 -9.04 12.38
C SER A 11 22.47 -8.06 12.77
N GLN A 12 22.39 -6.95 12.04
CA GLN A 12 21.38 -5.92 12.30
C GLN A 12 20.83 -5.35 10.99
N GLU A 13 19.58 -5.68 10.69
CA GLU A 13 18.94 -5.20 9.47
C GLU A 13 18.67 -3.70 9.56
N GLN A 14 19.17 -2.96 8.56
CA GLN A 14 18.99 -1.51 8.52
C GLN A 14 17.60 -1.16 8.00
N ILE A 15 16.80 -0.52 8.85
CA ILE A 15 15.48 -0.13 8.52
C ILE A 15 15.50 1.18 7.73
N GLY A 16 14.68 1.23 6.69
CA GLY A 16 14.60 2.42 5.87
C GLY A 16 15.58 2.39 4.71
N GLU A 17 15.77 1.21 4.12
CA GLU A 17 16.69 1.05 3.01
C GLU A 17 16.22 1.85 1.80
N ASN A 18 14.91 1.86 1.58
CA ASN A 18 14.32 2.59 0.45
C ASN A 18 12.83 2.33 0.47
N ILE A 19 12.31 2.30 1.68
CA ILE A 19 10.93 2.02 1.92
C ILE A 19 10.03 3.22 1.62
N VAL A 20 8.96 2.93 0.92
CA VAL A 20 7.99 3.92 0.52
C VAL A 20 6.90 4.02 1.57
N CYS A 21 6.19 2.91 1.77
CA CYS A 21 5.11 2.84 2.75
C CYS A 21 5.06 1.46 3.39
N ARG A 22 4.40 1.36 4.54
CA ARG A 22 4.28 0.07 5.24
C ARG A 22 2.82 -0.29 5.47
N VAL A 23 2.50 -1.56 5.27
CA VAL A 23 1.13 -2.04 5.46
C VAL A 23 1.02 -2.89 6.72
N ILE A 24 0.15 -2.49 7.63
CA ILE A 24 -0.05 -3.20 8.89
C ILE A 24 -1.52 -3.57 9.09
N CYS A 25 -1.80 -4.87 9.16
CA CYS A 25 -3.16 -5.34 9.38
C CYS A 25 -3.53 -5.26 10.85
N THR A 26 -4.45 -4.36 11.18
CA THR A 26 -4.89 -4.18 12.57
C THR A 26 -5.92 -5.23 12.97
N THR A 27 -6.63 -5.78 11.99
CA THR A 27 -7.65 -6.79 12.27
C THR A 27 -7.02 -8.17 12.48
N GLY A 28 -5.70 -8.25 12.35
CA GLY A 28 -5.01 -9.51 12.55
C GLY A 28 -5.35 -10.56 11.52
N GLN A 29 -4.83 -10.41 10.31
CA GLN A 29 -5.07 -11.37 9.23
C GLN A 29 -3.85 -11.48 8.32
N ILE A 30 -3.26 -10.34 7.98
CA ILE A 30 -2.09 -10.31 7.12
C ILE A 30 -0.86 -9.82 7.88
N PRO A 31 0.33 -10.40 7.62
CA PRO A 31 1.57 -10.00 8.30
C PRO A 31 2.09 -8.66 7.81
N ILE A 32 2.69 -7.90 8.71
CA ILE A 32 3.23 -6.58 8.37
C ILE A 32 4.28 -6.67 7.26
N ARG A 33 4.08 -5.91 6.20
CA ARG A 33 5.00 -5.88 5.07
C ARG A 33 5.45 -4.45 4.81
N ASP A 34 6.52 -4.30 4.05
CA ASP A 34 7.06 -2.96 3.76
C ASP A 34 7.17 -2.71 2.26
N LEU A 35 6.47 -1.70 1.78
CA LEU A 35 6.51 -1.31 0.38
C LEU A 35 7.70 -0.40 0.14
N SER A 36 8.51 -0.67 -0.88
CA SER A 36 9.67 0.17 -1.14
C SER A 36 9.90 0.45 -2.60
N ALA A 37 10.59 1.56 -2.82
CA ALA A 37 10.95 2.01 -4.15
C ALA A 37 12.35 2.61 -4.15
N ASP A 38 13.10 2.36 -5.22
CA ASP A 38 14.46 2.88 -5.33
C ASP A 38 14.46 4.33 -5.78
N ILE A 39 15.38 5.11 -5.23
CA ILE A 39 15.51 6.53 -5.55
C ILE A 39 15.90 6.73 -7.01
N SER A 40 16.87 5.95 -7.46
CA SER A 40 17.34 6.06 -8.83
C SER A 40 16.21 5.80 -9.80
N GLN A 41 15.37 4.84 -9.46
CA GLN A 41 14.22 4.48 -10.27
C GLN A 41 13.20 5.62 -10.28
N VAL A 42 13.05 6.27 -9.15
CA VAL A 42 12.11 7.38 -9.02
C VAL A 42 12.61 8.61 -9.75
N LEU A 43 13.92 8.87 -9.67
CA LEU A 43 14.52 10.01 -10.33
C LEU A 43 14.56 9.80 -11.84
N LYS A 44 14.71 8.55 -12.26
CA LYS A 44 14.76 8.21 -13.67
C LYS A 44 13.40 8.45 -14.35
N GLU A 45 12.35 7.93 -13.73
CA GLU A 45 11.00 8.08 -14.26
C GLU A 45 10.59 9.55 -14.28
N LYS A 46 10.55 10.14 -15.46
CA LYS A 46 10.16 11.54 -15.62
C LYS A 46 8.65 11.68 -15.76
N ARG A 47 8.03 10.68 -16.37
CA ARG A 47 6.58 10.69 -16.57
C ARG A 47 5.96 9.36 -16.14
N SER A 48 4.64 9.32 -16.10
CA SER A 48 3.92 8.11 -15.72
C SER A 48 4.29 7.69 -14.30
N ILE A 49 3.66 6.62 -13.82
CA ILE A 49 3.92 6.11 -12.47
C ILE A 49 5.25 5.38 -12.42
N LYS A 50 5.83 5.32 -11.22
CA LYS A 50 7.12 4.66 -11.04
C LYS A 50 6.92 3.21 -10.57
N LYS A 51 6.56 3.04 -9.31
CA LYS A 51 6.34 1.71 -8.75
C LYS A 51 4.98 1.61 -8.07
N VAL A 52 4.28 0.51 -8.34
CA VAL A 52 2.96 0.30 -7.76
C VAL A 52 2.81 -1.10 -7.18
N TRP A 53 2.17 -1.18 -6.03
CA TRP A 53 1.94 -2.46 -5.35
C TRP A 53 0.49 -2.92 -5.48
N THR A 54 0.30 -4.21 -5.70
CA THR A 54 -1.04 -4.78 -5.81
C THR A 54 -1.31 -5.71 -4.63
N PHE A 55 -2.42 -5.48 -3.94
CA PHE A 55 -2.79 -6.28 -2.78
C PHE A 55 -4.01 -7.14 -3.05
N GLY A 56 -4.04 -8.32 -2.46
CA GLY A 56 -5.17 -9.22 -2.64
C GLY A 56 -4.84 -10.66 -2.31
N ARG A 57 -5.75 -11.57 -2.66
CA ARG A 57 -5.55 -12.99 -2.39
C ARG A 57 -4.70 -13.66 -3.48
N ASN A 58 -4.21 -12.87 -4.43
CA ASN A 58 -3.39 -13.39 -5.51
C ASN A 58 -1.92 -13.49 -5.08
N PRO A 59 -1.28 -14.65 -5.30
CA PRO A 59 0.12 -14.85 -4.94
C PRO A 59 1.05 -13.94 -5.75
N ALA A 60 0.48 -13.33 -6.79
CA ALA A 60 1.21 -12.42 -7.64
C ALA A 60 1.22 -11.06 -7.00
N CYS A 61 0.05 -10.71 -6.49
CA CYS A 61 -0.15 -9.46 -5.82
C CYS A 61 0.99 -9.18 -4.87
N ASP A 62 1.44 -7.96 -4.87
CA ASP A 62 2.52 -7.56 -3.99
C ASP A 62 2.15 -7.87 -2.54
N TYR A 63 0.85 -8.04 -2.28
CA TYR A 63 0.37 -8.35 -0.94
C TYR A 63 -0.56 -9.56 -0.96
N HIS A 64 -0.25 -10.56 -0.15
CA HIS A 64 -1.07 -11.77 -0.07
C HIS A 64 -1.97 -11.75 1.16
N LEU A 65 -3.28 -11.70 0.92
CA LEU A 65 -4.25 -11.66 2.01
C LEU A 65 -4.59 -13.08 2.48
N GLY A 66 -5.53 -13.16 3.42
CA GLY A 66 -5.94 -14.46 3.95
C GLY A 66 -7.10 -15.06 3.17
N ASN A 67 -7.04 -14.98 1.85
CA ASN A 67 -8.08 -15.53 0.98
C ASN A 67 -9.48 -15.23 1.52
N ILE A 68 -9.99 -14.04 1.20
CA ILE A 68 -11.32 -13.63 1.65
C ILE A 68 -12.28 -13.54 0.46
N SER A 69 -13.39 -14.28 0.54
CA SER A 69 -14.39 -14.28 -0.53
C SER A 69 -14.85 -12.87 -0.86
N ARG A 70 -15.08 -12.06 0.17
CA ARG A 70 -15.53 -10.68 -0.03
C ARG A 70 -14.49 -9.86 -0.78
N LEU A 71 -13.23 -10.26 -0.66
CA LEU A 71 -12.14 -9.55 -1.33
C LEU A 71 -11.79 -10.23 -2.65
N SER A 72 -11.25 -9.43 -3.58
CA SER A 72 -10.88 -9.95 -4.89
C SER A 72 -9.40 -10.35 -4.95
N ASN A 73 -9.02 -11.04 -6.03
CA ASN A 73 -7.63 -11.47 -6.22
C ASN A 73 -6.68 -10.34 -5.87
N LYS A 74 -6.88 -9.21 -6.53
CA LYS A 74 -6.12 -7.99 -6.28
C LYS A 74 -7.10 -6.95 -5.81
N HIS A 75 -7.39 -6.99 -4.50
CA HIS A 75 -8.36 -6.12 -3.90
C HIS A 75 -8.02 -4.65 -4.07
N PHE A 76 -6.78 -4.31 -3.79
CA PHE A 76 -6.35 -2.92 -3.91
C PHE A 76 -4.91 -2.79 -4.37
N GLN A 77 -4.56 -1.62 -4.90
CA GLN A 77 -3.21 -1.38 -5.41
C GLN A 77 -2.69 0.00 -4.96
N ILE A 78 -1.40 0.07 -4.61
CA ILE A 78 -0.82 1.36 -4.19
C ILE A 78 0.25 1.82 -5.18
N LEU A 79 0.19 3.09 -5.59
CA LEU A 79 1.16 3.62 -6.54
C LEU A 79 1.89 4.84 -5.99
N LEU A 80 3.20 4.89 -6.23
CA LEU A 80 4.02 6.00 -5.76
C LEU A 80 4.79 6.61 -6.93
N GLY A 81 4.68 7.93 -7.08
CA GLY A 81 5.37 8.61 -8.16
C GLY A 81 4.70 9.92 -8.55
N GLU A 82 3.42 9.84 -8.91
CA GLU A 82 2.66 11.02 -9.31
C GLU A 82 2.69 12.08 -8.21
N ASP A 83 3.54 13.09 -8.39
CA ASP A 83 3.66 14.17 -7.40
C ASP A 83 4.10 13.63 -6.05
N GLY A 84 4.34 14.53 -5.11
CA GLY A 84 4.76 14.11 -3.78
C GLY A 84 3.75 13.21 -3.11
N ASN A 85 4.11 12.72 -1.92
CA ASN A 85 3.22 11.83 -1.16
C ASN A 85 2.97 10.53 -1.92
N LEU A 86 2.16 9.65 -1.33
CA LEU A 86 1.84 8.37 -1.95
C LEU A 86 0.41 8.36 -2.46
N LEU A 87 0.12 7.44 -3.38
CA LEU A 87 -1.21 7.33 -3.96
C LEU A 87 -1.79 5.94 -3.71
N LEU A 88 -3.06 5.88 -3.38
CA LEU A 88 -3.73 4.61 -3.13
C LEU A 88 -4.76 4.33 -4.22
N ASN A 89 -4.61 3.20 -4.90
CA ASN A 89 -5.53 2.84 -5.96
C ASN A 89 -6.34 1.61 -5.60
N ASP A 90 -7.64 1.78 -5.47
CA ASP A 90 -8.53 0.67 -5.15
C ASP A 90 -8.79 -0.16 -6.40
N ILE A 91 -8.79 -1.48 -6.25
CA ILE A 91 -9.01 -2.36 -7.40
C ILE A 91 -9.76 -3.63 -7.00
N SER A 92 -10.74 -3.51 -6.11
CA SER A 92 -11.50 -4.64 -5.66
C SER A 92 -12.84 -4.73 -6.35
N THR A 93 -13.36 -5.95 -6.46
CA THR A 93 -14.66 -6.18 -7.06
C THR A 93 -15.76 -5.60 -6.17
N ASN A 94 -15.52 -5.63 -4.86
CA ASN A 94 -16.48 -5.14 -3.90
C ASN A 94 -16.21 -3.69 -3.47
N GLY A 95 -14.99 -3.21 -3.67
CA GLY A 95 -14.66 -1.87 -3.29
C GLY A 95 -13.62 -1.77 -2.19
N THR A 96 -12.97 -0.60 -2.13
CA THR A 96 -11.95 -0.32 -1.13
C THR A 96 -12.40 0.83 -0.24
N TRP A 97 -12.17 0.71 1.06
CA TRP A 97 -12.61 1.74 1.99
C TRP A 97 -11.47 2.45 2.70
N LEU A 98 -11.71 3.72 3.00
CA LEU A 98 -10.75 4.53 3.72
C LEU A 98 -11.44 5.10 4.96
N ASN A 99 -10.99 4.66 6.12
CA ASN A 99 -11.55 5.12 7.38
C ASN A 99 -13.08 5.08 7.38
N GLY A 100 -13.65 4.09 6.71
CA GLY A 100 -15.07 3.95 6.67
C GLY A 100 -15.71 4.62 5.47
N GLN A 101 -14.92 5.37 4.71
CA GLN A 101 -15.45 6.04 3.53
C GLN A 101 -14.98 5.35 2.25
N LYS A 102 -15.95 4.84 1.49
CA LYS A 102 -15.67 4.15 0.26
C LYS A 102 -15.21 5.12 -0.83
N VAL A 103 -14.11 4.77 -1.49
CA VAL A 103 -13.55 5.60 -2.55
C VAL A 103 -13.85 5.00 -3.92
N GLU A 104 -13.66 5.81 -4.97
CA GLU A 104 -13.89 5.36 -6.33
C GLU A 104 -12.84 4.34 -6.75
N LYS A 105 -13.28 3.17 -7.21
CA LYS A 105 -12.37 2.13 -7.65
C LYS A 105 -11.36 2.67 -8.66
N ASN A 106 -10.28 1.94 -8.84
CA ASN A 106 -9.21 2.32 -9.77
C ASN A 106 -8.99 3.83 -9.80
N SER A 107 -9.18 4.47 -8.67
CA SER A 107 -9.00 5.91 -8.55
C SER A 107 -7.80 6.23 -7.66
N ASN A 108 -7.00 7.21 -8.09
CA ASN A 108 -5.82 7.60 -7.32
C ASN A 108 -6.19 8.61 -6.24
N GLN A 109 -5.78 8.31 -5.01
CA GLN A 109 -6.06 9.18 -3.88
C GLN A 109 -4.80 9.49 -3.10
N LEU A 110 -4.75 10.67 -2.49
CA LEU A 110 -3.60 11.07 -1.70
C LEU A 110 -3.56 10.30 -0.39
N LEU A 111 -2.42 9.68 -0.10
CA LEU A 111 -2.29 8.89 1.12
C LEU A 111 -2.38 9.74 2.36
N SER A 112 -2.56 9.06 3.48
CA SER A 112 -2.65 9.70 4.79
C SER A 112 -1.63 9.09 5.73
N GLN A 113 -1.19 9.86 6.73
CA GLN A 113 -0.21 9.37 7.69
C GLN A 113 -0.85 8.34 8.61
N GLY A 114 -0.33 7.11 8.56
CA GLY A 114 -0.86 6.04 9.38
C GLY A 114 -2.32 5.75 9.07
N ASP A 115 -2.72 6.06 7.84
CA ASP A 115 -4.08 5.85 7.39
C ASP A 115 -4.46 4.37 7.48
N GLU A 116 -5.71 4.07 7.14
CA GLU A 116 -6.18 2.70 7.18
C GLU A 116 -7.18 2.44 6.05
N ILE A 117 -7.03 1.30 5.37
CA ILE A 117 -7.93 0.93 4.29
C ILE A 117 -8.77 -0.27 4.69
N THR A 118 -10.07 -0.15 4.53
CA THR A 118 -10.99 -1.23 4.88
C THR A 118 -11.49 -1.93 3.62
N VAL A 119 -11.61 -3.25 3.68
CA VAL A 119 -12.06 -4.01 2.52
C VAL A 119 -13.01 -5.14 2.91
N GLY A 120 -13.79 -5.59 1.93
CA GLY A 120 -14.74 -6.65 2.15
C GLY A 120 -15.98 -6.17 2.85
N VAL A 121 -16.50 -5.04 2.39
CA VAL A 121 -17.68 -4.45 2.98
C VAL A 121 -18.97 -5.06 2.44
N GLY A 122 -19.91 -5.24 3.35
CA GLY A 122 -21.18 -5.82 3.03
C GLY A 122 -21.74 -6.52 4.24
N VAL A 123 -20.86 -7.22 4.95
CA VAL A 123 -21.20 -7.92 6.16
C VAL A 123 -20.26 -7.47 7.27
N GLU A 124 -20.83 -7.05 8.40
CA GLU A 124 -20.02 -6.58 9.52
C GLU A 124 -18.91 -7.57 9.88
N SER A 125 -19.17 -8.84 9.67
CA SER A 125 -18.20 -9.88 9.99
C SER A 125 -17.33 -10.26 8.79
N ASP A 126 -17.45 -9.54 7.67
CA ASP A 126 -16.66 -9.88 6.49
C ASP A 126 -15.81 -8.73 6.00
N ILE A 127 -15.51 -7.83 6.90
CA ILE A 127 -14.68 -6.68 6.59
C ILE A 127 -13.29 -6.82 7.19
N LEU A 128 -12.31 -6.42 6.41
CA LEU A 128 -10.91 -6.48 6.81
C LEU A 128 -10.25 -5.10 6.69
N SER A 129 -9.51 -4.70 7.72
CA SER A 129 -8.86 -3.39 7.70
C SER A 129 -7.34 -3.52 7.61
N LEU A 130 -6.74 -2.51 7.00
CA LEU A 130 -5.30 -2.44 6.83
C LEU A 130 -4.80 -1.04 7.15
N VAL A 131 -3.62 -0.95 7.76
CA VAL A 131 -3.05 0.35 8.11
C VAL A 131 -1.81 0.65 7.27
N ILE A 132 -1.73 1.88 6.76
CA ILE A 132 -0.63 2.31 5.94
C ILE A 132 0.29 3.25 6.71
N PHE A 133 1.56 2.86 6.83
CA PHE A 133 2.55 3.66 7.53
C PHE A 133 3.56 4.25 6.56
N ILE A 134 3.54 5.58 6.42
CA ILE A 134 4.46 6.26 5.50
C ILE A 134 5.80 6.53 6.17
N ASN A 135 6.88 6.23 5.44
CA ASN A 135 8.23 6.46 5.95
C ASN A 135 8.66 7.90 5.70
N ASP A 136 8.94 8.62 6.78
CA ASP A 136 9.35 10.01 6.68
C ASP A 136 10.75 10.12 6.06
N LYS A 137 11.56 9.09 6.23
CA LYS A 137 12.91 9.08 5.70
C LYS A 137 12.89 9.20 4.18
N PHE A 138 12.02 8.42 3.55
CA PHE A 138 11.89 8.43 2.10
C PHE A 138 11.47 9.81 1.60
N LYS A 139 10.51 10.41 2.29
CA LYS A 139 10.02 11.74 1.93
C LYS A 139 11.15 12.75 1.87
N GLN A 140 12.10 12.63 2.79
CA GLN A 140 13.24 13.53 2.84
C GLN A 140 14.04 13.45 1.54
N CYS A 141 14.33 12.24 1.10
CA CYS A 141 15.08 12.03 -0.14
C CYS A 141 14.32 12.60 -1.33
N LEU A 142 13.02 12.33 -1.38
CA LEU A 142 12.19 12.80 -2.48
C LEU A 142 12.24 14.33 -2.57
N GLU A 143 12.33 14.99 -1.42
CA GLU A 143 12.40 16.45 -1.38
C GLU A 143 13.63 16.95 -2.12
N GLN A 144 14.75 16.28 -1.90
CA GLN A 144 16.00 16.66 -2.56
C GLN A 144 16.09 16.06 -3.95
N ASN A 145 15.49 14.87 -4.12
CA ASN A 145 15.49 14.16 -5.40
C ASN A 145 16.87 14.20 -6.07
N LYS A 146 17.11 15.21 -6.91
CA LYS A 146 18.39 15.34 -7.60
C LYS A 146 19.39 16.11 -6.76
N VAL A 147 20.56 15.52 -6.53
CA VAL A 147 21.60 16.16 -5.73
C VAL A 147 22.40 17.15 -6.57
N ASP A 148 22.55 18.37 -6.04
CA ASP A 148 23.29 19.41 -6.74
C ASP A 148 23.69 20.53 -5.78
N ARG A 149 22.70 21.24 -5.27
CA ARG A 149 22.94 22.34 -4.34
C ARG A 149 21.69 22.66 -3.54
N ILE A 150 21.76 23.72 -2.74
CA ILE A 150 20.62 24.15 -1.93
C ILE A 150 19.96 25.39 -2.51
N ARG A 151 18.64 25.39 -2.54
CA ARG A 151 17.88 26.52 -3.07
C ARG A 151 18.30 26.84 -4.50
N SER B 1 -22.68 -8.00 -15.35
CA SER B 1 -21.87 -6.82 -14.93
C SER B 1 -20.54 -7.25 -14.33
N LEU B 2 -20.61 -7.89 -13.16
CA LEU B 2 -19.40 -8.35 -12.47
C LEU B 2 -19.61 -9.74 -11.89
N GLU B 3 -19.19 -10.76 -12.63
CA GLU B 3 -19.33 -12.14 -12.18
C GLU B 3 -18.01 -12.67 -11.62
N VAL B 4 -17.22 -11.77 -11.04
CA VAL B 4 -15.94 -12.14 -10.46
C VAL B 4 -15.91 -11.89 -8.96
N TPO B 5 -15.54 -12.92 -8.20
CA TPO B 5 -15.47 -12.81 -6.75
CB TPO B 5 -14.50 -11.69 -6.32
CG2 TPO B 5 -14.46 -11.55 -4.80
OG1 TPO B 5 -13.21 -11.95 -6.80
P TPO B 5 -12.55 -13.32 -6.43
O1P TPO B 5 -12.73 -14.19 -7.70
O2P TPO B 5 -11.04 -13.00 -6.24
O3P TPO B 5 -13.16 -13.95 -5.22
C TPO B 5 -16.85 -12.53 -6.16
O TPO B 5 -17.70 -11.90 -6.81
H2 TPO B 5 -15.29 -13.76 -8.62
HA TPO B 5 -15.10 -13.75 -6.35
HB TPO B 5 -14.84 -10.75 -6.74
HG21 TPO B 5 -14.65 -12.51 -4.34
HG22 TPO B 5 -15.21 -10.84 -4.49
HG23 TPO B 5 -13.49 -11.19 -4.49
N GLU B 6 -17.07 -13.00 -4.94
CA GLU B 6 -18.35 -12.80 -4.27
C GLU B 6 -18.62 -11.32 -4.02
N ALA B 7 -19.11 -10.63 -5.05
CA ALA B 7 -19.41 -9.20 -4.94
C ALA B 7 -20.90 -8.97 -4.79
N ASP B 8 -21.29 -8.31 -3.70
CA ASP B 8 -22.69 -8.02 -3.45
C ASP B 8 -23.04 -6.60 -3.87
N ALA B 9 -24.34 -6.29 -3.93
CA ALA B 9 -24.80 -4.98 -4.32
C ALA B 9 -26.26 -4.76 -3.92
N THR B 10 -26.46 -4.01 -2.83
CA THR B 10 -27.80 -3.72 -2.34
C THR B 10 -28.12 -2.24 -2.47
N PHE B 11 -29.36 -1.94 -2.87
CA PHE B 11 -29.80 -0.56 -3.03
C PHE B 11 -31.32 -0.46 -3.01
N VAL B 12 -31.94 -1.12 -2.02
CA VAL B 12 -33.38 -1.11 -1.89
C VAL B 12 -33.80 -1.14 -0.42
N GLN B 13 -32.97 -0.57 0.44
CA GLN B 13 -33.25 -0.54 1.87
C GLN B 13 -32.23 0.31 2.61
N ALA A 1 10.51 11.55 22.44
CA ALA A 1 11.29 11.29 21.25
C ALA A 1 12.78 11.52 21.50
N THR A 2 13.21 11.28 22.73
CA THR A 2 14.61 11.47 23.10
C THR A 2 15.22 10.17 23.62
N GLN A 3 14.49 9.50 24.50
CA GLN A 3 14.95 8.23 25.07
C GLN A 3 14.91 7.12 24.04
N ARG A 4 13.78 7.01 23.33
CA ARG A 4 13.61 5.99 22.31
C ARG A 4 14.67 6.13 21.21
N PHE A 5 14.99 7.38 20.86
CA PHE A 5 15.97 7.65 19.83
C PHE A 5 17.37 7.19 20.26
N LEU A 6 17.65 7.33 21.55
CA LEU A 6 18.94 6.93 22.09
C LEU A 6 19.15 5.42 21.94
N ILE A 7 18.09 4.66 22.17
CA ILE A 7 18.17 3.20 22.07
C ILE A 7 18.26 2.77 20.61
N GLU A 8 17.60 3.50 19.72
CA GLU A 8 17.60 3.17 18.31
C GLU A 8 19.04 3.16 17.78
N LYS A 9 19.86 4.06 18.31
CA LYS A 9 21.26 4.14 17.91
C LYS A 9 22.03 2.91 18.37
N PHE A 10 21.51 2.25 19.41
CA PHE A 10 22.15 1.04 19.95
C PHE A 10 22.31 -0.03 18.88
N SER A 11 21.24 -0.26 18.13
CA SER A 11 21.26 -1.26 17.07
C SER A 11 22.01 -0.75 15.85
N GLN A 12 22.04 0.58 15.69
CA GLN A 12 22.74 1.22 14.57
C GLN A 12 22.41 0.52 13.25
N GLU A 13 21.19 -0.04 13.17
CA GLU A 13 20.76 -0.72 11.96
C GLU A 13 20.03 0.23 11.03
N GLN A 14 20.50 0.31 9.79
CA GLN A 14 19.90 1.18 8.79
C GLN A 14 18.47 0.74 8.47
N ILE A 15 17.50 1.46 9.00
CA ILE A 15 16.10 1.14 8.77
C ILE A 15 15.61 1.69 7.45
N GLY A 16 14.84 0.86 6.77
CA GLY A 16 14.28 1.24 5.48
C GLY A 16 15.36 1.44 4.43
N GLU A 17 15.50 0.46 3.54
CA GLU A 17 16.50 0.52 2.48
C GLU A 17 16.05 1.46 1.37
N ASN A 18 14.74 1.53 1.14
CA ASN A 18 14.19 2.40 0.11
C ASN A 18 12.69 2.20 0.12
N ILE A 19 12.19 2.08 1.33
CA ILE A 19 10.79 1.84 1.58
C ILE A 19 9.94 3.07 1.34
N VAL A 20 8.83 2.85 0.65
CA VAL A 20 7.89 3.88 0.31
C VAL A 20 6.84 3.98 1.41
N CYS A 21 6.12 2.88 1.60
CA CYS A 21 5.08 2.80 2.62
C CYS A 21 4.93 1.35 3.09
N ARG A 22 4.68 1.18 4.38
CA ARG A 22 4.54 -0.16 4.96
C ARG A 22 3.12 -0.40 5.47
N VAL A 23 2.52 -1.50 5.04
CA VAL A 23 1.16 -1.85 5.46
C VAL A 23 1.17 -2.71 6.71
N ILE A 24 0.41 -2.28 7.72
CA ILE A 24 0.35 -3.00 8.98
C ILE A 24 -1.10 -3.34 9.35
N CYS A 25 -1.43 -4.62 9.35
CA CYS A 25 -2.78 -5.07 9.70
C CYS A 25 -2.93 -5.10 11.22
N THR A 26 -3.77 -4.21 11.74
CA THR A 26 -4.00 -4.12 13.18
C THR A 26 -5.24 -4.90 13.61
N THR A 27 -6.13 -5.18 12.67
CA THR A 27 -7.36 -5.92 12.98
C THR A 27 -7.10 -7.42 13.07
N GLY A 28 -5.86 -7.81 12.80
CA GLY A 28 -5.49 -9.23 12.88
C GLY A 28 -6.04 -10.05 11.74
N GLN A 29 -5.42 -9.94 10.56
CA GLN A 29 -5.84 -10.70 9.39
C GLN A 29 -4.66 -11.01 8.48
N ILE A 30 -3.78 -10.02 8.28
CA ILE A 30 -2.62 -10.18 7.42
C ILE A 30 -1.34 -9.71 8.11
N PRO A 31 -0.22 -10.42 7.90
CA PRO A 31 1.07 -10.04 8.50
C PRO A 31 1.67 -8.80 7.84
N ILE A 32 2.35 -7.99 8.63
CA ILE A 32 2.96 -6.76 8.14
C ILE A 32 3.87 -7.01 6.93
N ARG A 33 3.95 -6.01 6.07
CA ARG A 33 4.78 -6.09 4.87
C ARG A 33 5.38 -4.73 4.56
N ASP A 34 6.49 -4.70 3.81
CA ASP A 34 7.15 -3.44 3.48
C ASP A 34 7.18 -3.19 1.98
N LEU A 35 6.56 -2.08 1.57
CA LEU A 35 6.53 -1.68 0.17
C LEU A 35 7.64 -0.68 -0.09
N SER A 36 8.36 -0.82 -1.22
CA SER A 36 9.45 0.10 -1.50
C SER A 36 9.62 0.42 -2.97
N ALA A 37 10.28 1.54 -3.19
CA ALA A 37 10.58 2.02 -4.53
C ALA A 37 11.95 2.69 -4.57
N ASP A 38 12.64 2.54 -5.69
CA ASP A 38 13.97 3.12 -5.85
C ASP A 38 13.89 4.63 -6.09
N ILE A 39 14.76 5.36 -5.41
CA ILE A 39 14.81 6.82 -5.52
C ILE A 39 15.19 7.28 -6.92
N SER A 40 16.21 6.65 -7.48
CA SER A 40 16.68 7.01 -8.82
C SER A 40 15.57 6.91 -9.84
N GLN A 41 14.76 5.88 -9.67
CA GLN A 41 13.63 5.65 -10.57
C GLN A 41 12.57 6.72 -10.39
N VAL A 42 12.37 7.14 -9.13
CA VAL A 42 11.38 8.16 -8.81
C VAL A 42 11.87 9.54 -9.26
N LEU A 43 13.14 9.83 -8.99
CA LEU A 43 13.73 11.11 -9.37
C LEU A 43 13.90 11.21 -10.88
N LYS A 44 14.15 10.07 -11.51
CA LYS A 44 14.34 10.02 -12.96
C LYS A 44 13.01 10.20 -13.69
N GLU A 45 12.00 9.46 -13.26
CA GLU A 45 10.68 9.54 -13.88
C GLU A 45 9.98 10.84 -13.49
N LYS A 46 9.79 11.72 -14.47
CA LYS A 46 9.13 12.99 -14.23
C LYS A 46 7.63 12.89 -14.50
N ARG A 47 7.26 12.02 -15.43
CA ARG A 47 5.86 11.83 -15.78
C ARG A 47 5.46 10.36 -15.62
N SER A 48 4.17 10.08 -15.79
CA SER A 48 3.66 8.72 -15.67
C SER A 48 3.95 8.15 -14.29
N ILE A 49 3.32 7.02 -13.96
CA ILE A 49 3.52 6.38 -12.68
C ILE A 49 4.88 5.70 -12.60
N LYS A 50 5.38 5.52 -11.38
CA LYS A 50 6.68 4.89 -11.18
C LYS A 50 6.52 3.43 -10.78
N LYS A 51 6.05 3.20 -9.56
CA LYS A 51 5.87 1.84 -9.06
C LYS A 51 4.55 1.70 -8.29
N VAL A 52 3.78 0.66 -8.63
CA VAL A 52 2.50 0.44 -7.99
C VAL A 52 2.40 -0.98 -7.43
N TRP A 53 1.83 -1.07 -6.24
CA TRP A 53 1.65 -2.37 -5.57
C TRP A 53 0.22 -2.88 -5.70
N THR A 54 0.08 -4.18 -5.93
CA THR A 54 -1.24 -4.80 -6.02
C THR A 54 -1.43 -5.73 -4.82
N PHE A 55 -2.53 -5.54 -4.11
CA PHE A 55 -2.82 -6.33 -2.92
C PHE A 55 -4.04 -7.22 -3.14
N GLY A 56 -4.02 -8.41 -2.54
CA GLY A 56 -5.14 -9.33 -2.67
C GLY A 56 -4.78 -10.75 -2.27
N ARG A 57 -5.71 -11.67 -2.48
CA ARG A 57 -5.50 -13.07 -2.14
C ARG A 57 -4.64 -13.79 -3.18
N ASN A 58 -4.23 -13.07 -4.22
CA ASN A 58 -3.41 -13.66 -5.27
C ASN A 58 -1.93 -13.61 -4.90
N PRO A 59 -1.21 -14.74 -5.07
CA PRO A 59 0.22 -14.82 -4.76
C PRO A 59 1.05 -13.98 -5.73
N ALA A 60 0.39 -13.46 -6.77
CA ALA A 60 1.05 -12.63 -7.74
C ALA A 60 1.10 -11.23 -7.21
N CYS A 61 -0.02 -10.83 -6.65
CA CYS A 61 -0.17 -9.52 -6.07
C CYS A 61 1.06 -9.17 -5.26
N ASP A 62 1.49 -7.94 -5.38
CA ASP A 62 2.65 -7.48 -4.65
C ASP A 62 2.42 -7.68 -3.14
N TYR A 63 1.15 -7.85 -2.75
CA TYR A 63 0.81 -8.07 -1.35
C TYR A 63 -0.11 -9.27 -1.19
N HIS A 64 0.25 -10.18 -0.30
CA HIS A 64 -0.57 -11.37 -0.06
C HIS A 64 -1.33 -11.26 1.26
N LEU A 65 -2.64 -11.45 1.20
CA LEU A 65 -3.48 -11.37 2.38
C LEU A 65 -4.28 -12.66 2.57
N GLY A 66 -5.09 -12.69 3.64
CA GLY A 66 -5.89 -13.87 3.92
C GLY A 66 -6.85 -14.18 2.80
N ASN A 67 -7.14 -15.48 2.61
CA ASN A 67 -8.05 -15.91 1.57
C ASN A 67 -9.51 -15.60 1.92
N ILE A 68 -9.98 -14.44 1.48
CA ILE A 68 -11.34 -14.02 1.75
C ILE A 68 -12.19 -14.07 0.48
N SER A 69 -13.21 -14.91 0.49
CA SER A 69 -14.10 -15.05 -0.67
C SER A 69 -14.68 -13.71 -1.09
N ARG A 70 -14.76 -12.77 -0.15
CA ARG A 70 -15.30 -11.45 -0.44
C ARG A 70 -14.28 -10.60 -1.18
N LEU A 71 -13.02 -10.66 -0.75
CA LEU A 71 -11.95 -9.89 -1.38
C LEU A 71 -11.59 -10.48 -2.74
N SER A 72 -11.10 -9.63 -3.63
CA SER A 72 -10.73 -10.07 -4.98
C SER A 72 -9.25 -10.44 -5.06
N ASN A 73 -8.88 -11.14 -6.14
CA ASN A 73 -7.48 -11.55 -6.35
C ASN A 73 -6.55 -10.39 -6.01
N LYS A 74 -6.84 -9.25 -6.64
CA LYS A 74 -6.10 -8.02 -6.41
C LYS A 74 -7.12 -7.00 -5.91
N HIS A 75 -7.38 -7.06 -4.60
CA HIS A 75 -8.36 -6.20 -3.98
C HIS A 75 -8.05 -4.73 -4.13
N PHE A 76 -6.81 -4.36 -3.92
CA PHE A 76 -6.44 -2.95 -4.03
C PHE A 76 -5.02 -2.77 -4.59
N GLN A 77 -4.72 -1.56 -5.06
CA GLN A 77 -3.42 -1.25 -5.64
C GLN A 77 -2.89 0.08 -5.12
N ILE A 78 -1.61 0.14 -4.78
CA ILE A 78 -1.02 1.39 -4.30
C ILE A 78 0.00 1.91 -5.32
N LEU A 79 -0.16 3.16 -5.73
CA LEU A 79 0.76 3.75 -6.71
C LEU A 79 1.65 4.81 -6.08
N LEU A 80 2.89 4.90 -6.57
CA LEU A 80 3.85 5.86 -6.07
C LEU A 80 4.41 6.71 -7.22
N GLY A 81 4.27 8.02 -7.10
CA GLY A 81 4.77 8.92 -8.13
C GLY A 81 4.03 10.25 -8.15
N GLU A 82 3.57 10.64 -9.33
CA GLU A 82 2.84 11.91 -9.48
C GLU A 82 3.75 13.09 -9.15
N ASP A 83 3.93 13.35 -7.85
CA ASP A 83 4.76 14.46 -7.40
C ASP A 83 5.64 14.03 -6.23
N GLY A 84 5.97 12.75 -6.18
CA GLY A 84 6.80 12.24 -5.11
C GLY A 84 6.00 11.67 -3.95
N ASN A 85 4.75 12.12 -3.83
CA ASN A 85 3.87 11.65 -2.77
C ASN A 85 3.40 10.22 -3.05
N LEU A 86 2.44 9.75 -2.25
CA LEU A 86 1.90 8.40 -2.40
C LEU A 86 0.43 8.46 -2.83
N LEU A 87 0.00 7.43 -3.55
CA LEU A 87 -1.37 7.35 -4.03
C LEU A 87 -1.95 5.96 -3.75
N LEU A 88 -3.24 5.93 -3.42
CA LEU A 88 -3.91 4.67 -3.14
C LEU A 88 -4.95 4.38 -4.22
N ASN A 89 -4.79 3.27 -4.91
CA ASN A 89 -5.72 2.90 -5.97
C ASN A 89 -6.51 1.66 -5.61
N ASP A 90 -7.82 1.81 -5.48
CA ASP A 90 -8.68 0.69 -5.16
C ASP A 90 -8.95 -0.15 -6.41
N ILE A 91 -8.95 -1.46 -6.26
CA ILE A 91 -9.17 -2.36 -7.39
C ILE A 91 -9.88 -3.65 -6.97
N SER A 92 -10.86 -3.54 -6.07
CA SER A 92 -11.57 -4.69 -5.58
C SER A 92 -12.89 -4.87 -6.30
N THR A 93 -13.41 -6.08 -6.25
CA THR A 93 -14.69 -6.39 -6.88
C THR A 93 -15.83 -5.70 -6.13
N ASN A 94 -15.70 -5.63 -4.79
CA ASN A 94 -16.71 -5.01 -3.97
C ASN A 94 -16.37 -3.56 -3.60
N GLY A 95 -15.11 -3.19 -3.70
CA GLY A 95 -14.72 -1.84 -3.36
C GLY A 95 -13.70 -1.76 -2.25
N THR A 96 -13.05 -0.61 -2.17
CA THR A 96 -12.04 -0.34 -1.14
C THR A 96 -12.49 0.82 -0.27
N TRP A 97 -12.29 0.70 1.04
CA TRP A 97 -12.72 1.74 1.96
C TRP A 97 -11.60 2.47 2.65
N LEU A 98 -11.85 3.74 2.93
CA LEU A 98 -10.90 4.57 3.65
C LEU A 98 -11.60 5.14 4.88
N ASN A 99 -11.14 4.71 6.05
CA ASN A 99 -11.72 5.16 7.32
C ASN A 99 -13.24 5.14 7.29
N GLY A 100 -13.83 4.08 6.74
CA GLY A 100 -15.26 3.97 6.69
C GLY A 100 -15.89 4.63 5.48
N GLN A 101 -15.09 5.34 4.69
CA GLN A 101 -15.60 6.00 3.50
C GLN A 101 -15.16 5.27 2.24
N LYS A 102 -16.13 4.78 1.49
CA LYS A 102 -15.88 4.06 0.27
C LYS A 102 -15.46 5.02 -0.85
N VAL A 103 -14.31 4.71 -1.47
CA VAL A 103 -13.79 5.54 -2.55
C VAL A 103 -14.09 4.93 -3.91
N GLU A 104 -13.91 5.72 -4.96
CA GLU A 104 -14.15 5.25 -6.32
C GLU A 104 -13.08 4.25 -6.73
N LYS A 105 -13.51 3.08 -7.21
CA LYS A 105 -12.57 2.04 -7.63
C LYS A 105 -11.60 2.60 -8.66
N ASN A 106 -10.51 1.88 -8.87
CA ASN A 106 -9.45 2.27 -9.81
C ASN A 106 -9.26 3.78 -9.85
N SER A 107 -9.46 4.41 -8.71
CA SER A 107 -9.29 5.86 -8.60
C SER A 107 -8.10 6.21 -7.71
N ASN A 108 -7.29 7.16 -8.16
CA ASN A 108 -6.11 7.59 -7.41
C ASN A 108 -6.51 8.49 -6.25
N GLN A 109 -5.95 8.23 -5.07
CA GLN A 109 -6.25 9.02 -3.89
C GLN A 109 -4.96 9.46 -3.22
N LEU A 110 -4.98 10.65 -2.63
CA LEU A 110 -3.81 11.18 -1.94
C LEU A 110 -3.58 10.43 -0.63
N LEU A 111 -2.40 9.84 -0.49
CA LEU A 111 -2.08 9.08 0.71
C LEU A 111 -2.25 9.94 1.97
N SER A 112 -2.50 9.25 3.07
CA SER A 112 -2.68 9.90 4.37
C SER A 112 -1.71 9.31 5.39
N GLN A 113 -1.35 10.09 6.39
CA GLN A 113 -0.42 9.62 7.43
C GLN A 113 -1.11 8.61 8.34
N GLY A 114 -0.52 7.42 8.43
CA GLY A 114 -1.09 6.37 9.26
C GLY A 114 -2.51 6.02 8.86
N ASP A 115 -2.85 6.31 7.60
CA ASP A 115 -4.18 6.05 7.09
C ASP A 115 -4.53 4.57 7.21
N GLU A 116 -5.76 4.23 6.89
CA GLU A 116 -6.22 2.86 6.96
C GLU A 116 -7.22 2.54 5.86
N ILE A 117 -7.05 1.38 5.22
CA ILE A 117 -7.94 0.95 4.15
C ILE A 117 -8.78 -0.23 4.60
N THR A 118 -10.09 -0.11 4.47
CA THR A 118 -11.00 -1.18 4.86
C THR A 118 -11.54 -1.89 3.62
N VAL A 119 -11.59 -3.22 3.67
CA VAL A 119 -12.05 -3.99 2.54
C VAL A 119 -12.93 -5.17 2.95
N GLY A 120 -13.74 -5.65 2.01
CA GLY A 120 -14.61 -6.77 2.27
C GLY A 120 -15.93 -6.34 2.87
N VAL A 121 -16.33 -5.11 2.56
CA VAL A 121 -17.57 -4.55 3.08
C VAL A 121 -18.80 -5.25 2.51
N GLY A 122 -19.77 -5.44 3.39
CA GLY A 122 -21.00 -6.10 3.04
C GLY A 122 -21.57 -6.80 4.24
N VAL A 123 -20.69 -7.42 5.01
CA VAL A 123 -21.05 -8.11 6.23
C VAL A 123 -20.18 -7.57 7.37
N GLU A 124 -20.80 -7.24 8.48
CA GLU A 124 -20.06 -6.70 9.63
C GLU A 124 -18.87 -7.58 10.00
N SER A 125 -19.03 -8.88 9.84
CA SER A 125 -17.98 -9.82 10.18
C SER A 125 -17.09 -10.18 8.99
N ASP A 126 -17.27 -9.53 7.84
CA ASP A 126 -16.47 -9.83 6.67
C ASP A 126 -15.67 -8.66 6.17
N ILE A 127 -15.39 -7.74 7.07
CA ILE A 127 -14.60 -6.57 6.75
C ILE A 127 -13.21 -6.65 7.35
N LEU A 128 -12.24 -6.22 6.57
CA LEU A 128 -10.83 -6.22 6.98
C LEU A 128 -10.27 -4.80 6.97
N SER A 129 -9.55 -4.44 8.02
CA SER A 129 -8.98 -3.09 8.12
C SER A 129 -7.46 -3.14 8.07
N LEU A 130 -6.88 -2.38 7.15
CA LEU A 130 -5.44 -2.31 6.98
C LEU A 130 -4.93 -0.90 7.20
N VAL A 131 -3.82 -0.77 7.93
CA VAL A 131 -3.24 0.54 8.19
C VAL A 131 -1.91 0.70 7.46
N ILE A 132 -1.70 1.87 6.87
CA ILE A 132 -0.51 2.14 6.12
C ILE A 132 0.44 3.06 6.89
N PHE A 133 1.73 2.72 6.87
CA PHE A 133 2.74 3.49 7.55
C PHE A 133 3.70 4.12 6.54
N ILE A 134 3.85 5.43 6.62
CA ILE A 134 4.73 6.16 5.71
C ILE A 134 6.12 6.33 6.31
N ASN A 135 7.13 5.97 5.53
CA ASN A 135 8.52 6.09 5.98
C ASN A 135 8.98 7.54 5.94
N ASP A 136 9.16 8.14 7.12
CA ASP A 136 9.59 9.53 7.22
C ASP A 136 10.94 9.73 6.53
N LYS A 137 11.80 8.71 6.63
CA LYS A 137 13.12 8.78 6.04
C LYS A 137 13.02 8.97 4.52
N PHE A 138 12.14 8.20 3.90
CA PHE A 138 11.94 8.29 2.46
C PHE A 138 11.52 9.69 2.05
N LYS A 139 10.59 10.26 2.80
CA LYS A 139 10.09 11.60 2.52
C LYS A 139 11.22 12.64 2.62
N GLN A 140 12.15 12.40 3.54
CA GLN A 140 13.27 13.32 3.73
C GLN A 140 14.16 13.37 2.48
N CYS A 141 14.38 12.20 1.87
CA CYS A 141 15.19 12.11 0.66
C CYS A 141 14.59 12.92 -0.47
N LEU A 142 13.28 12.77 -0.66
CA LEU A 142 12.57 13.48 -1.72
C LEU A 142 12.57 14.99 -1.45
N GLU A 143 12.47 15.35 -0.18
CA GLU A 143 12.45 16.76 0.21
C GLU A 143 13.74 17.46 -0.19
N GLN A 144 14.87 16.80 0.07
CA GLN A 144 16.18 17.35 -0.26
C GLN A 144 16.54 17.04 -1.72
N ASN A 145 16.05 15.91 -2.22
CA ASN A 145 16.32 15.47 -3.59
C ASN A 145 17.79 15.66 -3.97
N LYS A 146 18.13 16.83 -4.52
CA LYS A 146 19.50 17.11 -4.92
C LYS A 146 20.17 18.05 -3.92
N VAL A 147 21.49 18.00 -3.85
CA VAL A 147 22.26 18.84 -2.94
C VAL A 147 22.75 20.10 -3.64
N ASP A 148 22.48 21.25 -3.05
CA ASP A 148 22.90 22.53 -3.62
C ASP A 148 24.25 22.96 -3.04
N ARG A 149 24.85 23.97 -3.66
CA ARG A 149 26.14 24.48 -3.21
C ARG A 149 26.14 26.01 -3.20
N ILE A 150 26.11 26.59 -2.00
CA ILE A 150 26.12 28.03 -1.85
C ILE A 150 27.53 28.57 -1.62
N ARG A 151 27.96 29.47 -2.48
CA ARG A 151 29.29 30.06 -2.38
C ARG A 151 29.25 31.56 -2.64
N SER B 1 -20.35 -13.61 -18.28
CA SER B 1 -20.90 -14.99 -18.23
C SER B 1 -21.03 -15.47 -16.78
N LEU B 2 -20.11 -15.03 -15.93
CA LEU B 2 -20.12 -15.42 -14.53
C LEU B 2 -19.36 -14.39 -13.68
N GLU B 3 -20.05 -13.83 -12.68
CA GLU B 3 -19.45 -12.84 -11.81
C GLU B 3 -18.44 -13.50 -10.86
N VAL B 4 -17.17 -13.25 -11.09
CA VAL B 4 -16.12 -13.81 -10.26
C VAL B 4 -15.99 -13.06 -8.94
N TPO B 5 -15.45 -13.73 -7.93
CA TPO B 5 -15.27 -13.12 -6.62
CB TPO B 5 -14.37 -11.86 -6.70
CG2 TPO B 5 -14.22 -11.22 -5.33
OG1 TPO B 5 -13.11 -12.21 -7.21
P TPO B 5 -12.30 -13.33 -6.49
O1P TPO B 5 -12.94 -14.65 -6.98
O2P TPO B 5 -10.87 -13.21 -7.08
O3P TPO B 5 -12.31 -13.20 -5.00
C TPO B 5 -16.62 -12.73 -6.01
O TPO B 5 -17.55 -12.36 -6.73
H2 TPO B 5 -15.18 -14.67 -8.07
HA TPO B 5 -14.80 -13.84 -5.97
HB TPO B 5 -14.84 -11.15 -7.37
HG21 TPO B 5 -15.04 -10.54 -5.16
HG22 TPO B 5 -13.28 -10.67 -5.30
HG23 TPO B 5 -14.21 -11.98 -4.57
N GLU B 6 -16.72 -12.81 -4.69
CA GLU B 6 -17.95 -12.47 -4.00
C GLU B 6 -18.09 -10.96 -3.85
N ALA B 7 -19.10 -10.39 -4.51
CA ALA B 7 -19.34 -8.95 -4.46
C ALA B 7 -20.72 -8.64 -3.90
N ASP B 8 -21.13 -7.39 -4.01
CA ASP B 8 -22.43 -6.97 -3.52
C ASP B 8 -23.07 -5.95 -4.48
N ALA B 9 -24.36 -5.68 -4.26
CA ALA B 9 -25.08 -4.74 -5.11
C ALA B 9 -25.28 -3.40 -4.39
N THR B 10 -24.72 -2.34 -4.98
CA THR B 10 -24.84 -1.02 -4.40
C THR B 10 -25.32 0.00 -5.44
N PHE B 11 -25.78 1.14 -4.97
CA PHE B 11 -26.26 2.19 -5.86
C PHE B 11 -25.60 3.53 -5.55
N VAL B 12 -24.37 3.71 -6.01
CA VAL B 12 -23.62 4.94 -5.78
C VAL B 12 -23.45 5.72 -7.07
N GLN B 13 -23.58 7.05 -6.98
CA GLN B 13 -23.43 7.91 -8.14
C GLN B 13 -23.38 9.38 -7.73
N ALA A 1 10.97 20.84 20.45
CA ALA A 1 11.83 19.79 19.91
C ALA A 1 11.44 19.45 18.47
N THR A 2 12.38 19.65 17.55
CA THR A 2 12.15 19.37 16.14
C THR A 2 13.44 18.97 15.44
N GLN A 3 14.40 19.89 15.39
CA GLN A 3 15.67 19.64 14.76
C GLN A 3 16.50 18.65 15.57
N ARG A 4 16.36 18.71 16.89
CA ARG A 4 17.09 17.82 17.77
C ARG A 4 16.71 16.36 17.52
N PHE A 5 15.43 16.14 17.23
CA PHE A 5 14.93 14.79 16.96
C PHE A 5 15.69 14.15 15.81
N LEU A 6 16.02 14.95 14.80
CA LEU A 6 16.76 14.45 13.65
C LEU A 6 18.10 13.89 14.07
N ILE A 7 18.68 14.46 15.12
CA ILE A 7 19.97 14.01 15.64
C ILE A 7 19.82 12.66 16.34
N GLU A 8 18.70 12.47 17.02
CA GLU A 8 18.45 11.22 17.74
C GLU A 8 18.52 10.04 16.79
N LYS A 9 18.01 10.23 15.58
CA LYS A 9 18.02 9.18 14.56
C LYS A 9 19.45 8.89 14.11
N PHE A 10 20.33 9.87 14.28
CA PHE A 10 21.72 9.73 13.90
C PHE A 10 22.38 8.53 14.58
N SER A 11 22.16 8.43 15.89
CA SER A 11 22.72 7.33 16.66
C SER A 11 22.11 5.99 16.24
N GLN A 12 20.83 6.02 15.87
CA GLN A 12 20.13 4.82 15.44
C GLN A 12 20.41 4.52 13.97
N GLU A 13 20.15 3.28 13.57
CA GLU A 13 20.37 2.87 12.19
C GLU A 13 19.25 3.38 11.28
N GLN A 14 19.60 3.65 10.02
CA GLN A 14 18.63 4.15 9.05
C GLN A 14 17.61 3.06 8.71
N ILE A 15 16.35 3.30 9.06
CA ILE A 15 15.28 2.34 8.78
C ILE A 15 14.78 2.47 7.36
N GLY A 16 14.55 1.32 6.77
CA GLY A 16 14.05 1.27 5.40
C GLY A 16 15.16 1.42 4.38
N GLU A 17 15.38 0.38 3.58
CA GLU A 17 16.42 0.40 2.56
C GLU A 17 16.01 1.29 1.39
N ASN A 18 14.71 1.40 1.14
CA ASN A 18 14.19 2.23 0.06
C ASN A 18 12.69 2.08 0.07
N ILE A 19 12.16 2.02 1.28
CA ILE A 19 10.77 1.82 1.52
C ILE A 19 9.94 3.07 1.23
N VAL A 20 8.84 2.85 0.55
CA VAL A 20 7.93 3.90 0.18
C VAL A 20 6.85 4.04 1.23
N CYS A 21 6.10 2.95 1.41
CA CYS A 21 5.03 2.89 2.39
C CYS A 21 4.92 1.49 2.97
N ARG A 22 4.33 1.37 4.17
CA ARG A 22 4.19 0.07 4.82
C ARG A 22 2.73 -0.25 5.12
N VAL A 23 2.34 -1.49 4.88
CA VAL A 23 0.97 -1.94 5.13
C VAL A 23 0.89 -2.77 6.40
N ILE A 24 0.06 -2.34 7.34
CA ILE A 24 -0.09 -3.04 8.61
C ILE A 24 -1.56 -3.36 8.90
N CYS A 25 -1.85 -4.66 9.05
CA CYS A 25 -3.20 -5.10 9.34
C CYS A 25 -3.48 -5.00 10.84
N THR A 26 -4.40 -4.11 11.23
CA THR A 26 -4.73 -3.90 12.63
C THR A 26 -5.76 -4.92 13.13
N THR A 27 -6.53 -5.50 12.21
CA THR A 27 -7.55 -6.46 12.58
C THR A 27 -6.95 -7.85 12.83
N GLY A 28 -5.64 -7.96 12.62
CA GLY A 28 -4.95 -9.22 12.84
C GLY A 28 -5.39 -10.32 11.91
N GLN A 29 -4.95 -10.24 10.65
CA GLN A 29 -5.29 -11.25 9.65
C GLN A 29 -4.13 -11.46 8.68
N ILE A 30 -3.50 -10.37 8.27
CA ILE A 30 -2.37 -10.44 7.34
C ILE A 30 -1.10 -9.91 7.97
N PRO A 31 0.06 -10.54 7.69
CA PRO A 31 1.34 -10.12 8.24
C PRO A 31 1.84 -8.83 7.61
N ILE A 32 2.46 -7.97 8.42
CA ILE A 32 2.98 -6.70 7.94
C ILE A 32 3.97 -6.88 6.80
N ARG A 33 3.82 -6.07 5.76
CA ARG A 33 4.71 -6.13 4.60
C ARG A 33 5.35 -4.76 4.37
N ASP A 34 6.43 -4.72 3.59
CA ASP A 34 7.11 -3.46 3.31
C ASP A 34 7.10 -3.12 1.82
N LEU A 35 6.51 -1.98 1.51
CA LEU A 35 6.44 -1.49 0.14
C LEU A 35 7.62 -0.57 -0.12
N SER A 36 8.28 -0.71 -1.26
CA SER A 36 9.44 0.12 -1.55
C SER A 36 9.64 0.41 -3.02
N ALA A 37 10.35 1.49 -3.25
CA ALA A 37 10.69 1.94 -4.60
C ALA A 37 11.98 2.74 -4.60
N ASP A 38 12.70 2.67 -5.72
CA ASP A 38 13.97 3.40 -5.85
C ASP A 38 13.75 4.89 -6.05
N ILE A 39 14.34 5.68 -5.16
CA ILE A 39 14.22 7.13 -5.20
C ILE A 39 14.86 7.73 -6.46
N SER A 40 16.05 7.21 -6.81
CA SER A 40 16.77 7.70 -7.97
C SER A 40 15.96 7.49 -9.24
N GLN A 41 15.31 6.33 -9.31
CA GLN A 41 14.49 5.98 -10.45
C GLN A 41 13.25 6.86 -10.52
N VAL A 42 12.71 7.19 -9.36
CA VAL A 42 11.52 8.03 -9.27
C VAL A 42 11.83 9.46 -9.67
N LEU A 43 13.00 9.94 -9.26
CA LEU A 43 13.42 11.30 -9.56
C LEU A 43 13.72 11.46 -11.05
N LYS A 44 14.14 10.37 -11.69
CA LYS A 44 14.47 10.40 -13.11
C LYS A 44 13.25 10.02 -13.96
N GLU A 45 12.36 9.21 -13.39
CA GLU A 45 11.16 8.79 -14.09
C GLU A 45 10.26 9.98 -14.41
N LYS A 46 9.99 10.17 -15.70
CA LYS A 46 9.15 11.27 -16.16
C LYS A 46 8.10 10.79 -17.14
N ARG A 47 7.66 9.55 -16.97
CA ARG A 47 6.65 8.96 -17.84
C ARG A 47 5.77 7.98 -17.08
N SER A 48 4.47 8.28 -17.01
CA SER A 48 3.52 7.42 -16.31
C SER A 48 3.93 7.25 -14.84
N ILE A 49 3.23 6.35 -14.15
CA ILE A 49 3.52 6.09 -12.74
C ILE A 49 4.88 5.41 -12.58
N LYS A 50 5.52 5.64 -11.44
CA LYS A 50 6.82 5.05 -11.16
C LYS A 50 6.69 3.62 -10.65
N LYS A 51 6.28 3.48 -9.39
CA LYS A 51 6.12 2.17 -8.79
C LYS A 51 4.74 2.00 -8.19
N VAL A 52 4.13 0.84 -8.40
CA VAL A 52 2.81 0.57 -7.88
C VAL A 52 2.70 -0.83 -7.28
N TRP A 53 2.01 -0.90 -6.15
CA TRP A 53 1.79 -2.17 -5.46
C TRP A 53 0.37 -2.69 -5.63
N THR A 54 0.24 -4.00 -5.82
CA THR A 54 -1.08 -4.61 -5.94
C THR A 54 -1.30 -5.54 -4.75
N PHE A 55 -2.41 -5.36 -4.06
CA PHE A 55 -2.75 -6.15 -2.89
C PHE A 55 -4.02 -6.96 -3.11
N GLY A 56 -4.08 -8.16 -2.55
CA GLY A 56 -5.26 -8.99 -2.70
C GLY A 56 -5.01 -10.46 -2.38
N ARG A 57 -5.99 -11.29 -2.71
CA ARG A 57 -5.90 -12.74 -2.47
C ARG A 57 -5.03 -13.44 -3.51
N ASN A 58 -4.49 -12.67 -4.46
CA ASN A 58 -3.66 -13.25 -5.51
C ASN A 58 -2.20 -13.37 -5.05
N PRO A 59 -1.58 -14.55 -5.27
CA PRO A 59 -0.19 -14.78 -4.89
C PRO A 59 0.78 -13.96 -5.73
N ALA A 60 0.27 -13.35 -6.79
CA ALA A 60 1.06 -12.52 -7.67
C ALA A 60 1.16 -11.15 -7.07
N CYS A 61 0.00 -10.68 -6.61
CA CYS A 61 -0.12 -9.39 -5.99
C CYS A 61 1.09 -9.08 -5.14
N ASP A 62 1.53 -7.84 -5.22
CA ASP A 62 2.67 -7.41 -4.44
C ASP A 62 2.41 -7.64 -2.95
N TYR A 63 1.12 -7.80 -2.59
CA TYR A 63 0.74 -8.04 -1.21
C TYR A 63 -0.19 -9.25 -1.10
N HIS A 64 0.22 -10.25 -0.35
CA HIS A 64 -0.60 -11.45 -0.17
C HIS A 64 -1.29 -11.44 1.19
N LEU A 65 -2.62 -11.52 1.16
CA LEU A 65 -3.40 -11.54 2.40
C LEU A 65 -3.92 -12.94 2.69
N GLY A 66 -4.74 -13.08 3.72
CA GLY A 66 -5.28 -14.38 4.08
C GLY A 66 -6.05 -15.02 2.94
N ASN A 67 -7.36 -15.17 3.13
CA ASN A 67 -8.21 -15.77 2.11
C ASN A 67 -9.67 -15.43 2.37
N ILE A 68 -10.08 -14.26 1.90
CA ILE A 68 -11.46 -13.81 2.08
C ILE A 68 -12.21 -13.77 0.75
N SER A 69 -13.30 -14.52 0.67
CA SER A 69 -14.11 -14.56 -0.55
C SER A 69 -14.62 -13.17 -0.91
N ARG A 70 -14.83 -12.34 0.11
CA ARG A 70 -15.32 -10.98 -0.11
C ARG A 70 -14.27 -10.13 -0.82
N LEU A 71 -13.00 -10.51 -0.69
CA LEU A 71 -11.92 -9.78 -1.32
C LEU A 71 -11.55 -10.40 -2.66
N SER A 72 -11.02 -9.58 -3.57
CA SER A 72 -10.64 -10.06 -4.90
C SER A 72 -9.15 -10.40 -4.96
N ASN A 73 -8.73 -11.08 -6.04
CA ASN A 73 -7.33 -11.45 -6.23
C ASN A 73 -6.44 -10.26 -5.91
N LYS A 74 -6.75 -9.16 -6.58
CA LYS A 74 -6.06 -7.89 -6.38
C LYS A 74 -7.07 -6.90 -5.86
N HIS A 75 -7.31 -6.98 -4.56
CA HIS A 75 -8.30 -6.14 -3.91
C HIS A 75 -8.00 -4.67 -4.07
N PHE A 76 -6.77 -4.28 -3.83
CA PHE A 76 -6.39 -2.88 -3.95
C PHE A 76 -4.97 -2.70 -4.46
N GLN A 77 -4.69 -1.53 -5.02
CA GLN A 77 -3.37 -1.24 -5.57
C GLN A 77 -2.88 0.15 -5.16
N ILE A 78 -1.61 0.28 -4.82
CA ILE A 78 -1.05 1.58 -4.43
C ILE A 78 0.02 2.04 -5.41
N LEU A 79 -0.06 3.29 -5.85
CA LEU A 79 0.93 3.82 -6.80
C LEU A 79 1.68 5.02 -6.23
N LEU A 80 2.92 5.17 -6.66
CA LEU A 80 3.76 6.27 -6.22
C LEU A 80 4.30 7.06 -7.41
N GLY A 81 4.01 8.35 -7.45
CA GLY A 81 4.47 9.18 -8.54
C GLY A 81 5.83 9.80 -8.29
N GLU A 82 6.22 10.73 -9.17
CA GLU A 82 7.51 11.41 -9.04
C GLU A 82 7.37 12.71 -8.26
N ASP A 83 6.19 13.32 -8.32
CA ASP A 83 5.94 14.57 -7.62
C ASP A 83 5.56 14.33 -6.16
N GLY A 84 6.43 13.61 -5.45
CA GLY A 84 6.18 13.31 -4.04
C GLY A 84 4.77 12.82 -3.79
N ASN A 85 4.39 12.75 -2.52
CA ASN A 85 3.06 12.29 -2.14
C ASN A 85 2.84 10.84 -2.57
N LEU A 86 1.72 10.27 -2.14
CA LEU A 86 1.38 8.89 -2.48
C LEU A 86 -0.01 8.80 -3.11
N LEU A 87 -0.26 7.71 -3.81
CA LEU A 87 -1.56 7.49 -4.46
C LEU A 87 -2.08 6.10 -4.15
N LEU A 88 -3.34 6.03 -3.74
CA LEU A 88 -3.97 4.76 -3.42
C LEU A 88 -5.05 4.43 -4.44
N ASN A 89 -4.93 3.28 -5.08
CA ASN A 89 -5.90 2.89 -6.09
C ASN A 89 -6.63 1.61 -5.69
N ASP A 90 -7.93 1.73 -5.49
CA ASP A 90 -8.75 0.59 -5.13
C ASP A 90 -9.02 -0.25 -6.37
N ILE A 91 -8.93 -1.58 -6.23
CA ILE A 91 -9.14 -2.47 -7.38
C ILE A 91 -9.84 -3.77 -6.96
N SER A 92 -10.80 -3.68 -6.04
CA SER A 92 -11.51 -4.85 -5.58
C SER A 92 -12.86 -5.00 -6.27
N THR A 93 -13.33 -6.23 -6.32
CA THR A 93 -14.63 -6.54 -6.91
C THR A 93 -15.74 -5.95 -6.04
N ASN A 94 -15.51 -5.95 -4.73
CA ASN A 94 -16.50 -5.45 -3.79
C ASN A 94 -16.25 -3.99 -3.38
N GLY A 95 -15.01 -3.51 -3.58
CA GLY A 95 -14.71 -2.15 -3.23
C GLY A 95 -13.68 -2.02 -2.12
N THR A 96 -13.07 -0.84 -2.05
CA THR A 96 -12.05 -0.54 -1.05
C THR A 96 -12.54 0.60 -0.17
N TRP A 97 -12.31 0.50 1.13
CA TRP A 97 -12.78 1.52 2.06
C TRP A 97 -11.66 2.28 2.75
N LEU A 98 -11.94 3.54 3.04
CA LEU A 98 -11.01 4.40 3.74
C LEU A 98 -11.71 4.94 4.98
N ASN A 99 -11.24 4.53 6.14
CA ASN A 99 -11.83 4.97 7.42
C ASN A 99 -13.35 4.93 7.39
N GLY A 100 -13.93 3.87 6.84
CA GLY A 100 -15.37 3.74 6.80
C GLY A 100 -15.99 4.39 5.58
N GLN A 101 -15.19 5.11 4.80
CA GLN A 101 -15.70 5.77 3.61
C GLN A 101 -15.27 5.02 2.35
N LYS A 102 -16.25 4.53 1.60
CA LYS A 102 -16.01 3.81 0.39
C LYS A 102 -15.59 4.73 -0.75
N VAL A 103 -14.42 4.48 -1.31
CA VAL A 103 -13.89 5.29 -2.40
C VAL A 103 -14.21 4.67 -3.76
N GLU A 104 -14.10 5.46 -4.81
CA GLU A 104 -14.38 4.99 -6.17
C GLU A 104 -13.30 4.00 -6.61
N LYS A 105 -13.72 2.82 -7.04
CA LYS A 105 -12.77 1.80 -7.49
C LYS A 105 -11.86 2.38 -8.57
N ASN A 106 -10.75 1.70 -8.81
CA ASN A 106 -9.76 2.12 -9.80
C ASN A 106 -9.62 3.63 -9.86
N SER A 107 -9.76 4.26 -8.71
CA SER A 107 -9.64 5.72 -8.60
C SER A 107 -8.40 6.10 -7.80
N ASN A 108 -7.77 7.21 -8.19
CA ASN A 108 -6.57 7.68 -7.52
C ASN A 108 -6.92 8.57 -6.33
N GLN A 109 -6.38 8.24 -5.16
CA GLN A 109 -6.63 9.01 -3.95
C GLN A 109 -5.32 9.37 -3.26
N LEU A 110 -5.28 10.54 -2.64
CA LEU A 110 -4.09 10.99 -1.95
C LEU A 110 -3.89 10.20 -0.65
N LEU A 111 -2.67 9.78 -0.39
CA LEU A 111 -2.37 9.02 0.80
C LEU A 111 -2.43 9.87 2.06
N SER A 112 -2.67 9.21 3.18
CA SER A 112 -2.75 9.86 4.49
C SER A 112 -1.75 9.25 5.46
N GLN A 113 -1.32 10.03 6.44
CA GLN A 113 -0.36 9.54 7.43
C GLN A 113 -1.03 8.53 8.36
N GLY A 114 -0.48 7.33 8.40
CA GLY A 114 -1.05 6.28 9.24
C GLY A 114 -2.48 5.95 8.84
N ASP A 115 -2.83 6.29 7.60
CA ASP A 115 -4.17 6.02 7.09
C ASP A 115 -4.53 4.56 7.25
N GLU A 116 -5.78 4.22 6.92
CA GLU A 116 -6.23 2.84 7.03
C GLU A 116 -7.23 2.51 5.93
N ILE A 117 -7.06 1.33 5.32
CA ILE A 117 -7.95 0.89 4.26
C ILE A 117 -8.75 -0.32 4.70
N THR A 118 -10.07 -0.24 4.57
CA THR A 118 -10.94 -1.33 4.97
C THR A 118 -11.45 -2.06 3.72
N VAL A 119 -11.48 -3.39 3.78
CA VAL A 119 -11.92 -4.17 2.64
C VAL A 119 -12.77 -5.37 3.06
N GLY A 120 -13.56 -5.87 2.12
CA GLY A 120 -14.42 -7.00 2.38
C GLY A 120 -15.77 -6.59 2.93
N VAL A 121 -16.18 -5.38 2.61
CA VAL A 121 -17.43 -4.85 3.08
C VAL A 121 -18.63 -5.56 2.48
N GLY A 122 -19.63 -5.77 3.32
CA GLY A 122 -20.84 -6.44 2.93
C GLY A 122 -21.53 -7.02 4.14
N VAL A 123 -20.73 -7.60 5.02
CA VAL A 123 -21.21 -8.17 6.25
C VAL A 123 -20.42 -7.59 7.42
N GLU A 124 -21.12 -7.22 8.49
CA GLU A 124 -20.47 -6.63 9.65
C GLU A 124 -19.28 -7.46 10.12
N SER A 125 -19.41 -8.78 10.07
CA SER A 125 -18.36 -9.67 10.51
C SER A 125 -17.42 -10.11 9.38
N ASP A 126 -17.58 -9.54 8.19
CA ASP A 126 -16.73 -9.93 7.07
C ASP A 126 -15.91 -8.79 6.52
N ILE A 127 -15.63 -7.84 7.36
CA ILE A 127 -14.83 -6.69 7.00
C ILE A 127 -13.44 -6.77 7.62
N LEU A 128 -12.45 -6.39 6.83
CA LEU A 128 -11.05 -6.39 7.27
C LEU A 128 -10.44 -5.02 7.09
N SER A 129 -9.72 -4.55 8.11
CA SER A 129 -9.09 -3.23 8.06
C SER A 129 -7.57 -3.32 7.94
N LEU A 130 -7.01 -2.31 7.31
CA LEU A 130 -5.57 -2.23 7.10
C LEU A 130 -5.06 -0.83 7.41
N VAL A 131 -3.79 -0.72 7.77
CA VAL A 131 -3.18 0.57 8.08
C VAL A 131 -1.97 0.85 7.19
N ILE A 132 -1.85 2.09 6.75
CA ILE A 132 -0.76 2.49 5.90
C ILE A 132 0.26 3.33 6.67
N PHE A 133 1.51 2.85 6.71
CA PHE A 133 2.56 3.56 7.40
C PHE A 133 3.56 4.16 6.41
N ILE A 134 3.60 5.48 6.36
CA ILE A 134 4.50 6.18 5.45
C ILE A 134 5.89 6.35 6.07
N ASN A 135 6.92 6.05 5.28
CA ASN A 135 8.30 6.17 5.75
C ASN A 135 8.78 7.60 5.65
N ASP A 136 8.94 8.25 6.81
CA ASP A 136 9.40 9.64 6.85
C ASP A 136 10.79 9.77 6.25
N LYS A 137 11.61 8.73 6.42
CA LYS A 137 12.96 8.73 5.90
C LYS A 137 12.95 8.93 4.39
N PHE A 138 12.05 8.23 3.72
CA PHE A 138 11.92 8.32 2.27
C PHE A 138 11.64 9.76 1.84
N LYS A 139 10.74 10.41 2.56
CA LYS A 139 10.37 11.80 2.27
C LYS A 139 11.58 12.72 2.38
N GLN A 140 12.35 12.54 3.46
CA GLN A 140 13.54 13.36 3.68
C GLN A 140 14.53 13.22 2.53
N CYS A 141 14.75 11.97 2.11
CA CYS A 141 15.69 11.71 1.02
C CYS A 141 15.23 12.40 -0.27
N LEU A 142 13.95 12.27 -0.58
CA LEU A 142 13.38 12.88 -1.78
C LEU A 142 13.41 14.40 -1.68
N GLU A 143 13.17 14.92 -0.47
CA GLU A 143 13.16 16.35 -0.24
C GLU A 143 14.53 16.97 -0.57
N GLN A 144 15.59 16.27 -0.19
CA GLN A 144 16.94 16.74 -0.44
C GLN A 144 17.44 16.28 -1.81
N ASN A 145 17.06 15.06 -2.19
CA ASN A 145 17.46 14.48 -3.48
C ASN A 145 18.95 14.73 -3.77
N LYS A 146 19.37 14.40 -4.99
CA LYS A 146 20.76 14.58 -5.38
C LYS A 146 20.87 15.51 -6.58
N VAL A 147 21.95 16.28 -6.63
CA VAL A 147 22.18 17.22 -7.73
C VAL A 147 23.20 16.67 -8.72
N ASP A 148 22.86 16.71 -10.00
CA ASP A 148 23.74 16.23 -11.05
C ASP A 148 24.71 17.32 -11.50
N ARG A 149 25.99 17.11 -11.26
CA ARG A 149 27.01 18.08 -11.65
C ARG A 149 28.41 17.55 -11.32
N ILE A 150 29.16 17.20 -12.37
CA ILE A 150 30.51 16.69 -12.21
C ILE A 150 31.55 17.76 -12.55
N ARG A 151 32.33 18.16 -11.55
CA ARG A 151 33.36 19.17 -11.75
C ARG A 151 34.51 18.62 -12.56
N SER B 1 -18.13 -19.69 -16.61
CA SER B 1 -17.21 -18.60 -16.20
C SER B 1 -17.66 -17.96 -14.90
N LEU B 2 -18.88 -17.43 -14.89
CA LEU B 2 -19.43 -16.78 -13.70
C LEU B 2 -18.56 -15.60 -13.28
N GLU B 3 -19.14 -14.71 -12.47
CA GLU B 3 -18.42 -13.54 -11.99
C GLU B 3 -17.24 -13.94 -11.11
N VAL B 4 -16.13 -13.23 -11.24
CA VAL B 4 -14.94 -13.52 -10.46
C VAL B 4 -15.13 -13.08 -9.01
N TPO B 5 -14.69 -13.91 -8.08
CA TPO B 5 -14.82 -13.61 -6.66
CB TPO B 5 -14.09 -12.29 -6.30
CG2 TPO B 5 -14.25 -11.96 -4.82
OG1 TPO B 5 -12.73 -12.40 -6.62
P TPO B 5 -11.92 -13.59 -6.00
O1P TPO B 5 -11.84 -14.63 -7.15
O2P TPO B 5 -10.50 -13.01 -5.76
O3P TPO B 5 -12.55 -14.14 -4.76
C TPO B 5 -16.28 -13.51 -6.25
O TPO B 5 -17.13 -13.14 -7.06
H2 TPO B 5 -14.28 -14.76 -8.35
HA TPO B 5 -14.36 -14.41 -6.10
HB TPO B 5 -14.52 -11.49 -6.89
HG21 TPO B 5 -13.39 -11.41 -4.48
HG22 TPO B 5 -14.34 -12.87 -4.26
HG23 TPO B 5 -15.14 -11.37 -4.69
N GLU B 6 -16.56 -13.84 -4.99
CA GLU B 6 -17.93 -13.79 -4.47
C GLU B 6 -18.61 -12.48 -4.83
N ALA B 7 -18.06 -11.37 -4.36
CA ALA B 7 -18.61 -10.06 -4.64
C ALA B 7 -20.03 -9.93 -4.08
N ASP B 8 -20.64 -8.77 -4.27
CA ASP B 8 -21.99 -8.53 -3.79
C ASP B 8 -22.87 -7.99 -4.90
N ALA B 9 -24.18 -8.08 -4.72
CA ALA B 9 -25.14 -7.61 -5.71
C ALA B 9 -26.13 -6.63 -5.10
N THR B 10 -26.97 -6.04 -5.94
CA THR B 10 -27.98 -5.08 -5.49
C THR B 10 -27.37 -4.06 -4.52
N PHE B 11 -26.13 -3.67 -4.76
CA PHE B 11 -25.44 -2.71 -3.91
C PHE B 11 -24.73 -1.65 -4.75
N VAL B 12 -25.48 -0.65 -5.18
CA VAL B 12 -24.90 0.42 -6.00
C VAL B 12 -25.75 1.69 -5.88
N GLN B 13 -25.78 2.27 -4.69
CA GLN B 13 -26.55 3.49 -4.44
C GLN B 13 -26.01 4.64 -5.29
N ALA A 1 24.25 -20.83 16.80
CA ALA A 1 23.81 -19.53 16.31
C ALA A 1 23.08 -18.76 17.39
N THR A 2 23.84 -18.02 18.21
CA THR A 2 23.27 -17.23 19.28
C THR A 2 24.19 -16.07 19.66
N GLN A 3 25.46 -16.38 19.88
CA GLN A 3 26.44 -15.36 20.24
C GLN A 3 26.76 -14.47 19.05
N ARG A 4 26.94 -15.07 17.88
CA ARG A 4 27.25 -14.33 16.67
C ARG A 4 26.14 -13.34 16.34
N PHE A 5 24.90 -13.78 16.52
CA PHE A 5 23.74 -12.92 16.24
C PHE A 5 23.79 -11.65 17.08
N LEU A 6 24.19 -11.80 18.34
CA LEU A 6 24.29 -10.67 19.25
C LEU A 6 25.26 -9.63 18.71
N ILE A 7 26.28 -10.09 17.99
CA ILE A 7 27.28 -9.20 17.41
C ILE A 7 26.69 -8.42 16.24
N GLU A 8 25.82 -9.08 15.48
CA GLU A 8 25.19 -8.44 14.33
C GLU A 8 24.44 -7.17 14.76
N LYS A 9 23.80 -7.25 15.92
CA LYS A 9 23.06 -6.11 16.45
C LYS A 9 24.02 -4.98 16.84
N PHE A 10 25.27 -5.34 17.11
CA PHE A 10 26.28 -4.36 17.49
C PHE A 10 26.42 -3.27 16.43
N SER A 11 26.52 -3.69 15.18
CA SER A 11 26.65 -2.75 14.07
C SER A 11 25.37 -1.94 13.89
N GLN A 12 24.24 -2.53 14.26
CA GLN A 12 22.95 -1.87 14.13
C GLN A 12 22.62 -1.57 12.68
N GLU A 13 21.61 -2.24 12.16
CA GLU A 13 21.19 -2.04 10.78
C GLU A 13 20.31 -0.80 10.64
N GLN A 14 20.63 0.05 9.67
CA GLN A 14 19.87 1.27 9.44
C GLN A 14 18.47 0.94 8.94
N ILE A 15 17.46 1.57 9.54
CA ILE A 15 16.08 1.35 9.14
C ILE A 15 15.70 2.18 7.94
N GLY A 16 14.97 1.55 7.05
CA GLY A 16 14.53 2.21 5.83
C GLY A 16 15.56 2.11 4.71
N GLU A 17 15.57 0.96 4.05
CA GLU A 17 16.51 0.74 2.95
C GLU A 17 16.11 1.51 1.70
N ASN A 18 14.81 1.60 1.46
CA ASN A 18 14.27 2.32 0.30
C ASN A 18 12.78 2.15 0.33
N ILE A 19 12.26 2.23 1.54
CA ILE A 19 10.87 2.04 1.79
C ILE A 19 10.02 3.18 1.27
N VAL A 20 8.87 2.81 0.75
CA VAL A 20 7.92 3.74 0.18
C VAL A 20 6.71 3.88 1.10
N CYS A 21 6.17 2.73 1.50
CA CYS A 21 5.02 2.70 2.40
C CYS A 21 5.02 1.39 3.19
N ARG A 22 4.22 1.32 4.25
CA ARG A 22 4.15 0.12 5.08
C ARG A 22 2.70 -0.28 5.34
N VAL A 23 2.42 -1.58 5.18
CA VAL A 23 1.08 -2.08 5.40
C VAL A 23 1.02 -2.89 6.70
N ILE A 24 0.13 -2.47 7.61
CA ILE A 24 0.00 -3.13 8.89
C ILE A 24 -1.45 -3.54 9.16
N CYS A 25 -1.66 -4.83 9.37
CA CYS A 25 -3.00 -5.34 9.66
C CYS A 25 -3.26 -5.34 11.17
N THR A 26 -4.00 -4.34 11.64
CA THR A 26 -4.30 -4.22 13.06
C THR A 26 -5.50 -5.08 13.47
N THR A 27 -6.33 -5.47 12.50
CA THR A 27 -7.50 -6.30 12.79
C THR A 27 -7.12 -7.77 12.96
N GLY A 28 -5.84 -8.08 12.77
CA GLY A 28 -5.36 -9.45 12.93
C GLY A 28 -5.83 -10.40 11.84
N GLN A 29 -5.27 -10.25 10.64
CA GLN A 29 -5.61 -11.11 9.52
C GLN A 29 -4.39 -11.40 8.65
N ILE A 30 -3.58 -10.37 8.41
CA ILE A 30 -2.39 -10.50 7.58
C ILE A 30 -1.16 -9.92 8.28
N PRO A 31 0.01 -10.56 8.13
CA PRO A 31 1.25 -10.08 8.76
C PRO A 31 1.78 -8.80 8.11
N ILE A 32 2.39 -7.95 8.92
CA ILE A 32 2.93 -6.68 8.44
C ILE A 32 3.90 -6.88 7.28
N ARG A 33 4.04 -5.84 6.46
CA ARG A 33 4.93 -5.86 5.30
C ARG A 33 5.43 -4.45 4.99
N ASP A 34 6.49 -4.36 4.20
CA ASP A 34 7.05 -3.05 3.85
C ASP A 34 7.09 -2.82 2.34
N LEU A 35 6.40 -1.78 1.91
CA LEU A 35 6.38 -1.41 0.50
C LEU A 35 7.57 -0.51 0.21
N SER A 36 8.29 -0.76 -0.87
CA SER A 36 9.45 0.06 -1.20
C SER A 36 9.60 0.36 -2.66
N ALA A 37 10.30 1.43 -2.92
CA ALA A 37 10.59 1.88 -4.28
C ALA A 37 11.99 2.48 -4.36
N ASP A 38 12.67 2.23 -5.47
CA ASP A 38 14.02 2.74 -5.67
C ASP A 38 14.01 4.23 -5.97
N ILE A 39 14.69 5.00 -5.13
CA ILE A 39 14.76 6.45 -5.28
C ILE A 39 15.49 6.85 -6.56
N SER A 40 16.56 6.13 -6.87
CA SER A 40 17.35 6.43 -8.06
C SER A 40 16.50 6.30 -9.32
N GLN A 41 15.66 5.30 -9.32
CA GLN A 41 14.76 5.05 -10.45
C GLN A 41 13.70 6.15 -10.54
N VAL A 42 13.20 6.58 -9.40
CA VAL A 42 12.18 7.62 -9.35
C VAL A 42 12.78 8.98 -9.69
N LEU A 43 13.96 9.26 -9.17
CA LEU A 43 14.64 10.52 -9.42
C LEU A 43 15.07 10.62 -10.89
N LYS A 44 15.27 9.48 -11.53
CA LYS A 44 15.68 9.45 -12.92
C LYS A 44 14.46 9.50 -13.85
N GLU A 45 13.54 8.56 -13.66
CA GLU A 45 12.34 8.50 -14.48
C GLU A 45 11.46 9.72 -14.24
N LYS A 46 11.22 10.48 -15.31
CA LYS A 46 10.39 11.69 -15.21
C LYS A 46 9.12 11.52 -16.04
N ARG A 47 8.65 10.27 -16.17
CA ARG A 47 7.45 9.98 -16.94
C ARG A 47 6.82 8.67 -16.48
N SER A 48 5.51 8.55 -16.66
CA SER A 48 4.79 7.34 -16.27
C SER A 48 4.94 7.08 -14.77
N ILE A 49 4.15 6.15 -14.26
CA ILE A 49 4.19 5.81 -12.84
C ILE A 49 5.53 5.17 -12.47
N LYS A 50 5.93 5.34 -11.21
CA LYS A 50 7.20 4.78 -10.73
C LYS A 50 7.03 3.32 -10.34
N LYS A 51 6.27 3.08 -9.28
CA LYS A 51 6.05 1.71 -8.80
C LYS A 51 4.70 1.60 -8.09
N VAL A 52 3.96 0.53 -8.41
CA VAL A 52 2.66 0.31 -7.80
C VAL A 52 2.53 -1.10 -7.24
N TRP A 53 1.93 -1.19 -6.08
CA TRP A 53 1.71 -2.48 -5.40
C TRP A 53 0.28 -2.97 -5.56
N THR A 54 0.12 -4.27 -5.78
CA THR A 54 -1.20 -4.87 -5.88
C THR A 54 -1.46 -5.79 -4.70
N PHE A 55 -2.59 -5.57 -4.04
CA PHE A 55 -2.96 -6.36 -2.86
C PHE A 55 -4.20 -7.20 -3.14
N GLY A 56 -4.24 -8.38 -2.54
CA GLY A 56 -5.38 -9.26 -2.72
C GLY A 56 -5.08 -10.71 -2.42
N ARG A 57 -6.02 -11.60 -2.73
CA ARG A 57 -5.85 -13.02 -2.49
C ARG A 57 -5.04 -13.70 -3.59
N ASN A 58 -4.57 -12.91 -4.55
CA ASN A 58 -3.78 -13.44 -5.65
C ASN A 58 -2.31 -13.56 -5.26
N PRO A 59 -1.67 -14.70 -5.57
CA PRO A 59 -0.26 -14.93 -5.27
C PRO A 59 0.65 -14.04 -6.10
N ALA A 60 0.06 -13.37 -7.09
CA ALA A 60 0.80 -12.47 -7.95
C ALA A 60 0.91 -11.14 -7.27
N CYS A 61 -0.23 -10.73 -6.70
CA CYS A 61 -0.33 -9.49 -5.98
C CYS A 61 0.86 -9.29 -5.09
N ASP A 62 1.37 -8.09 -5.09
CA ASP A 62 2.52 -7.76 -4.26
C ASP A 62 2.18 -8.05 -2.79
N TYR A 63 0.89 -8.17 -2.48
CA TYR A 63 0.45 -8.45 -1.12
C TYR A 63 -0.53 -9.62 -1.11
N HIS A 64 -0.19 -10.67 -0.38
CA HIS A 64 -1.05 -11.84 -0.28
C HIS A 64 -1.85 -11.82 1.02
N LEU A 65 -3.15 -11.56 0.90
CA LEU A 65 -4.02 -11.50 2.08
C LEU A 65 -4.17 -12.88 2.72
N GLY A 66 -5.06 -13.69 2.16
CA GLY A 66 -5.27 -15.03 2.70
C GLY A 66 -6.27 -15.83 1.88
N ASN A 67 -7.55 -15.55 2.07
CA ASN A 67 -8.60 -16.26 1.34
C ASN A 67 -9.98 -15.70 1.69
N ILE A 68 -10.14 -14.39 1.57
CA ILE A 68 -11.40 -13.74 1.87
C ILE A 68 -12.30 -13.69 0.63
N SER A 69 -13.41 -14.42 0.67
CA SER A 69 -14.34 -14.49 -0.45
C SER A 69 -14.80 -13.08 -0.85
N ARG A 70 -15.09 -12.25 0.14
CA ARG A 70 -15.55 -10.88 -0.13
C ARG A 70 -14.47 -10.08 -0.86
N LEU A 71 -13.21 -10.43 -0.64
CA LEU A 71 -12.10 -9.73 -1.28
C LEU A 71 -11.76 -10.38 -2.63
N SER A 72 -11.22 -9.57 -3.54
CA SER A 72 -10.85 -10.06 -4.87
C SER A 72 -9.36 -10.44 -4.94
N ASN A 73 -9.00 -11.18 -6.00
CA ASN A 73 -7.61 -11.59 -6.21
C ASN A 73 -6.68 -10.42 -5.93
N LYS A 74 -6.99 -9.31 -6.58
CA LYS A 74 -6.27 -8.06 -6.40
C LYS A 74 -7.26 -7.04 -5.89
N HIS A 75 -7.46 -7.06 -4.58
CA HIS A 75 -8.42 -6.20 -3.94
C HIS A 75 -8.08 -4.72 -4.10
N PHE A 76 -6.83 -4.36 -3.89
CA PHE A 76 -6.44 -2.96 -4.02
C PHE A 76 -5.01 -2.80 -4.54
N GLN A 77 -4.69 -1.59 -5.00
CA GLN A 77 -3.37 -1.30 -5.56
C GLN A 77 -2.83 0.03 -5.04
N ILE A 78 -1.55 0.08 -4.66
CA ILE A 78 -0.96 1.32 -4.19
C ILE A 78 0.10 1.81 -5.18
N LEU A 79 0.02 3.08 -5.58
CA LEU A 79 0.97 3.62 -6.54
C LEU A 79 1.72 4.83 -5.97
N LEU A 80 3.00 4.92 -6.32
CA LEU A 80 3.85 6.01 -5.87
C LEU A 80 4.49 6.71 -7.07
N GLY A 81 4.25 8.01 -7.19
CA GLY A 81 4.81 8.77 -8.30
C GLY A 81 5.71 9.90 -7.85
N GLU A 82 6.17 10.71 -8.80
CA GLU A 82 7.04 11.84 -8.50
C GLU A 82 6.31 12.87 -7.64
N ASP A 83 6.93 14.03 -7.47
CA ASP A 83 6.35 15.10 -6.66
C ASP A 83 6.03 14.61 -5.25
N GLY A 84 6.78 13.62 -4.79
CA GLY A 84 6.56 13.08 -3.46
C GLY A 84 5.14 12.57 -3.26
N ASN A 85 4.75 12.39 -2.00
CA ASN A 85 3.41 11.90 -1.68
C ASN A 85 3.17 10.51 -2.28
N LEU A 86 2.11 9.87 -1.83
CA LEU A 86 1.77 8.54 -2.31
C LEU A 86 0.33 8.50 -2.80
N LEU A 87 0.01 7.51 -3.63
CA LEU A 87 -1.35 7.36 -4.17
C LEU A 87 -1.90 5.98 -3.88
N LEU A 88 -3.18 5.92 -3.53
CA LEU A 88 -3.84 4.65 -3.24
C LEU A 88 -4.89 4.35 -4.30
N ASN A 89 -4.74 3.22 -4.96
CA ASN A 89 -5.69 2.84 -6.01
C ASN A 89 -6.46 1.59 -5.64
N ASP A 90 -7.76 1.73 -5.48
CA ASP A 90 -8.61 0.59 -5.15
C ASP A 90 -8.88 -0.23 -6.41
N ILE A 91 -8.92 -1.56 -6.26
CA ILE A 91 -9.15 -2.44 -7.41
C ILE A 91 -9.91 -3.71 -6.99
N SER A 92 -10.84 -3.59 -6.06
CA SER A 92 -11.60 -4.72 -5.59
C SER A 92 -12.95 -4.82 -6.28
N THR A 93 -13.45 -6.05 -6.36
CA THR A 93 -14.75 -6.29 -6.96
C THR A 93 -15.85 -5.71 -6.07
N ASN A 94 -15.62 -5.76 -4.76
CA ASN A 94 -16.58 -5.28 -3.79
C ASN A 94 -16.32 -3.83 -3.37
N GLY A 95 -15.10 -3.35 -3.58
CA GLY A 95 -14.78 -1.99 -3.20
C GLY A 95 -13.73 -1.89 -2.11
N THR A 96 -13.07 -0.74 -2.07
CA THR A 96 -12.04 -0.46 -1.08
C THR A 96 -12.47 0.70 -0.21
N TRP A 97 -12.23 0.60 1.10
CA TRP A 97 -12.64 1.65 2.02
C TRP A 97 -11.49 2.37 2.69
N LEU A 98 -11.72 3.63 2.98
CA LEU A 98 -10.75 4.47 3.66
C LEU A 98 -11.43 5.05 4.90
N ASN A 99 -10.95 4.62 6.07
CA ASN A 99 -11.49 5.08 7.34
C ASN A 99 -13.03 5.10 7.35
N GLY A 100 -13.65 4.05 6.82
CA GLY A 100 -15.09 3.97 6.80
C GLY A 100 -15.72 4.62 5.59
N GLN A 101 -14.93 5.35 4.82
CA GLN A 101 -15.45 6.01 3.63
C GLN A 101 -15.01 5.27 2.37
N LYS A 102 -15.99 4.77 1.63
CA LYS A 102 -15.73 4.04 0.40
C LYS A 102 -15.30 4.98 -0.71
N VAL A 103 -14.11 4.72 -1.25
CA VAL A 103 -13.55 5.54 -2.34
C VAL A 103 -13.89 4.94 -3.70
N GLU A 104 -13.72 5.74 -4.75
CA GLU A 104 -14.01 5.29 -6.10
C GLU A 104 -12.99 4.26 -6.56
N LYS A 105 -13.47 3.11 -7.02
CA LYS A 105 -12.58 2.04 -7.49
C LYS A 105 -11.61 2.58 -8.53
N ASN A 106 -10.54 1.82 -8.76
CA ASN A 106 -9.50 2.18 -9.72
C ASN A 106 -9.28 3.70 -9.79
N SER A 107 -9.42 4.34 -8.65
CA SER A 107 -9.22 5.79 -8.55
C SER A 107 -7.98 6.11 -7.73
N ASN A 108 -7.29 7.19 -8.12
CA ASN A 108 -6.08 7.62 -7.42
C ASN A 108 -6.42 8.60 -6.30
N GLN A 109 -5.96 8.30 -5.09
CA GLN A 109 -6.20 9.15 -3.94
C GLN A 109 -4.92 9.48 -3.20
N LEU A 110 -4.85 10.66 -2.61
CA LEU A 110 -3.67 11.08 -1.87
C LEU A 110 -3.59 10.32 -0.55
N LEU A 111 -2.51 9.56 -0.37
CA LEU A 111 -2.32 8.77 0.83
C LEU A 111 -2.35 9.64 2.08
N SER A 112 -2.51 8.95 3.20
CA SER A 112 -2.55 9.59 4.51
C SER A 112 -1.51 8.96 5.44
N GLN A 113 -1.04 9.73 6.42
CA GLN A 113 -0.05 9.22 7.35
C GLN A 113 -0.68 8.21 8.30
N GLY A 114 -0.18 6.98 8.26
CA GLY A 114 -0.72 5.93 9.10
C GLY A 114 -2.18 5.67 8.83
N ASP A 115 -2.61 5.96 7.59
CA ASP A 115 -3.99 5.76 7.19
C ASP A 115 -4.38 4.29 7.31
N GLU A 116 -5.64 4.00 7.00
CA GLU A 116 -6.13 2.63 7.07
C GLU A 116 -7.15 2.36 5.96
N ILE A 117 -7.02 1.21 5.31
CA ILE A 117 -7.94 0.82 4.24
C ILE A 117 -8.79 -0.36 4.68
N THR A 118 -10.10 -0.23 4.55
CA THR A 118 -11.01 -1.29 4.93
C THR A 118 -11.55 -2.01 3.69
N VAL A 119 -11.63 -3.33 3.75
CA VAL A 119 -12.10 -4.11 2.62
C VAL A 119 -13.00 -5.27 3.04
N GLY A 120 -13.81 -5.75 2.10
CA GLY A 120 -14.72 -6.84 2.37
C GLY A 120 -16.00 -6.36 3.01
N VAL A 121 -16.43 -5.17 2.62
CA VAL A 121 -17.64 -4.59 3.16
C VAL A 121 -18.91 -5.22 2.59
N GLY A 122 -19.88 -5.40 3.47
CA GLY A 122 -21.13 -6.00 3.11
C GLY A 122 -21.69 -6.75 4.31
N VAL A 123 -20.79 -7.40 5.03
CA VAL A 123 -21.12 -8.14 6.22
C VAL A 123 -20.24 -7.65 7.37
N GLU A 124 -20.85 -7.27 8.48
CA GLU A 124 -20.11 -6.77 9.63
C GLU A 124 -18.97 -7.70 10.02
N SER A 125 -19.18 -9.00 9.84
CA SER A 125 -18.18 -9.99 10.20
C SER A 125 -17.26 -10.37 9.03
N ASP A 126 -17.39 -9.68 7.89
CA ASP A 126 -16.56 -10.00 6.74
C ASP A 126 -15.75 -8.83 6.22
N ILE A 127 -15.46 -7.91 7.11
CA ILE A 127 -14.66 -6.75 6.78
C ILE A 127 -13.27 -6.86 7.38
N LEU A 128 -12.28 -6.43 6.59
CA LEU A 128 -10.88 -6.47 7.00
C LEU A 128 -10.28 -5.07 6.95
N SER A 129 -9.55 -4.69 7.99
CA SER A 129 -8.95 -3.36 8.05
C SER A 129 -7.42 -3.44 7.99
N LEU A 130 -6.85 -2.63 7.10
CA LEU A 130 -5.39 -2.56 6.94
C LEU A 130 -4.89 -1.15 7.20
N VAL A 131 -3.70 -1.04 7.76
CA VAL A 131 -3.13 0.28 8.05
C VAL A 131 -1.94 0.59 7.15
N ILE A 132 -1.93 1.79 6.59
CA ILE A 132 -0.87 2.21 5.71
C ILE A 132 0.04 3.22 6.39
N PHE A 133 1.33 2.90 6.44
CA PHE A 133 2.31 3.77 7.07
C PHE A 133 3.28 4.33 6.03
N ILE A 134 3.24 5.64 5.83
CA ILE A 134 4.11 6.29 4.86
C ILE A 134 5.47 6.61 5.47
N ASN A 135 6.54 6.20 4.78
CA ASN A 135 7.89 6.43 5.27
C ASN A 135 8.30 7.90 5.06
N ASP A 136 8.67 8.55 6.15
CA ASP A 136 9.09 9.95 6.09
C ASP A 136 10.46 10.09 5.43
N LYS A 137 11.26 9.03 5.50
CA LYS A 137 12.59 9.03 4.91
C LYS A 137 12.52 9.34 3.43
N PHE A 138 11.47 8.85 2.77
CA PHE A 138 11.28 9.07 1.35
C PHE A 138 10.99 10.54 1.06
N LYS A 139 10.21 11.16 1.92
CA LYS A 139 9.84 12.57 1.76
C LYS A 139 11.06 13.48 1.88
N GLN A 140 11.83 13.29 2.95
CA GLN A 140 13.02 14.10 3.17
C GLN A 140 14.02 13.95 2.03
N CYS A 141 14.12 12.73 1.50
CA CYS A 141 15.05 12.46 0.40
C CYS A 141 14.63 13.21 -0.86
N LEU A 142 13.33 13.17 -1.15
CA LEU A 142 12.80 13.84 -2.33
C LEU A 142 12.94 15.35 -2.20
N GLU A 143 12.79 15.86 -0.99
CA GLU A 143 12.91 17.30 -0.74
C GLU A 143 14.27 17.81 -1.17
N GLN A 144 15.32 17.03 -0.88
CA GLN A 144 16.67 17.41 -1.24
C GLN A 144 16.99 16.99 -2.67
N ASN A 145 16.36 15.90 -3.11
CA ASN A 145 16.56 15.38 -4.47
C ASN A 145 18.03 15.41 -4.88
N LYS A 146 18.47 16.49 -5.50
CA LYS A 146 19.86 16.62 -5.94
C LYS A 146 20.62 17.59 -5.05
N VAL A 147 21.93 17.41 -4.97
CA VAL A 147 22.77 18.28 -4.16
C VAL A 147 23.38 19.41 -5.00
N ASP A 148 23.25 20.64 -4.49
CA ASP A 148 23.78 21.80 -5.19
C ASP A 148 24.73 22.58 -4.30
N ARG A 149 25.95 22.08 -4.17
CA ARG A 149 26.96 22.73 -3.34
C ARG A 149 27.91 23.57 -4.19
N ILE A 150 28.23 24.77 -3.70
CA ILE A 150 29.14 25.66 -4.41
C ILE A 150 30.56 25.53 -3.92
N ARG A 151 31.51 25.44 -4.85
CA ARG A 151 32.92 25.30 -4.50
C ARG A 151 33.55 26.67 -4.28
N SER B 1 -16.87 -27.74 -8.82
CA SER B 1 -15.96 -27.09 -7.83
C SER B 1 -15.34 -25.82 -8.40
N LEU B 2 -15.58 -24.71 -7.72
CA LEU B 2 -15.04 -23.42 -8.14
C LEU B 2 -15.14 -22.38 -7.02
N GLU B 3 -14.16 -21.50 -6.96
CA GLU B 3 -14.14 -20.46 -5.94
C GLU B 3 -14.24 -19.07 -6.56
N VAL B 4 -15.48 -18.61 -6.78
CA VAL B 4 -15.71 -17.31 -7.37
C VAL B 4 -15.86 -16.23 -6.30
N TPO B 5 -15.41 -15.03 -6.61
CA TPO B 5 -15.50 -13.92 -5.66
CB TPO B 5 -14.47 -12.81 -6.00
CG2 TPO B 5 -14.59 -11.64 -5.02
OG1 TPO B 5 -13.17 -13.33 -5.95
P TPO B 5 -12.33 -13.33 -7.26
O1P TPO B 5 -11.87 -11.86 -7.44
O2P TPO B 5 -11.11 -14.22 -6.94
O3P TPO B 5 -13.12 -13.83 -8.45
C TPO B 5 -16.90 -13.32 -5.66
O TPO B 5 -17.51 -13.12 -6.71
H2 TPO B 5 -15.00 -14.87 -7.48
HA TPO B 5 -15.28 -14.30 -4.67
HB TPO B 5 -14.67 -12.45 -6.99
HG21 TPO B 5 -13.61 -11.33 -4.71
HG22 TPO B 5 -15.16 -11.95 -4.16
HG23 TPO B 5 -15.09 -10.83 -5.51
N GLU B 6 -17.41 -13.03 -4.47
CA GLU B 6 -18.75 -12.46 -4.33
C GLU B 6 -18.71 -10.95 -4.58
N ALA B 7 -19.90 -10.35 -4.68
CA ALA B 7 -20.00 -8.92 -4.93
C ALA B 7 -21.33 -8.36 -4.41
N ASP B 8 -21.39 -7.05 -4.26
CA ASP B 8 -22.61 -6.39 -3.78
C ASP B 8 -23.18 -5.45 -4.83
N ALA B 9 -24.42 -5.03 -4.63
CA ALA B 9 -25.08 -4.13 -5.57
C ALA B 9 -25.15 -4.74 -6.96
N THR B 10 -26.02 -5.72 -7.12
CA THR B 10 -26.18 -6.39 -8.41
C THR B 10 -27.60 -6.22 -8.94
N PHE B 11 -28.22 -5.09 -8.61
CA PHE B 11 -29.58 -4.79 -9.05
C PHE B 11 -29.63 -3.45 -9.79
N VAL B 12 -29.12 -3.43 -11.00
CA VAL B 12 -29.10 -2.21 -11.81
C VAL B 12 -29.95 -2.38 -13.07
N GLN B 13 -31.00 -1.59 -13.18
CA GLN B 13 -31.88 -1.64 -14.34
C GLN B 13 -32.54 -0.29 -14.60
N ALA A 1 13.10 21.17 11.07
CA ALA A 1 13.75 19.88 11.29
C ALA A 1 14.89 20.01 12.28
N THR A 2 14.63 19.60 13.52
CA THR A 2 15.63 19.68 14.58
C THR A 2 15.39 18.60 15.64
N GLN A 3 14.17 18.56 16.15
CA GLN A 3 13.81 17.58 17.18
C GLN A 3 13.70 16.18 16.57
N ARG A 4 13.04 16.09 15.42
CA ARG A 4 12.88 14.81 14.74
C ARG A 4 14.22 14.19 14.40
N PHE A 5 15.18 15.03 14.02
CA PHE A 5 16.51 14.56 13.66
C PHE A 5 17.24 14.01 14.89
N LEU A 6 16.98 14.63 16.05
CA LEU A 6 17.62 14.19 17.28
C LEU A 6 17.20 12.77 17.64
N ILE A 7 15.92 12.47 17.46
CA ILE A 7 15.40 11.14 17.76
C ILE A 7 15.97 10.10 16.81
N GLU A 8 16.18 10.49 15.56
CA GLU A 8 16.73 9.59 14.56
C GLU A 8 18.06 9.03 15.02
N LYS A 9 18.90 9.89 15.59
CA LYS A 9 20.20 9.49 16.10
C LYS A 9 20.05 8.55 17.30
N PHE A 10 18.90 8.65 17.96
CA PHE A 10 18.61 7.82 19.13
C PHE A 10 18.70 6.34 18.79
N SER A 11 18.08 5.96 17.69
CA SER A 11 18.08 4.58 17.23
C SER A 11 19.43 4.21 16.60
N GLN A 12 20.17 5.22 16.17
CA GLN A 12 21.48 5.01 15.54
C GLN A 12 21.33 4.33 14.18
N GLU A 13 20.93 3.06 14.20
CA GLU A 13 20.74 2.31 12.97
C GLU A 13 19.64 2.93 12.12
N GLN A 14 19.99 3.33 10.90
CA GLN A 14 19.03 3.93 9.99
C GLN A 14 18.21 2.86 9.27
N ILE A 15 16.98 2.66 9.72
CA ILE A 15 16.10 1.67 9.12
C ILE A 15 15.37 2.23 7.92
N GLY A 16 15.29 1.40 6.90
CA GLY A 16 14.62 1.78 5.67
C GLY A 16 15.55 1.81 4.49
N GLU A 17 15.69 0.67 3.81
CA GLU A 17 16.57 0.56 2.66
C GLU A 17 16.12 1.51 1.55
N ASN A 18 14.82 1.64 1.38
CA ASN A 18 14.26 2.51 0.34
C ASN A 18 12.76 2.33 0.35
N ILE A 19 12.25 2.20 1.56
CA ILE A 19 10.86 1.96 1.81
C ILE A 19 10.00 3.18 1.54
N VAL A 20 8.90 2.96 0.85
CA VAL A 20 7.96 3.98 0.50
C VAL A 20 6.89 4.08 1.57
N CYS A 21 6.18 2.98 1.76
CA CYS A 21 5.12 2.89 2.76
C CYS A 21 4.96 1.44 3.22
N ARG A 22 4.54 1.26 4.46
CA ARG A 22 4.36 -0.07 5.03
C ARG A 22 2.89 -0.36 5.32
N VAL A 23 2.43 -1.56 4.99
CA VAL A 23 1.05 -1.95 5.24
C VAL A 23 0.95 -2.87 6.45
N ILE A 24 0.15 -2.46 7.43
CA ILE A 24 -0.02 -3.23 8.64
C ILE A 24 -1.49 -3.58 8.88
N CYS A 25 -1.76 -4.88 9.07
CA CYS A 25 -3.13 -5.33 9.32
C CYS A 25 -3.47 -5.22 10.80
N THR A 26 -4.40 -4.34 11.13
CA THR A 26 -4.81 -4.13 12.52
C THR A 26 -5.83 -5.18 12.96
N THR A 27 -6.57 -5.73 12.01
CA THR A 27 -7.58 -6.73 12.32
C THR A 27 -6.95 -8.12 12.52
N GLY A 28 -5.63 -8.21 12.35
CA GLY A 28 -4.94 -9.48 12.53
C GLY A 28 -5.40 -10.54 11.55
N GLN A 29 -4.92 -10.43 10.31
CA GLN A 29 -5.27 -11.38 9.27
C GLN A 29 -4.10 -11.60 8.31
N ILE A 30 -3.47 -10.50 7.90
CA ILE A 30 -2.34 -10.57 6.98
C ILE A 30 -1.06 -10.08 7.66
N PRO A 31 0.09 -10.73 7.39
CA PRO A 31 1.36 -10.34 8.00
C PRO A 31 1.90 -9.02 7.43
N ILE A 32 2.44 -8.18 8.31
CA ILE A 32 2.98 -6.89 7.91
C ILE A 32 4.04 -7.04 6.81
N ARG A 33 4.00 -6.12 5.85
CA ARG A 33 4.94 -6.12 4.75
C ARG A 33 5.52 -4.72 4.53
N ASP A 34 6.64 -4.63 3.84
CA ASP A 34 7.28 -3.35 3.59
C ASP A 34 7.32 -3.03 2.10
N LEU A 35 6.68 -1.92 1.73
CA LEU A 35 6.64 -1.47 0.35
C LEU A 35 7.78 -0.49 0.11
N SER A 36 8.48 -0.61 -1.03
CA SER A 36 9.59 0.28 -1.29
C SER A 36 9.76 0.63 -2.76
N ALA A 37 10.44 1.75 -2.95
CA ALA A 37 10.74 2.26 -4.28
C ALA A 37 11.95 3.18 -4.23
N ASP A 38 12.79 3.10 -5.27
CA ASP A 38 13.99 3.92 -5.33
C ASP A 38 13.67 5.33 -5.85
N ILE A 39 14.20 6.33 -5.14
CA ILE A 39 13.97 7.72 -5.49
C ILE A 39 14.58 8.07 -6.85
N SER A 40 15.80 7.60 -7.09
CA SER A 40 16.48 7.86 -8.34
C SER A 40 15.68 7.34 -9.52
N GLN A 41 15.13 6.16 -9.35
CA GLN A 41 14.33 5.52 -10.38
C GLN A 41 13.02 6.28 -10.60
N VAL A 42 12.45 6.80 -9.52
CA VAL A 42 11.20 7.55 -9.59
C VAL A 42 11.41 8.88 -10.30
N LEU A 43 12.52 9.54 -9.99
CA LEU A 43 12.83 10.83 -10.60
C LEU A 43 13.21 10.67 -12.08
N LYS A 44 14.00 9.64 -12.38
CA LYS A 44 14.43 9.38 -13.74
C LYS A 44 13.26 8.90 -14.61
N GLU A 45 12.27 8.27 -13.96
CA GLU A 45 11.11 7.77 -14.68
C GLU A 45 10.33 8.90 -15.35
N LYS A 46 10.31 8.89 -16.67
CA LYS A 46 9.60 9.92 -17.44
C LYS A 46 8.22 9.44 -17.86
N ARG A 47 7.64 8.55 -17.05
CA ARG A 47 6.31 8.00 -17.35
C ARG A 47 5.28 8.52 -16.35
N SER A 48 4.01 8.32 -16.66
CA SER A 48 2.93 8.76 -15.80
C SER A 48 2.97 8.02 -14.46
N ILE A 49 3.56 6.83 -14.45
CA ILE A 49 3.66 6.04 -13.24
C ILE A 49 5.07 5.48 -13.05
N LYS A 50 5.45 5.24 -11.80
CA LYS A 50 6.76 4.70 -11.48
C LYS A 50 6.67 3.28 -10.94
N LYS A 51 6.21 3.16 -9.69
CA LYS A 51 6.08 1.85 -9.05
C LYS A 51 4.74 1.74 -8.32
N VAL A 52 4.04 0.64 -8.54
CA VAL A 52 2.75 0.43 -7.90
C VAL A 52 2.62 -0.96 -7.28
N TRP A 53 2.02 -0.98 -6.10
CA TRP A 53 1.80 -2.24 -5.36
C TRP A 53 0.37 -2.75 -5.52
N THR A 54 0.23 -4.06 -5.68
CA THR A 54 -1.07 -4.67 -5.79
C THR A 54 -1.31 -5.58 -4.59
N PHE A 55 -2.45 -5.41 -3.93
CA PHE A 55 -2.77 -6.20 -2.74
C PHE A 55 -4.04 -7.02 -2.96
N GLY A 56 -4.07 -8.21 -2.37
CA GLY A 56 -5.23 -9.07 -2.50
C GLY A 56 -4.92 -10.53 -2.19
N ARG A 57 -5.85 -11.41 -2.57
CA ARG A 57 -5.68 -12.84 -2.31
C ARG A 57 -4.98 -13.54 -3.47
N ASN A 58 -4.03 -12.83 -4.10
CA ASN A 58 -3.28 -13.39 -5.21
C ASN A 58 -1.80 -13.50 -4.87
N PRO A 59 -1.14 -14.60 -5.29
CA PRO A 59 0.29 -14.79 -5.03
C PRO A 59 1.13 -13.86 -5.88
N ALA A 60 0.49 -13.26 -6.87
CA ALA A 60 1.15 -12.31 -7.75
C ALA A 60 1.16 -10.97 -7.08
N CYS A 61 0.01 -10.64 -6.51
CA CYS A 61 -0.18 -9.41 -5.81
C CYS A 61 0.97 -9.17 -4.86
N ASP A 62 1.44 -7.95 -4.84
CA ASP A 62 2.52 -7.59 -3.95
C ASP A 62 2.14 -7.91 -2.51
N TYR A 63 0.84 -8.08 -2.26
CA TYR A 63 0.36 -8.39 -0.91
C TYR A 63 -0.60 -9.58 -0.93
N HIS A 64 -0.28 -10.60 -0.15
CA HIS A 64 -1.11 -11.80 -0.06
C HIS A 64 -1.91 -11.83 1.23
N LEU A 65 -3.23 -11.84 1.12
CA LEU A 65 -4.10 -11.86 2.29
C LEU A 65 -4.36 -13.30 2.76
N GLY A 66 -5.34 -13.46 3.63
CA GLY A 66 -5.68 -14.77 4.15
C GLY A 66 -6.69 -15.50 3.29
N ASN A 67 -6.92 -15.00 2.09
CA ASN A 67 -7.87 -15.61 1.16
C ASN A 67 -9.31 -15.45 1.64
N ILE A 68 -9.86 -14.24 1.49
CA ILE A 68 -11.22 -13.96 1.89
C ILE A 68 -12.16 -13.99 0.68
N SER A 69 -13.23 -14.77 0.78
CA SER A 69 -14.18 -14.88 -0.32
C SER A 69 -14.71 -13.51 -0.74
N ARG A 70 -14.76 -12.58 0.20
CA ARG A 70 -15.25 -11.23 -0.08
C ARG A 70 -14.21 -10.42 -0.86
N LEU A 71 -12.97 -10.48 -0.42
CA LEU A 71 -11.89 -9.75 -1.09
C LEU A 71 -11.53 -10.38 -2.42
N SER A 72 -11.04 -9.55 -3.35
CA SER A 72 -10.67 -10.04 -4.68
C SER A 72 -9.18 -10.38 -4.76
N ASN A 73 -8.80 -11.09 -5.83
CA ASN A 73 -7.40 -11.47 -6.06
C ASN A 73 -6.49 -10.29 -5.74
N LYS A 74 -6.79 -9.17 -6.39
CA LYS A 74 -6.07 -7.93 -6.19
C LYS A 74 -7.09 -6.91 -5.70
N HIS A 75 -7.35 -6.96 -4.40
CA HIS A 75 -8.33 -6.10 -3.78
C HIS A 75 -8.03 -4.64 -3.97
N PHE A 76 -6.79 -4.26 -3.73
CA PHE A 76 -6.41 -2.85 -3.88
C PHE A 76 -4.99 -2.70 -4.39
N GLN A 77 -4.70 -1.52 -4.96
CA GLN A 77 -3.37 -1.25 -5.51
C GLN A 77 -2.87 0.14 -5.10
N ILE A 78 -1.58 0.26 -4.79
CA ILE A 78 -1.00 1.56 -4.41
C ILE A 78 0.06 2.00 -5.41
N LEU A 79 -0.03 3.24 -5.90
CA LEU A 79 0.94 3.75 -6.86
C LEU A 79 1.68 4.96 -6.31
N LEU A 80 2.97 5.04 -6.62
CA LEU A 80 3.80 6.16 -6.19
C LEU A 80 4.49 6.80 -7.39
N GLY A 81 4.28 8.11 -7.57
CA GLY A 81 4.88 8.82 -8.68
C GLY A 81 4.49 10.28 -8.71
N GLU A 82 4.13 10.76 -9.91
CA GLU A 82 3.73 12.15 -10.08
C GLU A 82 4.92 13.09 -9.90
N ASP A 83 5.41 13.19 -8.66
CA ASP A 83 6.54 14.05 -8.36
C ASP A 83 7.24 13.60 -7.08
N GLY A 84 6.45 13.36 -6.03
CA GLY A 84 7.01 12.94 -4.77
C GLY A 84 5.95 12.64 -3.74
N ASN A 85 4.82 12.10 -4.19
CA ASN A 85 3.71 11.78 -3.29
C ASN A 85 3.25 10.34 -3.51
N LEU A 86 2.42 9.85 -2.59
CA LEU A 86 1.90 8.49 -2.68
C LEU A 86 0.41 8.49 -2.97
N LEU A 87 -0.02 7.61 -3.88
CA LEU A 87 -1.43 7.52 -4.24
C LEU A 87 -1.96 6.13 -3.93
N LEU A 88 -3.22 6.06 -3.52
CA LEU A 88 -3.84 4.78 -3.19
C LEU A 88 -4.95 4.46 -4.19
N ASN A 89 -4.85 3.29 -4.82
CA ASN A 89 -5.84 2.90 -5.81
C ASN A 89 -6.61 1.67 -5.39
N ASP A 90 -7.93 1.73 -5.50
CA ASP A 90 -8.79 0.62 -5.14
C ASP A 90 -9.06 -0.25 -6.36
N ILE A 91 -8.92 -1.56 -6.21
CA ILE A 91 -9.12 -2.49 -7.33
C ILE A 91 -9.84 -3.76 -6.89
N SER A 92 -10.81 -3.64 -5.98
CA SER A 92 -11.54 -4.78 -5.49
C SER A 92 -12.85 -4.97 -6.22
N THR A 93 -13.39 -6.19 -6.14
CA THR A 93 -14.67 -6.50 -6.76
C THR A 93 -15.81 -5.78 -6.05
N ASN A 94 -15.72 -5.69 -4.72
CA ASN A 94 -16.76 -5.05 -3.93
C ASN A 94 -16.41 -3.61 -3.56
N GLY A 95 -15.13 -3.24 -3.61
CA GLY A 95 -14.75 -1.89 -3.28
C GLY A 95 -13.73 -1.80 -2.16
N THR A 96 -13.07 -0.65 -2.09
CA THR A 96 -12.05 -0.37 -1.09
C THR A 96 -12.50 0.80 -0.21
N TRP A 97 -12.29 0.69 1.09
CA TRP A 97 -12.72 1.74 2.00
C TRP A 97 -11.57 2.47 2.68
N LEU A 98 -11.81 3.74 2.95
CA LEU A 98 -10.86 4.58 3.64
C LEU A 98 -11.54 5.17 4.87
N ASN A 99 -11.09 4.76 6.05
CA ASN A 99 -11.65 5.23 7.30
C ASN A 99 -13.18 5.23 7.29
N GLY A 100 -13.79 4.17 6.75
CA GLY A 100 -15.22 4.08 6.73
C GLY A 100 -15.84 4.73 5.51
N GLN A 101 -15.04 5.45 4.73
CA GLN A 101 -15.54 6.11 3.53
C GLN A 101 -15.10 5.36 2.28
N LYS A 102 -16.07 4.86 1.53
CA LYS A 102 -15.80 4.13 0.32
C LYS A 102 -15.37 5.06 -0.81
N VAL A 103 -14.25 4.74 -1.44
CA VAL A 103 -13.72 5.54 -2.54
C VAL A 103 -14.07 4.93 -3.89
N GLU A 104 -13.91 5.72 -4.95
CA GLU A 104 -14.19 5.25 -6.30
C GLU A 104 -13.15 4.22 -6.73
N LYS A 105 -13.61 3.07 -7.22
CA LYS A 105 -12.68 2.03 -7.66
C LYS A 105 -11.70 2.60 -8.68
N ASN A 106 -10.61 1.88 -8.90
CA ASN A 106 -9.56 2.30 -9.83
C ASN A 106 -9.35 3.81 -9.81
N SER A 107 -9.51 4.39 -8.63
CA SER A 107 -9.34 5.84 -8.46
C SER A 107 -8.12 6.12 -7.59
N ASN A 108 -7.42 7.20 -7.90
CA ASN A 108 -6.22 7.57 -7.14
C ASN A 108 -6.53 8.63 -6.09
N GLN A 109 -6.04 8.40 -4.88
CA GLN A 109 -6.24 9.33 -3.77
C GLN A 109 -4.92 9.67 -3.10
N LEU A 110 -4.85 10.85 -2.51
CA LEU A 110 -3.63 11.29 -1.82
C LEU A 110 -3.47 10.52 -0.52
N LEU A 111 -2.29 9.93 -0.32
CA LEU A 111 -2.01 9.15 0.87
C LEU A 111 -2.20 9.98 2.14
N SER A 112 -2.46 9.28 3.23
CA SER A 112 -2.66 9.90 4.53
C SER A 112 -1.69 9.30 5.55
N GLN A 113 -1.34 10.07 6.57
CA GLN A 113 -0.42 9.60 7.59
C GLN A 113 -1.09 8.54 8.47
N GLY A 114 -0.49 7.35 8.51
CA GLY A 114 -1.04 6.27 9.30
C GLY A 114 -2.46 5.94 8.89
N ASP A 115 -2.80 6.26 7.66
CA ASP A 115 -4.14 6.01 7.13
C ASP A 115 -4.53 4.55 7.29
N GLU A 116 -5.77 4.23 6.98
CA GLU A 116 -6.26 2.86 7.08
C GLU A 116 -7.27 2.56 5.98
N ILE A 117 -7.14 1.39 5.35
CA ILE A 117 -8.05 0.99 4.29
C ILE A 117 -8.88 -0.21 4.73
N THR A 118 -10.20 -0.09 4.58
CA THR A 118 -11.11 -1.16 4.95
C THR A 118 -11.61 -1.88 3.71
N VAL A 119 -11.74 -3.21 3.79
CA VAL A 119 -12.18 -3.98 2.64
C VAL A 119 -13.12 -5.12 3.04
N GLY A 120 -13.91 -5.58 2.07
CA GLY A 120 -14.84 -6.65 2.32
C GLY A 120 -16.09 -6.17 3.01
N VAL A 121 -16.61 -5.05 2.54
CA VAL A 121 -17.80 -4.46 3.12
C VAL A 121 -19.08 -5.08 2.60
N GLY A 122 -20.02 -5.26 3.51
CA GLY A 122 -21.30 -5.85 3.20
C GLY A 122 -21.82 -6.58 4.41
N VAL A 123 -20.90 -7.25 5.10
CA VAL A 123 -21.20 -7.98 6.30
C VAL A 123 -20.25 -7.51 7.40
N GLU A 124 -20.80 -7.05 8.52
CA GLU A 124 -19.99 -6.56 9.62
C GLU A 124 -18.90 -7.57 10.00
N SER A 125 -19.18 -8.84 9.79
CA SER A 125 -18.26 -9.91 10.12
C SER A 125 -17.37 -10.30 8.93
N ASP A 126 -17.46 -9.57 7.81
CA ASP A 126 -16.66 -9.91 6.64
C ASP A 126 -15.83 -8.75 6.13
N ILE A 127 -15.53 -7.83 7.01
CA ILE A 127 -14.71 -6.68 6.66
C ILE A 127 -13.30 -6.81 7.25
N LEU A 128 -12.33 -6.42 6.45
CA LEU A 128 -10.93 -6.46 6.85
C LEU A 128 -10.29 -5.09 6.71
N SER A 129 -9.54 -4.68 7.74
CA SER A 129 -8.90 -3.38 7.72
C SER A 129 -7.39 -3.46 7.63
N LEU A 130 -6.81 -2.45 7.02
CA LEU A 130 -5.37 -2.35 6.85
C LEU A 130 -4.89 -0.94 7.16
N VAL A 131 -3.67 -0.82 7.70
CA VAL A 131 -3.11 0.48 8.03
C VAL A 131 -1.82 0.73 7.25
N ILE A 132 -1.69 1.93 6.71
CA ILE A 132 -0.54 2.30 5.92
C ILE A 132 0.39 3.22 6.69
N PHE A 133 1.64 2.79 6.87
CA PHE A 133 2.63 3.58 7.58
C PHE A 133 3.63 4.21 6.62
N ILE A 134 3.84 5.51 6.75
CA ILE A 134 4.76 6.24 5.88
C ILE A 134 6.16 6.28 6.48
N ASN A 135 7.15 6.00 5.64
CA ASN A 135 8.55 6.00 6.09
C ASN A 135 9.10 7.43 6.13
N ASP A 136 9.54 7.85 7.31
CA ASP A 136 10.09 9.20 7.48
C ASP A 136 11.33 9.40 6.61
N LYS A 137 12.15 8.37 6.50
CA LYS A 137 13.36 8.44 5.70
C LYS A 137 13.02 8.78 4.26
N PHE A 138 11.99 8.12 3.73
CA PHE A 138 11.55 8.33 2.36
C PHE A 138 11.18 9.80 2.14
N LYS A 139 10.45 10.37 3.09
CA LYS A 139 10.02 11.76 3.01
C LYS A 139 11.21 12.70 2.95
N GLN A 140 12.28 12.32 3.64
CA GLN A 140 13.50 13.14 3.68
C GLN A 140 14.15 13.19 2.30
N CYS A 141 14.29 12.03 1.67
CA CYS A 141 14.90 11.96 0.35
C CYS A 141 14.02 12.62 -0.70
N LEU A 142 12.72 12.36 -0.62
CA LEU A 142 11.76 12.94 -1.56
C LEU A 142 11.74 14.46 -1.45
N GLU A 143 11.89 14.96 -0.23
CA GLU A 143 11.89 16.40 0.01
C GLU A 143 13.00 17.08 -0.78
N GLN A 144 14.19 16.49 -0.75
CA GLN A 144 15.33 17.04 -1.47
C GLN A 144 15.34 16.58 -2.93
N ASN A 145 14.77 15.40 -3.18
CA ASN A 145 14.69 14.84 -4.52
C ASN A 145 16.01 15.01 -5.28
N LYS A 146 16.15 16.12 -6.02
CA LYS A 146 17.37 16.38 -6.78
C LYS A 146 18.57 16.54 -5.85
N VAL A 147 19.76 16.37 -6.41
CA VAL A 147 20.99 16.50 -5.63
C VAL A 147 21.46 17.95 -5.57
N ASP A 148 21.78 18.41 -4.37
CA ASP A 148 22.25 19.78 -4.17
C ASP A 148 23.77 19.84 -4.15
N ARG A 149 24.31 21.06 -4.07
CA ARG A 149 25.75 21.25 -4.03
C ARG A 149 26.15 22.03 -2.78
N ILE A 150 25.44 21.81 -1.69
CA ILE A 150 25.72 22.49 -0.43
C ILE A 150 26.48 21.57 0.52
N ARG A 151 27.76 21.89 0.75
CA ARG A 151 28.59 21.09 1.65
C ARG A 151 29.05 21.92 2.84
N SER B 1 -8.49 -13.82 -15.37
CA SER B 1 -9.16 -12.50 -15.49
C SER B 1 -10.16 -12.28 -14.35
N LEU B 2 -11.19 -13.12 -14.30
CA LEU B 2 -12.20 -13.02 -13.26
C LEU B 2 -12.54 -14.39 -12.69
N GLU B 3 -12.65 -14.48 -11.37
CA GLU B 3 -12.97 -15.73 -10.70
C GLU B 3 -14.08 -15.53 -9.68
N VAL B 4 -14.46 -16.63 -9.02
CA VAL B 4 -15.52 -16.58 -8.02
C VAL B 4 -15.12 -15.68 -6.85
N TPO B 5 -15.93 -14.66 -6.59
CA TPO B 5 -15.66 -13.72 -5.50
CB TPO B 5 -14.50 -12.77 -5.86
CG2 TPO B 5 -14.25 -11.78 -4.72
OG1 TPO B 5 -13.34 -13.50 -6.11
P TPO B 5 -12.27 -12.87 -7.07
O1P TPO B 5 -10.91 -13.16 -6.38
O2P TPO B 5 -12.37 -13.72 -8.36
O3P TPO B 5 -12.51 -11.41 -7.31
C TPO B 5 -16.91 -12.92 -5.16
O TPO B 5 -17.63 -12.47 -6.04
H2 TPO B 5 -16.72 -14.52 -7.15
HA TPO B 5 -15.37 -14.31 -4.64
HB TPO B 5 -14.78 -12.21 -6.74
HG21 TPO B 5 -15.08 -11.10 -4.65
HG22 TPO B 5 -13.35 -11.22 -4.94
HG23 TPO B 5 -14.12 -12.32 -3.80
N GLU B 6 -17.13 -12.73 -3.86
CA GLU B 6 -18.30 -11.97 -3.40
C GLU B 6 -18.25 -10.54 -3.94
N ALA B 7 -19.42 -9.90 -3.99
CA ALA B 7 -19.52 -8.52 -4.47
C ALA B 7 -20.85 -7.89 -4.07
N ASP B 8 -21.93 -8.65 -4.21
CA ASP B 8 -23.26 -8.16 -3.87
C ASP B 8 -23.64 -6.96 -4.72
N ALA B 9 -24.93 -6.65 -4.75
CA ALA B 9 -25.42 -5.51 -5.53
C ALA B 9 -26.71 -4.96 -4.94
N THR B 10 -26.97 -3.68 -5.20
CA THR B 10 -28.17 -3.02 -4.70
C THR B 10 -28.42 -3.34 -3.22
N PHE B 11 -27.33 -3.52 -2.48
CA PHE B 11 -27.43 -3.84 -1.05
C PHE B 11 -27.03 -2.64 -0.20
N VAL B 12 -27.94 -1.67 -0.09
CA VAL B 12 -27.68 -0.47 0.69
C VAL B 12 -28.39 -0.54 2.05
N GLN B 13 -27.75 0.04 3.06
CA GLN B 13 -28.31 0.04 4.41
C GLN B 13 -28.77 1.44 4.80
N ALA A 1 24.07 -13.14 -7.01
CA ALA A 1 23.00 -14.11 -7.18
C ALA A 1 21.66 -13.41 -7.37
N THR A 2 20.77 -14.06 -8.11
CA THR A 2 19.44 -13.51 -8.38
C THR A 2 18.39 -14.14 -7.46
N GLN A 3 18.20 -15.44 -7.60
CA GLN A 3 17.23 -16.16 -6.79
C GLN A 3 17.71 -16.27 -5.35
N ARG A 4 19.02 -16.35 -5.17
CA ARG A 4 19.59 -16.47 -3.83
C ARG A 4 19.40 -15.16 -3.05
N PHE A 5 19.48 -14.04 -3.75
CA PHE A 5 19.31 -12.73 -3.12
C PHE A 5 17.96 -12.64 -2.41
N LEU A 6 16.92 -13.17 -3.06
CA LEU A 6 15.59 -13.14 -2.49
C LEU A 6 15.54 -13.90 -1.18
N ILE A 7 16.37 -14.93 -1.07
CA ILE A 7 16.43 -15.74 0.14
C ILE A 7 17.10 -14.99 1.27
N GLU A 8 18.11 -14.18 0.93
CA GLU A 8 18.84 -13.41 1.92
C GLU A 8 17.88 -12.51 2.71
N LYS A 9 16.98 -11.86 1.99
CA LYS A 9 16.00 -10.98 2.62
C LYS A 9 15.02 -11.79 3.47
N PHE A 10 14.88 -13.07 3.14
CA PHE A 10 13.98 -13.96 3.88
C PHE A 10 14.33 -13.99 5.36
N SER A 11 15.62 -14.15 5.66
CA SER A 11 16.08 -14.20 7.04
C SER A 11 15.70 -12.93 7.79
N GLN A 12 15.71 -11.81 7.09
CA GLN A 12 15.37 -10.52 7.69
C GLN A 12 15.31 -9.42 6.65
N GLU A 13 14.29 -8.57 6.74
CA GLU A 13 14.13 -7.47 5.78
C GLU A 13 14.73 -6.19 6.34
N GLN A 14 15.44 -5.46 5.49
CA GLN A 14 16.08 -4.21 5.90
C GLN A 14 15.07 -3.06 5.87
N ILE A 15 14.63 -2.65 7.05
CA ILE A 15 13.66 -1.55 7.17
C ILE A 15 14.33 -0.20 7.09
N GLY A 16 13.69 0.68 6.37
CA GLY A 16 14.20 2.04 6.19
C GLY A 16 15.30 2.10 5.15
N GLU A 17 15.27 1.18 4.20
CA GLU A 17 16.26 1.14 3.14
C GLU A 17 15.82 1.98 1.95
N ASN A 18 14.54 1.86 1.57
CA ASN A 18 14.00 2.61 0.45
C ASN A 18 12.50 2.40 0.45
N ILE A 19 11.98 2.29 1.66
CA ILE A 19 10.60 2.03 1.88
C ILE A 19 9.73 3.25 1.59
N VAL A 20 8.66 3.01 0.87
CA VAL A 20 7.73 4.01 0.48
C VAL A 20 6.62 4.13 1.51
N CYS A 21 5.91 3.01 1.69
CA CYS A 21 4.83 2.93 2.66
C CYS A 21 4.70 1.51 3.20
N ARG A 22 4.34 1.38 4.47
CA ARG A 22 4.19 0.07 5.09
C ARG A 22 2.74 -0.22 5.45
N VAL A 23 2.31 -1.45 5.21
CA VAL A 23 0.94 -1.86 5.51
C VAL A 23 0.87 -2.65 6.81
N ILE A 24 0.07 -2.16 7.75
CA ILE A 24 -0.08 -2.81 9.04
C ILE A 24 -1.53 -3.16 9.33
N CYS A 25 -1.81 -4.45 9.46
CA CYS A 25 -3.17 -4.92 9.74
C CYS A 25 -3.49 -4.78 11.21
N THR A 26 -4.41 -3.86 11.53
CA THR A 26 -4.81 -3.62 12.91
C THR A 26 -5.83 -4.65 13.39
N THR A 27 -6.58 -5.21 12.44
CA THR A 27 -7.59 -6.21 12.79
C THR A 27 -6.97 -7.59 13.01
N GLY A 28 -5.66 -7.69 12.84
CA GLY A 28 -4.97 -8.95 13.05
C GLY A 28 -5.45 -10.04 12.11
N GLN A 29 -5.00 -9.98 10.86
CA GLN A 29 -5.38 -10.97 9.86
C GLN A 29 -4.24 -11.20 8.86
N ILE A 30 -3.60 -10.10 8.44
CA ILE A 30 -2.49 -10.17 7.49
C ILE A 30 -1.19 -9.76 8.15
N PRO A 31 -0.06 -10.44 7.82
CA PRO A 31 1.24 -10.11 8.38
C PRO A 31 1.82 -8.83 7.79
N ILE A 32 2.30 -7.95 8.66
CA ILE A 32 2.86 -6.67 8.21
C ILE A 32 3.88 -6.87 7.10
N ARG A 33 3.84 -5.98 6.11
CA ARG A 33 4.76 -6.03 4.98
C ARG A 33 5.36 -4.65 4.73
N ASP A 34 6.45 -4.61 3.96
CA ASP A 34 7.10 -3.35 3.66
C ASP A 34 7.12 -3.06 2.16
N LEU A 35 6.51 -1.94 1.79
CA LEU A 35 6.47 -1.51 0.39
C LEU A 35 7.59 -0.52 0.15
N SER A 36 8.32 -0.65 -0.95
CA SER A 36 9.42 0.25 -1.21
C SER A 36 9.64 0.56 -2.68
N ALA A 37 10.30 1.68 -2.88
CA ALA A 37 10.64 2.16 -4.22
C ALA A 37 11.92 2.97 -4.19
N ASP A 38 12.75 2.80 -5.22
CA ASP A 38 14.01 3.53 -5.30
C ASP A 38 13.79 4.97 -5.76
N ILE A 39 14.43 5.90 -5.05
CA ILE A 39 14.33 7.32 -5.36
C ILE A 39 14.90 7.64 -6.74
N SER A 40 16.00 7.00 -7.07
CA SER A 40 16.67 7.22 -8.34
C SER A 40 15.72 6.96 -9.50
N GLN A 41 14.92 5.92 -9.37
CA GLN A 41 13.96 5.56 -10.41
C GLN A 41 12.85 6.61 -10.48
N VAL A 42 12.44 7.10 -9.32
CA VAL A 42 11.39 8.11 -9.24
C VAL A 42 11.83 9.42 -9.90
N LEU A 43 13.06 9.84 -9.59
CA LEU A 43 13.59 11.08 -10.16
C LEU A 43 13.89 10.92 -11.64
N LYS A 44 14.27 9.72 -12.04
CA LYS A 44 14.59 9.44 -13.44
C LYS A 44 13.33 9.21 -14.25
N GLU A 45 12.41 8.41 -13.71
CA GLU A 45 11.16 8.12 -14.38
C GLU A 45 10.21 9.32 -14.32
N LYS A 46 9.93 9.90 -15.49
CA LYS A 46 9.04 11.05 -15.57
C LYS A 46 7.89 10.78 -16.54
N ARG A 47 7.48 9.52 -16.62
CA ARG A 47 6.40 9.14 -17.52
C ARG A 47 5.04 9.44 -16.89
N SER A 48 4.75 8.80 -15.76
CA SER A 48 3.49 9.00 -15.07
C SER A 48 3.53 8.38 -13.67
N ILE A 49 4.05 7.15 -13.59
CA ILE A 49 4.15 6.45 -12.32
C ILE A 49 5.49 5.75 -12.18
N LYS A 50 5.94 5.56 -10.94
CA LYS A 50 7.22 4.90 -10.67
C LYS A 50 7.01 3.44 -10.32
N LYS A 51 6.38 3.18 -9.19
CA LYS A 51 6.12 1.81 -8.74
C LYS A 51 4.77 1.69 -8.08
N VAL A 52 4.04 0.62 -8.39
CA VAL A 52 2.72 0.40 -7.83
C VAL A 52 2.58 -0.99 -7.23
N TRP A 53 1.93 -1.06 -6.08
CA TRP A 53 1.70 -2.32 -5.38
C TRP A 53 0.26 -2.80 -5.53
N THR A 54 0.10 -4.11 -5.73
CA THR A 54 -1.22 -4.71 -5.83
C THR A 54 -1.41 -5.66 -4.65
N PHE A 55 -2.50 -5.49 -3.92
CA PHE A 55 -2.78 -6.30 -2.75
C PHE A 55 -3.96 -7.23 -2.95
N GLY A 56 -3.88 -8.41 -2.34
CA GLY A 56 -4.93 -9.40 -2.44
C GLY A 56 -4.50 -10.76 -1.96
N ARG A 57 -5.39 -11.75 -2.06
CA ARG A 57 -5.07 -13.10 -1.62
C ARG A 57 -4.30 -13.87 -2.70
N ASN A 58 -4.02 -13.20 -3.81
CA ASN A 58 -3.28 -13.82 -4.91
C ASN A 58 -1.78 -13.73 -4.68
N PRO A 59 -1.05 -14.83 -4.93
CA PRO A 59 0.40 -14.87 -4.76
C PRO A 59 1.11 -13.99 -5.78
N ALA A 60 0.36 -13.46 -6.75
CA ALA A 60 0.90 -12.59 -7.76
C ALA A 60 0.99 -11.20 -7.22
N CYS A 61 -0.10 -10.81 -6.58
CA CYS A 61 -0.22 -9.52 -5.97
C CYS A 61 1.04 -9.17 -5.21
N ASP A 62 1.46 -7.94 -5.35
CA ASP A 62 2.65 -7.48 -4.65
C ASP A 62 2.48 -7.69 -3.14
N TYR A 63 1.22 -7.85 -2.71
CA TYR A 63 0.93 -8.07 -1.30
C TYR A 63 0.01 -9.29 -1.12
N HIS A 64 0.46 -10.25 -0.32
CA HIS A 64 -0.33 -11.45 -0.07
C HIS A 64 -1.12 -11.33 1.23
N LEU A 65 -2.43 -11.52 1.15
CA LEU A 65 -3.30 -11.42 2.31
C LEU A 65 -3.70 -12.81 2.83
N GLY A 66 -4.51 -13.51 2.05
CA GLY A 66 -4.94 -14.83 2.44
C GLY A 66 -5.72 -15.55 1.36
N ASN A 67 -7.04 -15.53 1.46
CA ASN A 67 -7.90 -16.19 0.47
C ASN A 67 -9.38 -15.99 0.82
N ILE A 68 -9.77 -14.73 1.00
CA ILE A 68 -11.15 -14.41 1.34
C ILE A 68 -12.01 -14.31 0.08
N SER A 69 -13.20 -14.90 0.14
CA SER A 69 -14.12 -14.91 -0.99
C SER A 69 -14.61 -13.51 -1.32
N ARG A 70 -14.89 -12.71 -0.30
CA ARG A 70 -15.38 -11.35 -0.50
C ARG A 70 -14.36 -10.49 -1.25
N LEU A 71 -13.12 -10.52 -0.79
CA LEU A 71 -12.06 -9.73 -1.42
C LEU A 71 -11.65 -10.33 -2.76
N SER A 72 -11.16 -9.48 -3.66
CA SER A 72 -10.76 -9.92 -5.00
C SER A 72 -9.25 -10.13 -5.11
N ASN A 73 -8.86 -11.12 -5.95
CA ASN A 73 -7.44 -11.45 -6.18
C ASN A 73 -6.54 -10.27 -5.83
N LYS A 74 -6.83 -9.14 -6.46
CA LYS A 74 -6.12 -7.90 -6.21
C LYS A 74 -7.13 -6.89 -5.71
N HIS A 75 -7.40 -6.96 -4.42
CA HIS A 75 -8.39 -6.10 -3.81
C HIS A 75 -8.08 -4.63 -3.98
N PHE A 76 -6.84 -4.26 -3.73
CA PHE A 76 -6.45 -2.86 -3.85
C PHE A 76 -5.03 -2.71 -4.37
N GLN A 77 -4.72 -1.53 -4.91
CA GLN A 77 -3.41 -1.26 -5.46
C GLN A 77 -2.90 0.11 -5.04
N ILE A 78 -1.61 0.21 -4.71
CA ILE A 78 -1.03 1.49 -4.31
C ILE A 78 0.02 1.96 -5.32
N LEU A 79 -0.05 3.23 -5.73
CA LEU A 79 0.91 3.77 -6.69
C LEU A 79 1.61 5.01 -6.15
N LEU A 80 2.92 5.08 -6.39
CA LEU A 80 3.72 6.21 -5.95
C LEU A 80 4.47 6.83 -7.13
N GLY A 81 4.25 8.12 -7.35
CA GLY A 81 4.91 8.80 -8.45
C GLY A 81 4.19 10.07 -8.87
N GLU A 82 3.96 10.22 -10.17
CA GLU A 82 3.28 11.39 -10.70
C GLU A 82 4.12 12.65 -10.49
N ASP A 83 4.13 13.15 -9.26
CA ASP A 83 4.89 14.35 -8.94
C ASP A 83 5.43 14.27 -7.50
N GLY A 84 4.56 13.87 -6.58
CA GLY A 84 4.97 13.75 -5.19
C GLY A 84 3.93 13.04 -4.34
N ASN A 85 4.28 12.77 -3.09
CA ASN A 85 3.37 12.08 -2.17
C ASN A 85 3.01 10.70 -2.69
N LEU A 86 2.19 9.99 -1.94
CA LEU A 86 1.75 8.65 -2.30
C LEU A 86 0.30 8.64 -2.77
N LEU A 87 -0.07 7.60 -3.51
CA LEU A 87 -1.44 7.48 -4.01
C LEU A 87 -1.98 6.07 -3.75
N LEU A 88 -3.24 5.99 -3.40
CA LEU A 88 -3.88 4.71 -3.13
C LEU A 88 -4.95 4.42 -4.18
N ASN A 89 -4.82 3.29 -4.87
CA ASN A 89 -5.78 2.93 -5.90
C ASN A 89 -6.56 1.68 -5.54
N ASP A 90 -7.86 1.84 -5.37
CA ASP A 90 -8.73 0.72 -5.04
C ASP A 90 -9.00 -0.12 -6.29
N ILE A 91 -8.96 -1.44 -6.16
CA ILE A 91 -9.18 -2.33 -7.30
C ILE A 91 -9.87 -3.62 -6.88
N SER A 92 -10.85 -3.54 -6.00
CA SER A 92 -11.56 -4.72 -5.53
C SER A 92 -12.88 -4.91 -6.26
N THR A 93 -13.42 -6.11 -6.17
CA THR A 93 -14.70 -6.43 -6.78
C THR A 93 -15.83 -5.69 -6.07
N ASN A 94 -15.73 -5.61 -4.74
CA ASN A 94 -16.75 -4.96 -3.94
C ASN A 94 -16.38 -3.51 -3.57
N GLY A 95 -15.09 -3.17 -3.63
CA GLY A 95 -14.68 -1.84 -3.31
C GLY A 95 -13.67 -1.76 -2.18
N THR A 96 -13.03 -0.62 -2.07
CA THR A 96 -12.03 -0.35 -1.04
C THR A 96 -12.49 0.78 -0.14
N TRP A 97 -12.30 0.64 1.16
CA TRP A 97 -12.75 1.66 2.10
C TRP A 97 -11.63 2.40 2.80
N LEU A 98 -11.91 3.67 3.10
CA LEU A 98 -10.98 4.51 3.82
C LEU A 98 -11.69 5.04 5.05
N ASN A 99 -11.22 4.61 6.22
CA ASN A 99 -11.80 5.03 7.49
C ASN A 99 -13.34 5.00 7.47
N GLY A 100 -13.91 3.95 6.89
CA GLY A 100 -15.34 3.82 6.84
C GLY A 100 -15.97 4.48 5.64
N GLN A 101 -15.18 5.23 4.88
CA GLN A 101 -15.70 5.89 3.70
C GLN A 101 -15.23 5.19 2.42
N LYS A 102 -16.19 4.69 1.65
CA LYS A 102 -15.91 3.99 0.43
C LYS A 102 -15.48 4.96 -0.68
N VAL A 103 -14.31 4.71 -1.27
CA VAL A 103 -13.79 5.56 -2.32
C VAL A 103 -14.10 4.98 -3.70
N GLU A 104 -13.91 5.79 -4.74
CA GLU A 104 -14.16 5.37 -6.10
C GLU A 104 -13.11 4.34 -6.55
N LYS A 105 -13.58 3.20 -7.03
CA LYS A 105 -12.66 2.15 -7.49
C LYS A 105 -11.68 2.72 -8.51
N ASN A 106 -10.60 1.99 -8.75
CA ASN A 106 -9.55 2.39 -9.69
C ASN A 106 -9.34 3.90 -9.69
N SER A 107 -9.49 4.50 -8.51
CA SER A 107 -9.31 5.94 -8.36
C SER A 107 -8.06 6.25 -7.54
N ASN A 108 -7.39 7.34 -7.88
CA ASN A 108 -6.18 7.74 -7.17
C ASN A 108 -6.51 8.74 -6.06
N GLN A 109 -6.06 8.46 -4.85
CA GLN A 109 -6.31 9.33 -3.72
C GLN A 109 -5.01 9.65 -2.99
N LEU A 110 -4.93 10.85 -2.43
CA LEU A 110 -3.75 11.27 -1.70
C LEU A 110 -3.67 10.54 -0.36
N LEU A 111 -2.56 9.86 -0.13
CA LEU A 111 -2.36 9.11 1.10
C LEU A 111 -2.56 9.98 2.33
N SER A 112 -2.76 9.31 3.46
CA SER A 112 -2.96 9.98 4.74
C SER A 112 -1.94 9.45 5.75
N GLN A 113 -1.60 10.26 6.75
CA GLN A 113 -0.63 9.86 7.76
C GLN A 113 -1.24 8.80 8.67
N GLY A 114 -0.67 7.60 8.62
CA GLY A 114 -1.17 6.50 9.42
C GLY A 114 -2.61 6.16 9.09
N ASP A 115 -2.99 6.41 7.84
CA ASP A 115 -4.33 6.15 7.38
C ASP A 115 -4.68 4.67 7.50
N GLU A 116 -5.90 4.32 7.16
CA GLU A 116 -6.37 2.95 7.23
C GLU A 116 -7.32 2.63 6.09
N ILE A 117 -7.13 1.46 5.46
CA ILE A 117 -8.01 1.04 4.37
C ILE A 117 -8.80 -0.19 4.79
N THR A 118 -10.11 -0.12 4.64
CA THR A 118 -10.99 -1.22 5.00
C THR A 118 -11.45 -1.93 3.73
N VAL A 119 -11.47 -3.26 3.75
CA VAL A 119 -11.87 -4.01 2.57
C VAL A 119 -12.72 -5.23 2.93
N GLY A 120 -13.48 -5.71 1.97
CA GLY A 120 -14.33 -6.86 2.17
C GLY A 120 -15.66 -6.47 2.78
N VAL A 121 -16.12 -5.28 2.42
CA VAL A 121 -17.37 -4.76 2.94
C VAL A 121 -18.58 -5.45 2.32
N GLY A 122 -19.57 -5.70 3.16
CA GLY A 122 -20.78 -6.36 2.76
C GLY A 122 -21.35 -7.12 3.94
N VAL A 123 -20.45 -7.70 4.72
CA VAL A 123 -20.80 -8.43 5.91
C VAL A 123 -20.02 -7.87 7.09
N GLU A 124 -20.72 -7.47 8.13
CA GLU A 124 -20.08 -6.89 9.31
C GLU A 124 -18.94 -7.77 9.82
N SER A 125 -19.09 -9.08 9.67
CA SER A 125 -18.09 -10.02 10.12
C SER A 125 -17.11 -10.41 9.01
N ASP A 126 -17.19 -9.76 7.85
CA ASP A 126 -16.29 -10.09 6.75
C ASP A 126 -15.54 -8.90 6.20
N ILE A 127 -15.30 -7.94 7.06
CA ILE A 127 -14.56 -6.75 6.70
C ILE A 127 -13.16 -6.78 7.31
N LEU A 128 -12.20 -6.34 6.53
CA LEU A 128 -10.80 -6.31 6.96
C LEU A 128 -10.26 -4.88 6.96
N SER A 129 -9.57 -4.53 8.03
CA SER A 129 -8.99 -3.20 8.17
C SER A 129 -7.47 -3.23 8.08
N LEU A 130 -6.91 -2.29 7.33
CA LEU A 130 -5.46 -2.20 7.16
C LEU A 130 -4.98 -0.78 7.41
N VAL A 131 -3.77 -0.65 7.96
CA VAL A 131 -3.21 0.66 8.24
C VAL A 131 -1.99 0.94 7.36
N ILE A 132 -1.86 2.18 6.89
CA ILE A 132 -0.77 2.57 6.05
C ILE A 132 0.22 3.45 6.81
N PHE A 133 1.47 2.99 6.87
CA PHE A 133 2.52 3.73 7.57
C PHE A 133 3.48 4.36 6.57
N ILE A 134 3.43 5.68 6.46
CA ILE A 134 4.30 6.41 5.54
C ILE A 134 5.65 6.70 6.16
N ASN A 135 6.71 6.24 5.51
CA ASN A 135 8.07 6.44 6.00
C ASN A 135 8.55 7.87 5.70
N ASP A 136 8.99 8.56 6.74
CA ASP A 136 9.49 9.93 6.59
C ASP A 136 10.86 9.96 5.93
N LYS A 137 11.62 8.87 6.10
CA LYS A 137 12.94 8.76 5.52
C LYS A 137 12.89 8.94 4.01
N PHE A 138 11.89 8.32 3.39
CA PHE A 138 11.70 8.40 1.95
C PHE A 138 11.54 9.85 1.51
N LYS A 139 10.73 10.59 2.27
CA LYS A 139 10.47 12.00 1.98
C LYS A 139 11.76 12.82 2.10
N GLN A 140 12.60 12.46 3.07
CA GLN A 140 13.86 13.15 3.27
C GLN A 140 14.84 12.90 2.13
N CYS A 141 14.85 11.68 1.64
CA CYS A 141 15.74 11.30 0.53
C CYS A 141 15.40 12.08 -0.73
N LEU A 142 14.11 12.17 -1.04
CA LEU A 142 13.67 12.89 -2.22
C LEU A 142 13.94 14.38 -2.10
N GLU A 143 13.79 14.90 -0.88
CA GLU A 143 14.02 16.31 -0.61
C GLU A 143 15.47 16.69 -0.90
N GLN A 144 16.38 15.77 -0.62
CA GLN A 144 17.81 16.01 -0.85
C GLN A 144 18.22 15.54 -2.24
N ASN A 145 17.64 14.43 -2.66
CA ASN A 145 17.94 13.84 -3.98
C ASN A 145 19.45 13.82 -4.26
N LYS A 146 19.81 13.47 -5.49
CA LYS A 146 21.21 13.40 -5.88
C LYS A 146 21.71 14.77 -6.33
N VAL A 147 23.00 15.03 -6.12
CA VAL A 147 23.60 16.29 -6.52
C VAL A 147 23.62 16.45 -8.04
N ASP A 148 23.31 17.65 -8.51
CA ASP A 148 23.30 17.92 -9.95
C ASP A 148 24.53 18.72 -10.36
N ARG A 149 25.06 19.51 -9.44
CA ARG A 149 26.24 20.33 -9.70
C ARG A 149 25.96 21.32 -10.82
N ILE A 150 24.76 21.89 -10.82
CA ILE A 150 24.37 22.87 -11.83
C ILE A 150 24.62 24.29 -11.36
N ARG A 151 25.48 25.01 -12.09
CA ARG A 151 25.81 26.39 -11.74
C ARG A 151 25.48 27.33 -12.88
N SER B 1 -21.86 -20.21 -11.42
CA SER B 1 -21.65 -19.57 -12.75
C SER B 1 -21.41 -18.08 -12.60
N LEU B 2 -20.16 -17.69 -12.41
CA LEU B 2 -19.81 -16.28 -12.27
C LEU B 2 -18.30 -16.08 -12.33
N GLU B 3 -17.85 -14.83 -12.20
CA GLU B 3 -16.43 -14.53 -12.24
C GLU B 3 -15.76 -14.83 -10.91
N VAL B 4 -14.44 -14.80 -10.89
CA VAL B 4 -13.68 -15.07 -9.68
C VAL B 4 -14.07 -14.11 -8.56
N TPO B 5 -13.91 -14.55 -7.31
CA TPO B 5 -14.23 -13.73 -6.16
CB TPO B 5 -13.43 -12.41 -6.16
CG2 TPO B 5 -13.81 -11.52 -4.99
OG1 TPO B 5 -12.04 -12.69 -6.12
P TPO B 5 -11.48 -13.56 -4.94
O1P TPO B 5 -11.04 -14.89 -5.62
O2P TPO B 5 -10.21 -12.79 -4.48
O3P TPO B 5 -12.47 -13.78 -3.84
C TPO B 5 -15.73 -13.41 -6.14
O TPO B 5 -16.40 -13.45 -7.18
H2 TPO B 5 -13.54 -15.45 -7.17
HA TPO B 5 -13.98 -14.28 -5.27
HB TPO B 5 -13.65 -11.89 -7.07
HG21 TPO B 5 -14.84 -11.21 -5.10
HG22 TPO B 5 -13.18 -10.65 -4.98
HG23 TPO B 5 -13.69 -12.07 -4.07
N GLU B 6 -16.25 -13.08 -4.96
CA GLU B 6 -17.66 -12.75 -4.81
C GLU B 6 -17.87 -11.24 -4.84
N ALA B 7 -19.13 -10.83 -4.75
CA ALA B 7 -19.48 -9.41 -4.76
C ALA B 7 -20.76 -9.15 -3.98
N ASP B 8 -21.18 -7.89 -3.96
CA ASP B 8 -22.39 -7.50 -3.25
C ASP B 8 -22.84 -6.10 -3.66
N ALA B 9 -24.02 -5.70 -3.19
CA ALA B 9 -24.56 -4.39 -3.50
C ALA B 9 -25.70 -4.02 -2.55
N THR B 10 -25.71 -2.77 -2.10
CA THR B 10 -26.75 -2.30 -1.19
C THR B 10 -26.74 -0.78 -1.09
N PHE B 11 -27.91 -0.18 -1.22
CA PHE B 11 -28.03 1.28 -1.15
C PHE B 11 -27.24 1.95 -2.25
N VAL B 12 -27.93 2.40 -3.29
CA VAL B 12 -27.28 3.06 -4.42
C VAL B 12 -27.70 4.53 -4.52
N GLN B 13 -26.78 5.37 -4.98
CA GLN B 13 -27.06 6.79 -5.11
C GLN B 13 -27.93 7.06 -6.34
N ALA A 1 8.14 10.84 28.14
CA ALA A 1 8.98 12.04 27.98
C ALA A 1 8.73 12.70 26.63
N THR A 2 9.47 13.77 26.36
CA THR A 2 9.33 14.49 25.11
C THR A 2 10.69 14.79 24.49
N GLN A 3 11.48 15.61 25.17
CA GLN A 3 12.82 15.97 24.71
C GLN A 3 13.76 14.78 24.77
N ARG A 4 13.76 14.09 25.91
CA ARG A 4 14.62 12.93 26.10
C ARG A 4 14.26 11.81 25.12
N PHE A 5 12.96 11.64 24.87
CA PHE A 5 12.49 10.62 23.96
C PHE A 5 12.99 10.87 22.54
N LEU A 6 13.04 12.14 22.16
CA LEU A 6 13.50 12.53 20.83
C LEU A 6 14.95 12.10 20.61
N ILE A 7 15.79 12.31 21.63
CA ILE A 7 17.19 11.94 21.54
C ILE A 7 17.36 10.42 21.51
N GLU A 8 16.50 9.71 22.23
CA GLU A 8 16.57 8.26 22.28
C GLU A 8 16.47 7.68 20.86
N LYS A 9 15.64 8.31 20.04
CA LYS A 9 15.47 7.87 18.66
C LYS A 9 16.74 8.09 17.85
N PHE A 10 17.57 9.02 18.30
CA PHE A 10 18.83 9.34 17.63
C PHE A 10 19.71 8.11 17.50
N SER A 11 19.85 7.37 18.59
CA SER A 11 20.66 6.16 18.60
C SER A 11 19.97 5.04 17.84
N GLN A 12 18.64 5.02 17.89
CA GLN A 12 17.86 4.00 17.21
C GLN A 12 17.81 4.28 15.71
N GLU A 13 18.65 3.57 14.95
CA GLU A 13 18.69 3.74 13.50
C GLU A 13 17.50 3.04 12.84
N GLN A 14 16.70 3.81 12.11
CA GLN A 14 15.54 3.27 11.42
C GLN A 14 15.95 2.53 10.15
N ILE A 15 15.47 1.30 10.00
CA ILE A 15 15.80 0.50 8.84
C ILE A 15 14.92 0.84 7.65
N GLY A 16 15.57 0.89 6.51
CA GLY A 16 14.87 1.22 5.27
C GLY A 16 15.80 1.25 4.07
N GLU A 17 15.83 0.16 3.32
CA GLU A 17 16.69 0.07 2.15
C GLU A 17 16.22 1.03 1.06
N ASN A 18 14.91 1.23 0.96
CA ASN A 18 14.33 2.11 -0.03
C ASN A 18 12.83 1.99 0.06
N ILE A 19 12.39 1.90 1.29
CA ILE A 19 11.00 1.72 1.61
C ILE A 19 10.19 2.97 1.38
N VAL A 20 9.03 2.78 0.76
CA VAL A 20 8.11 3.82 0.44
C VAL A 20 7.12 4.00 1.58
N CYS A 21 6.38 2.92 1.83
CA CYS A 21 5.39 2.88 2.90
C CYS A 21 5.24 1.47 3.44
N ARG A 22 4.63 1.33 4.61
CA ARG A 22 4.43 0.02 5.23
C ARG A 22 2.96 -0.27 5.48
N VAL A 23 2.55 -1.50 5.19
CA VAL A 23 1.16 -1.91 5.40
C VAL A 23 1.04 -2.80 6.63
N ILE A 24 0.20 -2.38 7.58
CA ILE A 24 0.00 -3.12 8.80
C ILE A 24 -1.47 -3.49 9.01
N CYS A 25 -1.75 -4.78 9.16
CA CYS A 25 -3.11 -5.25 9.37
C CYS A 25 -3.47 -5.16 10.85
N THR A 26 -4.37 -4.24 11.19
CA THR A 26 -4.79 -4.05 12.58
C THR A 26 -5.84 -5.08 12.99
N THR A 27 -6.53 -5.66 12.01
CA THR A 27 -7.57 -6.64 12.30
C THR A 27 -6.98 -8.02 12.59
N GLY A 28 -5.66 -8.13 12.50
CA GLY A 28 -4.98 -9.38 12.77
C GLY A 28 -5.39 -10.49 11.82
N GLN A 29 -5.12 -10.29 10.53
CA GLN A 29 -5.46 -11.29 9.52
C GLN A 29 -4.30 -11.51 8.55
N ILE A 30 -3.55 -10.44 8.27
CA ILE A 30 -2.42 -10.52 7.36
C ILE A 30 -1.14 -9.98 8.02
N PRO A 31 0.01 -10.61 7.77
CA PRO A 31 1.28 -10.17 8.35
C PRO A 31 1.78 -8.87 7.74
N ILE A 32 2.39 -8.03 8.57
CA ILE A 32 2.89 -6.74 8.12
C ILE A 32 3.89 -6.90 6.97
N ARG A 33 3.90 -5.92 6.07
CA ARG A 33 4.80 -5.92 4.92
C ARG A 33 5.35 -4.52 4.67
N ASP A 34 6.41 -4.42 3.88
CA ASP A 34 7.01 -3.14 3.59
C ASP A 34 7.05 -2.86 2.09
N LEU A 35 6.40 -1.77 1.68
CA LEU A 35 6.38 -1.36 0.28
C LEU A 35 7.59 -0.47 0.00
N SER A 36 8.33 -0.75 -1.07
CA SER A 36 9.49 0.05 -1.39
C SER A 36 9.62 0.38 -2.86
N ALA A 37 10.33 1.47 -3.09
CA ALA A 37 10.60 1.95 -4.44
C ALA A 37 11.94 2.66 -4.52
N ASP A 38 12.64 2.49 -5.64
CA ASP A 38 13.94 3.12 -5.83
C ASP A 38 13.80 4.60 -6.17
N ILE A 39 14.52 5.44 -5.44
CA ILE A 39 14.49 6.88 -5.64
C ILE A 39 15.03 7.29 -7.01
N SER A 40 16.15 6.70 -7.39
CA SER A 40 16.79 7.02 -8.65
C SER A 40 15.84 6.78 -9.81
N GLN A 41 15.09 5.70 -9.71
CA GLN A 41 14.12 5.33 -10.73
C GLN A 41 12.96 6.33 -10.75
N VAL A 42 12.56 6.80 -9.57
CA VAL A 42 11.47 7.76 -9.45
C VAL A 42 11.89 9.13 -9.99
N LEU A 43 13.12 9.54 -9.68
CA LEU A 43 13.62 10.83 -10.13
C LEU A 43 13.89 10.81 -11.63
N LYS A 44 14.25 9.65 -12.16
CA LYS A 44 14.53 9.51 -13.59
C LYS A 44 13.24 9.43 -14.39
N GLU A 45 12.33 8.56 -13.96
CA GLU A 45 11.05 8.39 -14.65
C GLU A 45 10.24 9.67 -14.62
N LYS A 46 9.87 10.17 -15.79
CA LYS A 46 9.09 11.40 -15.89
C LYS A 46 7.63 11.09 -16.20
N ARG A 47 7.09 10.07 -15.54
CA ARG A 47 5.71 9.67 -15.74
C ARG A 47 4.88 9.92 -14.47
N SER A 48 3.57 9.79 -14.60
CA SER A 48 2.67 10.02 -13.46
C SER A 48 3.01 9.06 -12.32
N ILE A 49 3.15 7.79 -12.65
CA ILE A 49 3.47 6.78 -11.65
C ILE A 49 4.72 5.99 -12.05
N LYS A 50 5.36 5.36 -11.07
CA LYS A 50 6.57 4.59 -11.33
C LYS A 50 6.44 3.17 -10.78
N LYS A 51 5.95 3.04 -9.55
CA LYS A 51 5.78 1.73 -8.93
C LYS A 51 4.49 1.64 -8.15
N VAL A 52 3.70 0.60 -8.43
CA VAL A 52 2.43 0.40 -7.75
C VAL A 52 2.32 -1.01 -7.19
N TRP A 53 1.77 -1.11 -5.99
CA TRP A 53 1.59 -2.40 -5.32
C TRP A 53 0.16 -2.91 -5.45
N THR A 54 0.04 -4.21 -5.67
CA THR A 54 -1.28 -4.85 -5.78
C THR A 54 -1.51 -5.78 -4.59
N PHE A 55 -2.63 -5.57 -3.91
CA PHE A 55 -2.97 -6.37 -2.73
C PHE A 55 -4.15 -7.29 -3.01
N GLY A 56 -4.14 -8.46 -2.41
CA GLY A 56 -5.22 -9.41 -2.60
C GLY A 56 -4.87 -10.81 -2.19
N ARG A 57 -5.80 -11.74 -2.39
CA ARG A 57 -5.58 -13.14 -2.02
C ARG A 57 -4.71 -13.87 -3.06
N ASN A 58 -4.31 -13.16 -4.11
CA ASN A 58 -3.49 -13.75 -5.15
C ASN A 58 -2.01 -13.70 -4.77
N PRO A 59 -1.27 -14.81 -4.97
CA PRO A 59 0.16 -14.88 -4.67
C PRO A 59 0.99 -14.00 -5.60
N ALA A 60 0.35 -13.45 -6.63
CA ALA A 60 1.00 -12.59 -7.56
C ALA A 60 1.05 -11.20 -6.99
N CYS A 61 -0.07 -10.81 -6.43
CA CYS A 61 -0.22 -9.54 -5.80
C CYS A 61 0.99 -9.20 -4.95
N ASP A 62 1.44 -7.97 -5.06
CA ASP A 62 2.58 -7.54 -4.28
C ASP A 62 2.32 -7.76 -2.79
N TYR A 63 1.04 -7.92 -2.43
CA TYR A 63 0.67 -8.16 -1.04
C TYR A 63 -0.26 -9.37 -0.93
N HIS A 64 0.14 -10.33 -0.10
CA HIS A 64 -0.67 -11.54 0.09
C HIS A 64 -1.46 -11.46 1.40
N LEU A 65 -2.77 -11.61 1.29
CA LEU A 65 -3.65 -11.56 2.46
C LEU A 65 -4.49 -12.83 2.57
N GLY A 66 -5.28 -12.91 3.63
CA GLY A 66 -6.13 -14.08 3.83
C GLY A 66 -7.09 -14.30 2.68
N ASN A 67 -7.27 -15.56 2.29
CA ASN A 67 -8.16 -15.91 1.20
C ASN A 67 -9.62 -15.73 1.60
N ILE A 68 -10.17 -14.56 1.31
CA ILE A 68 -11.56 -14.26 1.65
C ILE A 68 -12.43 -14.19 0.39
N SER A 69 -13.53 -14.93 0.40
CA SER A 69 -14.45 -14.95 -0.73
C SER A 69 -14.91 -13.55 -1.11
N ARG A 70 -15.00 -12.67 -0.11
CA ARG A 70 -15.42 -11.30 -0.33
C ARG A 70 -14.36 -10.50 -1.08
N LEU A 71 -13.11 -10.62 -0.64
CA LEU A 71 -12.01 -9.90 -1.27
C LEU A 71 -11.67 -10.51 -2.63
N SER A 72 -11.17 -9.67 -3.54
CA SER A 72 -10.81 -10.12 -4.88
C SER A 72 -9.32 -10.48 -4.98
N ASN A 73 -8.95 -11.20 -6.04
CA ASN A 73 -7.55 -11.58 -6.28
C ASN A 73 -6.63 -10.41 -5.96
N LYS A 74 -6.94 -9.29 -6.57
CA LYS A 74 -6.22 -8.04 -6.35
C LYS A 74 -7.23 -7.04 -5.85
N HIS A 75 -7.46 -7.07 -4.55
CA HIS A 75 -8.45 -6.22 -3.92
C HIS A 75 -8.14 -4.74 -4.07
N PHE A 76 -6.89 -4.37 -3.84
CA PHE A 76 -6.50 -2.97 -3.96
C PHE A 76 -5.08 -2.79 -4.48
N GLN A 77 -4.77 -1.58 -4.95
CA GLN A 77 -3.45 -1.27 -5.49
C GLN A 77 -2.93 0.07 -4.97
N ILE A 78 -1.66 0.14 -4.60
CA ILE A 78 -1.09 1.40 -4.13
C ILE A 78 -0.06 1.93 -5.12
N LEU A 79 -0.27 3.15 -5.60
CA LEU A 79 0.65 3.75 -6.57
C LEU A 79 1.59 4.75 -5.92
N LEU A 80 2.82 4.79 -6.42
CA LEU A 80 3.84 5.72 -5.92
C LEU A 80 4.40 6.56 -7.06
N GLY A 81 4.30 7.88 -6.92
CA GLY A 81 4.81 8.76 -7.95
C GLY A 81 4.22 10.16 -7.86
N GLU A 82 3.82 10.71 -9.00
CA GLU A 82 3.23 12.04 -9.05
C GLU A 82 4.22 13.09 -8.55
N ASP A 83 5.50 12.87 -8.83
CA ASP A 83 6.55 13.79 -8.42
C ASP A 83 6.55 13.97 -6.90
N GLY A 84 6.15 12.92 -6.19
CA GLY A 84 6.13 12.98 -4.74
C GLY A 84 4.82 12.47 -4.16
N ASN A 85 4.82 12.20 -2.86
CA ASN A 85 3.62 11.70 -2.18
C ASN A 85 3.22 10.34 -2.73
N LEU A 86 2.33 9.67 -2.02
CA LEU A 86 1.85 8.35 -2.44
C LEU A 86 0.40 8.40 -2.88
N LEU A 87 -0.02 7.39 -3.65
CA LEU A 87 -1.39 7.33 -4.13
C LEU A 87 -1.99 5.96 -3.84
N LEU A 88 -3.27 5.94 -3.53
CA LEU A 88 -3.97 4.70 -3.22
C LEU A 88 -4.98 4.39 -4.30
N ASN A 89 -4.82 3.25 -4.96
CA ASN A 89 -5.73 2.85 -6.03
C ASN A 89 -6.53 1.62 -5.65
N ASP A 90 -7.84 1.79 -5.53
CA ASP A 90 -8.72 0.67 -5.20
C ASP A 90 -9.00 -0.17 -6.44
N ILE A 91 -8.95 -1.50 -6.28
CA ILE A 91 -9.19 -2.41 -7.39
C ILE A 91 -9.93 -3.67 -6.95
N SER A 92 -10.91 -3.52 -6.06
CA SER A 92 -11.66 -4.65 -5.57
C SER A 92 -12.99 -4.80 -6.28
N THR A 93 -13.52 -6.01 -6.25
CA THR A 93 -14.81 -6.28 -6.86
C THR A 93 -15.93 -5.58 -6.09
N ASN A 94 -15.78 -5.51 -4.77
CA ASN A 94 -16.77 -4.88 -3.91
C ASN A 94 -16.41 -3.44 -3.55
N GLY A 95 -15.13 -3.08 -3.67
CA GLY A 95 -14.72 -1.73 -3.35
C GLY A 95 -13.69 -1.67 -2.24
N THR A 96 -13.03 -0.52 -2.16
CA THR A 96 -12.01 -0.27 -1.14
C THR A 96 -12.45 0.88 -0.25
N TRP A 97 -12.23 0.75 1.05
CA TRP A 97 -12.66 1.78 1.99
C TRP A 97 -11.52 2.49 2.69
N LEU A 98 -11.76 3.77 2.98
CA LEU A 98 -10.81 4.59 3.71
C LEU A 98 -11.49 5.15 4.94
N ASN A 99 -11.02 4.72 6.10
CA ASN A 99 -11.58 5.15 7.37
C ASN A 99 -13.11 5.11 7.38
N GLY A 100 -13.67 4.09 6.72
CA GLY A 100 -15.10 3.95 6.69
C GLY A 100 -15.75 4.62 5.49
N GLN A 101 -14.96 5.35 4.71
CA GLN A 101 -15.50 6.03 3.53
C GLN A 101 -15.07 5.31 2.25
N LYS A 102 -16.05 4.83 1.51
CA LYS A 102 -15.81 4.13 0.28
C LYS A 102 -15.39 5.10 -0.83
N VAL A 103 -14.31 4.76 -1.54
CA VAL A 103 -13.80 5.59 -2.61
C VAL A 103 -14.10 4.99 -3.98
N GLU A 104 -13.90 5.78 -5.03
CA GLU A 104 -14.13 5.32 -6.39
C GLU A 104 -13.08 4.29 -6.79
N LYS A 105 -13.54 3.13 -7.27
CA LYS A 105 -12.60 2.08 -7.69
C LYS A 105 -11.62 2.63 -8.71
N ASN A 106 -10.54 1.89 -8.92
CA ASN A 106 -9.48 2.27 -9.86
C ASN A 106 -9.27 3.79 -9.89
N SER A 107 -9.41 4.40 -8.73
CA SER A 107 -9.24 5.84 -8.60
C SER A 107 -7.98 6.18 -7.79
N ASN A 108 -7.32 7.28 -8.15
CA ASN A 108 -6.10 7.70 -7.46
C ASN A 108 -6.45 8.64 -6.32
N GLN A 109 -5.95 8.33 -5.12
CA GLN A 109 -6.20 9.16 -3.95
C GLN A 109 -4.90 9.50 -3.24
N LEU A 110 -4.85 10.68 -2.63
CA LEU A 110 -3.67 11.12 -1.91
C LEU A 110 -3.54 10.35 -0.60
N LEU A 111 -2.41 9.65 -0.44
CA LEU A 111 -2.17 8.87 0.76
C LEU A 111 -2.16 9.74 2.01
N SER A 112 -2.42 9.10 3.14
CA SER A 112 -2.45 9.79 4.42
C SER A 112 -1.49 9.13 5.40
N GLN A 113 -0.99 9.90 6.36
CA GLN A 113 -0.05 9.38 7.34
C GLN A 113 -0.77 8.44 8.31
N GLY A 114 -0.26 7.21 8.42
CA GLY A 114 -0.86 6.23 9.29
C GLY A 114 -2.30 5.92 8.89
N ASP A 115 -2.65 6.25 7.66
CA ASP A 115 -3.99 6.01 7.15
C ASP A 115 -4.36 4.54 7.26
N GLU A 116 -5.61 4.23 6.95
CA GLU A 116 -6.08 2.85 7.01
C GLU A 116 -7.10 2.57 5.91
N ILE A 117 -6.95 1.42 5.26
CA ILE A 117 -7.87 1.03 4.19
C ILE A 117 -8.70 -0.19 4.62
N THR A 118 -10.01 -0.07 4.49
CA THR A 118 -10.91 -1.15 4.86
C THR A 118 -11.43 -1.84 3.61
N VAL A 119 -11.49 -3.17 3.64
CA VAL A 119 -11.94 -3.93 2.49
C VAL A 119 -12.82 -5.12 2.88
N GLY A 120 -13.63 -5.58 1.92
CA GLY A 120 -14.51 -6.70 2.16
C GLY A 120 -15.82 -6.27 2.80
N VAL A 121 -16.23 -5.05 2.47
CA VAL A 121 -17.45 -4.51 3.03
C VAL A 121 -18.70 -5.18 2.48
N GLY A 122 -19.65 -5.39 3.36
CA GLY A 122 -20.89 -6.02 3.03
C GLY A 122 -21.49 -6.68 4.26
N VAL A 123 -20.61 -7.33 5.02
CA VAL A 123 -20.98 -7.98 6.26
C VAL A 123 -20.08 -7.48 7.38
N GLU A 124 -20.67 -7.16 8.51
CA GLU A 124 -19.92 -6.64 9.65
C GLU A 124 -18.71 -7.52 9.98
N SER A 125 -18.89 -8.83 9.85
CA SER A 125 -17.83 -9.78 10.16
C SER A 125 -16.99 -10.15 8.94
N ASP A 126 -17.22 -9.51 7.80
CA ASP A 126 -16.46 -9.85 6.59
C ASP A 126 -15.63 -8.69 6.07
N ILE A 127 -15.30 -7.78 6.95
CA ILE A 127 -14.49 -6.64 6.61
C ILE A 127 -13.08 -6.76 7.19
N LEU A 128 -12.10 -6.38 6.39
CA LEU A 128 -10.70 -6.42 6.78
C LEU A 128 -10.06 -5.05 6.63
N SER A 129 -9.31 -4.62 7.64
CA SER A 129 -8.67 -3.31 7.60
C SER A 129 -7.15 -3.40 7.52
N LEU A 130 -6.58 -2.40 6.89
CA LEU A 130 -5.13 -2.31 6.73
C LEU A 130 -4.64 -0.89 7.01
N VAL A 131 -3.50 -0.76 7.68
CA VAL A 131 -2.95 0.54 8.00
C VAL A 131 -1.68 0.82 7.22
N ILE A 132 -1.53 2.06 6.75
CA ILE A 132 -0.38 2.46 5.98
C ILE A 132 0.55 3.33 6.81
N PHE A 133 1.80 2.88 6.95
CA PHE A 133 2.80 3.62 7.71
C PHE A 133 3.85 4.21 6.79
N ILE A 134 3.76 5.52 6.56
CA ILE A 134 4.71 6.22 5.70
C ILE A 134 5.96 6.63 6.46
N ASN A 135 7.12 6.20 5.95
CA ASN A 135 8.39 6.53 6.59
C ASN A 135 8.80 7.97 6.29
N ASP A 136 9.21 8.69 7.33
CA ASP A 136 9.63 10.08 7.18
C ASP A 136 10.92 10.19 6.38
N LYS A 137 11.74 9.13 6.44
CA LYS A 137 13.00 9.11 5.72
C LYS A 137 12.78 9.32 4.23
N PHE A 138 11.79 8.62 3.69
CA PHE A 138 11.46 8.72 2.28
C PHE A 138 11.10 10.15 1.90
N LYS A 139 10.30 10.79 2.73
CA LYS A 139 9.88 12.16 2.49
C LYS A 139 11.07 13.12 2.54
N GLN A 140 12.00 12.83 3.45
CA GLN A 140 13.18 13.66 3.61
C GLN A 140 14.03 13.68 2.34
N CYS A 141 14.12 12.51 1.69
CA CYS A 141 14.90 12.39 0.46
C CYS A 141 14.28 13.23 -0.66
N LEU A 142 12.97 13.11 -0.82
CA LEU A 142 12.25 13.85 -1.86
C LEU A 142 12.33 15.36 -1.61
N GLU A 143 12.30 15.74 -0.33
CA GLU A 143 12.37 17.15 0.03
C GLU A 143 13.69 17.76 -0.43
N GLN A 144 14.77 17.00 -0.28
CA GLN A 144 16.10 17.47 -0.68
C GLN A 144 16.36 17.16 -2.14
N ASN A 145 15.77 16.06 -2.63
CA ASN A 145 15.92 15.64 -4.03
C ASN A 145 17.38 15.75 -4.48
N LYS A 146 17.74 16.89 -5.05
CA LYS A 146 19.10 17.12 -5.54
C LYS A 146 20.09 17.09 -4.38
N VAL A 147 21.06 16.19 -4.46
CA VAL A 147 22.07 16.06 -3.41
C VAL A 147 23.40 16.69 -3.86
N ASP A 148 24.00 17.47 -2.96
CA ASP A 148 25.27 18.13 -3.26
C ASP A 148 26.13 18.23 -2.00
N ARG A 149 27.07 17.30 -1.87
CA ARG A 149 27.97 17.29 -0.71
C ARG A 149 29.36 17.79 -1.09
N ILE A 150 30.17 18.09 -0.09
CA ILE A 150 31.52 18.58 -0.32
C ILE A 150 32.55 17.50 -0.02
N ARG A 151 33.35 17.16 -1.04
CA ARG A 151 34.38 16.14 -0.89
C ARG A 151 35.76 16.69 -1.24
N SER B 1 -15.64 -25.18 -4.98
CA SER B 1 -14.39 -24.56 -5.47
C SER B 1 -14.52 -23.04 -5.54
N LEU B 2 -15.65 -22.58 -6.09
CA LEU B 2 -15.90 -21.14 -6.21
C LEU B 2 -14.88 -20.50 -7.14
N GLU B 3 -15.33 -19.54 -7.94
CA GLU B 3 -14.45 -18.84 -8.88
C GLU B 3 -14.75 -17.34 -8.89
N VAL B 4 -16.01 -17.00 -9.11
CA VAL B 4 -16.42 -15.59 -9.14
C VAL B 4 -16.36 -14.98 -7.75
N TPO B 5 -15.62 -13.88 -7.62
CA TPO B 5 -15.48 -13.19 -6.35
CB TPO B 5 -14.34 -12.16 -6.40
CG2 TPO B 5 -14.22 -11.42 -5.07
OG1 TPO B 5 -13.12 -12.79 -6.69
P TPO B 5 -12.42 -12.43 -8.03
O1P TPO B 5 -11.68 -11.09 -7.73
O2P TPO B 5 -11.36 -13.54 -8.23
O3P TPO B 5 -13.37 -12.31 -9.18
C TPO B 5 -16.78 -12.50 -5.96
O TPO B 5 -17.37 -11.78 -6.76
H2 TPO B 5 -15.15 -13.53 -8.41
HA TPO B 5 -15.23 -13.93 -5.60
HB TPO B 5 -14.56 -11.43 -7.16
HG21 TPO B 5 -13.24 -11.61 -4.64
HG22 TPO B 5 -14.98 -11.76 -4.39
HG23 TPO B 5 -14.33 -10.35 -5.23
N GLU B 6 -17.22 -12.72 -4.73
CA GLU B 6 -18.45 -12.11 -4.23
C GLU B 6 -18.33 -10.59 -4.19
N ALA B 7 -19.48 -9.92 -4.24
CA ALA B 7 -19.50 -8.46 -4.22
C ALA B 7 -20.73 -7.95 -3.47
N ASP B 8 -21.91 -8.32 -3.96
CA ASP B 8 -23.16 -7.90 -3.35
C ASP B 8 -23.29 -6.37 -3.35
N ALA B 9 -24.42 -5.88 -2.88
CA ALA B 9 -24.67 -4.44 -2.83
C ALA B 9 -25.34 -4.04 -1.52
N THR B 10 -24.55 -3.49 -0.60
CA THR B 10 -25.07 -3.07 0.69
C THR B 10 -24.91 -1.56 0.87
N PHE B 11 -26.02 -0.83 0.73
CA PHE B 11 -26.00 0.62 0.88
C PHE B 11 -27.35 1.12 1.40
N VAL B 12 -27.86 0.47 2.44
CA VAL B 12 -29.13 0.85 3.03
C VAL B 12 -29.04 0.86 4.55
N GLN B 13 -29.10 2.05 5.15
CA GLN B 13 -29.04 2.20 6.59
C GLN B 13 -29.25 3.65 7.00
N ALA A 1 20.23 -20.25 16.81
CA ALA A 1 20.88 -20.06 18.10
C ALA A 1 20.41 -18.78 18.77
N THR A 2 19.75 -18.92 19.92
CA THR A 2 19.25 -17.77 20.66
C THR A 2 20.40 -16.84 21.06
N GLN A 3 21.50 -17.42 21.50
CA GLN A 3 22.67 -16.64 21.91
C GLN A 3 23.28 -15.91 20.72
N ARG A 4 23.42 -16.62 19.60
CA ARG A 4 23.99 -16.04 18.40
C ARG A 4 23.11 -14.92 17.86
N PHE A 5 21.80 -15.10 17.98
CA PHE A 5 20.84 -14.10 17.51
C PHE A 5 21.05 -12.77 18.23
N LEU A 6 21.26 -12.84 19.53
CA LEU A 6 21.48 -11.64 20.34
C LEU A 6 22.69 -10.85 19.84
N ILE A 7 23.68 -11.58 19.33
CA ILE A 7 24.89 -10.95 18.83
C ILE A 7 24.62 -10.22 17.52
N GLU A 8 23.74 -10.77 16.70
CA GLU A 8 23.40 -10.17 15.43
C GLU A 8 22.82 -8.76 15.63
N LYS A 9 22.05 -8.61 16.70
CA LYS A 9 21.43 -7.33 17.02
C LYS A 9 22.47 -6.28 17.40
N PHE A 10 23.62 -6.73 17.90
CA PHE A 10 24.69 -5.81 18.32
C PHE A 10 25.10 -4.91 17.17
N SER A 11 25.32 -5.52 16.03
CA SER A 11 25.73 -4.80 14.83
C SER A 11 24.64 -3.81 14.40
N GLN A 12 23.39 -4.15 14.67
CA GLN A 12 22.27 -3.30 14.31
C GLN A 12 22.20 -3.09 12.80
N GLU A 13 21.16 -3.65 12.18
CA GLU A 13 20.97 -3.53 10.74
C GLU A 13 20.43 -2.14 10.38
N GLN A 14 20.84 -1.65 9.21
CA GLN A 14 20.39 -0.34 8.75
C GLN A 14 18.95 -0.38 8.28
N ILE A 15 18.08 0.34 8.99
CA ILE A 15 16.66 0.39 8.66
C ILE A 15 16.38 1.40 7.56
N GLY A 16 15.52 0.99 6.65
CA GLY A 16 15.15 1.84 5.54
C GLY A 16 16.07 1.67 4.35
N GLU A 17 15.94 0.54 3.66
CA GLU A 17 16.77 0.25 2.50
C GLU A 17 16.34 1.10 1.29
N ASN A 18 15.04 1.26 1.12
CA ASN A 18 14.49 2.03 0.02
C ASN A 18 12.99 1.94 0.11
N ILE A 19 12.53 2.02 1.34
CA ILE A 19 11.14 1.88 1.66
C ILE A 19 10.32 3.08 1.21
N VAL A 20 9.12 2.77 0.76
CA VAL A 20 8.19 3.75 0.26
C VAL A 20 7.04 3.94 1.24
N CYS A 21 6.46 2.81 1.65
CA CYS A 21 5.35 2.81 2.60
C CYS A 21 5.30 1.48 3.36
N ARG A 22 4.54 1.45 4.44
CA ARG A 22 4.42 0.23 5.24
C ARG A 22 2.95 -0.19 5.41
N VAL A 23 2.68 -1.47 5.28
CA VAL A 23 1.32 -1.98 5.41
C VAL A 23 1.16 -2.74 6.73
N ILE A 24 0.20 -2.30 7.54
CA ILE A 24 -0.04 -2.91 8.84
C ILE A 24 -1.52 -3.23 9.04
N CYS A 25 -1.84 -4.52 9.21
CA CYS A 25 -3.22 -4.93 9.44
C CYS A 25 -3.58 -4.77 10.91
N THR A 26 -4.57 -3.93 11.19
CA THR A 26 -5.00 -3.67 12.56
C THR A 26 -5.99 -4.73 13.06
N THR A 27 -6.70 -5.37 12.15
CA THR A 27 -7.68 -6.39 12.53
C THR A 27 -7.01 -7.73 12.84
N GLY A 28 -5.69 -7.78 12.67
CA GLY A 28 -4.96 -9.00 12.95
C GLY A 28 -5.35 -10.14 12.02
N GLN A 29 -4.92 -10.04 10.76
CA GLN A 29 -5.22 -11.06 9.76
C GLN A 29 -4.03 -11.29 8.84
N ILE A 30 -3.43 -10.19 8.39
CA ILE A 30 -2.29 -10.25 7.50
C ILE A 30 -1.02 -9.73 8.19
N PRO A 31 0.13 -10.38 7.96
CA PRO A 31 1.39 -9.96 8.58
C PRO A 31 1.94 -8.67 7.98
N ILE A 32 2.56 -7.85 8.83
CA ILE A 32 3.13 -6.58 8.40
C ILE A 32 4.12 -6.77 7.25
N ARG A 33 4.12 -5.83 6.32
CA ARG A 33 5.02 -5.87 5.18
C ARG A 33 5.60 -4.49 4.90
N ASP A 34 6.67 -4.44 4.11
CA ASP A 34 7.30 -3.15 3.80
C ASP A 34 7.23 -2.85 2.31
N LEU A 35 6.57 -1.73 1.97
CA LEU A 35 6.45 -1.30 0.59
C LEU A 35 7.65 -0.42 0.24
N SER A 36 8.35 -0.74 -0.83
CA SER A 36 9.51 0.04 -1.22
C SER A 36 9.59 0.29 -2.71
N ALA A 37 10.30 1.35 -3.03
CA ALA A 37 10.53 1.75 -4.41
C ALA A 37 12.00 1.98 -4.70
N ASP A 38 12.37 1.96 -5.97
CA ASP A 38 13.76 2.16 -6.38
C ASP A 38 14.02 3.63 -6.70
N ILE A 39 14.69 4.32 -5.78
CA ILE A 39 14.99 5.74 -5.94
C ILE A 39 15.94 5.99 -7.12
N SER A 40 16.97 5.17 -7.23
CA SER A 40 17.95 5.31 -8.30
C SER A 40 17.28 5.21 -9.66
N GLN A 41 16.35 4.28 -9.77
CA GLN A 41 15.62 4.06 -11.00
C GLN A 41 14.69 5.24 -11.30
N VAL A 42 14.06 5.77 -10.25
CA VAL A 42 13.17 6.89 -10.39
C VAL A 42 13.94 8.18 -10.67
N LEU A 43 15.09 8.33 -10.03
CA LEU A 43 15.93 9.50 -10.22
C LEU A 43 16.32 9.66 -11.68
N LYS A 44 16.47 8.53 -12.36
CA LYS A 44 16.85 8.53 -13.77
C LYS A 44 15.71 9.08 -14.63
N GLU A 45 14.52 8.50 -14.47
CA GLU A 45 13.34 8.92 -15.22
C GLU A 45 12.88 10.30 -14.77
N LYS A 46 12.57 11.16 -15.74
CA LYS A 46 12.11 12.52 -15.44
C LYS A 46 10.68 12.50 -14.92
N ARG A 47 9.83 11.70 -15.54
CA ARG A 47 8.44 11.60 -15.13
C ARG A 47 7.80 10.31 -15.63
N SER A 48 7.48 9.42 -14.70
CA SER A 48 6.87 8.14 -15.05
C SER A 48 6.53 7.34 -13.79
N ILE A 49 6.04 8.05 -12.77
CA ILE A 49 5.66 7.43 -11.50
C ILE A 49 6.80 6.58 -10.91
N LYS A 50 6.75 6.34 -9.61
CA LYS A 50 7.77 5.54 -8.94
C LYS A 50 7.46 4.05 -9.06
N LYS A 51 6.56 3.57 -8.21
CA LYS A 51 6.18 2.15 -8.23
C LYS A 51 4.79 1.95 -7.65
N VAL A 52 4.15 0.85 -8.04
CA VAL A 52 2.81 0.54 -7.56
C VAL A 52 2.68 -0.88 -7.03
N TRP A 53 1.98 -1.01 -5.93
CA TRP A 53 1.74 -2.30 -5.29
C TRP A 53 0.31 -2.79 -5.50
N THR A 54 0.15 -4.08 -5.74
CA THR A 54 -1.18 -4.66 -5.89
C THR A 54 -1.43 -5.64 -4.74
N PHE A 55 -2.53 -5.43 -4.03
CA PHE A 55 -2.88 -6.24 -2.87
C PHE A 55 -4.10 -7.12 -3.15
N GLY A 56 -4.11 -8.31 -2.56
CA GLY A 56 -5.22 -9.21 -2.73
C GLY A 56 -4.89 -10.64 -2.32
N ARG A 57 -5.83 -11.55 -2.55
CA ARG A 57 -5.64 -12.95 -2.19
C ARG A 57 -4.78 -13.68 -3.21
N ASN A 58 -4.36 -12.98 -4.26
CA ASN A 58 -3.54 -13.59 -5.29
C ASN A 58 -2.06 -13.56 -4.91
N PRO A 59 -1.34 -14.68 -5.09
CA PRO A 59 0.08 -14.78 -4.76
C PRO A 59 0.94 -13.93 -5.70
N ALA A 60 0.31 -13.39 -6.74
CA ALA A 60 0.98 -12.54 -7.69
C ALA A 60 1.06 -11.15 -7.14
N CYS A 61 -0.07 -10.73 -6.59
CA CYS A 61 -0.21 -9.44 -5.99
C CYS A 61 1.01 -9.09 -5.18
N ASP A 62 1.45 -7.86 -5.30
CA ASP A 62 2.60 -7.40 -4.55
C ASP A 62 2.37 -7.61 -3.05
N TYR A 63 1.10 -7.77 -2.67
CA TYR A 63 0.75 -7.99 -1.27
C TYR A 63 -0.17 -9.20 -1.13
N HIS A 64 0.23 -10.15 -0.31
CA HIS A 64 -0.58 -11.35 -0.09
C HIS A 64 -1.37 -11.23 1.21
N LEU A 65 -2.68 -11.04 1.09
CA LEU A 65 -3.56 -10.89 2.25
C LEU A 65 -3.93 -12.25 2.84
N GLY A 66 -4.83 -12.96 2.17
CA GLY A 66 -5.25 -14.26 2.65
C GLY A 66 -6.19 -14.97 1.68
N ASN A 67 -7.35 -15.40 2.18
CA ASN A 67 -8.32 -16.09 1.35
C ASN A 67 -9.75 -15.66 1.68
N ILE A 68 -10.02 -14.36 1.54
CA ILE A 68 -11.34 -13.83 1.81
C ILE A 68 -12.20 -13.80 0.55
N SER A 69 -13.25 -14.60 0.52
CA SER A 69 -14.13 -14.67 -0.64
C SER A 69 -14.67 -13.29 -1.01
N ARG A 70 -14.92 -12.46 0.00
CA ARG A 70 -15.43 -11.11 -0.23
C ARG A 70 -14.40 -10.25 -0.97
N LEU A 71 -13.12 -10.58 -0.78
CA LEU A 71 -12.05 -9.83 -1.42
C LEU A 71 -11.67 -10.44 -2.76
N SER A 72 -11.17 -9.61 -3.68
CA SER A 72 -10.79 -10.08 -5.01
C SER A 72 -9.30 -10.43 -5.08
N ASN A 73 -8.91 -11.14 -6.15
CA ASN A 73 -7.50 -11.51 -6.35
C ASN A 73 -6.59 -10.33 -6.02
N LYS A 74 -6.88 -9.21 -6.66
CA LYS A 74 -6.17 -7.97 -6.44
C LYS A 74 -7.19 -6.97 -5.94
N HIS A 75 -7.43 -7.03 -4.63
CA HIS A 75 -8.42 -6.20 -3.99
C HIS A 75 -8.12 -4.72 -4.14
N PHE A 76 -6.88 -4.35 -3.88
CA PHE A 76 -6.50 -2.94 -3.97
C PHE A 76 -5.07 -2.77 -4.45
N GLN A 77 -4.75 -1.59 -4.98
CA GLN A 77 -3.42 -1.32 -5.48
C GLN A 77 -2.93 0.06 -5.03
N ILE A 78 -1.67 0.15 -4.63
CA ILE A 78 -1.11 1.43 -4.19
C ILE A 78 -0.05 1.93 -5.17
N LEU A 79 -0.17 3.18 -5.60
CA LEU A 79 0.79 3.76 -6.54
C LEU A 79 1.46 4.99 -5.95
N LEU A 80 2.79 5.02 -6.06
CA LEU A 80 3.56 6.14 -5.54
C LEU A 80 4.19 6.92 -6.70
N GLY A 81 3.97 8.24 -6.70
CA GLY A 81 4.51 9.07 -7.77
C GLY A 81 4.31 10.55 -7.50
N GLU A 82 3.86 11.28 -8.52
CA GLU A 82 3.63 12.71 -8.40
C GLU A 82 4.93 13.45 -8.12
N ASP A 83 5.36 13.44 -6.86
CA ASP A 83 6.59 14.12 -6.45
C ASP A 83 6.86 13.89 -4.97
N GLY A 84 7.12 12.64 -4.60
CA GLY A 84 7.40 12.31 -3.22
C GLY A 84 6.17 11.83 -2.48
N ASN A 85 5.00 12.24 -2.94
CA ASN A 85 3.74 11.85 -2.32
C ASN A 85 3.38 10.41 -2.67
N LEU A 86 2.22 9.96 -2.21
CA LEU A 86 1.77 8.60 -2.47
C LEU A 86 0.30 8.60 -2.89
N LEU A 87 -0.10 7.57 -3.61
CA LEU A 87 -1.48 7.45 -4.07
C LEU A 87 -2.02 6.05 -3.81
N LEU A 88 -3.30 5.97 -3.45
CA LEU A 88 -3.93 4.68 -3.17
C LEU A 88 -4.98 4.39 -4.24
N ASN A 89 -4.85 3.24 -4.90
CA ASN A 89 -5.79 2.86 -5.94
C ASN A 89 -6.55 1.60 -5.59
N ASP A 90 -7.86 1.73 -5.43
CA ASP A 90 -8.70 0.60 -5.12
C ASP A 90 -8.95 -0.22 -6.39
N ILE A 91 -9.00 -1.54 -6.25
CA ILE A 91 -9.22 -2.42 -7.41
C ILE A 91 -9.92 -3.71 -7.02
N SER A 92 -10.89 -3.61 -6.11
CA SER A 92 -11.62 -4.76 -5.65
C SER A 92 -12.96 -4.89 -6.34
N THR A 93 -13.45 -6.12 -6.45
CA THR A 93 -14.74 -6.37 -7.06
C THR A 93 -15.85 -5.83 -6.16
N ASN A 94 -15.60 -5.87 -4.84
CA ASN A 94 -16.57 -5.41 -3.87
C ASN A 94 -16.32 -3.97 -3.42
N GLY A 95 -15.11 -3.45 -3.64
CA GLY A 95 -14.81 -2.10 -3.26
C GLY A 95 -13.78 -1.99 -2.16
N THR A 96 -13.14 -0.83 -2.09
CA THR A 96 -12.12 -0.54 -1.09
C THR A 96 -12.59 0.62 -0.23
N TRP A 97 -12.37 0.52 1.07
CA TRP A 97 -12.82 1.56 1.98
C TRP A 97 -11.69 2.31 2.67
N LEU A 98 -11.96 3.58 2.94
CA LEU A 98 -11.02 4.44 3.63
C LEU A 98 -11.72 5.01 4.86
N ASN A 99 -11.25 4.62 6.04
CA ASN A 99 -11.81 5.07 7.31
C ASN A 99 -13.35 5.04 7.30
N GLY A 100 -13.93 3.98 6.76
CA GLY A 100 -15.37 3.86 6.74
C GLY A 100 -16.00 4.48 5.51
N GLN A 101 -15.22 5.27 4.76
CA GLN A 101 -15.74 5.90 3.55
C GLN A 101 -15.27 5.17 2.31
N LYS A 102 -16.21 4.64 1.55
CA LYS A 102 -15.92 3.92 0.34
C LYS A 102 -15.46 4.87 -0.78
N VAL A 103 -14.26 4.62 -1.29
CA VAL A 103 -13.71 5.43 -2.36
C VAL A 103 -14.03 4.85 -3.73
N GLU A 104 -13.85 5.66 -4.77
CA GLU A 104 -14.12 5.22 -6.13
C GLU A 104 -13.09 4.18 -6.58
N LYS A 105 -13.56 3.04 -7.05
CA LYS A 105 -12.66 1.98 -7.50
C LYS A 105 -11.67 2.51 -8.54
N ASN A 106 -10.60 1.77 -8.73
CA ASN A 106 -9.55 2.13 -9.69
C ASN A 106 -9.33 3.64 -9.78
N SER A 107 -9.50 4.30 -8.65
CA SER A 107 -9.31 5.75 -8.56
C SER A 107 -8.09 6.09 -7.71
N ASN A 108 -7.39 7.16 -8.09
CA ASN A 108 -6.21 7.58 -7.35
C ASN A 108 -6.60 8.55 -6.23
N GLN A 109 -6.08 8.29 -5.03
CA GLN A 109 -6.37 9.14 -3.88
C GLN A 109 -5.08 9.54 -3.18
N LEU A 110 -5.08 10.74 -2.60
CA LEU A 110 -3.91 11.23 -1.89
C LEU A 110 -3.76 10.50 -0.57
N LEU A 111 -2.59 9.92 -0.35
CA LEU A 111 -2.32 9.17 0.87
C LEU A 111 -2.55 10.01 2.11
N SER A 112 -2.74 9.31 3.22
CA SER A 112 -2.96 9.93 4.52
C SER A 112 -1.93 9.41 5.52
N GLN A 113 -1.62 10.20 6.54
CA GLN A 113 -0.65 9.79 7.54
C GLN A 113 -1.26 8.70 8.42
N GLY A 114 -0.67 7.50 8.36
CA GLY A 114 -1.18 6.40 9.13
C GLY A 114 -2.58 6.02 8.71
N ASP A 115 -2.91 6.31 7.45
CA ASP A 115 -4.23 6.02 6.90
C ASP A 115 -4.61 4.57 7.12
N GLU A 116 -5.85 4.24 6.81
CA GLU A 116 -6.35 2.89 6.96
C GLU A 116 -7.35 2.53 5.86
N ILE A 117 -7.20 1.34 5.29
CA ILE A 117 -8.09 0.89 4.22
C ILE A 117 -8.89 -0.33 4.66
N THR A 118 -10.21 -0.24 4.53
CA THR A 118 -11.09 -1.34 4.90
C THR A 118 -11.60 -2.05 3.65
N VAL A 119 -11.66 -3.38 3.70
CA VAL A 119 -12.11 -4.16 2.56
C VAL A 119 -12.99 -5.33 2.96
N GLY A 120 -13.80 -5.80 2.01
CA GLY A 120 -14.68 -6.91 2.26
C GLY A 120 -15.98 -6.47 2.87
N VAL A 121 -16.42 -5.27 2.50
CA VAL A 121 -17.64 -4.71 3.02
C VAL A 121 -18.89 -5.38 2.44
N GLY A 122 -19.86 -5.58 3.31
CA GLY A 122 -21.10 -6.20 2.94
C GLY A 122 -21.69 -6.89 4.15
N VAL A 123 -20.82 -7.54 4.91
CA VAL A 123 -21.20 -8.22 6.13
C VAL A 123 -20.32 -7.72 7.27
N GLU A 124 -20.96 -7.33 8.37
CA GLU A 124 -20.23 -6.80 9.52
C GLU A 124 -19.09 -7.73 9.93
N SER A 125 -19.30 -9.03 9.77
CA SER A 125 -18.30 -10.01 10.14
C SER A 125 -17.38 -10.40 8.98
N ASP A 126 -17.50 -9.72 7.84
CA ASP A 126 -16.66 -10.06 6.69
C ASP A 126 -15.86 -8.88 6.18
N ILE A 127 -15.58 -7.96 7.06
CA ILE A 127 -14.78 -6.79 6.72
C ILE A 127 -13.40 -6.87 7.34
N LEU A 128 -12.42 -6.47 6.56
CA LEU A 128 -11.02 -6.48 7.00
C LEU A 128 -10.41 -5.09 6.86
N SER A 129 -9.70 -4.64 7.88
CA SER A 129 -9.08 -3.32 7.83
C SER A 129 -7.57 -3.39 7.77
N LEU A 130 -7.01 -2.38 7.14
CA LEU A 130 -5.56 -2.28 6.96
C LEU A 130 -5.08 -0.86 7.26
N VAL A 131 -3.85 -0.74 7.74
CA VAL A 131 -3.28 0.57 8.04
C VAL A 131 -2.02 0.82 7.21
N ILE A 132 -1.88 2.04 6.71
CA ILE A 132 -0.75 2.41 5.91
C ILE A 132 0.23 3.29 6.68
N PHE A 133 1.47 2.83 6.80
CA PHE A 133 2.50 3.56 7.50
C PHE A 133 3.51 4.17 6.54
N ILE A 134 3.40 5.47 6.31
CA ILE A 134 4.30 6.17 5.40
C ILE A 134 5.59 6.60 6.11
N ASN A 135 6.73 6.22 5.52
CA ASN A 135 8.02 6.56 6.09
C ASN A 135 8.47 7.95 5.65
N ASP A 136 8.90 8.76 6.61
CA ASP A 136 9.35 10.11 6.32
C ASP A 136 10.71 10.10 5.63
N LYS A 137 11.45 9.00 5.77
CA LYS A 137 12.75 8.86 5.16
C LYS A 137 12.66 9.03 3.65
N PHE A 138 11.67 8.39 3.06
CA PHE A 138 11.46 8.45 1.62
C PHE A 138 11.25 9.89 1.16
N LYS A 139 10.44 10.62 1.92
CA LYS A 139 10.14 12.02 1.60
C LYS A 139 11.41 12.86 1.65
N GLN A 140 12.26 12.58 2.63
CA GLN A 140 13.51 13.33 2.79
C GLN A 140 14.39 13.20 1.55
N CYS A 141 14.46 12.00 0.99
CA CYS A 141 15.26 11.77 -0.20
C CYS A 141 14.66 12.47 -1.41
N LEU A 142 13.36 12.34 -1.59
CA LEU A 142 12.66 12.96 -2.71
C LEU A 142 12.63 14.49 -2.55
N GLU A 143 12.46 14.94 -1.32
CA GLU A 143 12.41 16.38 -1.03
C GLU A 143 13.75 17.03 -1.35
N GLN A 144 14.83 16.38 -0.97
CA GLN A 144 16.17 16.89 -1.21
C GLN A 144 16.65 16.54 -2.62
N ASN A 145 16.22 15.37 -3.10
CA ASN A 145 16.58 14.90 -4.44
C ASN A 145 18.07 15.15 -4.75
N LYS A 146 18.37 16.30 -5.34
CA LYS A 146 19.76 16.64 -5.68
C LYS A 146 20.58 16.87 -4.41
N VAL A 147 21.89 16.80 -4.55
CA VAL A 147 22.80 17.00 -3.42
C VAL A 147 23.04 18.48 -3.17
N ASP A 148 22.86 18.90 -1.91
CA ASP A 148 23.06 20.30 -1.54
C ASP A 148 24.52 20.68 -1.66
N ARG A 149 25.41 19.71 -1.47
CA ARG A 149 26.84 19.96 -1.55
C ARG A 149 27.30 20.93 -0.47
N ILE A 150 27.62 20.40 0.71
CA ILE A 150 28.06 21.22 1.82
C ILE A 150 29.56 21.46 1.75
N ARG A 151 29.94 22.74 1.71
CA ARG A 151 31.35 23.12 1.65
C ARG A 151 31.83 23.67 2.99
N SER B 1 -17.09 -23.76 -11.03
CA SER B 1 -15.83 -24.53 -11.26
C SER B 1 -14.61 -23.73 -10.81
N LEU B 2 -14.54 -22.47 -11.26
CA LEU B 2 -13.42 -21.60 -10.90
C LEU B 2 -13.69 -20.88 -9.58
N GLU B 3 -12.63 -20.32 -9.00
CA GLU B 3 -12.76 -19.60 -7.74
C GLU B 3 -13.26 -18.18 -7.97
N VAL B 4 -14.57 -18.04 -8.15
CA VAL B 4 -15.18 -16.73 -8.37
C VAL B 4 -15.22 -15.91 -7.09
N TPO B 5 -15.15 -14.59 -7.23
CA TPO B 5 -15.18 -13.71 -6.08
CB TPO B 5 -14.17 -12.54 -6.23
CG2 TPO B 5 -14.24 -11.60 -5.04
OG1 TPO B 5 -12.88 -13.06 -6.36
P TPO B 5 -12.14 -12.84 -7.71
O1P TPO B 5 -11.90 -11.32 -7.80
O2P TPO B 5 -10.77 -13.55 -7.53
O3P TPO B 5 -12.91 -13.38 -8.88
C TPO B 5 -16.58 -13.13 -5.87
O TPO B 5 -17.27 -12.79 -6.83
H2 TPO B 5 -15.07 -14.21 -8.12
HA TPO B 5 -14.91 -14.28 -5.20
HB TPO B 5 -14.43 -11.99 -7.12
HG21 TPO B 5 -14.80 -12.06 -4.24
HG22 TPO B 5 -14.73 -10.68 -5.34
HG23 TPO B 5 -13.24 -11.38 -4.70
N GLU B 6 -17.00 -13.03 -4.61
CA GLU B 6 -18.31 -12.49 -4.27
C GLU B 6 -18.35 -10.99 -4.48
N ALA B 7 -19.45 -10.49 -5.05
CA ALA B 7 -19.60 -9.06 -5.30
C ALA B 7 -21.03 -8.61 -5.01
N ASP B 8 -21.17 -7.57 -4.22
CA ASP B 8 -22.48 -7.03 -3.87
C ASP B 8 -22.87 -5.89 -4.80
N ALA B 9 -23.97 -5.22 -4.49
CA ALA B 9 -24.45 -4.11 -5.30
C ALA B 9 -25.59 -3.37 -4.60
N THR B 10 -25.23 -2.40 -3.77
CA THR B 10 -26.22 -1.61 -3.04
C THR B 10 -25.70 -0.21 -2.76
N PHE B 11 -26.39 0.80 -3.27
CA PHE B 11 -26.00 2.18 -3.07
C PHE B 11 -24.61 2.45 -3.65
N VAL B 12 -24.56 3.14 -4.78
CA VAL B 12 -23.30 3.46 -5.43
C VAL B 12 -23.31 4.88 -5.98
N GLN B 13 -22.34 5.68 -5.54
CA GLN B 13 -22.24 7.07 -6.01
C GLN B 13 -20.78 7.51 -6.07
N ALA A 1 38.88 -4.87 9.71
CA ALA A 1 37.83 -5.82 9.32
C ALA A 1 36.86 -5.19 8.34
N THR A 2 36.74 -5.80 7.16
CA THR A 2 35.83 -5.30 6.14
C THR A 2 34.73 -6.31 5.84
N GLN A 3 35.13 -7.56 5.58
CA GLN A 3 34.18 -8.63 5.28
C GLN A 3 33.38 -9.01 6.52
N ARG A 4 34.06 -9.04 7.67
CA ARG A 4 33.42 -9.40 8.93
C ARG A 4 32.27 -8.44 9.24
N PHE A 5 32.52 -7.15 9.04
CA PHE A 5 31.51 -6.13 9.31
C PHE A 5 30.30 -6.31 8.38
N LEU A 6 30.57 -6.74 7.15
CA LEU A 6 29.51 -6.94 6.17
C LEU A 6 28.50 -7.98 6.67
N ILE A 7 29.02 -9.04 7.30
CA ILE A 7 28.18 -10.11 7.82
C ILE A 7 27.40 -9.64 9.05
N GLU A 8 28.01 -8.78 9.85
CA GLU A 8 27.37 -8.28 11.05
C GLU A 8 26.05 -7.59 10.70
N LYS A 9 26.04 -6.91 9.56
CA LYS A 9 24.84 -6.22 9.09
C LYS A 9 23.76 -7.21 8.72
N PHE A 10 24.17 -8.43 8.39
CA PHE A 10 23.23 -9.49 8.01
C PHE A 10 22.19 -9.73 9.11
N SER A 11 22.66 -9.84 10.34
CA SER A 11 21.79 -10.07 11.48
C SER A 11 21.16 -8.75 11.94
N GLN A 12 21.96 -7.69 11.96
CA GLN A 12 21.48 -6.38 12.39
C GLN A 12 21.12 -5.52 11.18
N GLU A 13 20.01 -5.86 10.53
CA GLU A 13 19.54 -5.11 9.37
C GLU A 13 18.76 -3.87 9.79
N GLN A 14 19.23 -2.71 9.38
CA GLN A 14 18.56 -1.45 9.71
C GLN A 14 17.34 -1.23 8.84
N ILE A 15 16.26 -0.73 9.44
CA ILE A 15 15.03 -0.48 8.72
C ILE A 15 15.07 0.84 7.99
N GLY A 16 14.56 0.82 6.78
CA GLY A 16 14.53 2.00 5.95
C GLY A 16 15.49 1.92 4.79
N GLU A 17 15.66 0.72 4.23
CA GLU A 17 16.56 0.51 3.11
C GLU A 17 16.17 1.39 1.92
N ASN A 18 14.87 1.49 1.67
CA ASN A 18 14.36 2.29 0.56
C ASN A 18 12.87 2.13 0.55
N ILE A 19 12.33 2.11 1.75
CA ILE A 19 10.93 1.90 1.95
C ILE A 19 10.10 3.09 1.50
N VAL A 20 8.95 2.77 0.95
CA VAL A 20 8.02 3.74 0.43
C VAL A 20 6.84 3.90 1.38
N CYS A 21 6.28 2.76 1.76
CA CYS A 21 5.15 2.72 2.69
C CYS A 21 5.03 1.34 3.34
N ARG A 22 4.28 1.26 4.43
CA ARG A 22 4.12 0.01 5.14
C ARG A 22 2.65 -0.30 5.40
N VAL A 23 2.25 -1.55 5.17
CA VAL A 23 0.87 -1.97 5.39
C VAL A 23 0.75 -2.80 6.66
N ILE A 24 -0.08 -2.35 7.59
CA ILE A 24 -0.27 -3.04 8.85
C ILE A 24 -1.74 -3.36 9.11
N CYS A 25 -2.05 -4.64 9.23
CA CYS A 25 -3.43 -5.07 9.49
C CYS A 25 -3.72 -5.00 10.99
N THR A 26 -4.60 -4.08 11.37
CA THR A 26 -4.96 -3.91 12.77
C THR A 26 -5.99 -4.94 13.22
N THR A 27 -6.69 -5.55 12.27
CA THR A 27 -7.70 -6.54 12.60
C THR A 27 -7.08 -7.90 12.91
N GLY A 28 -5.76 -7.98 12.79
CA GLY A 28 -5.05 -9.22 13.08
C GLY A 28 -5.44 -10.37 12.17
N GLN A 29 -4.99 -10.30 10.92
CA GLN A 29 -5.29 -11.34 9.95
C GLN A 29 -4.13 -11.49 8.96
N ILE A 30 -3.64 -10.37 8.45
CA ILE A 30 -2.54 -10.37 7.50
C ILE A 30 -1.24 -9.92 8.16
N PRO A 31 -0.11 -10.57 7.82
CA PRO A 31 1.19 -10.21 8.39
C PRO A 31 1.73 -8.91 7.80
N ILE A 32 2.28 -8.06 8.67
CA ILE A 32 2.83 -6.78 8.24
C ILE A 32 3.86 -6.95 7.13
N ARG A 33 3.84 -6.03 6.17
CA ARG A 33 4.77 -6.05 5.05
C ARG A 33 5.37 -4.67 4.84
N ASP A 34 6.47 -4.60 4.08
CA ASP A 34 7.12 -3.32 3.81
C ASP A 34 7.17 -3.01 2.32
N LEU A 35 6.55 -1.90 1.95
CA LEU A 35 6.53 -1.44 0.56
C LEU A 35 7.71 -0.52 0.32
N SER A 36 8.38 -0.67 -0.82
CA SER A 36 9.53 0.17 -1.11
C SER A 36 9.69 0.51 -2.57
N ALA A 37 10.38 1.60 -2.78
CA ALA A 37 10.69 2.11 -4.11
C ALA A 37 12.00 2.90 -4.10
N ASP A 38 12.79 2.75 -5.16
CA ASP A 38 14.07 3.46 -5.24
C ASP A 38 13.89 4.87 -5.79
N ILE A 39 14.52 5.82 -5.13
CA ILE A 39 14.46 7.22 -5.52
C ILE A 39 15.07 7.47 -6.89
N SER A 40 16.20 6.82 -7.14
CA SER A 40 16.90 6.97 -8.40
C SER A 40 16.00 6.65 -9.58
N GLN A 41 15.15 5.64 -9.40
CA GLN A 41 14.22 5.24 -10.45
C GLN A 41 13.17 6.33 -10.65
N VAL A 42 12.77 6.95 -9.55
CA VAL A 42 11.76 8.01 -9.58
C VAL A 42 12.34 9.30 -10.18
N LEU A 43 13.48 9.72 -9.66
CA LEU A 43 14.14 10.94 -10.14
C LEU A 43 14.48 10.82 -11.62
N LYS A 44 14.73 9.61 -12.08
CA LYS A 44 15.08 9.37 -13.48
C LYS A 44 13.81 9.31 -14.34
N GLU A 45 12.88 8.45 -13.96
CA GLU A 45 11.64 8.29 -14.70
C GLU A 45 10.82 9.58 -14.67
N LYS A 46 10.40 10.04 -15.84
CA LYS A 46 9.61 11.26 -15.94
C LYS A 46 8.37 11.04 -16.80
N ARG A 47 7.83 9.82 -16.75
CA ARG A 47 6.64 9.48 -17.52
C ARG A 47 5.37 9.92 -16.79
N SER A 48 5.07 9.24 -15.68
CA SER A 48 3.89 9.55 -14.89
C SER A 48 3.84 8.71 -13.62
N ILE A 49 4.19 7.44 -13.76
CA ILE A 49 4.19 6.52 -12.62
C ILE A 49 5.57 5.90 -12.43
N LYS A 50 5.88 5.54 -11.18
CA LYS A 50 7.17 4.93 -10.86
C LYS A 50 6.98 3.47 -10.44
N LYS A 51 6.39 3.27 -9.27
CA LYS A 51 6.18 1.92 -8.75
C LYS A 51 4.82 1.82 -8.04
N VAL A 52 4.05 0.79 -8.38
CA VAL A 52 2.75 0.60 -7.80
C VAL A 52 2.60 -0.80 -7.19
N TRP A 53 1.97 -0.86 -6.02
CA TRP A 53 1.75 -2.13 -5.32
C TRP A 53 0.35 -2.65 -5.49
N THR A 54 0.22 -3.94 -5.78
CA THR A 54 -1.09 -4.56 -5.92
C THR A 54 -1.30 -5.56 -4.77
N PHE A 55 -2.41 -5.38 -4.06
CA PHE A 55 -2.73 -6.22 -2.91
C PHE A 55 -4.01 -7.03 -3.17
N GLY A 56 -4.06 -8.24 -2.63
CA GLY A 56 -5.24 -9.06 -2.81
C GLY A 56 -5.02 -10.52 -2.47
N ARG A 57 -6.01 -11.35 -2.81
CA ARG A 57 -5.94 -12.79 -2.53
C ARG A 57 -5.06 -13.52 -3.55
N ASN A 58 -4.55 -12.79 -4.53
CA ASN A 58 -3.71 -13.39 -5.56
C ASN A 58 -2.25 -13.46 -5.11
N PRO A 59 -1.60 -14.63 -5.30
CA PRO A 59 -0.20 -14.82 -4.93
C PRO A 59 0.74 -14.01 -5.81
N ALA A 60 0.20 -13.44 -6.88
CA ALA A 60 0.96 -12.61 -7.78
C ALA A 60 1.06 -11.23 -7.22
N CYS A 61 -0.07 -10.78 -6.72
CA CYS A 61 -0.19 -9.48 -6.12
C CYS A 61 1.04 -9.17 -5.29
N ASP A 62 1.49 -7.94 -5.37
CA ASP A 62 2.64 -7.52 -4.61
C ASP A 62 2.41 -7.79 -3.13
N TYR A 63 1.14 -7.95 -2.75
CA TYR A 63 0.78 -8.24 -1.36
C TYR A 63 -0.17 -9.41 -1.27
N HIS A 64 0.12 -10.35 -0.37
CA HIS A 64 -0.73 -11.52 -0.18
C HIS A 64 -1.54 -11.39 1.09
N LEU A 65 -2.85 -11.16 0.94
CA LEU A 65 -3.74 -11.02 2.09
C LEU A 65 -3.96 -12.34 2.80
N GLY A 66 -4.72 -13.22 2.16
CA GLY A 66 -5.00 -14.52 2.75
C GLY A 66 -6.01 -15.32 1.96
N ASN A 67 -7.23 -15.46 2.48
CA ASN A 67 -8.27 -16.21 1.80
C ASN A 67 -9.66 -15.69 2.19
N ILE A 68 -9.99 -14.48 1.73
CA ILE A 68 -11.29 -13.89 2.03
C ILE A 68 -12.15 -13.81 0.77
N SER A 69 -13.24 -14.57 0.76
CA SER A 69 -14.16 -14.59 -0.37
C SER A 69 -14.65 -13.19 -0.71
N ARG A 70 -14.70 -12.32 0.29
CA ARG A 70 -15.16 -10.95 0.09
C ARG A 70 -14.11 -10.11 -0.64
N LEU A 71 -12.86 -10.56 -0.60
CA LEU A 71 -11.78 -9.83 -1.26
C LEU A 71 -11.44 -10.46 -2.62
N SER A 72 -10.95 -9.62 -3.53
CA SER A 72 -10.60 -10.10 -4.87
C SER A 72 -9.10 -10.42 -4.99
N ASN A 73 -8.73 -11.11 -6.07
CA ASN A 73 -7.33 -11.47 -6.33
C ASN A 73 -6.43 -10.27 -6.04
N LYS A 74 -6.78 -9.16 -6.66
CA LYS A 74 -6.09 -7.89 -6.48
C LYS A 74 -7.10 -6.91 -5.93
N HIS A 75 -7.29 -6.98 -4.63
CA HIS A 75 -8.27 -6.15 -3.96
C HIS A 75 -7.98 -4.67 -4.11
N PHE A 76 -6.74 -4.29 -3.87
CA PHE A 76 -6.38 -2.87 -3.98
C PHE A 76 -4.94 -2.69 -4.47
N GLN A 77 -4.65 -1.50 -4.98
CA GLN A 77 -3.32 -1.18 -5.48
C GLN A 77 -2.85 0.19 -5.00
N ILE A 78 -1.55 0.36 -4.82
CA ILE A 78 -1.00 1.64 -4.38
C ILE A 78 0.08 2.15 -5.33
N LEU A 79 -0.06 3.39 -5.77
CA LEU A 79 0.91 3.97 -6.70
C LEU A 79 1.71 5.10 -6.05
N LEU A 80 3.01 5.11 -6.31
CA LEU A 80 3.89 6.14 -5.76
C LEU A 80 4.65 6.83 -6.89
N GLY A 81 4.51 8.15 -6.95
CA GLY A 81 5.20 8.92 -7.99
C GLY A 81 4.62 10.31 -8.16
N GLU A 82 4.23 10.63 -9.40
CA GLU A 82 3.66 11.94 -9.70
C GLU A 82 4.70 13.05 -9.56
N ASP A 83 5.08 13.33 -8.32
CA ASP A 83 6.07 14.36 -8.03
C ASP A 83 6.83 14.06 -6.74
N GLY A 84 6.11 14.05 -5.62
CA GLY A 84 6.73 13.76 -4.35
C GLY A 84 5.73 13.30 -3.30
N ASN A 85 4.65 12.68 -3.77
CA ASN A 85 3.61 12.19 -2.86
C ASN A 85 3.24 10.75 -3.21
N LEU A 86 2.26 10.20 -2.48
CA LEU A 86 1.81 8.84 -2.71
C LEU A 86 0.33 8.81 -3.09
N LEU A 87 -0.08 7.78 -3.83
CA LEU A 87 -1.46 7.64 -4.26
C LEU A 87 -1.95 6.22 -4.01
N LEU A 88 -3.20 6.09 -3.60
CA LEU A 88 -3.79 4.78 -3.34
C LEU A 88 -4.88 4.47 -4.37
N ASN A 89 -4.79 3.32 -5.01
CA ASN A 89 -5.77 2.93 -6.02
C ASN A 89 -6.53 1.68 -5.65
N ASP A 90 -7.84 1.84 -5.45
CA ASP A 90 -8.69 0.70 -5.11
C ASP A 90 -8.96 -0.14 -6.36
N ILE A 91 -8.92 -1.46 -6.23
CA ILE A 91 -9.14 -2.34 -7.36
C ILE A 91 -9.83 -3.66 -6.96
N SER A 92 -10.78 -3.59 -6.03
CA SER A 92 -11.46 -4.77 -5.57
C SER A 92 -12.81 -4.94 -6.25
N THR A 93 -13.26 -6.18 -6.35
CA THR A 93 -14.55 -6.47 -6.95
C THR A 93 -15.67 -5.94 -6.06
N ASN A 94 -15.42 -5.94 -4.74
CA ASN A 94 -16.40 -5.49 -3.78
C ASN A 94 -16.19 -4.04 -3.36
N GLY A 95 -14.98 -3.51 -3.57
CA GLY A 95 -14.70 -2.14 -3.21
C GLY A 95 -13.66 -2.00 -2.12
N THR A 96 -13.06 -0.82 -2.06
CA THR A 96 -12.03 -0.50 -1.07
C THR A 96 -12.52 0.63 -0.18
N TRP A 97 -12.27 0.52 1.11
CA TRP A 97 -12.75 1.54 2.05
C TRP A 97 -11.64 2.31 2.73
N LEU A 98 -11.94 3.56 3.03
CA LEU A 98 -11.01 4.43 3.74
C LEU A 98 -11.72 4.96 4.99
N ASN A 99 -11.23 4.55 6.15
CA ASN A 99 -11.81 4.96 7.42
C ASN A 99 -13.33 4.91 7.42
N GLY A 100 -13.90 3.84 6.86
CA GLY A 100 -15.33 3.69 6.83
C GLY A 100 -15.99 4.33 5.62
N GLN A 101 -15.23 5.12 4.88
CA GLN A 101 -15.76 5.77 3.69
C GLN A 101 -15.26 5.09 2.43
N LYS A 102 -16.19 4.55 1.65
CA LYS A 102 -15.86 3.86 0.42
C LYS A 102 -15.45 4.85 -0.67
N VAL A 103 -14.27 4.62 -1.22
CA VAL A 103 -13.73 5.49 -2.28
C VAL A 103 -14.06 4.93 -3.66
N GLU A 104 -13.88 5.77 -4.69
CA GLU A 104 -14.16 5.36 -6.05
C GLU A 104 -13.12 4.34 -6.53
N LYS A 105 -13.57 3.20 -7.01
CA LYS A 105 -12.67 2.16 -7.49
C LYS A 105 -11.70 2.73 -8.51
N ASN A 106 -10.63 2.00 -8.77
CA ASN A 106 -9.58 2.41 -9.72
C ASN A 106 -9.40 3.93 -9.74
N SER A 107 -9.53 4.53 -8.57
CA SER A 107 -9.37 5.98 -8.43
C SER A 107 -8.12 6.32 -7.63
N ASN A 108 -7.47 7.42 -8.01
CA ASN A 108 -6.26 7.86 -7.32
C ASN A 108 -6.60 8.83 -6.19
N GLN A 109 -6.08 8.55 -5.00
CA GLN A 109 -6.32 9.40 -3.85
C GLN A 109 -5.01 9.76 -3.17
N LEU A 110 -4.95 10.95 -2.60
CA LEU A 110 -3.75 11.40 -1.92
C LEU A 110 -3.58 10.66 -0.60
N LEU A 111 -2.45 9.97 -0.46
CA LEU A 111 -2.18 9.19 0.75
C LEU A 111 -2.33 10.03 2.01
N SER A 112 -2.57 9.34 3.11
CA SER A 112 -2.76 9.98 4.41
C SER A 112 -1.77 9.40 5.43
N GLN A 113 -1.41 10.20 6.44
CA GLN A 113 -0.48 9.74 7.46
C GLN A 113 -1.13 8.68 8.34
N GLY A 114 -0.54 7.49 8.36
CA GLY A 114 -1.09 6.40 9.15
C GLY A 114 -2.49 6.03 8.69
N ASP A 115 -2.80 6.37 7.44
CA ASP A 115 -4.11 6.08 6.86
C ASP A 115 -4.49 4.62 7.07
N GLU A 116 -5.73 4.30 6.77
CA GLU A 116 -6.23 2.94 6.92
C GLU A 116 -7.23 2.58 5.82
N ILE A 117 -7.08 1.39 5.25
CA ILE A 117 -7.97 0.93 4.20
C ILE A 117 -8.75 -0.30 4.64
N THR A 118 -10.07 -0.23 4.52
CA THR A 118 -10.93 -1.35 4.92
C THR A 118 -11.44 -2.08 3.67
N VAL A 119 -11.47 -3.39 3.74
CA VAL A 119 -11.92 -4.19 2.60
C VAL A 119 -12.79 -5.38 3.02
N GLY A 120 -13.58 -5.87 2.07
CA GLY A 120 -14.44 -7.00 2.33
C GLY A 120 -15.77 -6.57 2.92
N VAL A 121 -16.18 -5.37 2.59
CA VAL A 121 -17.43 -4.82 3.09
C VAL A 121 -18.65 -5.51 2.50
N GLY A 122 -19.64 -5.73 3.36
CA GLY A 122 -20.85 -6.39 2.98
C GLY A 122 -21.49 -7.03 4.20
N VAL A 123 -20.64 -7.65 5.02
CA VAL A 123 -21.06 -8.28 6.24
C VAL A 123 -20.23 -7.73 7.40
N GLU A 124 -20.90 -7.37 8.49
CA GLU A 124 -20.21 -6.81 9.65
C GLU A 124 -19.03 -7.68 10.07
N SER A 125 -19.19 -8.99 9.96
CA SER A 125 -18.14 -9.92 10.36
C SER A 125 -17.22 -10.32 9.20
N ASP A 126 -17.38 -9.70 8.03
CA ASP A 126 -16.55 -10.05 6.89
C ASP A 126 -15.74 -8.88 6.36
N ILE A 127 -15.47 -7.94 7.23
CA ILE A 127 -14.67 -6.78 6.88
C ILE A 127 -13.27 -6.87 7.47
N LEU A 128 -12.31 -6.45 6.68
CA LEU A 128 -10.91 -6.47 7.08
C LEU A 128 -10.31 -5.07 6.94
N SER A 129 -9.59 -4.62 7.95
CA SER A 129 -8.98 -3.30 7.91
C SER A 129 -7.46 -3.37 7.80
N LEU A 130 -6.91 -2.35 7.16
CA LEU A 130 -5.48 -2.24 6.95
C LEU A 130 -4.99 -0.83 7.24
N VAL A 131 -3.79 -0.71 7.80
CA VAL A 131 -3.23 0.60 8.11
C VAL A 131 -1.99 0.86 7.26
N ILE A 132 -1.87 2.08 6.76
CA ILE A 132 -0.76 2.46 5.92
C ILE A 132 0.22 3.36 6.68
N PHE A 133 1.47 2.90 6.75
CA PHE A 133 2.52 3.65 7.44
C PHE A 133 3.50 4.23 6.42
N ILE A 134 3.66 5.54 6.44
CA ILE A 134 4.56 6.22 5.51
C ILE A 134 5.96 6.38 6.11
N ASN A 135 6.97 6.07 5.30
CA ASN A 135 8.36 6.19 5.74
C ASN A 135 8.86 7.60 5.56
N ASP A 136 9.06 8.31 6.66
CA ASP A 136 9.53 9.69 6.62
C ASP A 136 10.88 9.78 5.90
N LYS A 137 11.66 8.70 5.97
CA LYS A 137 12.95 8.67 5.32
C LYS A 137 12.81 8.91 3.82
N PHE A 138 11.84 8.23 3.22
CA PHE A 138 11.59 8.36 1.79
C PHE A 138 11.30 9.80 1.41
N LYS A 139 10.47 10.46 2.22
CA LYS A 139 10.11 11.85 1.97
C LYS A 139 11.33 12.77 2.07
N GLN A 140 12.21 12.47 3.00
CA GLN A 140 13.42 13.26 3.20
C GLN A 140 14.34 13.17 1.98
N CYS A 141 14.48 11.97 1.43
CA CYS A 141 15.32 11.75 0.26
C CYS A 141 14.73 12.42 -0.97
N LEU A 142 13.43 12.23 -1.17
CA LEU A 142 12.74 12.82 -2.32
C LEU A 142 12.67 14.34 -2.20
N GLU A 143 12.51 14.82 -0.96
CA GLU A 143 12.44 16.26 -0.71
C GLU A 143 13.74 16.95 -1.11
N GLN A 144 14.86 16.31 -0.83
CA GLN A 144 16.16 16.85 -1.16
C GLN A 144 16.56 16.47 -2.58
N ASN A 145 16.12 15.29 -3.02
CA ASN A 145 16.42 14.79 -4.36
C ASN A 145 17.88 15.04 -4.75
N LYS A 146 18.16 16.18 -5.37
CA LYS A 146 19.51 16.51 -5.79
C LYS A 146 20.01 17.76 -5.07
N VAL A 147 21.07 17.62 -4.28
CA VAL A 147 21.64 18.73 -3.54
C VAL A 147 22.84 19.31 -4.27
N ASP A 148 22.84 20.63 -4.44
CA ASP A 148 23.93 21.32 -5.12
C ASP A 148 24.37 22.55 -4.34
N ARG A 149 25.46 23.18 -4.79
CA ARG A 149 25.98 24.37 -4.14
C ARG A 149 25.97 25.56 -5.08
N ILE A 150 26.61 25.41 -6.23
CA ILE A 150 26.67 26.47 -7.23
C ILE A 150 25.59 26.30 -8.29
N ARG A 151 24.82 27.35 -8.51
CA ARG A 151 23.75 27.33 -9.51
C ARG A 151 24.31 27.34 -10.92
N SER B 1 -15.12 -25.51 -10.96
CA SER B 1 -16.24 -25.96 -10.09
C SER B 1 -16.87 -24.79 -9.34
N LEU B 2 -16.89 -23.63 -9.99
CA LEU B 2 -17.46 -22.42 -9.40
C LEU B 2 -16.69 -22.02 -8.15
N GLU B 3 -16.10 -20.82 -8.19
CA GLU B 3 -15.34 -20.31 -7.06
C GLU B 3 -14.94 -18.85 -7.29
N VAL B 4 -15.85 -18.09 -7.88
CA VAL B 4 -15.60 -16.68 -8.14
C VAL B 4 -15.69 -15.85 -6.87
N TPO B 5 -14.95 -14.75 -6.84
CA TPO B 5 -14.93 -13.87 -5.67
CB TPO B 5 -13.94 -12.70 -5.86
CG2 TPO B 5 -13.96 -11.77 -4.66
OG1 TPO B 5 -12.65 -13.20 -6.05
P TPO B 5 -11.86 -12.74 -7.31
O1P TPO B 5 -10.45 -13.38 -7.15
O2P TPO B 5 -12.58 -13.43 -8.49
O3P TPO B 5 -11.80 -11.26 -7.45
C TPO B 5 -16.32 -13.30 -5.41
O TPO B 5 -17.08 -13.01 -6.34
H2 TPO B 5 -14.40 -14.51 -7.62
HA TPO B 5 -14.63 -14.44 -4.82
HB TPO B 5 -14.23 -12.14 -6.73
HG21 TPO B 5 -13.11 -11.10 -4.71
HG22 TPO B 5 -13.90 -12.36 -3.75
HG23 TPO B 5 -14.87 -11.20 -4.65
N GLU B 6 -16.66 -13.14 -4.13
CA GLU B 6 -17.96 -12.61 -3.73
C GLU B 6 -18.10 -11.16 -4.18
N ALA B 7 -19.31 -10.79 -4.58
CA ALA B 7 -19.58 -9.43 -5.03
C ALA B 7 -21.04 -9.04 -4.77
N ASP B 8 -21.23 -7.98 -4.01
CA ASP B 8 -22.56 -7.51 -3.68
C ASP B 8 -23.02 -6.42 -4.65
N ALA B 9 -24.29 -6.04 -4.56
CA ALA B 9 -24.83 -5.02 -5.45
C ALA B 9 -26.15 -4.47 -4.89
N THR B 10 -26.47 -3.23 -5.26
CA THR B 10 -27.69 -2.59 -4.80
C THR B 10 -28.50 -2.06 -5.98
N PHE B 11 -29.68 -2.64 -6.17
CA PHE B 11 -30.56 -2.24 -7.26
C PHE B 11 -32.02 -2.58 -6.94
N VAL B 12 -32.45 -2.23 -5.73
CA VAL B 12 -33.81 -2.50 -5.30
C VAL B 12 -34.10 -4.00 -5.27
N GLN B 13 -34.25 -4.55 -4.08
CA GLN B 13 -34.53 -5.98 -3.91
C GLN B 13 -35.14 -6.26 -2.54
N ALA A 1 28.23 -9.97 15.76
CA ALA A 1 28.15 -10.73 17.00
C ALA A 1 27.14 -10.10 17.96
N THR A 2 26.87 -10.79 19.07
CA THR A 2 25.93 -10.30 20.06
C THR A 2 26.44 -9.03 20.72
N GLN A 3 27.66 -9.09 21.25
CA GLN A 3 28.28 -7.94 21.91
C GLN A 3 28.40 -6.77 20.95
N ARG A 4 28.83 -7.05 19.73
CA ARG A 4 28.99 -6.02 18.72
C ARG A 4 27.65 -5.40 18.35
N PHE A 5 26.59 -6.22 18.34
CA PHE A 5 25.26 -5.75 18.01
C PHE A 5 24.84 -4.61 18.94
N LEU A 6 25.11 -4.78 20.22
CA LEU A 6 24.76 -3.76 21.21
C LEU A 6 25.42 -2.43 20.87
N ILE A 7 26.61 -2.50 20.28
CA ILE A 7 27.34 -1.30 19.89
C ILE A 7 26.70 -0.64 18.67
N GLU A 8 26.17 -1.46 17.77
CA GLU A 8 25.53 -0.95 16.57
C GLU A 8 24.38 0.00 16.93
N LYS A 9 23.69 -0.32 18.02
CA LYS A 9 22.59 0.50 18.48
C LYS A 9 23.08 1.86 18.98
N PHE A 10 24.35 1.91 19.37
CA PHE A 10 24.96 3.15 19.86
C PHE A 10 24.84 4.26 18.83
N SER A 11 25.19 3.94 17.60
CA SER A 11 25.13 4.92 16.51
C SER A 11 23.67 5.20 16.12
N GLN A 12 22.84 4.18 16.23
CA GLN A 12 21.42 4.31 15.89
C GLN A 12 21.25 4.70 14.42
N GLU A 13 21.11 3.69 13.56
CA GLU A 13 20.93 3.92 12.14
C GLU A 13 19.45 3.88 11.75
N GLN A 14 19.05 4.79 10.89
CA GLN A 14 17.66 4.85 10.44
C GLN A 14 17.29 3.60 9.65
N ILE A 15 16.15 3.02 9.99
CA ILE A 15 15.68 1.82 9.30
C ILE A 15 14.98 2.15 8.01
N GLY A 16 15.27 1.35 7.01
CA GLY A 16 14.68 1.53 5.69
C GLY A 16 15.72 1.49 4.58
N GLU A 17 15.74 0.39 3.85
CA GLU A 17 16.69 0.23 2.75
C GLU A 17 16.28 1.07 1.54
N ASN A 18 14.98 1.21 1.34
CA ASN A 18 14.45 1.99 0.23
C ASN A 18 12.94 1.86 0.29
N ILE A 19 12.46 1.90 1.51
CA ILE A 19 11.06 1.73 1.79
C ILE A 19 10.24 2.93 1.34
N VAL A 20 9.06 2.61 0.82
CA VAL A 20 8.14 3.60 0.31
C VAL A 20 6.98 3.77 1.29
N CYS A 21 6.39 2.65 1.68
CA CYS A 21 5.29 2.64 2.64
C CYS A 21 5.21 1.29 3.34
N ARG A 22 4.47 1.22 4.43
CA ARG A 22 4.34 -0.04 5.18
C ARG A 22 2.88 -0.41 5.40
N VAL A 23 2.56 -1.69 5.25
CA VAL A 23 1.20 -2.17 5.43
C VAL A 23 1.09 -2.97 6.73
N ILE A 24 0.21 -2.54 7.61
CA ILE A 24 0.01 -3.20 8.89
C ILE A 24 -1.46 -3.49 9.15
N CYS A 25 -1.79 -4.75 9.42
CA CYS A 25 -3.15 -5.14 9.70
C CYS A 25 -3.43 -5.09 11.21
N THR A 26 -4.17 -4.06 11.64
CA THR A 26 -4.49 -3.88 13.04
C THR A 26 -5.61 -4.82 13.49
N THR A 27 -6.44 -5.24 12.54
CA THR A 27 -7.56 -6.13 12.84
C THR A 27 -7.10 -7.59 12.97
N GLY A 28 -5.81 -7.81 12.74
CA GLY A 28 -5.25 -9.15 12.85
C GLY A 28 -5.79 -10.13 11.82
N GLN A 29 -5.34 -9.99 10.58
CA GLN A 29 -5.78 -10.87 9.50
C GLN A 29 -4.63 -11.16 8.54
N ILE A 30 -3.83 -10.14 8.25
CA ILE A 30 -2.70 -10.28 7.34
C ILE A 30 -1.40 -9.83 8.02
N PRO A 31 -0.28 -10.53 7.76
CA PRO A 31 1.01 -10.19 8.36
C PRO A 31 1.59 -8.89 7.80
N ILE A 32 2.26 -8.14 8.64
CA ILE A 32 2.85 -6.86 8.24
C ILE A 32 3.89 -7.06 7.14
N ARG A 33 4.00 -6.06 6.27
CA ARG A 33 4.96 -6.09 5.16
C ARG A 33 5.49 -4.68 4.89
N ASP A 34 6.58 -4.60 4.14
CA ASP A 34 7.18 -3.31 3.83
C ASP A 34 7.20 -3.04 2.32
N LEU A 35 6.52 -1.98 1.91
CA LEU A 35 6.49 -1.59 0.51
C LEU A 35 7.68 -0.68 0.21
N SER A 36 8.37 -0.90 -0.91
CA SER A 36 9.52 -0.08 -1.23
C SER A 36 9.63 0.26 -2.70
N ALA A 37 10.35 1.34 -2.93
CA ALA A 37 10.60 1.84 -4.27
C ALA A 37 11.94 2.58 -4.31
N ASP A 38 12.67 2.42 -5.41
CA ASP A 38 13.97 3.06 -5.56
C ASP A 38 13.82 4.49 -6.09
N ILE A 39 14.56 5.41 -5.48
CA ILE A 39 14.52 6.81 -5.87
C ILE A 39 15.02 7.02 -7.29
N SER A 40 16.11 6.34 -7.63
CA SER A 40 16.70 6.47 -8.95
C SER A 40 15.68 6.13 -10.03
N GLN A 41 14.85 5.15 -9.73
CA GLN A 41 13.81 4.73 -10.65
C GLN A 41 12.74 5.80 -10.79
N VAL A 42 12.43 6.45 -9.67
CA VAL A 42 11.43 7.51 -9.66
C VAL A 42 11.97 8.78 -10.33
N LEU A 43 13.22 9.11 -10.03
CA LEU A 43 13.85 10.29 -10.61
C LEU A 43 14.12 10.10 -12.09
N LYS A 44 14.48 8.88 -12.47
CA LYS A 44 14.77 8.56 -13.86
C LYS A 44 13.48 8.48 -14.69
N GLU A 45 12.50 7.78 -14.16
CA GLU A 45 11.21 7.63 -14.83
C GLU A 45 10.51 8.96 -14.98
N LYS A 46 10.33 9.40 -16.22
CA LYS A 46 9.67 10.67 -16.49
C LYS A 46 8.19 10.46 -16.84
N ARG A 47 7.60 9.41 -16.26
CA ARG A 47 6.20 9.09 -16.51
C ARG A 47 5.34 9.52 -15.32
N SER A 48 4.02 9.41 -15.49
CA SER A 48 3.08 9.79 -14.44
C SER A 48 3.11 8.79 -13.30
N ILE A 49 3.51 7.55 -13.60
CA ILE A 49 3.58 6.50 -12.59
C ILE A 49 4.99 5.95 -12.46
N LYS A 50 5.34 5.49 -11.26
CA LYS A 50 6.67 4.93 -11.01
C LYS A 50 6.56 3.49 -10.51
N LYS A 51 6.06 3.31 -9.29
CA LYS A 51 5.92 1.99 -8.71
C LYS A 51 4.60 1.85 -7.96
N VAL A 52 3.87 0.78 -8.26
CA VAL A 52 2.58 0.55 -7.62
C VAL A 52 2.45 -0.89 -7.12
N TRP A 53 1.88 -1.03 -5.94
CA TRP A 53 1.67 -2.33 -5.32
C TRP A 53 0.24 -2.82 -5.47
N THR A 54 0.08 -4.11 -5.75
CA THR A 54 -1.24 -4.72 -5.87
C THR A 54 -1.47 -5.68 -4.70
N PHE A 55 -2.58 -5.49 -4.00
CA PHE A 55 -2.90 -6.31 -2.83
C PHE A 55 -4.07 -7.26 -3.12
N GLY A 56 -4.01 -8.45 -2.52
CA GLY A 56 -5.06 -9.41 -2.72
C GLY A 56 -4.68 -10.80 -2.23
N ARG A 57 -5.61 -11.75 -2.36
CA ARG A 57 -5.38 -13.12 -1.93
C ARG A 57 -4.49 -13.88 -2.93
N ASN A 58 -4.15 -13.22 -4.04
CA ASN A 58 -3.32 -13.84 -5.06
C ASN A 58 -1.84 -13.69 -4.73
N PRO A 59 -1.04 -14.76 -4.92
CA PRO A 59 0.40 -14.74 -4.67
C PRO A 59 1.15 -13.88 -5.67
N ALA A 60 0.43 -13.37 -6.67
CA ALA A 60 1.02 -12.51 -7.68
C ALA A 60 1.06 -11.11 -7.15
N CYS A 61 -0.06 -10.73 -6.56
CA CYS A 61 -0.21 -9.43 -5.97
C CYS A 61 1.00 -9.09 -5.14
N ASP A 62 1.44 -7.86 -5.25
CA ASP A 62 2.59 -7.40 -4.49
C ASP A 62 2.33 -7.60 -2.99
N TYR A 63 1.06 -7.76 -2.62
CA TYR A 63 0.69 -7.98 -1.22
C TYR A 63 -0.23 -9.20 -1.10
N HIS A 64 0.24 -10.21 -0.38
CA HIS A 64 -0.54 -11.43 -0.20
C HIS A 64 -1.48 -11.29 0.99
N LEU A 65 -2.71 -11.78 0.80
CA LEU A 65 -3.72 -11.73 1.86
C LEU A 65 -4.01 -13.12 2.41
N GLY A 66 -4.86 -13.19 3.42
CA GLY A 66 -5.20 -14.47 4.02
C GLY A 66 -6.00 -15.34 3.07
N ASN A 67 -7.32 -15.14 3.06
CA ASN A 67 -8.21 -15.92 2.20
C ASN A 67 -9.65 -15.47 2.37
N ILE A 68 -9.97 -14.31 1.84
CA ILE A 68 -11.32 -13.76 1.93
C ILE A 68 -12.03 -13.82 0.59
N SER A 69 -13.06 -14.66 0.49
CA SER A 69 -13.83 -14.82 -0.74
C SER A 69 -14.40 -13.48 -1.20
N ARG A 70 -14.82 -12.65 -0.24
CA ARG A 70 -15.39 -11.35 -0.55
C ARG A 70 -14.38 -10.47 -1.27
N LEU A 71 -13.10 -10.65 -0.95
CA LEU A 71 -12.05 -9.87 -1.57
C LEU A 71 -11.68 -10.43 -2.94
N SER A 72 -11.19 -9.57 -3.82
CA SER A 72 -10.81 -10.00 -5.17
C SER A 72 -9.32 -10.36 -5.25
N ASN A 73 -8.93 -11.02 -6.35
CA ASN A 73 -7.52 -11.40 -6.56
C ASN A 73 -6.61 -10.25 -6.18
N LYS A 74 -6.89 -9.11 -6.78
CA LYS A 74 -6.17 -7.87 -6.50
C LYS A 74 -7.19 -6.88 -5.96
N HIS A 75 -7.45 -6.99 -4.67
CA HIS A 75 -8.44 -6.16 -4.02
C HIS A 75 -8.14 -4.67 -4.15
N PHE A 76 -6.90 -4.31 -3.89
CA PHE A 76 -6.51 -2.90 -3.97
C PHE A 76 -5.07 -2.74 -4.43
N GLN A 77 -4.74 -1.56 -4.93
CA GLN A 77 -3.40 -1.27 -5.42
C GLN A 77 -2.90 0.08 -4.94
N ILE A 78 -1.62 0.19 -4.60
CA ILE A 78 -1.07 1.46 -4.14
C ILE A 78 0.04 1.96 -5.06
N LEU A 79 -0.08 3.19 -5.54
CA LEU A 79 0.92 3.75 -6.45
C LEU A 79 1.77 4.81 -5.77
N LEU A 80 3.01 4.94 -6.23
CA LEU A 80 3.93 5.93 -5.70
C LEU A 80 4.47 6.81 -6.81
N GLY A 81 4.29 8.12 -6.66
CA GLY A 81 4.77 9.05 -7.67
C GLY A 81 4.67 10.49 -7.20
N GLU A 82 4.10 11.35 -8.05
CA GLU A 82 3.95 12.76 -7.72
C GLU A 82 5.30 13.41 -7.40
N ASP A 83 5.27 14.64 -6.92
CA ASP A 83 6.49 15.36 -6.58
C ASP A 83 6.83 15.18 -5.11
N GLY A 84 6.76 13.94 -4.63
CA GLY A 84 7.07 13.66 -3.25
C GLY A 84 5.85 13.23 -2.46
N ASN A 85 4.98 12.44 -3.09
CA ASN A 85 3.77 11.97 -2.44
C ASN A 85 3.40 10.57 -2.95
N LEU A 86 2.31 10.04 -2.42
CA LEU A 86 1.85 8.71 -2.81
C LEU A 86 0.35 8.72 -3.12
N LEU A 87 -0.09 7.72 -3.87
CA LEU A 87 -1.49 7.61 -4.24
C LEU A 87 -2.01 6.20 -3.98
N LEU A 88 -3.28 6.09 -3.62
CA LEU A 88 -3.88 4.79 -3.34
C LEU A 88 -4.93 4.47 -4.40
N ASN A 89 -4.83 3.29 -5.00
CA ASN A 89 -5.78 2.89 -6.04
C ASN A 89 -6.55 1.64 -5.65
N ASP A 90 -7.87 1.80 -5.50
CA ASP A 90 -8.71 0.67 -5.16
C ASP A 90 -8.98 -0.16 -6.42
N ILE A 91 -8.98 -1.48 -6.29
CA ILE A 91 -9.19 -2.36 -7.44
C ILE A 91 -9.93 -3.63 -7.05
N SER A 92 -10.89 -3.52 -6.13
CA SER A 92 -11.63 -4.67 -5.67
C SER A 92 -12.97 -4.79 -6.38
N THR A 93 -13.44 -6.01 -6.51
CA THR A 93 -14.74 -6.26 -7.13
C THR A 93 -15.85 -5.73 -6.24
N ASN A 94 -15.63 -5.77 -4.93
CA ASN A 94 -16.61 -5.31 -3.97
C ASN A 94 -16.37 -3.87 -3.50
N GLY A 95 -15.15 -3.36 -3.69
CA GLY A 95 -14.86 -2.01 -3.29
C GLY A 95 -13.81 -1.91 -2.20
N THR A 96 -13.16 -0.75 -2.13
CA THR A 96 -12.13 -0.47 -1.14
C THR A 96 -12.59 0.68 -0.25
N TRP A 97 -12.34 0.55 1.05
CA TRP A 97 -12.78 1.59 1.98
C TRP A 97 -11.64 2.31 2.67
N LEU A 98 -11.89 3.58 2.97
CA LEU A 98 -10.94 4.41 3.67
C LEU A 98 -11.62 4.97 4.92
N ASN A 99 -11.16 4.54 6.08
CA ASN A 99 -11.73 4.99 7.36
C ASN A 99 -13.25 4.99 7.34
N GLY A 100 -13.85 3.93 6.78
CA GLY A 100 -15.29 3.83 6.75
C GLY A 100 -15.91 4.49 5.54
N GLN A 101 -15.12 5.23 4.78
CA GLN A 101 -15.64 5.89 3.58
C GLN A 101 -15.18 5.18 2.32
N LYS A 102 -16.15 4.68 1.57
CA LYS A 102 -15.88 3.97 0.34
C LYS A 102 -15.46 4.92 -0.77
N VAL A 103 -14.26 4.69 -1.31
CA VAL A 103 -13.73 5.53 -2.38
C VAL A 103 -14.04 4.94 -3.75
N GLU A 104 -13.87 5.75 -4.79
CA GLU A 104 -14.13 5.32 -6.16
C GLU A 104 -13.10 4.30 -6.60
N LYS A 105 -13.54 3.16 -7.10
CA LYS A 105 -12.62 2.12 -7.56
C LYS A 105 -11.65 2.70 -8.58
N ASN A 106 -10.55 1.97 -8.82
CA ASN A 106 -9.52 2.39 -9.75
C ASN A 106 -9.33 3.90 -9.76
N SER A 107 -9.46 4.50 -8.59
CA SER A 107 -9.31 5.95 -8.43
C SER A 107 -8.05 6.29 -7.63
N ASN A 108 -7.41 7.39 -7.99
CA ASN A 108 -6.20 7.81 -7.29
C ASN A 108 -6.54 8.77 -6.15
N GLN A 109 -6.08 8.45 -4.95
CA GLN A 109 -6.33 9.29 -3.79
C GLN A 109 -5.05 9.61 -3.05
N LEU A 110 -4.99 10.79 -2.44
CA LEU A 110 -3.81 11.20 -1.69
C LEU A 110 -3.70 10.42 -0.39
N LEU A 111 -2.51 9.92 -0.10
CA LEU A 111 -2.29 9.13 1.11
C LEU A 111 -2.52 9.95 2.37
N SER A 112 -2.70 9.23 3.47
CA SER A 112 -2.92 9.83 4.78
C SER A 112 -1.89 9.29 5.76
N GLN A 113 -1.57 10.07 6.79
CA GLN A 113 -0.60 9.63 7.78
C GLN A 113 -1.19 8.52 8.65
N GLY A 114 -0.60 7.34 8.54
CA GLY A 114 -1.09 6.20 9.29
C GLY A 114 -2.52 5.85 8.93
N ASP A 115 -2.90 6.13 7.69
CA ASP A 115 -4.24 5.86 7.20
C ASP A 115 -4.58 4.38 7.31
N GLU A 116 -5.82 4.05 7.00
CA GLU A 116 -6.28 2.68 7.05
C GLU A 116 -7.31 2.40 5.95
N ILE A 117 -7.14 1.26 5.27
CA ILE A 117 -8.06 0.87 4.21
C ILE A 117 -8.86 -0.36 4.63
N THR A 118 -10.18 -0.25 4.50
CA THR A 118 -11.07 -1.35 4.86
C THR A 118 -11.58 -2.05 3.60
N VAL A 119 -11.64 -3.37 3.64
CA VAL A 119 -12.10 -4.14 2.49
C VAL A 119 -12.99 -5.31 2.88
N GLY A 120 -13.78 -5.78 1.92
CA GLY A 120 -14.68 -6.89 2.16
C GLY A 120 -15.98 -6.45 2.79
N VAL A 121 -16.40 -5.23 2.45
CA VAL A 121 -17.62 -4.67 3.00
C VAL A 121 -18.87 -5.32 2.42
N GLY A 122 -19.83 -5.52 3.29
CA GLY A 122 -21.08 -6.15 2.94
C GLY A 122 -21.66 -6.87 4.14
N VAL A 123 -20.76 -7.49 4.90
CA VAL A 123 -21.10 -8.20 6.10
C VAL A 123 -20.24 -7.68 7.24
N GLU A 124 -20.89 -7.31 8.35
CA GLU A 124 -20.18 -6.78 9.50
C GLU A 124 -19.00 -7.67 9.91
N SER A 125 -19.19 -8.98 9.78
CA SER A 125 -18.17 -9.93 10.16
C SER A 125 -17.27 -10.34 8.97
N ASP A 126 -17.43 -9.69 7.82
CA ASP A 126 -16.63 -10.04 6.66
C ASP A 126 -15.82 -8.87 6.12
N ILE A 127 -15.52 -7.95 6.99
CA ILE A 127 -14.72 -6.79 6.64
C ILE A 127 -13.32 -6.88 7.23
N LEU A 128 -12.34 -6.48 6.44
CA LEU A 128 -10.94 -6.51 6.86
C LEU A 128 -10.33 -5.12 6.81
N SER A 129 -9.60 -4.75 7.85
CA SER A 129 -8.97 -3.44 7.92
C SER A 129 -7.46 -3.53 7.77
N LEU A 130 -6.88 -2.54 7.10
CA LEU A 130 -5.44 -2.49 6.87
C LEU A 130 -4.93 -1.08 7.12
N VAL A 131 -3.79 -0.96 7.81
CA VAL A 131 -3.22 0.35 8.10
C VAL A 131 -1.92 0.56 7.32
N ILE A 132 -1.77 1.76 6.76
CA ILE A 132 -0.61 2.09 5.98
C ILE A 132 0.33 3.03 6.76
N PHE A 133 1.60 2.69 6.78
CA PHE A 133 2.60 3.49 7.47
C PHE A 133 3.56 4.13 6.46
N ILE A 134 3.49 5.45 6.35
CA ILE A 134 4.34 6.19 5.41
C ILE A 134 5.71 6.49 6.02
N ASN A 135 6.76 6.24 5.26
CA ASN A 135 8.13 6.48 5.71
C ASN A 135 8.59 7.86 5.29
N ASP A 136 8.85 8.73 6.27
CA ASP A 136 9.31 10.08 5.98
C ASP A 136 10.68 10.08 5.30
N LYS A 137 11.39 8.96 5.41
CA LYS A 137 12.71 8.84 4.79
C LYS A 137 12.62 9.02 3.28
N PHE A 138 11.64 8.37 2.67
CA PHE A 138 11.44 8.45 1.24
C PHE A 138 11.21 9.91 0.81
N LYS A 139 10.38 10.60 1.56
CA LYS A 139 10.07 12.00 1.27
C LYS A 139 11.30 12.87 1.43
N GLN A 140 12.16 12.52 2.38
CA GLN A 140 13.38 13.27 2.64
C GLN A 140 14.34 13.18 1.45
N CYS A 141 14.47 11.99 0.89
CA CYS A 141 15.36 11.78 -0.25
C CYS A 141 14.84 12.50 -1.49
N LEU A 142 13.54 12.38 -1.74
CA LEU A 142 12.91 13.02 -2.89
C LEU A 142 13.11 14.53 -2.84
N GLU A 143 12.82 15.13 -1.69
CA GLU A 143 12.96 16.57 -1.51
C GLU A 143 14.43 16.98 -1.58
N GLN A 144 15.30 16.11 -1.06
CA GLN A 144 16.74 16.37 -1.05
C GLN A 144 17.33 16.20 -2.45
N ASN A 145 16.64 15.45 -3.30
CA ASN A 145 17.10 15.20 -4.66
C ASN A 145 16.04 15.58 -5.68
N LYS A 146 16.25 16.71 -6.36
CA LYS A 146 15.32 17.19 -7.37
C LYS A 146 15.39 16.35 -8.64
N VAL A 147 14.26 16.19 -9.32
CA VAL A 147 14.20 15.42 -10.54
C VAL A 147 15.01 16.09 -11.66
N ASP A 148 15.73 15.28 -12.42
CA ASP A 148 16.55 15.79 -13.52
C ASP A 148 17.59 16.77 -13.00
N ARG A 149 18.85 16.34 -12.99
CA ARG A 149 19.95 17.17 -12.52
C ARG A 149 20.52 18.01 -13.66
N ILE A 150 21.57 18.76 -13.37
CA ILE A 150 22.22 19.60 -14.37
C ILE A 150 23.49 18.95 -14.90
N ARG A 151 23.66 18.96 -16.21
CA ARG A 151 24.84 18.37 -16.84
C ARG A 151 25.49 19.36 -17.81
N SER B 1 -12.96 -27.59 -7.48
CA SER B 1 -11.84 -26.70 -7.86
C SER B 1 -12.35 -25.44 -8.56
N LEU B 2 -12.77 -24.47 -7.76
CA LEU B 2 -13.29 -23.21 -8.31
C LEU B 2 -13.09 -22.07 -7.31
N GLU B 3 -12.39 -21.03 -7.75
CA GLU B 3 -12.13 -19.87 -6.91
C GLU B 3 -12.91 -18.66 -7.39
N VAL B 4 -14.11 -18.47 -6.85
CA VAL B 4 -14.96 -17.34 -7.23
C VAL B 4 -14.98 -16.29 -6.13
N TPO B 5 -15.34 -15.06 -6.50
CA TPO B 5 -15.40 -13.96 -5.55
CB TPO B 5 -14.44 -12.82 -5.95
CG2 TPO B 5 -14.53 -11.66 -4.97
OG1 TPO B 5 -13.13 -13.29 -5.99
P TPO B 5 -12.22 -12.87 -7.19
O1P TPO B 5 -10.77 -13.17 -6.72
O2P TPO B 5 -12.61 -13.85 -8.33
O3P TPO B 5 -12.42 -11.44 -7.57
C TPO B 5 -16.83 -13.40 -5.46
O TPO B 5 -17.40 -12.95 -6.44
H2 TPO B 5 -15.57 -14.90 -7.44
HA TPO B 5 -15.10 -14.33 -4.58
HB TPO B 5 -14.71 -12.46 -6.93
HG21 TPO B 5 -13.54 -11.39 -4.63
HG22 TPO B 5 -15.14 -11.95 -4.12
HG23 TPO B 5 -14.99 -10.81 -5.46
N GLU B 6 -17.39 -13.45 -4.25
CA GLU B 6 -18.74 -12.96 -4.03
C GLU B 6 -18.80 -11.43 -4.19
N ALA B 7 -19.40 -10.99 -5.29
CA ALA B 7 -19.51 -9.57 -5.57
C ALA B 7 -20.95 -9.08 -5.38
N ASP B 8 -21.86 -9.99 -5.02
CA ASP B 8 -23.25 -9.63 -4.82
C ASP B 8 -23.87 -9.08 -6.10
N ALA B 9 -25.16 -8.78 -6.05
CA ALA B 9 -25.87 -8.23 -7.21
C ALA B 9 -27.29 -7.81 -6.84
N THR B 10 -27.40 -6.62 -6.25
CA THR B 10 -28.70 -6.10 -5.85
C THR B 10 -29.16 -4.99 -6.80
N PHE B 11 -30.30 -5.21 -7.44
CA PHE B 11 -30.85 -4.23 -8.37
C PHE B 11 -32.36 -4.07 -8.15
N VAL B 12 -32.72 -3.32 -7.11
CA VAL B 12 -34.12 -3.09 -6.79
C VAL B 12 -34.47 -1.61 -6.96
N GLN B 13 -35.77 -1.32 -7.05
CA GLN B 13 -36.24 0.05 -7.20
C GLN B 13 -37.26 0.39 -6.13
N ALA A 1 34.01 3.58 27.08
CA ALA A 1 33.10 2.55 26.58
C ALA A 1 33.41 2.20 25.13
N THR A 2 32.87 1.09 24.66
CA THR A 2 33.10 0.65 23.29
C THR A 2 32.02 -0.35 22.86
N GLN A 3 31.83 -1.40 23.66
CA GLN A 3 30.84 -2.42 23.36
C GLN A 3 29.43 -1.88 23.56
N ARG A 4 29.27 -1.03 24.57
CA ARG A 4 27.97 -0.44 24.88
C ARG A 4 27.52 0.51 23.76
N PHE A 5 28.48 1.24 23.20
CA PHE A 5 28.17 2.19 22.13
C PHE A 5 27.56 1.46 20.94
N LEU A 6 28.08 0.27 20.64
CA LEU A 6 27.58 -0.52 19.53
C LEU A 6 26.11 -0.86 19.72
N ILE A 7 25.71 -1.02 20.98
CA ILE A 7 24.33 -1.34 21.31
C ILE A 7 23.42 -0.13 21.09
N GLU A 8 23.94 1.05 21.38
CA GLU A 8 23.18 2.28 21.22
C GLU A 8 22.68 2.42 19.78
N LYS A 9 23.56 2.09 18.83
CA LYS A 9 23.21 2.16 17.41
C LYS A 9 22.15 1.12 17.07
N PHE A 10 22.08 0.06 17.88
CA PHE A 10 21.12 -1.02 17.66
C PHE A 10 19.69 -0.47 17.64
N SER A 11 19.37 0.35 18.62
CA SER A 11 18.05 0.95 18.73
C SER A 11 17.92 2.15 17.80
N GLN A 12 19.04 2.78 17.49
CA GLN A 12 19.04 3.95 16.61
C GLN A 12 19.39 3.55 15.18
N GLU A 13 19.04 2.32 14.81
CA GLU A 13 19.32 1.83 13.47
C GLU A 13 18.29 2.35 12.47
N GLN A 14 18.78 2.96 11.39
CA GLN A 14 17.91 3.50 10.36
C GLN A 14 17.26 2.38 9.55
N ILE A 15 16.01 2.10 9.84
CA ILE A 15 15.27 1.05 9.14
C ILE A 15 14.71 1.55 7.83
N GLY A 16 14.82 0.72 6.82
CA GLY A 16 14.32 1.05 5.50
C GLY A 16 15.44 1.33 4.52
N GLU A 17 15.53 0.52 3.48
CA GLU A 17 16.56 0.68 2.46
C GLU A 17 16.09 1.61 1.35
N ASN A 18 14.78 1.72 1.17
CA ASN A 18 14.19 2.57 0.14
C ASN A 18 12.70 2.36 0.16
N ILE A 19 12.19 2.26 1.38
CA ILE A 19 10.81 2.00 1.63
C ILE A 19 9.94 3.20 1.35
N VAL A 20 8.83 2.95 0.68
CA VAL A 20 7.89 3.95 0.31
C VAL A 20 6.80 4.05 1.37
N CYS A 21 6.08 2.95 1.55
CA CYS A 21 5.01 2.87 2.53
C CYS A 21 4.88 1.44 3.06
N ARG A 22 4.42 1.33 4.31
CA ARG A 22 4.26 0.03 4.95
C ARG A 22 2.80 -0.25 5.29
N VAL A 23 2.34 -1.47 5.02
CA VAL A 23 0.96 -1.85 5.30
C VAL A 23 0.88 -2.73 6.55
N ILE A 24 0.10 -2.28 7.52
CA ILE A 24 -0.08 -3.00 8.77
C ILE A 24 -1.53 -3.36 9.02
N CYS A 25 -1.83 -4.66 9.10
CA CYS A 25 -3.19 -5.11 9.36
C CYS A 25 -3.50 -5.06 10.85
N THR A 26 -4.31 -4.09 11.25
CA THR A 26 -4.68 -3.92 12.66
C THR A 26 -5.70 -4.96 13.13
N THR A 27 -6.46 -5.50 12.18
CA THR A 27 -7.47 -6.51 12.52
C THR A 27 -6.85 -7.90 12.71
N GLY A 28 -5.53 -7.98 12.50
CA GLY A 28 -4.84 -9.26 12.66
C GLY A 28 -5.30 -10.30 11.66
N GLN A 29 -4.84 -10.17 10.42
CA GLN A 29 -5.20 -11.11 9.36
C GLN A 29 -4.02 -11.32 8.42
N ILE A 30 -3.38 -10.23 8.03
CA ILE A 30 -2.23 -10.29 7.12
C ILE A 30 -0.96 -9.83 7.82
N PRO A 31 0.18 -10.49 7.56
CA PRO A 31 1.46 -10.12 8.18
C PRO A 31 2.02 -8.82 7.61
N ILE A 32 2.46 -7.94 8.50
CA ILE A 32 3.00 -6.65 8.09
C ILE A 32 4.09 -6.80 7.03
N ARG A 33 4.00 -5.99 5.99
CA ARG A 33 4.97 -6.00 4.90
C ARG A 33 5.50 -4.61 4.63
N ASP A 34 6.62 -4.51 3.91
CA ASP A 34 7.21 -3.22 3.62
C ASP A 34 7.27 -2.96 2.11
N LEU A 35 6.61 -1.88 1.69
CA LEU A 35 6.59 -1.49 0.28
C LEU A 35 7.73 -0.51 0.01
N SER A 36 8.43 -0.68 -1.11
CA SER A 36 9.54 0.21 -1.40
C SER A 36 9.70 0.51 -2.88
N ALA A 37 10.37 1.62 -3.12
CA ALA A 37 10.66 2.08 -4.47
C ALA A 37 11.99 2.84 -4.51
N ASP A 38 12.74 2.67 -5.59
CA ASP A 38 14.03 3.34 -5.74
C ASP A 38 13.85 4.82 -6.04
N ILE A 39 14.58 5.63 -5.30
CA ILE A 39 14.53 7.09 -5.45
C ILE A 39 15.03 7.55 -6.81
N SER A 40 16.11 6.94 -7.28
CA SER A 40 16.71 7.29 -8.55
C SER A 40 15.70 7.16 -9.68
N GLN A 41 14.93 6.10 -9.64
CA GLN A 41 13.92 5.85 -10.65
C GLN A 41 12.79 6.86 -10.55
N VAL A 42 12.37 7.15 -9.33
CA VAL A 42 11.30 8.12 -9.09
C VAL A 42 11.70 9.51 -9.53
N LEU A 43 12.96 9.86 -9.30
CA LEU A 43 13.47 11.18 -9.68
C LEU A 43 13.57 11.31 -11.20
N LYS A 44 13.81 10.19 -11.88
CA LYS A 44 13.93 10.18 -13.33
C LYS A 44 12.57 10.02 -13.98
N GLU A 45 11.81 9.02 -13.55
CA GLU A 45 10.49 8.75 -14.09
C GLU A 45 9.53 9.90 -13.78
N LYS A 46 8.99 10.50 -14.83
CA LYS A 46 8.06 11.62 -14.67
C LYS A 46 6.83 11.42 -15.55
N ARG A 47 6.46 10.16 -15.78
CA ARG A 47 5.31 9.84 -16.61
C ARG A 47 4.69 8.51 -16.18
N SER A 48 3.38 8.38 -16.40
CA SER A 48 2.66 7.16 -16.04
C SER A 48 2.73 6.90 -14.53
N ILE A 49 3.82 6.29 -14.08
CA ILE A 49 4.00 6.00 -12.66
C ILE A 49 5.34 5.31 -12.41
N LYS A 50 5.88 5.52 -11.22
CA LYS A 50 7.16 4.91 -10.84
C LYS A 50 6.99 3.43 -10.55
N LYS A 51 6.28 3.12 -9.47
CA LYS A 51 6.04 1.73 -9.07
C LYS A 51 4.73 1.60 -8.32
N VAL A 52 3.97 0.55 -8.63
CA VAL A 52 2.69 0.33 -7.98
C VAL A 52 2.58 -1.07 -7.39
N TRP A 53 1.99 -1.13 -6.21
CA TRP A 53 1.79 -2.41 -5.50
C TRP A 53 0.37 -2.91 -5.65
N THR A 54 0.22 -4.21 -5.85
CA THR A 54 -1.10 -4.82 -5.95
C THR A 54 -1.33 -5.71 -4.74
N PHE A 55 -2.49 -5.54 -4.10
CA PHE A 55 -2.83 -6.29 -2.90
C PHE A 55 -4.09 -7.13 -3.10
N GLY A 56 -4.13 -8.30 -2.48
CA GLY A 56 -5.29 -9.16 -2.60
C GLY A 56 -5.01 -10.61 -2.28
N ARG A 57 -5.95 -11.48 -2.60
CA ARG A 57 -5.80 -12.92 -2.34
C ARG A 57 -4.94 -13.60 -3.41
N ASN A 58 -4.40 -12.82 -4.34
CA ASN A 58 -3.57 -13.37 -5.40
C ASN A 58 -2.12 -13.53 -4.93
N PRO A 59 -1.52 -14.71 -5.10
CA PRO A 59 -0.12 -14.96 -4.69
C PRO A 59 0.85 -14.12 -5.51
N ALA A 60 0.35 -13.56 -6.60
CA ALA A 60 1.16 -12.71 -7.46
C ALA A 60 1.18 -11.32 -6.89
N CYS A 61 0.01 -10.90 -6.45
CA CYS A 61 -0.17 -9.61 -5.85
C CYS A 61 0.98 -9.27 -4.93
N ASP A 62 1.43 -8.04 -5.02
CA ASP A 62 2.52 -7.58 -4.17
C ASP A 62 2.15 -7.80 -2.71
N TYR A 63 0.86 -7.98 -2.43
CA TYR A 63 0.40 -8.20 -1.05
C TYR A 63 -0.51 -9.43 -0.99
N HIS A 64 -0.14 -10.40 -0.17
CA HIS A 64 -0.93 -11.61 -0.02
C HIS A 64 -1.77 -11.56 1.25
N LEU A 65 -3.08 -11.53 1.09
CA LEU A 65 -4.00 -11.48 2.23
C LEU A 65 -4.22 -12.87 2.82
N GLY A 66 -5.06 -13.66 2.15
CA GLY A 66 -5.33 -15.01 2.64
C GLY A 66 -6.24 -15.77 1.70
N ASN A 67 -7.55 -15.63 1.88
CA ASN A 67 -8.52 -16.31 1.04
C ASN A 67 -9.95 -15.92 1.43
N ILE A 68 -10.21 -14.61 1.44
CA ILE A 68 -11.53 -14.11 1.78
C ILE A 68 -12.39 -13.94 0.53
N SER A 69 -13.48 -14.70 0.46
CA SER A 69 -14.38 -14.65 -0.69
C SER A 69 -14.87 -13.23 -0.94
N ARG A 70 -14.96 -12.44 0.13
CA ARG A 70 -15.42 -11.06 0.03
C ARG A 70 -14.40 -10.20 -0.71
N LEU A 71 -13.12 -10.51 -0.52
CA LEU A 71 -12.05 -9.76 -1.17
C LEU A 71 -11.69 -10.38 -2.52
N SER A 72 -11.20 -9.56 -3.44
CA SER A 72 -10.83 -10.05 -4.76
C SER A 72 -9.35 -10.42 -4.83
N ASN A 73 -8.98 -11.18 -5.86
CA ASN A 73 -7.59 -11.60 -6.06
C ASN A 73 -6.66 -10.43 -5.79
N LYS A 74 -6.95 -9.33 -6.46
CA LYS A 74 -6.22 -8.08 -6.30
C LYS A 74 -7.21 -7.04 -5.81
N HIS A 75 -7.44 -7.06 -4.50
CA HIS A 75 -8.42 -6.19 -3.89
C HIS A 75 -8.07 -4.72 -4.05
N PHE A 76 -6.83 -4.37 -3.81
CA PHE A 76 -6.41 -2.97 -3.93
C PHE A 76 -4.99 -2.83 -4.44
N GLN A 77 -4.68 -1.66 -5.00
CA GLN A 77 -3.35 -1.41 -5.55
C GLN A 77 -2.84 -0.03 -5.14
N ILE A 78 -1.54 0.09 -4.85
CA ILE A 78 -0.98 1.38 -4.45
C ILE A 78 0.09 1.85 -5.44
N LEU A 79 -0.04 3.08 -5.91
CA LEU A 79 0.93 3.62 -6.87
C LEU A 79 1.76 4.74 -6.26
N LEU A 80 3.02 4.85 -6.70
CA LEU A 80 3.93 5.87 -6.21
C LEU A 80 4.50 6.69 -7.36
N GLY A 81 4.36 8.01 -7.27
CA GLY A 81 4.86 8.88 -8.31
C GLY A 81 4.47 10.33 -8.10
N GLU A 82 3.99 10.98 -9.16
CA GLU A 82 3.58 12.38 -9.09
C GLU A 82 4.79 13.29 -8.87
N ASP A 83 5.36 13.23 -7.68
CA ASP A 83 6.52 14.06 -7.34
C ASP A 83 7.00 13.77 -5.91
N GLY A 84 7.03 12.50 -5.56
CA GLY A 84 7.46 12.12 -4.22
C GLY A 84 6.32 11.61 -3.37
N ASN A 85 5.12 12.10 -3.65
CA ASN A 85 3.94 11.69 -2.90
C ASN A 85 3.54 10.26 -3.25
N LEU A 86 2.45 9.80 -2.64
CA LEU A 86 1.96 8.44 -2.90
C LEU A 86 0.46 8.44 -3.18
N LEU A 87 0.02 7.50 -4.01
CA LEU A 87 -1.39 7.40 -4.36
C LEU A 87 -1.90 5.99 -4.11
N LEU A 88 -3.15 5.89 -3.70
CA LEU A 88 -3.76 4.59 -3.42
C LEU A 88 -4.86 4.29 -4.44
N ASN A 89 -4.76 3.15 -5.11
CA ASN A 89 -5.74 2.78 -6.11
C ASN A 89 -6.51 1.53 -5.71
N ASP A 90 -7.81 1.69 -5.51
CA ASP A 90 -8.66 0.57 -5.15
C ASP A 90 -8.96 -0.27 -6.39
N ILE A 91 -8.88 -1.59 -6.25
CA ILE A 91 -9.12 -2.48 -7.38
C ILE A 91 -9.87 -3.75 -6.96
N SER A 92 -10.84 -3.60 -6.06
CA SER A 92 -11.60 -4.72 -5.56
C SER A 92 -12.94 -4.83 -6.26
N THR A 93 -13.44 -6.06 -6.36
CA THR A 93 -14.74 -6.30 -6.97
C THR A 93 -15.83 -5.74 -6.07
N ASN A 94 -15.59 -5.75 -4.77
CA ASN A 94 -16.56 -5.28 -3.79
C ASN A 94 -16.29 -3.84 -3.35
N GLY A 95 -15.07 -3.35 -3.55
CA GLY A 95 -14.75 -2.00 -3.18
C GLY A 95 -13.69 -1.91 -2.09
N THR A 96 -13.05 -0.75 -2.04
CA THR A 96 -12.00 -0.48 -1.04
C THR A 96 -12.44 0.68 -0.16
N TRP A 97 -12.20 0.57 1.13
CA TRP A 97 -12.61 1.60 2.07
C TRP A 97 -11.47 2.34 2.72
N LEU A 98 -11.71 3.61 3.02
CA LEU A 98 -10.75 4.45 3.69
C LEU A 98 -11.40 5.02 4.95
N ASN A 99 -10.89 4.61 6.10
CA ASN A 99 -11.42 5.06 7.38
C ASN A 99 -12.95 5.06 7.42
N GLY A 100 -13.57 3.99 6.90
CA GLY A 100 -15.00 3.89 6.92
C GLY A 100 -15.67 4.53 5.71
N GLN A 101 -14.92 5.31 4.95
CA GLN A 101 -15.47 5.96 3.77
C GLN A 101 -15.00 5.25 2.51
N LYS A 102 -15.95 4.72 1.75
CA LYS A 102 -15.67 4.02 0.53
C LYS A 102 -15.23 4.97 -0.58
N VAL A 103 -14.11 4.65 -1.21
CA VAL A 103 -13.57 5.46 -2.29
C VAL A 103 -13.94 4.89 -3.65
N GLU A 104 -13.79 5.69 -4.70
CA GLU A 104 -14.10 5.25 -6.04
C GLU A 104 -13.08 4.22 -6.52
N LYS A 105 -13.56 3.06 -6.96
CA LYS A 105 -12.68 2.01 -7.44
C LYS A 105 -11.75 2.54 -8.52
N ASN A 106 -10.68 1.78 -8.77
CA ASN A 106 -9.65 2.15 -9.76
C ASN A 106 -9.43 3.66 -9.82
N SER A 107 -9.56 4.31 -8.68
CA SER A 107 -9.36 5.75 -8.58
C SER A 107 -8.12 6.08 -7.77
N ASN A 108 -7.43 7.15 -8.16
CA ASN A 108 -6.22 7.57 -7.46
C ASN A 108 -6.53 8.58 -6.35
N GLN A 109 -5.99 8.33 -5.17
CA GLN A 109 -6.21 9.22 -4.04
C GLN A 109 -4.89 9.62 -3.40
N LEU A 110 -4.85 10.79 -2.78
CA LEU A 110 -3.64 11.27 -2.12
C LEU A 110 -3.39 10.48 -0.84
N LEU A 111 -2.14 10.09 -0.63
CA LEU A 111 -1.78 9.31 0.55
C LEU A 111 -2.04 10.10 1.83
N SER A 112 -2.27 9.36 2.90
CA SER A 112 -2.53 9.94 4.22
C SER A 112 -1.56 9.38 5.24
N GLN A 113 -1.28 10.16 6.29
CA GLN A 113 -0.37 9.73 7.34
C GLN A 113 -1.03 8.64 8.20
N GLY A 114 -0.40 7.48 8.28
CA GLY A 114 -0.93 6.38 9.05
C GLY A 114 -2.34 6.03 8.63
N ASP A 115 -2.66 6.32 7.37
CA ASP A 115 -3.98 6.04 6.82
C ASP A 115 -4.36 4.59 7.05
N GLU A 116 -5.62 4.26 6.73
CA GLU A 116 -6.11 2.90 6.90
C GLU A 116 -7.10 2.55 5.79
N ILE A 117 -6.96 1.36 5.24
CA ILE A 117 -7.85 0.90 4.19
C ILE A 117 -8.64 -0.32 4.63
N THR A 118 -9.96 -0.23 4.52
CA THR A 118 -10.84 -1.32 4.92
C THR A 118 -11.38 -2.03 3.68
N VAL A 119 -11.49 -3.35 3.75
CA VAL A 119 -11.97 -4.13 2.62
C VAL A 119 -12.89 -5.27 3.05
N GLY A 120 -13.71 -5.73 2.10
CA GLY A 120 -14.64 -6.80 2.38
C GLY A 120 -15.88 -6.32 3.08
N VAL A 121 -16.41 -5.20 2.60
CA VAL A 121 -17.59 -4.61 3.17
C VAL A 121 -18.88 -5.23 2.64
N GLY A 122 -19.82 -5.40 3.54
CA GLY A 122 -21.10 -5.99 3.23
C GLY A 122 -21.68 -6.65 4.45
N VAL A 123 -20.80 -7.30 5.19
CA VAL A 123 -21.15 -7.97 6.43
C VAL A 123 -20.22 -7.49 7.53
N GLU A 124 -20.80 -6.94 8.59
CA GLU A 124 -20.01 -6.41 9.70
C GLU A 124 -18.99 -7.43 10.19
N SER A 125 -19.29 -8.71 9.99
CA SER A 125 -18.41 -9.78 10.41
C SER A 125 -17.46 -10.23 9.30
N ASP A 126 -17.46 -9.54 8.16
CA ASP A 126 -16.60 -9.92 7.06
C ASP A 126 -15.80 -8.76 6.49
N ILE A 127 -15.53 -7.80 7.34
CA ILE A 127 -14.75 -6.64 6.96
C ILE A 127 -13.34 -6.71 7.55
N LEU A 128 -12.37 -6.32 6.74
CA LEU A 128 -10.97 -6.33 7.14
C LEU A 128 -10.36 -4.95 6.99
N SER A 129 -9.61 -4.51 8.02
CA SER A 129 -8.98 -3.19 7.98
C SER A 129 -7.48 -3.29 7.87
N LEU A 130 -6.90 -2.27 7.25
CA LEU A 130 -5.47 -2.19 7.05
C LEU A 130 -4.96 -0.79 7.36
N VAL A 131 -3.70 -0.68 7.75
CA VAL A 131 -3.10 0.61 8.06
C VAL A 131 -1.87 0.87 7.21
N ILE A 132 -1.78 2.07 6.65
CA ILE A 132 -0.67 2.45 5.81
C ILE A 132 0.27 3.40 6.54
N PHE A 133 1.54 2.99 6.67
CA PHE A 133 2.54 3.81 7.34
C PHE A 133 3.55 4.36 6.34
N ILE A 134 3.71 5.68 6.33
CA ILE A 134 4.63 6.33 5.42
C ILE A 134 6.02 6.46 6.03
N ASN A 135 7.04 6.12 5.24
CA ASN A 135 8.41 6.21 5.71
C ASN A 135 8.90 7.65 5.70
N ASP A 136 9.19 8.18 6.89
CA ASP A 136 9.65 9.55 7.02
C ASP A 136 10.98 9.77 6.29
N LYS A 137 11.85 8.75 6.34
CA LYS A 137 13.14 8.83 5.69
C LYS A 137 12.97 9.04 4.18
N PHE A 138 12.07 8.27 3.58
CA PHE A 138 11.81 8.36 2.16
C PHE A 138 11.33 9.76 1.78
N LYS A 139 10.42 10.30 2.59
CA LYS A 139 9.87 11.62 2.34
C LYS A 139 10.95 12.69 2.48
N GLN A 140 11.81 12.53 3.47
CA GLN A 140 12.88 13.48 3.72
C GLN A 140 13.83 13.57 2.52
N CYS A 141 14.12 12.44 1.91
CA CYS A 141 15.01 12.40 0.75
C CYS A 141 14.41 13.17 -0.42
N LEU A 142 13.12 12.92 -0.70
CA LEU A 142 12.43 13.59 -1.79
C LEU A 142 12.24 15.07 -1.49
N GLU A 143 11.93 15.38 -0.24
CA GLU A 143 11.71 16.77 0.17
C GLU A 143 12.98 17.60 -0.01
N GLN A 144 14.11 17.04 0.41
CA GLN A 144 15.39 17.72 0.30
C GLN A 144 16.00 17.52 -1.08
N ASN A 145 15.71 16.36 -1.68
CA ASN A 145 16.22 16.02 -3.00
C ASN A 145 17.70 16.39 -3.16
N LYS A 146 17.98 17.61 -3.63
CA LYS A 146 19.34 18.06 -3.81
C LYS A 146 20.07 18.15 -2.47
N VAL A 147 21.32 17.72 -2.44
CA VAL A 147 22.11 17.75 -1.21
C VAL A 147 22.57 19.17 -0.90
N ASP A 148 22.35 19.59 0.34
CA ASP A 148 22.73 20.93 0.77
C ASP A 148 23.94 20.87 1.70
N ARG A 149 24.65 21.99 1.82
CA ARG A 149 25.83 22.07 2.67
C ARG A 149 26.89 21.08 2.22
N ILE A 150 27.59 21.42 1.13
CA ILE A 150 28.63 20.55 0.60
C ILE A 150 30.02 21.10 0.95
N ARG A 151 30.73 20.37 1.81
CA ARG A 151 32.07 20.78 2.22
C ARG A 151 32.86 19.59 2.74
N SER B 1 -11.56 -22.77 0.34
CA SER B 1 -11.27 -21.78 -0.72
C SER B 1 -12.36 -21.76 -1.78
N LEU B 2 -12.44 -20.67 -2.53
CA LEU B 2 -13.43 -20.53 -3.58
C LEU B 2 -12.82 -19.93 -4.84
N GLU B 3 -13.37 -20.29 -6.00
CA GLU B 3 -12.87 -19.78 -7.27
C GLU B 3 -13.37 -18.36 -7.52
N VAL B 4 -14.68 -18.24 -7.76
CA VAL B 4 -15.28 -16.94 -8.02
C VAL B 4 -15.34 -16.09 -6.75
N TPO B 5 -15.33 -14.77 -6.91
CA TPO B 5 -15.38 -13.87 -5.78
CB TPO B 5 -14.43 -12.66 -5.98
CG2 TPO B 5 -14.50 -11.70 -4.80
OG1 TPO B 5 -13.11 -13.12 -6.12
P TPO B 5 -12.30 -12.67 -7.37
O1P TPO B 5 -12.22 -11.12 -7.24
O2P TPO B 5 -10.89 -13.28 -7.17
O3P TPO B 5 -12.94 -13.10 -8.67
C TPO B 5 -16.80 -13.34 -5.57
O TPO B 5 -17.48 -12.96 -6.51
H2 TPO B 5 -15.29 -14.41 -7.82
HA TPO B 5 -15.07 -14.40 -4.90
HB TPO B 5 -14.72 -12.14 -6.88
HG21 TPO B 5 -14.13 -12.18 -3.92
HG22 TPO B 5 -15.53 -11.41 -4.65
HG23 TPO B 5 -13.91 -10.83 -5.03
N GLU B 6 -17.23 -13.32 -4.31
CA GLU B 6 -18.56 -12.84 -3.96
C GLU B 6 -18.61 -11.32 -3.90
N ALA B 7 -19.56 -10.72 -4.61
CA ALA B 7 -19.70 -9.28 -4.65
C ALA B 7 -21.02 -8.84 -4.02
N ASP B 8 -22.07 -9.62 -4.27
CA ASP B 8 -23.39 -9.31 -3.73
C ASP B 8 -23.88 -7.96 -4.23
N ALA B 9 -25.14 -7.65 -3.94
CA ALA B 9 -25.73 -6.38 -4.37
C ALA B 9 -25.72 -6.26 -5.88
N THR B 10 -26.46 -7.14 -6.56
CA THR B 10 -26.53 -7.12 -8.01
C THR B 10 -27.99 -7.07 -8.48
N PHE B 11 -28.73 -6.07 -8.01
CA PHE B 11 -30.13 -5.91 -8.38
C PHE B 11 -30.27 -5.07 -9.65
N VAL B 12 -29.60 -5.49 -10.72
CA VAL B 12 -29.64 -4.79 -11.99
C VAL B 12 -29.53 -3.28 -11.81
N GLN B 13 -28.52 -2.85 -11.04
CA GLN B 13 -28.30 -1.44 -10.78
C GLN B 13 -29.48 -0.83 -10.02
N ALA A 1 35.59 3.28 21.96
CA ALA A 1 34.28 3.59 22.52
C ALA A 1 33.29 3.99 21.44
N THR A 2 33.78 4.77 20.46
CA THR A 2 32.94 5.23 19.36
C THR A 2 32.51 4.07 18.48
N GLN A 3 33.41 3.10 18.30
CA GLN A 3 33.12 1.93 17.48
C GLN A 3 31.93 1.15 18.04
N ARG A 4 31.94 0.92 19.35
CA ARG A 4 30.86 0.19 20.00
C ARG A 4 29.56 0.97 19.93
N PHE A 5 29.65 2.30 20.04
CA PHE A 5 28.47 3.15 19.98
C PHE A 5 27.73 2.95 18.67
N LEU A 6 28.48 2.70 17.60
CA LEU A 6 27.89 2.48 16.29
C LEU A 6 27.11 1.17 16.26
N ILE A 7 27.63 0.16 16.94
CA ILE A 7 26.97 -1.14 17.00
C ILE A 7 25.72 -1.11 17.87
N GLU A 8 25.79 -0.42 18.99
CA GLU A 8 24.66 -0.32 19.90
C GLU A 8 23.44 0.26 19.18
N LYS A 9 23.70 1.19 18.25
CA LYS A 9 22.65 1.82 17.47
C LYS A 9 21.97 0.81 16.54
N PHE A 10 22.69 -0.25 16.20
CA PHE A 10 22.16 -1.28 15.31
C PHE A 10 20.87 -1.86 15.84
N SER A 11 20.88 -2.22 17.11
CA SER A 11 19.70 -2.80 17.76
C SER A 11 18.53 -1.83 17.72
N GLN A 12 18.82 -0.55 17.85
CA GLN A 12 17.79 0.49 17.82
C GLN A 12 17.93 1.37 16.60
N GLU A 13 18.36 0.78 15.49
CA GLU A 13 18.54 1.52 14.25
C GLU A 13 17.23 1.59 13.46
N GLN A 14 16.95 2.77 12.89
CA GLN A 14 15.73 2.97 12.12
C GLN A 14 15.75 2.09 10.87
N ILE A 15 14.75 1.23 10.74
CA ILE A 15 14.64 0.34 9.60
C ILE A 15 14.03 1.02 8.40
N GLY A 16 14.61 0.75 7.26
CA GLY A 16 14.15 1.33 6.01
C GLY A 16 15.28 1.54 5.02
N GLU A 17 15.37 0.66 4.04
CA GLU A 17 16.41 0.75 3.01
C GLU A 17 15.99 1.69 1.89
N ASN A 18 14.68 1.78 1.65
CA ASN A 18 14.15 2.62 0.60
C ASN A 18 12.65 2.40 0.56
N ILE A 19 12.10 2.30 1.75
CA ILE A 19 10.71 2.03 1.93
C ILE A 19 9.84 3.23 1.65
N VAL A 20 8.78 2.99 0.90
CA VAL A 20 7.84 4.00 0.51
C VAL A 20 6.72 4.08 1.54
N CYS A 21 6.03 2.97 1.72
CA CYS A 21 4.94 2.87 2.68
C CYS A 21 4.87 1.46 3.25
N ARG A 22 4.23 1.32 4.41
CA ARG A 22 4.12 0.02 5.06
C ARG A 22 2.66 -0.33 5.35
N VAL A 23 2.28 -1.58 5.12
CA VAL A 23 0.91 -2.03 5.38
C VAL A 23 0.87 -2.90 6.62
N ILE A 24 0.05 -2.50 7.59
CA ILE A 24 -0.08 -3.24 8.84
C ILE A 24 -1.54 -3.62 9.10
N CYS A 25 -1.79 -4.92 9.22
CA CYS A 25 -3.15 -5.41 9.48
C CYS A 25 -3.48 -5.27 10.97
N THR A 26 -4.44 -4.42 11.29
CA THR A 26 -4.84 -4.19 12.68
C THR A 26 -5.87 -5.22 13.13
N THR A 27 -6.59 -5.81 12.17
CA THR A 27 -7.61 -6.80 12.49
C THR A 27 -6.99 -8.17 12.74
N GLY A 28 -5.66 -8.26 12.60
CA GLY A 28 -4.97 -9.52 12.83
C GLY A 28 -5.39 -10.61 11.85
N GLN A 29 -4.90 -10.51 10.62
CA GLN A 29 -5.22 -11.48 9.59
C GLN A 29 -4.04 -11.68 8.63
N ILE A 30 -3.41 -10.58 8.26
CA ILE A 30 -2.26 -10.62 7.34
C ILE A 30 -1.01 -10.08 8.01
N PRO A 31 0.16 -10.71 7.75
CA PRO A 31 1.44 -10.27 8.34
C PRO A 31 1.93 -8.96 7.73
N ILE A 32 2.51 -8.11 8.57
CA ILE A 32 3.02 -6.81 8.13
C ILE A 32 4.08 -6.98 7.03
N ARG A 33 3.95 -6.16 5.99
CA ARG A 33 4.89 -6.18 4.87
C ARG A 33 5.44 -4.78 4.61
N ASP A 34 6.56 -4.70 3.91
CA ASP A 34 7.17 -3.41 3.62
C ASP A 34 7.25 -3.13 2.12
N LEU A 35 6.60 -2.05 1.70
CA LEU A 35 6.60 -1.64 0.30
C LEU A 35 7.71 -0.60 0.10
N SER A 36 8.47 -0.71 -0.99
CA SER A 36 9.56 0.23 -1.21
C SER A 36 9.80 0.58 -2.66
N ALA A 37 10.46 1.71 -2.84
CA ALA A 37 10.83 2.22 -4.16
C ALA A 37 12.06 3.12 -4.05
N ASP A 38 12.94 3.03 -5.03
CA ASP A 38 14.17 3.82 -5.03
C ASP A 38 13.93 5.18 -5.70
N ILE A 39 14.50 6.22 -5.10
CA ILE A 39 14.37 7.58 -5.61
C ILE A 39 15.03 7.72 -6.98
N SER A 40 16.23 7.19 -7.12
CA SER A 40 16.96 7.27 -8.38
C SER A 40 16.15 6.68 -9.51
N GLN A 41 15.45 5.60 -9.20
CA GLN A 41 14.61 4.92 -10.17
C GLN A 41 13.41 5.79 -10.53
N VAL A 42 12.89 6.50 -9.54
CA VAL A 42 11.75 7.37 -9.73
C VAL A 42 12.12 8.57 -10.61
N LEU A 43 13.21 9.24 -10.26
CA LEU A 43 13.67 10.41 -11.01
C LEU A 43 13.99 10.03 -12.46
N LYS A 44 14.38 8.78 -12.67
CA LYS A 44 14.71 8.29 -14.00
C LYS A 44 13.45 7.94 -14.79
N GLU A 45 12.48 7.35 -14.10
CA GLU A 45 11.22 6.97 -14.74
C GLU A 45 10.45 8.19 -15.22
N LYS A 46 10.30 8.31 -16.53
CA LYS A 46 9.58 9.44 -17.12
C LYS A 46 8.17 9.03 -17.52
N ARG A 47 7.98 7.74 -17.81
CA ARG A 47 6.67 7.23 -18.21
C ARG A 47 5.65 7.41 -17.09
N SER A 48 4.44 6.91 -17.31
CA SER A 48 3.38 7.03 -16.32
C SER A 48 3.68 6.16 -15.10
N ILE A 49 3.52 6.76 -13.92
CA ILE A 49 3.78 6.07 -12.65
C ILE A 49 5.15 5.42 -12.62
N LYS A 50 5.64 5.13 -11.42
CA LYS A 50 6.95 4.51 -11.25
C LYS A 50 6.82 3.07 -10.79
N LYS A 51 6.45 2.87 -9.52
CA LYS A 51 6.31 1.52 -8.98
C LYS A 51 5.04 1.39 -8.15
N VAL A 52 4.11 0.56 -8.64
CA VAL A 52 2.85 0.34 -7.98
C VAL A 52 2.71 -1.06 -7.39
N TRP A 53 2.13 -1.10 -6.21
CA TRP A 53 1.90 -2.36 -5.50
C TRP A 53 0.46 -2.84 -5.64
N THR A 54 0.30 -4.15 -5.83
CA THR A 54 -1.02 -4.73 -5.93
C THR A 54 -1.26 -5.66 -4.74
N PHE A 55 -2.36 -5.45 -4.03
CA PHE A 55 -2.68 -6.24 -2.85
C PHE A 55 -3.94 -7.07 -3.07
N GLY A 56 -3.97 -8.27 -2.48
CA GLY A 56 -5.12 -9.13 -2.61
C GLY A 56 -4.81 -10.57 -2.24
N ARG A 57 -5.75 -11.47 -2.53
CA ARG A 57 -5.60 -12.89 -2.22
C ARG A 57 -4.74 -13.61 -3.27
N ASN A 58 -4.30 -12.88 -4.29
CA ASN A 58 -3.48 -13.47 -5.33
C ASN A 58 -2.00 -13.51 -4.93
N PRO A 59 -1.33 -14.66 -5.15
CA PRO A 59 0.09 -14.82 -4.83
C PRO A 59 0.98 -13.97 -5.73
N ALA A 60 0.39 -13.40 -6.78
CA ALA A 60 1.11 -12.55 -7.69
C ALA A 60 1.18 -11.16 -7.11
N CYS A 61 0.04 -10.75 -6.58
CA CYS A 61 -0.10 -9.46 -5.96
C CYS A 61 1.11 -9.16 -5.10
N ASP A 62 1.56 -7.93 -5.18
CA ASP A 62 2.70 -7.50 -4.39
C ASP A 62 2.45 -7.76 -2.91
N TYR A 63 1.17 -7.92 -2.55
CA TYR A 63 0.79 -8.18 -1.17
C TYR A 63 -0.14 -9.38 -1.08
N HIS A 64 0.20 -10.33 -0.22
CA HIS A 64 -0.62 -11.52 -0.05
C HIS A 64 -1.40 -11.47 1.27
N LEU A 65 -2.71 -11.61 1.18
CA LEU A 65 -3.57 -11.56 2.36
C LEU A 65 -4.46 -12.80 2.42
N GLY A 66 -5.29 -12.88 3.47
CA GLY A 66 -6.18 -14.00 3.63
C GLY A 66 -7.14 -14.15 2.46
N ASN A 67 -7.42 -15.39 2.07
CA ASN A 67 -8.33 -15.66 0.97
C ASN A 67 -9.77 -15.41 1.38
N ILE A 68 -10.25 -14.20 1.14
CA ILE A 68 -11.62 -13.84 1.48
C ILE A 68 -12.50 -13.77 0.23
N SER A 69 -13.66 -14.41 0.30
CA SER A 69 -14.59 -14.44 -0.83
C SER A 69 -15.01 -13.03 -1.22
N ARG A 70 -15.22 -12.18 -0.22
CA ARG A 70 -15.63 -10.80 -0.46
C ARG A 70 -14.52 -10.00 -1.15
N LEU A 71 -13.27 -10.35 -0.85
CA LEU A 71 -12.13 -9.66 -1.43
C LEU A 71 -11.76 -10.27 -2.78
N SER A 72 -11.17 -9.46 -3.65
CA SER A 72 -10.78 -9.93 -4.98
C SER A 72 -9.30 -10.30 -5.04
N ASN A 73 -8.90 -10.99 -6.11
CA ASN A 73 -7.49 -11.40 -6.30
C ASN A 73 -6.57 -10.25 -5.93
N LYS A 74 -6.78 -9.12 -6.59
CA LYS A 74 -6.04 -7.89 -6.32
C LYS A 74 -7.05 -6.88 -5.81
N HIS A 75 -7.32 -6.96 -4.52
CA HIS A 75 -8.31 -6.10 -3.89
C HIS A 75 -7.97 -4.64 -4.02
N PHE A 76 -6.73 -4.30 -3.76
CA PHE A 76 -6.32 -2.89 -3.85
C PHE A 76 -4.89 -2.75 -4.37
N GLN A 77 -4.58 -1.57 -4.92
CA GLN A 77 -3.27 -1.31 -5.48
C GLN A 77 -2.74 0.06 -5.08
N ILE A 78 -1.45 0.15 -4.77
CA ILE A 78 -0.85 1.43 -4.38
C ILE A 78 0.19 1.86 -5.40
N LEU A 79 0.08 3.10 -5.90
CA LEU A 79 1.02 3.59 -6.88
C LEU A 79 1.88 4.73 -6.32
N LEU A 80 3.15 4.74 -6.71
CA LEU A 80 4.08 5.77 -6.26
C LEU A 80 4.69 6.51 -7.44
N GLY A 81 4.54 7.83 -7.45
CA GLY A 81 5.08 8.62 -8.54
C GLY A 81 4.36 9.95 -8.69
N GLU A 82 3.76 10.17 -9.86
CA GLU A 82 3.03 11.39 -10.14
C GLU A 82 3.98 12.59 -10.22
N ASP A 83 4.56 12.96 -9.08
CA ASP A 83 5.49 14.08 -9.03
C ASP A 83 6.42 13.95 -7.82
N GLY A 84 5.85 13.64 -6.67
CA GLY A 84 6.65 13.50 -5.46
C GLY A 84 5.80 13.14 -4.25
N ASN A 85 4.95 12.14 -4.40
CA ASN A 85 4.08 11.70 -3.31
C ASN A 85 3.59 10.28 -3.55
N LEU A 86 2.72 9.81 -2.66
CA LEU A 86 2.16 8.47 -2.76
C LEU A 86 0.66 8.52 -3.02
N LEU A 87 0.16 7.53 -3.77
CA LEU A 87 -1.27 7.46 -4.09
C LEU A 87 -1.79 6.05 -3.84
N LEU A 88 -3.05 5.96 -3.43
CA LEU A 88 -3.67 4.66 -3.18
C LEU A 88 -4.74 4.39 -4.21
N ASN A 89 -4.63 3.25 -4.89
CA ASN A 89 -5.60 2.90 -5.92
C ASN A 89 -6.40 1.67 -5.54
N ASP A 90 -7.70 1.85 -5.36
CA ASP A 90 -8.58 0.73 -5.02
C ASP A 90 -8.88 -0.09 -6.27
N ILE A 91 -8.75 -1.41 -6.17
CA ILE A 91 -8.99 -2.29 -7.31
C ILE A 91 -9.74 -3.56 -6.91
N SER A 92 -10.73 -3.43 -6.03
CA SER A 92 -11.48 -4.56 -5.57
C SER A 92 -12.81 -4.67 -6.29
N THR A 93 -13.33 -5.89 -6.38
CA THR A 93 -14.61 -6.13 -7.02
C THR A 93 -15.72 -5.54 -6.16
N ASN A 94 -15.53 -5.57 -4.84
CA ASN A 94 -16.51 -5.06 -3.90
C ASN A 94 -16.21 -3.63 -3.46
N GLY A 95 -14.98 -3.18 -3.62
CA GLY A 95 -14.62 -1.83 -3.23
C GLY A 95 -13.60 -1.77 -2.12
N THR A 96 -12.94 -0.62 -2.02
CA THR A 96 -11.92 -0.38 -1.01
C THR A 96 -12.37 0.76 -0.11
N TRP A 97 -12.15 0.62 1.19
CA TRP A 97 -12.59 1.64 2.14
C TRP A 97 -11.45 2.35 2.84
N LEU A 98 -11.70 3.61 3.15
CA LEU A 98 -10.76 4.43 3.87
C LEU A 98 -11.45 4.98 5.13
N ASN A 99 -10.98 4.54 6.29
CA ASN A 99 -11.56 4.96 7.56
C ASN A 99 -13.08 4.95 7.55
N GLY A 100 -13.68 3.89 6.98
CA GLY A 100 -15.10 3.78 6.95
C GLY A 100 -15.74 4.45 5.75
N GLN A 101 -14.96 5.24 5.01
CA GLN A 101 -15.49 5.93 3.84
C GLN A 101 -15.00 5.26 2.57
N LYS A 102 -15.95 4.76 1.79
CA LYS A 102 -15.64 4.08 0.55
C LYS A 102 -15.19 5.07 -0.52
N VAL A 103 -14.06 4.76 -1.16
CA VAL A 103 -13.51 5.61 -2.21
C VAL A 103 -13.84 5.05 -3.60
N GLU A 104 -13.65 5.88 -4.61
CA GLU A 104 -13.92 5.47 -5.99
C GLU A 104 -12.90 4.45 -6.45
N LYS A 105 -13.37 3.30 -6.94
CA LYS A 105 -12.47 2.26 -7.41
C LYS A 105 -11.50 2.83 -8.42
N ASN A 106 -10.41 2.09 -8.66
CA ASN A 106 -9.37 2.50 -9.60
C ASN A 106 -9.17 4.02 -9.61
N SER A 107 -9.29 4.61 -8.44
CA SER A 107 -9.11 6.05 -8.28
C SER A 107 -7.85 6.37 -7.47
N ASN A 108 -7.18 7.46 -7.83
CA ASN A 108 -5.96 7.86 -7.13
C ASN A 108 -6.28 8.81 -5.98
N GLN A 109 -5.80 8.47 -4.79
CA GLN A 109 -6.03 9.30 -3.62
C GLN A 109 -4.72 9.59 -2.90
N LEU A 110 -4.64 10.76 -2.29
CA LEU A 110 -3.46 11.16 -1.55
C LEU A 110 -3.37 10.39 -0.25
N LEU A 111 -2.22 9.76 -0.01
CA LEU A 111 -2.02 8.98 1.20
C LEU A 111 -2.26 9.81 2.46
N SER A 112 -2.50 9.11 3.56
CA SER A 112 -2.73 9.74 4.86
C SER A 112 -1.75 9.18 5.88
N GLN A 113 -1.44 9.97 6.91
CA GLN A 113 -0.51 9.53 7.93
C GLN A 113 -1.15 8.44 8.80
N GLY A 114 -0.54 7.26 8.78
CA GLY A 114 -1.06 6.14 9.55
C GLY A 114 -2.47 5.79 9.14
N ASP A 115 -2.82 6.10 7.90
CA ASP A 115 -4.14 5.83 7.37
C ASP A 115 -4.47 4.35 7.48
N GLU A 116 -5.71 4.00 7.14
CA GLU A 116 -6.15 2.62 7.20
C GLU A 116 -7.13 2.31 6.07
N ILE A 117 -6.94 1.17 5.42
CA ILE A 117 -7.82 0.76 4.33
C ILE A 117 -8.67 -0.42 4.76
N THR A 118 -9.98 -0.29 4.61
CA THR A 118 -10.91 -1.35 4.97
C THR A 118 -11.42 -2.04 3.71
N VAL A 119 -11.51 -3.36 3.74
CA VAL A 119 -11.98 -4.12 2.59
C VAL A 119 -12.87 -5.29 2.98
N GLY A 120 -13.68 -5.74 2.02
CA GLY A 120 -14.57 -6.84 2.26
C GLY A 120 -15.88 -6.38 2.89
N VAL A 121 -16.31 -5.19 2.51
CA VAL A 121 -17.52 -4.62 3.04
C VAL A 121 -18.77 -5.26 2.46
N GLY A 122 -19.75 -5.46 3.32
CA GLY A 122 -21.00 -6.06 2.94
C GLY A 122 -21.61 -6.76 4.13
N VAL A 123 -20.73 -7.37 4.94
CA VAL A 123 -21.12 -8.05 6.13
C VAL A 123 -20.31 -7.51 7.31
N GLU A 124 -20.99 -7.20 8.41
CA GLU A 124 -20.33 -6.64 9.58
C GLU A 124 -19.11 -7.46 10.00
N SER A 125 -19.25 -8.79 9.96
CA SER A 125 -18.17 -9.67 10.37
C SER A 125 -17.28 -10.12 9.19
N ASP A 126 -17.49 -9.56 8.00
CA ASP A 126 -16.69 -9.96 6.86
C ASP A 126 -15.85 -8.83 6.29
N ILE A 127 -15.52 -7.89 7.14
CA ILE A 127 -14.70 -6.76 6.76
C ILE A 127 -13.30 -6.88 7.35
N LEU A 128 -12.31 -6.51 6.55
CA LEU A 128 -10.91 -6.57 6.95
C LEU A 128 -10.27 -5.19 6.84
N SER A 129 -9.52 -4.79 7.86
CA SER A 129 -8.88 -3.48 7.87
C SER A 129 -7.37 -3.58 7.81
N LEU A 130 -6.77 -2.56 7.21
CA LEU A 130 -5.32 -2.47 7.06
C LEU A 130 -4.85 -1.06 7.39
N VAL A 131 -3.63 -0.95 7.90
CA VAL A 131 -3.06 0.35 8.25
C VAL A 131 -1.85 0.68 7.39
N ILE A 132 -1.73 1.94 6.98
CA ILE A 132 -0.65 2.39 6.15
C ILE A 132 0.36 3.21 6.94
N PHE A 133 1.60 2.74 6.97
CA PHE A 133 2.67 3.43 7.67
C PHE A 133 3.63 4.07 6.67
N ILE A 134 3.58 5.39 6.58
CA ILE A 134 4.43 6.13 5.66
C ILE A 134 5.80 6.42 6.27
N ASN A 135 6.85 6.10 5.52
CA ASN A 135 8.21 6.32 5.97
C ASN A 135 8.60 7.78 5.81
N ASP A 136 9.11 8.37 6.90
CA ASP A 136 9.52 9.78 6.87
C ASP A 136 10.82 9.96 6.09
N LYS A 137 11.66 8.93 6.10
CA LYS A 137 12.93 8.98 5.40
C LYS A 137 12.72 9.23 3.92
N PHE A 138 11.77 8.50 3.34
CA PHE A 138 11.46 8.64 1.91
C PHE A 138 11.06 10.07 1.58
N LYS A 139 10.22 10.65 2.43
CA LYS A 139 9.75 12.02 2.22
C LYS A 139 10.91 13.01 2.26
N GLN A 140 11.91 12.71 3.08
CA GLN A 140 13.08 13.58 3.20
C GLN A 140 13.89 13.60 1.92
N CYS A 141 14.15 12.41 1.37
CA CYS A 141 14.92 12.29 0.13
C CYS A 141 14.19 12.95 -1.03
N LEU A 142 12.88 12.71 -1.12
CA LEU A 142 12.07 13.28 -2.18
C LEU A 142 12.12 14.81 -2.13
N GLU A 143 12.18 15.36 -0.94
CA GLU A 143 12.24 16.82 -0.77
C GLU A 143 13.48 17.38 -1.44
N GLN A 144 14.61 16.70 -1.28
CA GLN A 144 15.86 17.14 -1.86
C GLN A 144 15.98 16.64 -3.31
N ASN A 145 15.39 15.49 -3.58
CA ASN A 145 15.41 14.89 -4.92
C ASN A 145 16.80 14.98 -5.56
N LYS A 146 17.06 16.06 -6.30
CA LYS A 146 18.35 16.24 -6.95
C LYS A 146 19.45 16.51 -5.92
N VAL A 147 20.65 16.02 -6.20
CA VAL A 147 21.78 16.20 -5.30
C VAL A 147 22.72 17.29 -5.81
N ASP A 148 23.19 18.15 -4.91
CA ASP A 148 24.10 19.23 -5.27
C ASP A 148 25.37 19.16 -4.43
N ARG A 149 26.50 19.48 -5.07
CA ARG A 149 27.79 19.46 -4.39
C ARG A 149 28.05 20.79 -3.69
N ILE A 150 27.88 21.88 -4.43
CA ILE A 150 28.11 23.21 -3.88
C ILE A 150 26.91 23.67 -3.04
N ARG A 151 27.19 24.29 -1.91
CA ARG A 151 26.14 24.78 -1.02
C ARG A 151 25.24 23.63 -0.56
N SER B 1 -12.12 -24.93 -11.82
CA SER B 1 -13.53 -24.49 -11.64
C SER B 1 -13.66 -23.00 -11.90
N LEU B 2 -14.87 -22.47 -11.70
CA LEU B 2 -15.14 -21.05 -11.91
C LEU B 2 -15.40 -20.35 -10.59
N GLU B 3 -14.36 -20.19 -9.79
CA GLU B 3 -14.47 -19.54 -8.49
C GLU B 3 -14.51 -18.02 -8.66
N VAL B 4 -15.68 -17.50 -9.03
CA VAL B 4 -15.85 -16.07 -9.23
C VAL B 4 -15.99 -15.34 -7.89
N TPO B 5 -15.34 -14.20 -7.77
CA TPO B 5 -15.40 -13.41 -6.54
CB TPO B 5 -14.40 -12.23 -6.58
CG2 TPO B 5 -14.49 -11.40 -5.31
OG1 TPO B 5 -13.10 -12.71 -6.73
P TPO B 5 -12.25 -12.19 -7.92
O1P TPO B 5 -13.03 -12.59 -9.19
O2P TPO B 5 -12.30 -10.63 -7.78
O3P TPO B 5 -10.84 -12.72 -7.93
C TPO B 5 -16.81 -12.87 -6.31
O TPO B 5 -17.48 -12.46 -7.25
H2 TPO B 5 -14.79 -13.87 -8.52
HA TPO B 5 -15.13 -14.05 -5.71
HB TPO B 5 -14.64 -11.60 -7.42
HG21 TPO B 5 -13.49 -11.15 -4.98
HG22 TPO B 5 -15.00 -11.96 -4.55
HG23 TPO B 5 -15.03 -10.49 -5.52
N GLU B 6 -17.23 -12.88 -5.05
CA GLU B 6 -18.57 -12.38 -4.70
C GLU B 6 -18.60 -10.86 -4.73
N ALA B 7 -19.73 -10.31 -5.17
CA ALA B 7 -19.89 -8.86 -5.24
C ALA B 7 -21.34 -8.46 -4.98
N ASP B 8 -21.56 -7.16 -4.78
CA ASP B 8 -22.90 -6.66 -4.52
C ASP B 8 -23.28 -5.57 -5.52
N ALA B 9 -24.57 -5.25 -5.59
CA ALA B 9 -25.06 -4.24 -6.52
C ALA B 9 -26.25 -3.49 -5.93
N THR B 10 -25.99 -2.66 -4.92
CA THR B 10 -27.05 -1.89 -4.27
C THR B 10 -26.86 -0.39 -4.52
N PHE B 11 -25.61 0.05 -4.56
CA PHE B 11 -25.31 1.45 -4.79
C PHE B 11 -24.02 1.60 -5.59
N VAL B 12 -24.14 1.53 -6.91
CA VAL B 12 -22.98 1.66 -7.79
C VAL B 12 -21.99 0.52 -7.56
N GLN B 13 -21.30 0.13 -8.62
CA GLN B 13 -20.32 -0.95 -8.54
C GLN B 13 -18.93 -0.45 -8.90
N ALA A 1 35.29 -9.79 15.39
CA ALA A 1 35.33 -10.70 16.53
C ALA A 1 33.93 -10.93 17.10
N THR A 2 33.87 -11.71 18.18
CA THR A 2 32.60 -12.02 18.82
C THR A 2 32.17 -10.88 19.75
N GLN A 3 33.11 -10.38 20.55
CA GLN A 3 32.83 -9.30 21.47
C GLN A 3 32.41 -8.04 20.73
N ARG A 4 33.13 -7.71 19.67
CA ARG A 4 32.83 -6.53 18.87
C ARG A 4 31.50 -6.69 18.13
N PHE A 5 31.30 -7.86 17.55
CA PHE A 5 30.08 -8.15 16.82
C PHE A 5 28.86 -8.03 17.73
N LEU A 6 29.03 -8.42 18.98
CA LEU A 6 27.94 -8.35 19.96
C LEU A 6 27.43 -6.93 20.11
N ILE A 7 28.34 -5.96 20.13
CA ILE A 7 27.98 -4.56 20.27
C ILE A 7 27.28 -4.05 19.01
N GLU A 8 27.71 -4.55 17.86
CA GLU A 8 27.14 -4.14 16.59
C GLU A 8 25.63 -4.40 16.59
N LYS A 9 25.25 -5.55 17.15
CA LYS A 9 23.83 -5.92 17.23
C LYS A 9 23.08 -4.99 18.18
N PHE A 10 23.83 -4.36 19.10
CA PHE A 10 23.23 -3.45 20.07
C PHE A 10 22.49 -2.32 19.36
N SER A 11 23.13 -1.72 18.37
CA SER A 11 22.53 -0.63 17.62
C SER A 11 21.30 -1.11 16.85
N GLN A 12 21.31 -2.39 16.49
CA GLN A 12 20.19 -2.98 15.74
C GLN A 12 20.06 -2.32 14.37
N GLU A 13 19.66 -3.12 13.39
CA GLU A 13 19.49 -2.63 12.02
C GLU A 13 18.24 -1.76 11.91
N GLN A 14 18.40 -0.57 11.34
CA GLN A 14 17.29 0.35 11.18
C GLN A 14 16.61 0.16 9.82
N ILE A 15 15.28 0.11 9.82
CA ILE A 15 14.53 -0.07 8.59
C ILE A 15 14.36 1.24 7.83
N GLY A 16 14.51 1.14 6.54
CA GLY A 16 14.39 2.29 5.67
C GLY A 16 15.38 2.27 4.52
N GLU A 17 15.53 1.10 3.90
CA GLU A 17 16.46 0.95 2.79
C GLU A 17 16.01 1.78 1.58
N ASN A 18 14.71 1.82 1.34
CA ASN A 18 14.14 2.56 0.23
C ASN A 18 12.65 2.35 0.24
N ILE A 19 12.13 2.33 1.46
CA ILE A 19 10.74 2.09 1.69
C ILE A 19 9.88 3.31 1.40
N VAL A 20 8.78 3.05 0.71
CA VAL A 20 7.85 4.06 0.33
C VAL A 20 6.79 4.22 1.42
N CYS A 21 6.09 3.11 1.67
CA CYS A 21 5.06 3.07 2.69
C CYS A 21 5.01 1.66 3.31
N ARG A 22 4.43 1.55 4.50
CA ARG A 22 4.34 0.26 5.18
C ARG A 22 2.89 -0.14 5.45
N VAL A 23 2.57 -1.40 5.23
CA VAL A 23 1.22 -1.90 5.47
C VAL A 23 1.16 -2.72 6.76
N ILE A 24 0.30 -2.31 7.69
CA ILE A 24 0.17 -2.99 8.96
C ILE A 24 -1.29 -3.33 9.27
N CYS A 25 -1.58 -4.61 9.45
CA CYS A 25 -2.94 -5.04 9.75
C CYS A 25 -3.17 -5.03 11.26
N THR A 26 -3.92 -4.04 11.72
CA THR A 26 -4.22 -3.90 13.14
C THR A 26 -5.39 -4.77 13.56
N THR A 27 -6.24 -5.16 12.61
CA THR A 27 -7.40 -5.99 12.91
C THR A 27 -7.01 -7.46 13.06
N GLY A 28 -5.73 -7.77 12.84
CA GLY A 28 -5.25 -9.13 12.99
C GLY A 28 -5.77 -10.08 11.93
N GLN A 29 -5.28 -9.93 10.70
CA GLN A 29 -5.69 -10.80 9.60
C GLN A 29 -4.52 -11.12 8.68
N ILE A 30 -3.69 -10.11 8.41
CA ILE A 30 -2.55 -10.27 7.54
C ILE A 30 -1.27 -9.74 8.19
N PRO A 31 -0.12 -10.41 7.95
CA PRO A 31 1.16 -9.99 8.52
C PRO A 31 1.67 -8.69 7.90
N ILE A 32 2.35 -7.88 8.72
CA ILE A 32 2.87 -6.60 8.26
C ILE A 32 3.74 -6.76 7.00
N ARG A 33 3.84 -5.68 6.25
CA ARG A 33 4.63 -5.65 5.02
C ARG A 33 5.16 -4.25 4.77
N ASP A 34 6.14 -4.12 3.88
CA ASP A 34 6.72 -2.81 3.58
C ASP A 34 6.84 -2.57 2.08
N LEU A 35 6.19 -1.51 1.62
CA LEU A 35 6.23 -1.11 0.22
C LEU A 35 7.45 -0.23 -0.02
N SER A 36 8.22 -0.52 -1.06
CA SER A 36 9.40 0.28 -1.34
C SER A 36 9.62 0.56 -2.80
N ALA A 37 10.32 1.63 -3.04
CA ALA A 37 10.67 2.06 -4.39
C ALA A 37 12.10 2.60 -4.43
N ASP A 38 12.82 2.29 -5.52
CA ASP A 38 14.19 2.75 -5.67
C ASP A 38 14.26 4.18 -6.17
N ILE A 39 14.77 5.06 -5.30
CA ILE A 39 14.89 6.48 -5.61
C ILE A 39 15.84 6.76 -6.77
N SER A 40 16.92 5.98 -6.83
CA SER A 40 17.92 6.16 -7.87
C SER A 40 17.29 6.06 -9.25
N GLN A 41 16.40 5.10 -9.40
CA GLN A 41 15.71 4.88 -10.67
C GLN A 41 14.75 6.03 -10.95
N VAL A 42 14.13 6.55 -9.90
CA VAL A 42 13.20 7.66 -10.03
C VAL A 42 13.87 8.88 -10.65
N LEU A 43 15.03 9.25 -10.10
CA LEU A 43 15.78 10.39 -10.60
C LEU A 43 16.16 10.20 -12.06
N LYS A 44 16.40 8.96 -12.44
CA LYS A 44 16.77 8.64 -13.82
C LYS A 44 15.63 8.95 -14.78
N GLU A 45 14.41 8.62 -14.37
CA GLU A 45 13.23 8.87 -15.19
C GLU A 45 12.53 10.15 -14.77
N LYS A 46 12.27 11.04 -15.74
CA LYS A 46 11.61 12.29 -15.46
C LYS A 46 10.12 12.21 -15.80
N ARG A 47 9.56 11.02 -15.64
CA ARG A 47 8.14 10.80 -15.92
C ARG A 47 7.72 9.38 -15.58
N SER A 48 6.56 8.96 -16.06
CA SER A 48 6.05 7.62 -15.81
C SER A 48 5.82 7.40 -14.32
N ILE A 49 4.94 6.46 -14.00
CA ILE A 49 4.62 6.14 -12.61
C ILE A 49 5.79 5.41 -11.94
N LYS A 50 6.25 5.96 -10.82
CA LYS A 50 7.36 5.35 -10.08
C LYS A 50 7.16 3.86 -9.90
N LYS A 51 6.30 3.48 -8.95
CA LYS A 51 6.02 2.07 -8.69
C LYS A 51 4.65 1.89 -8.07
N VAL A 52 3.98 0.79 -8.40
CA VAL A 52 2.65 0.52 -7.88
C VAL A 52 2.55 -0.89 -7.31
N TRP A 53 1.89 -0.99 -6.17
CA TRP A 53 1.68 -2.28 -5.49
C TRP A 53 0.26 -2.79 -5.67
N THR A 54 0.12 -4.08 -5.90
CA THR A 54 -1.20 -4.68 -6.03
C THR A 54 -1.44 -5.65 -4.87
N PHE A 55 -2.55 -5.45 -4.18
CA PHE A 55 -2.92 -6.26 -3.03
C PHE A 55 -4.16 -7.10 -3.31
N GLY A 56 -4.19 -8.31 -2.75
CA GLY A 56 -5.35 -9.17 -2.95
C GLY A 56 -5.07 -10.63 -2.65
N ARG A 57 -6.03 -11.48 -3.00
CA ARG A 57 -5.90 -12.92 -2.76
C ARG A 57 -4.99 -13.59 -3.80
N ASN A 58 -4.47 -12.80 -4.73
CA ASN A 58 -3.59 -13.33 -5.78
C ASN A 58 -2.16 -13.42 -5.28
N PRO A 59 -1.51 -14.59 -5.42
CA PRO A 59 -0.12 -14.78 -4.99
C PRO A 59 0.83 -13.95 -5.83
N ALA A 60 0.32 -13.38 -6.92
CA ALA A 60 1.08 -12.54 -7.80
C ALA A 60 1.14 -11.15 -7.23
N CYS A 61 -0.03 -10.73 -6.75
CA CYS A 61 -0.19 -9.44 -6.15
C CYS A 61 1.00 -9.11 -5.28
N ASP A 62 1.45 -7.88 -5.37
CA ASP A 62 2.58 -7.44 -4.58
C ASP A 62 2.30 -7.66 -3.09
N TYR A 63 1.01 -7.82 -2.75
CA TYR A 63 0.63 -8.04 -1.36
C TYR A 63 -0.31 -9.25 -1.25
N HIS A 64 0.07 -10.23 -0.44
CA HIS A 64 -0.74 -11.42 -0.25
C HIS A 64 -1.56 -11.32 1.04
N LEU A 65 -2.88 -11.36 0.91
CA LEU A 65 -3.77 -11.28 2.07
C LEU A 65 -3.88 -12.62 2.78
N GLY A 66 -4.54 -13.57 2.13
CA GLY A 66 -4.72 -14.88 2.73
C GLY A 66 -5.69 -15.76 1.95
N ASN A 67 -6.97 -15.69 2.34
CA ASN A 67 -8.00 -16.49 1.66
C ASN A 67 -9.39 -15.99 2.02
N ILE A 68 -9.70 -14.76 1.62
CA ILE A 68 -11.01 -14.17 1.89
C ILE A 68 -11.86 -14.13 0.63
N SER A 69 -12.91 -14.93 0.61
CA SER A 69 -13.81 -14.99 -0.55
C SER A 69 -14.39 -13.62 -0.87
N ARG A 70 -14.59 -12.81 0.17
CA ARG A 70 -15.15 -11.47 0.00
C ARG A 70 -14.18 -10.56 -0.74
N LEU A 71 -12.88 -10.84 -0.60
CA LEU A 71 -11.85 -10.03 -1.25
C LEU A 71 -11.52 -10.60 -2.64
N SER A 72 -11.12 -9.72 -3.55
CA SER A 72 -10.79 -10.15 -4.92
C SER A 72 -9.30 -10.48 -5.06
N ASN A 73 -8.95 -11.16 -6.15
CA ASN A 73 -7.55 -11.53 -6.43
C ASN A 73 -6.64 -10.35 -6.12
N LYS A 74 -6.98 -9.22 -6.71
CA LYS A 74 -6.27 -7.97 -6.49
C LYS A 74 -7.27 -6.98 -5.95
N HIS A 75 -7.50 -7.06 -4.64
CA HIS A 75 -8.48 -6.24 -3.98
C HIS A 75 -8.18 -4.76 -4.11
N PHE A 76 -6.94 -4.39 -3.88
CA PHE A 76 -6.57 -2.99 -3.98
C PHE A 76 -5.13 -2.82 -4.48
N GLN A 77 -4.84 -1.66 -5.05
CA GLN A 77 -3.50 -1.38 -5.58
C GLN A 77 -3.03 0.01 -5.19
N ILE A 78 -1.75 0.14 -4.83
CA ILE A 78 -1.21 1.44 -4.45
C ILE A 78 -0.18 1.93 -5.45
N LEU A 79 -0.34 3.17 -5.92
CA LEU A 79 0.57 3.74 -6.90
C LEU A 79 1.33 4.93 -6.31
N LEU A 80 2.63 5.00 -6.61
CA LEU A 80 3.47 6.09 -6.13
C LEU A 80 4.01 6.90 -7.30
N GLY A 81 3.84 8.22 -7.24
CA GLY A 81 4.32 9.07 -8.31
C GLY A 81 5.53 9.88 -7.89
N GLU A 82 6.23 10.45 -8.88
CA GLU A 82 7.41 11.25 -8.61
C GLU A 82 7.03 12.62 -8.06
N ASP A 83 7.38 12.86 -6.79
CA ASP A 83 7.07 14.12 -6.14
C ASP A 83 5.56 14.34 -6.08
N GLY A 84 5.02 14.31 -4.85
CA GLY A 84 3.59 14.51 -4.68
C GLY A 84 2.95 13.39 -3.87
N ASN A 85 3.69 12.83 -2.92
CA ASN A 85 3.18 11.76 -2.09
C ASN A 85 2.78 10.55 -2.93
N LEU A 86 2.12 9.59 -2.30
CA LEU A 86 1.68 8.38 -2.99
C LEU A 86 0.17 8.38 -3.17
N LEU A 87 -0.31 7.56 -4.11
CA LEU A 87 -1.73 7.45 -4.39
C LEU A 87 -2.21 6.04 -4.14
N LEU A 88 -3.45 5.90 -3.70
CA LEU A 88 -4.04 4.59 -3.43
C LEU A 88 -5.12 4.28 -4.44
N ASN A 89 -4.99 3.16 -5.13
CA ASN A 89 -5.97 2.77 -6.15
C ASN A 89 -6.74 1.52 -5.74
N ASP A 90 -8.04 1.68 -5.56
CA ASP A 90 -8.89 0.57 -5.20
C ASP A 90 -9.18 -0.28 -6.44
N ILE A 91 -9.08 -1.60 -6.30
CA ILE A 91 -9.30 -2.51 -7.42
C ILE A 91 -10.03 -3.78 -6.98
N SER A 92 -10.97 -3.66 -6.04
CA SER A 92 -11.68 -4.80 -5.55
C SER A 92 -13.04 -4.95 -6.22
N THR A 93 -13.49 -6.19 -6.32
CA THR A 93 -14.79 -6.47 -6.89
C THR A 93 -15.90 -5.96 -5.97
N ASN A 94 -15.62 -5.99 -4.67
CA ASN A 94 -16.58 -5.56 -3.67
C ASN A 94 -16.37 -4.10 -3.25
N GLY A 95 -15.18 -3.54 -3.49
CA GLY A 95 -14.94 -2.18 -3.13
C GLY A 95 -13.86 -2.02 -2.07
N THR A 96 -13.26 -0.84 -2.05
CA THR A 96 -12.20 -0.50 -1.09
C THR A 96 -12.67 0.65 -0.21
N TRP A 97 -12.40 0.57 1.08
CA TRP A 97 -12.84 1.60 2.00
C TRP A 97 -11.70 2.35 2.66
N LEU A 98 -11.98 3.62 2.96
CA LEU A 98 -11.03 4.47 3.64
C LEU A 98 -11.70 5.03 4.89
N ASN A 99 -11.20 4.62 6.05
CA ASN A 99 -11.74 5.07 7.33
C ASN A 99 -13.27 5.03 7.36
N GLY A 100 -13.86 3.97 6.83
CA GLY A 100 -15.29 3.84 6.84
C GLY A 100 -15.97 4.46 5.64
N GLN A 101 -15.22 5.27 4.89
CA GLN A 101 -15.78 5.92 3.71
C GLN A 101 -15.28 5.24 2.44
N LYS A 102 -16.21 4.68 1.68
CA LYS A 102 -15.89 4.00 0.45
C LYS A 102 -15.45 4.98 -0.63
N VAL A 103 -14.39 4.61 -1.34
CA VAL A 103 -13.85 5.45 -2.41
C VAL A 103 -14.20 4.88 -3.79
N GLU A 104 -14.03 5.68 -4.82
CA GLU A 104 -14.32 5.25 -6.18
C GLU A 104 -13.29 4.22 -6.63
N LYS A 105 -13.77 3.07 -7.09
CA LYS A 105 -12.87 2.01 -7.56
C LYS A 105 -11.92 2.54 -8.62
N ASN A 106 -10.84 1.79 -8.84
CA ASN A 106 -9.81 2.14 -9.82
C ASN A 106 -9.58 3.66 -9.90
N SER A 107 -9.74 4.31 -8.75
CA SER A 107 -9.54 5.75 -8.66
C SER A 107 -8.31 6.10 -7.83
N ASN A 108 -7.62 7.16 -8.21
CA ASN A 108 -6.43 7.59 -7.49
C ASN A 108 -6.80 8.53 -6.34
N GLN A 109 -6.28 8.24 -5.15
CA GLN A 109 -6.55 9.06 -3.97
C GLN A 109 -5.26 9.45 -3.27
N LEU A 110 -5.24 10.65 -2.71
CA LEU A 110 -4.07 11.15 -2.00
C LEU A 110 -3.91 10.42 -0.68
N LEU A 111 -2.78 9.75 -0.50
CA LEU A 111 -2.52 9.01 0.72
C LEU A 111 -2.62 9.89 1.95
N SER A 112 -2.92 9.27 3.07
CA SER A 112 -3.05 9.95 4.34
C SER A 112 -2.07 9.37 5.36
N GLN A 113 -1.68 10.18 6.34
CA GLN A 113 -0.74 9.74 7.35
C GLN A 113 -1.39 8.72 8.28
N GLY A 114 -0.78 7.55 8.38
CA GLY A 114 -1.33 6.50 9.22
C GLY A 114 -2.72 6.09 8.81
N ASP A 115 -3.09 6.41 7.57
CA ASP A 115 -4.41 6.07 7.05
C ASP A 115 -4.66 4.58 7.14
N GLU A 116 -5.90 4.19 6.86
CA GLU A 116 -6.29 2.79 6.91
C GLU A 116 -7.32 2.47 5.83
N ILE A 117 -7.13 1.34 5.15
CA ILE A 117 -8.05 0.91 4.11
C ILE A 117 -8.86 -0.30 4.57
N THR A 118 -10.17 -0.21 4.47
CA THR A 118 -11.05 -1.29 4.88
C THR A 118 -11.60 -2.02 3.65
N VAL A 119 -11.68 -3.35 3.74
CA VAL A 119 -12.17 -4.14 2.62
C VAL A 119 -13.08 -5.28 3.08
N GLY A 120 -13.89 -5.77 2.16
CA GLY A 120 -14.80 -6.85 2.47
C GLY A 120 -16.06 -6.37 3.15
N VAL A 121 -16.57 -5.23 2.69
CA VAL A 121 -17.75 -4.64 3.26
C VAL A 121 -19.03 -5.29 2.76
N GLY A 122 -19.96 -5.45 3.68
CA GLY A 122 -21.23 -6.08 3.39
C GLY A 122 -21.71 -6.83 4.60
N VAL A 123 -20.77 -7.54 5.23
CA VAL A 123 -21.02 -8.30 6.43
C VAL A 123 -20.02 -7.87 7.50
N GLU A 124 -20.52 -7.42 8.64
CA GLU A 124 -19.65 -6.96 9.73
C GLU A 124 -18.57 -7.99 10.05
N SER A 125 -18.84 -9.25 9.73
CA SER A 125 -17.91 -10.33 10.01
C SER A 125 -17.01 -10.62 8.81
N ASP A 126 -17.08 -9.82 7.75
CA ASP A 126 -16.26 -10.07 6.57
C ASP A 126 -15.48 -8.84 6.12
N ILE A 127 -15.25 -7.94 7.03
CA ILE A 127 -14.50 -6.73 6.76
C ILE A 127 -13.11 -6.79 7.38
N LEU A 128 -12.15 -6.32 6.62
CA LEU A 128 -10.75 -6.29 7.06
C LEU A 128 -10.19 -4.87 7.00
N SER A 129 -9.50 -4.46 8.05
CA SER A 129 -8.93 -3.13 8.11
C SER A 129 -7.40 -3.17 8.04
N LEU A 130 -6.84 -2.38 7.13
CA LEU A 130 -5.40 -2.30 6.94
C LEU A 130 -4.91 -0.87 7.14
N VAL A 131 -3.82 -0.70 7.88
CA VAL A 131 -3.26 0.62 8.13
C VAL A 131 -1.94 0.82 7.41
N ILE A 132 -1.74 2.01 6.86
CA ILE A 132 -0.55 2.33 6.13
C ILE A 132 0.37 3.25 6.94
N PHE A 133 1.66 2.93 6.92
CA PHE A 133 2.65 3.72 7.63
C PHE A 133 3.64 4.36 6.65
N ILE A 134 3.63 5.68 6.61
CA ILE A 134 4.51 6.42 5.72
C ILE A 134 5.90 6.62 6.32
N ASN A 135 6.93 6.32 5.54
CA ASN A 135 8.31 6.48 6.00
C ASN A 135 8.83 7.87 5.67
N ASP A 136 8.97 8.69 6.71
CA ASP A 136 9.47 10.06 6.53
C ASP A 136 10.89 10.07 5.98
N LYS A 137 11.63 8.99 6.25
CA LYS A 137 13.01 8.88 5.78
C LYS A 137 13.06 8.99 4.25
N PHE A 138 12.14 8.29 3.59
CA PHE A 138 12.08 8.30 2.15
C PHE A 138 11.88 9.72 1.62
N LYS A 139 10.98 10.46 2.25
CA LYS A 139 10.69 11.83 1.85
C LYS A 139 11.93 12.71 1.99
N GLN A 140 12.73 12.45 3.03
CA GLN A 140 13.94 13.22 3.28
C GLN A 140 14.94 13.04 2.13
N CYS A 141 15.06 11.81 1.65
CA CYS A 141 15.98 11.50 0.56
C CYS A 141 15.62 12.29 -0.70
N LEU A 142 14.33 12.30 -1.03
CA LEU A 142 13.87 13.02 -2.22
C LEU A 142 14.09 14.52 -2.07
N GLU A 143 13.94 15.03 -0.85
CA GLU A 143 14.13 16.44 -0.59
C GLU A 143 15.56 16.88 -0.93
N GLN A 144 16.52 15.99 -0.67
CA GLN A 144 17.92 16.28 -0.95
C GLN A 144 18.30 15.80 -2.35
N ASN A 145 17.75 14.66 -2.76
CA ASN A 145 18.02 14.09 -4.08
C ASN A 145 19.51 14.14 -4.41
N LYS A 146 19.85 13.80 -5.65
CA LYS A 146 21.23 13.80 -6.10
C LYS A 146 21.85 15.19 -5.95
N VAL A 147 23.03 15.26 -5.36
CA VAL A 147 23.72 16.52 -5.15
C VAL A 147 24.80 16.73 -6.22
N ASP A 148 24.83 17.92 -6.80
CA ASP A 148 25.81 18.24 -7.83
C ASP A 148 26.59 19.51 -7.46
N ARG A 149 25.86 20.59 -7.20
CA ARG A 149 26.48 21.86 -6.83
C ARG A 149 25.74 22.51 -5.68
N ILE A 150 24.42 22.62 -5.81
CA ILE A 150 23.60 23.23 -4.77
C ILE A 150 22.82 22.16 -3.99
N ARG A 151 22.86 22.27 -2.67
CA ARG A 151 22.17 21.31 -1.81
C ARG A 151 21.67 21.99 -0.54
N SER B 1 -11.45 -20.88 -17.44
CA SER B 1 -11.39 -21.22 -15.99
C SER B 1 -11.36 -19.96 -15.13
N LEU B 2 -12.13 -18.95 -15.55
CA LEU B 2 -12.19 -17.70 -14.82
C LEU B 2 -13.16 -17.80 -13.64
N GLU B 3 -12.65 -17.54 -12.44
CA GLU B 3 -13.46 -17.61 -11.23
C GLU B 3 -13.70 -16.22 -10.65
N VAL B 4 -14.91 -15.72 -10.81
CA VAL B 4 -15.26 -14.39 -10.30
C VAL B 4 -15.33 -14.39 -8.78
N TPO B 5 -14.98 -13.27 -8.18
CA TPO B 5 -14.99 -13.13 -6.73
CB TPO B 5 -14.07 -11.99 -6.26
CG2 TPO B 5 -14.11 -11.82 -4.75
OG1 TPO B 5 -12.75 -12.26 -6.67
P TPO B 5 -12.11 -13.62 -6.24
O1P TPO B 5 -12.23 -14.52 -7.49
O2P TPO B 5 -10.60 -13.29 -5.99
O3P TPO B 5 -12.76 -14.22 -5.03
C TPO B 5 -16.41 -12.85 -6.22
O TPO B 5 -17.23 -12.24 -6.91
H2 TPO B 5 -14.70 -12.50 -8.72
HA TPO B 5 -14.64 -14.05 -6.30
HB TPO B 5 -14.39 -11.07 -6.72
HG21 TPO B 5 -14.90 -11.13 -4.49
HG22 TPO B 5 -13.17 -11.43 -4.40
HG23 TPO B 5 -14.31 -12.78 -4.28
N GLU B 6 -16.69 -13.32 -5.00
CA GLU B 6 -18.00 -13.12 -4.40
C GLU B 6 -18.23 -11.66 -4.04
N ALA B 7 -19.18 -11.02 -4.70
CA ALA B 7 -19.49 -9.62 -4.45
C ALA B 7 -20.87 -9.46 -3.84
N ASP B 8 -21.06 -8.40 -3.06
CA ASP B 8 -22.34 -8.13 -2.43
C ASP B 8 -23.20 -7.22 -3.29
N ALA B 9 -24.49 -7.16 -2.98
CA ALA B 9 -25.43 -6.32 -3.72
C ALA B 9 -25.25 -4.85 -3.37
N THR B 10 -24.24 -4.23 -3.95
CA THR B 10 -23.96 -2.81 -3.70
C THR B 10 -24.26 -1.98 -4.93
N PHE B 11 -23.85 -2.47 -6.10
CA PHE B 11 -24.07 -1.77 -7.35
C PHE B 11 -24.46 -2.74 -8.46
N VAL B 12 -25.63 -3.34 -8.33
CA VAL B 12 -26.12 -4.30 -9.32
C VAL B 12 -27.32 -3.75 -10.08
N GLN B 13 -28.08 -2.87 -9.43
CA GLN B 13 -29.26 -2.28 -10.04
C GLN B 13 -30.30 -3.34 -10.38
N ALA A 1 11.67 -3.72 29.40
CA ALA A 1 12.64 -3.23 28.42
C ALA A 1 11.96 -2.48 27.29
N THR A 2 12.27 -1.20 27.15
CA THR A 2 11.67 -0.37 26.11
C THR A 2 12.73 0.53 25.48
N GLN A 3 13.45 1.27 26.31
CA GLN A 3 14.49 2.18 25.83
C GLN A 3 15.70 1.40 25.33
N ARG A 4 16.02 0.32 26.02
CA ARG A 4 17.16 -0.52 25.65
C ARG A 4 16.99 -1.07 24.24
N PHE A 5 15.76 -1.47 23.90
CA PHE A 5 15.47 -2.01 22.59
C PHE A 5 15.78 -1.00 21.50
N LEU A 6 15.45 0.26 21.76
CA LEU A 6 15.71 1.33 20.79
C LEU A 6 17.19 1.46 20.49
N ILE A 7 18.01 1.42 21.54
CA ILE A 7 19.45 1.53 21.38
C ILE A 7 20.03 0.30 20.70
N GLU A 8 19.45 -0.86 20.97
CA GLU A 8 19.91 -2.11 20.37
C GLU A 8 19.88 -2.00 18.85
N LYS A 9 18.86 -1.32 18.33
CA LYS A 9 18.72 -1.13 16.90
C LYS A 9 19.85 -0.25 16.34
N PHE A 10 20.43 0.57 17.22
CA PHE A 10 21.51 1.46 16.82
C PHE A 10 22.68 0.68 16.21
N SER A 11 23.07 -0.40 16.88
CA SER A 11 24.15 -1.23 16.40
C SER A 11 23.67 -2.20 15.33
N GLN A 12 22.41 -2.62 15.43
CA GLN A 12 21.83 -3.54 14.47
C GLN A 12 21.46 -2.82 13.18
N GLU A 13 20.85 -3.55 12.24
CA GLU A 13 20.45 -2.98 10.96
C GLU A 13 19.14 -2.20 11.10
N GLN A 14 19.13 -0.98 10.59
CA GLN A 14 17.94 -0.13 10.65
C GLN A 14 17.04 -0.37 9.45
N ILE A 15 15.73 -0.35 9.68
CA ILE A 15 14.76 -0.56 8.67
C ILE A 15 14.54 0.71 7.86
N GLY A 16 14.46 0.55 6.55
CA GLY A 16 14.25 1.68 5.66
C GLY A 16 15.24 1.70 4.53
N GLU A 17 15.47 0.54 3.92
CA GLU A 17 16.42 0.42 2.82
C GLU A 17 16.03 1.33 1.66
N ASN A 18 14.73 1.39 1.36
CA ASN A 18 14.24 2.22 0.28
C ASN A 18 12.73 2.09 0.24
N ILE A 19 12.19 2.00 1.44
CA ILE A 19 10.78 1.80 1.65
C ILE A 19 9.97 3.04 1.36
N VAL A 20 8.86 2.83 0.68
CA VAL A 20 7.94 3.88 0.31
C VAL A 20 6.87 4.02 1.39
N CYS A 21 6.15 2.93 1.60
CA CYS A 21 5.09 2.87 2.61
C CYS A 21 4.96 1.45 3.15
N ARG A 22 4.56 1.35 4.42
CA ARG A 22 4.40 0.04 5.06
C ARG A 22 2.94 -0.22 5.39
N VAL A 23 2.48 -1.46 5.15
CA VAL A 23 1.11 -1.82 5.43
C VAL A 23 1.02 -2.70 6.67
N ILE A 24 0.24 -2.25 7.65
CA ILE A 24 0.07 -2.98 8.90
C ILE A 24 -1.40 -3.23 9.19
N CYS A 25 -1.75 -4.50 9.43
CA CYS A 25 -3.13 -4.86 9.74
C CYS A 25 -3.42 -4.68 11.23
N THR A 26 -4.39 -3.83 11.54
CA THR A 26 -4.75 -3.56 12.93
C THR A 26 -5.80 -4.56 13.42
N THR A 27 -6.58 -5.10 12.51
CA THR A 27 -7.62 -6.06 12.87
C THR A 27 -7.05 -7.46 13.08
N GLY A 28 -5.74 -7.60 12.89
CA GLY A 28 -5.10 -8.89 13.08
C GLY A 28 -5.60 -9.94 12.11
N GLN A 29 -5.16 -9.86 10.85
CA GLN A 29 -5.56 -10.81 9.83
C GLN A 29 -4.42 -11.06 8.84
N ILE A 30 -3.79 -9.98 8.41
CA ILE A 30 -2.68 -10.07 7.45
C ILE A 30 -1.37 -9.64 8.10
N PRO A 31 -0.26 -10.34 7.78
CA PRO A 31 1.06 -10.02 8.34
C PRO A 31 1.65 -8.77 7.73
N ILE A 32 2.33 -7.97 8.55
CA ILE A 32 2.93 -6.73 8.09
C ILE A 32 3.88 -6.97 6.92
N ARG A 33 3.86 -6.04 5.96
CA ARG A 33 4.72 -6.13 4.78
C ARG A 33 5.39 -4.78 4.53
N ASP A 34 6.43 -4.79 3.70
CA ASP A 34 7.15 -3.55 3.40
C ASP A 34 7.15 -3.24 1.91
N LEU A 35 6.58 -2.08 1.57
CA LEU A 35 6.53 -1.63 0.18
C LEU A 35 7.67 -0.65 -0.05
N SER A 36 8.37 -0.77 -1.18
CA SER A 36 9.49 0.11 -1.45
C SER A 36 9.68 0.43 -2.92
N ALA A 37 10.35 1.54 -3.13
CA ALA A 37 10.67 2.01 -4.46
C ALA A 37 12.07 2.60 -4.51
N ASP A 38 12.78 2.38 -5.61
CA ASP A 38 14.14 2.89 -5.76
C ASP A 38 14.14 4.38 -6.04
N ILE A 39 15.00 5.10 -5.33
CA ILE A 39 15.11 6.54 -5.47
C ILE A 39 15.59 6.95 -6.86
N SER A 40 16.59 6.24 -7.37
CA SER A 40 17.14 6.53 -8.69
C SER A 40 16.06 6.48 -9.74
N GLN A 41 15.17 5.53 -9.60
CA GLN A 41 14.07 5.35 -10.53
C GLN A 41 13.07 6.51 -10.40
N VAL A 42 12.88 6.97 -9.18
CA VAL A 42 11.96 8.08 -8.91
C VAL A 42 12.51 9.39 -9.48
N LEU A 43 13.79 9.65 -9.21
CA LEU A 43 14.44 10.87 -9.68
C LEU A 43 14.53 10.88 -11.20
N LYS A 44 14.82 9.72 -11.79
CA LYS A 44 14.93 9.59 -13.23
C LYS A 44 13.59 9.88 -13.91
N GLU A 45 12.51 9.43 -13.29
CA GLU A 45 11.17 9.63 -13.83
C GLU A 45 10.84 11.12 -13.89
N LYS A 46 10.47 11.59 -15.07
CA LYS A 46 10.13 12.99 -15.27
C LYS A 46 8.61 13.20 -15.16
N ARG A 47 8.14 13.41 -13.94
CA ARG A 47 6.72 13.62 -13.70
C ARG A 47 5.91 12.42 -14.13
N SER A 48 6.50 11.23 -13.99
CA SER A 48 5.83 9.99 -14.36
C SER A 48 5.65 9.07 -13.15
N ILE A 49 4.99 7.96 -13.35
CA ILE A 49 4.75 7.00 -12.27
C ILE A 49 6.04 6.32 -11.85
N LYS A 50 6.18 6.06 -10.56
CA LYS A 50 7.37 5.41 -10.02
C LYS A 50 7.16 3.91 -9.89
N LYS A 51 6.33 3.51 -8.94
CA LYS A 51 6.05 2.10 -8.71
C LYS A 51 4.68 1.91 -8.05
N VAL A 52 4.01 0.81 -8.40
CA VAL A 52 2.68 0.54 -7.86
C VAL A 52 2.59 -0.88 -7.30
N TRP A 53 1.94 -0.99 -6.16
CA TRP A 53 1.73 -2.28 -5.48
C TRP A 53 0.31 -2.78 -5.62
N THR A 54 0.16 -4.08 -5.84
CA THR A 54 -1.15 -4.70 -5.93
C THR A 54 -1.33 -5.64 -4.75
N PHE A 55 -2.42 -5.45 -4.01
CA PHE A 55 -2.70 -6.26 -2.83
C PHE A 55 -3.91 -7.16 -3.03
N GLY A 56 -3.86 -8.34 -2.43
CA GLY A 56 -4.96 -9.28 -2.53
C GLY A 56 -4.57 -10.68 -2.11
N ARG A 57 -5.48 -11.63 -2.30
CA ARG A 57 -5.23 -13.03 -1.92
C ARG A 57 -4.40 -13.75 -2.98
N ASN A 58 -4.04 -13.04 -4.06
CA ASN A 58 -3.26 -13.64 -5.12
C ASN A 58 -1.77 -13.58 -4.81
N PRO A 59 -1.04 -14.68 -5.02
CA PRO A 59 0.40 -14.74 -4.77
C PRO A 59 1.19 -13.88 -5.76
N ALA A 60 0.49 -13.38 -6.77
CA ALA A 60 1.10 -12.54 -7.78
C ALA A 60 1.16 -11.13 -7.25
N CYS A 61 0.04 -10.74 -6.65
CA CYS A 61 -0.10 -9.45 -6.08
C CYS A 61 1.15 -9.07 -5.30
N ASP A 62 1.56 -7.84 -5.44
CA ASP A 62 2.73 -7.37 -4.73
C ASP A 62 2.55 -7.59 -3.23
N TYR A 63 1.30 -7.77 -2.80
CA TYR A 63 1.00 -8.02 -1.40
C TYR A 63 0.09 -9.25 -1.25
N HIS A 64 0.47 -10.16 -0.37
CA HIS A 64 -0.31 -11.36 -0.14
C HIS A 64 -1.15 -11.24 1.13
N LEU A 65 -2.47 -11.13 0.96
CA LEU A 65 -3.38 -11.00 2.09
C LEU A 65 -3.69 -12.35 2.71
N GLY A 66 -4.47 -13.16 2.00
CA GLY A 66 -4.82 -14.47 2.50
C GLY A 66 -5.67 -15.26 1.52
N ASN A 67 -6.99 -15.22 1.71
CA ASN A 67 -7.91 -15.93 0.83
C ASN A 67 -9.36 -15.68 1.23
N ILE A 68 -9.72 -14.42 1.40
CA ILE A 68 -11.08 -14.04 1.78
C ILE A 68 -12.01 -14.09 0.57
N SER A 69 -13.14 -14.78 0.72
CA SER A 69 -14.10 -14.91 -0.36
C SER A 69 -14.58 -13.53 -0.83
N ARG A 70 -14.87 -12.65 0.12
CA ARG A 70 -15.34 -11.31 -0.21
C ARG A 70 -14.28 -10.52 -0.95
N LEU A 71 -13.04 -10.64 -0.52
CA LEU A 71 -11.93 -9.91 -1.16
C LEU A 71 -11.60 -10.53 -2.52
N SER A 72 -11.07 -9.71 -3.43
CA SER A 72 -10.73 -10.17 -4.77
C SER A 72 -9.24 -10.53 -4.87
N ASN A 73 -8.86 -11.18 -5.97
CA ASN A 73 -7.46 -11.56 -6.21
C ASN A 73 -6.55 -10.39 -5.85
N LYS A 74 -6.78 -9.27 -6.51
CA LYS A 74 -6.05 -8.03 -6.26
C LYS A 74 -7.07 -7.04 -5.74
N HIS A 75 -7.31 -7.12 -4.43
CA HIS A 75 -8.31 -6.29 -3.78
C HIS A 75 -8.04 -4.81 -3.96
N PHE A 76 -6.79 -4.42 -3.74
CA PHE A 76 -6.44 -3.01 -3.87
C PHE A 76 -5.02 -2.82 -4.38
N GLN A 77 -4.74 -1.64 -4.93
CA GLN A 77 -3.42 -1.35 -5.48
C GLN A 77 -2.93 0.04 -5.06
N ILE A 78 -1.65 0.17 -4.74
CA ILE A 78 -1.10 1.46 -4.34
C ILE A 78 -0.08 1.94 -5.38
N LEU A 79 -0.22 3.19 -5.81
CA LEU A 79 0.69 3.75 -6.82
C LEU A 79 1.54 4.88 -6.24
N LEU A 80 2.75 5.03 -6.76
CA LEU A 80 3.67 6.07 -6.32
C LEU A 80 4.12 6.91 -7.50
N GLY A 81 3.88 8.21 -7.41
CA GLY A 81 4.26 9.12 -8.49
C GLY A 81 3.13 10.01 -8.93
N GLU A 82 3.36 11.32 -8.88
CA GLU A 82 2.35 12.29 -9.28
C GLU A 82 2.89 13.71 -9.18
N ASP A 83 3.66 13.97 -8.12
CA ASP A 83 4.23 15.29 -7.90
C ASP A 83 5.16 15.28 -6.69
N GLY A 84 4.74 14.59 -5.63
CA GLY A 84 5.54 14.51 -4.43
C GLY A 84 4.79 13.86 -3.28
N ASN A 85 4.15 12.72 -3.55
CA ASN A 85 3.40 12.00 -2.53
C ASN A 85 3.00 10.63 -3.03
N LEU A 86 2.21 9.91 -2.23
CA LEU A 86 1.76 8.58 -2.57
C LEU A 86 0.28 8.59 -2.96
N LEU A 87 -0.15 7.57 -3.69
CA LEU A 87 -1.54 7.47 -4.12
C LEU A 87 -2.07 6.06 -3.87
N LEU A 88 -3.35 5.98 -3.52
CA LEU A 88 -3.98 4.68 -3.26
C LEU A 88 -5.01 4.36 -4.32
N ASN A 89 -4.89 3.19 -4.94
CA ASN A 89 -5.82 2.79 -5.99
C ASN A 89 -6.59 1.55 -5.59
N ASP A 90 -7.90 1.70 -5.43
CA ASP A 90 -8.76 0.58 -5.07
C ASP A 90 -9.02 -0.29 -6.31
N ILE A 91 -9.01 -1.61 -6.12
CA ILE A 91 -9.22 -2.52 -7.24
C ILE A 91 -9.89 -3.82 -6.80
N SER A 92 -10.85 -3.74 -5.89
CA SER A 92 -11.53 -4.91 -5.40
C SER A 92 -12.85 -5.13 -6.13
N THR A 93 -13.38 -6.35 -6.00
CA THR A 93 -14.65 -6.68 -6.62
C THR A 93 -15.79 -5.93 -5.95
N ASN A 94 -15.73 -5.81 -4.61
CA ASN A 94 -16.76 -5.13 -3.86
C ASN A 94 -16.41 -3.69 -3.52
N GLY A 95 -15.12 -3.34 -3.56
CA GLY A 95 -14.72 -1.99 -3.26
C GLY A 95 -13.71 -1.89 -2.13
N THR A 96 -13.05 -0.74 -2.06
CA THR A 96 -12.05 -0.45 -1.04
C THR A 96 -12.52 0.71 -0.18
N TRP A 97 -12.32 0.61 1.12
CA TRP A 97 -12.78 1.66 2.02
C TRP A 97 -11.66 2.39 2.74
N LEU A 98 -11.92 3.67 3.00
CA LEU A 98 -10.98 4.50 3.72
C LEU A 98 -11.70 5.10 4.94
N ASN A 99 -11.25 4.69 6.12
CA ASN A 99 -11.85 5.16 7.36
C ASN A 99 -13.38 5.10 7.32
N GLY A 100 -13.92 4.07 6.68
CA GLY A 100 -15.35 3.91 6.60
C GLY A 100 -15.97 4.59 5.40
N GLN A 101 -15.16 5.28 4.61
CA GLN A 101 -15.67 5.96 3.43
C GLN A 101 -15.27 5.21 2.16
N LYS A 102 -16.28 4.76 1.42
CA LYS A 102 -16.08 4.02 0.20
C LYS A 102 -15.63 4.96 -0.94
N VAL A 103 -14.51 4.61 -1.57
CA VAL A 103 -13.99 5.41 -2.66
C VAL A 103 -14.25 4.75 -4.01
N GLU A 104 -14.07 5.51 -5.08
CA GLU A 104 -14.28 5.01 -6.43
C GLU A 104 -13.21 4.00 -6.79
N LYS A 105 -13.60 2.82 -7.26
CA LYS A 105 -12.64 1.80 -7.64
C LYS A 105 -11.65 2.36 -8.66
N ASN A 106 -10.54 1.67 -8.84
CA ASN A 106 -9.49 2.09 -9.78
C ASN A 106 -9.35 3.60 -9.82
N SER A 107 -9.52 4.23 -8.67
CA SER A 107 -9.40 5.68 -8.55
C SER A 107 -8.17 6.06 -7.73
N ASN A 108 -7.55 7.17 -8.09
CA ASN A 108 -6.36 7.64 -7.37
C ASN A 108 -6.75 8.50 -6.19
N GLN A 109 -6.16 8.22 -5.03
CA GLN A 109 -6.45 8.97 -3.83
C GLN A 109 -5.16 9.44 -3.16
N LEU A 110 -5.22 10.61 -2.54
CA LEU A 110 -4.04 11.16 -1.86
C LEU A 110 -3.77 10.40 -0.58
N LEU A 111 -2.53 9.95 -0.41
CA LEU A 111 -2.17 9.20 0.78
C LEU A 111 -2.37 10.02 2.05
N SER A 112 -2.60 9.30 3.14
CA SER A 112 -2.82 9.92 4.44
C SER A 112 -1.85 9.34 5.46
N GLN A 113 -1.52 10.13 6.49
CA GLN A 113 -0.61 9.69 7.53
C GLN A 113 -1.29 8.65 8.42
N GLY A 114 -0.66 7.48 8.53
CA GLY A 114 -1.24 6.42 9.35
C GLY A 114 -2.62 6.03 8.89
N ASP A 115 -2.93 6.33 7.63
CA ASP A 115 -4.23 6.03 7.05
C ASP A 115 -4.58 4.56 7.25
N GLU A 116 -5.83 4.22 6.92
CA GLU A 116 -6.31 2.86 7.06
C GLU A 116 -7.30 2.51 5.96
N ILE A 117 -7.14 1.33 5.37
CA ILE A 117 -8.04 0.89 4.31
C ILE A 117 -8.89 -0.30 4.78
N THR A 118 -10.20 -0.17 4.62
CA THR A 118 -11.13 -1.22 5.01
C THR A 118 -11.63 -1.95 3.77
N VAL A 119 -11.72 -3.28 3.85
CA VAL A 119 -12.17 -4.07 2.71
C VAL A 119 -13.09 -5.21 3.12
N GLY A 120 -13.88 -5.69 2.16
CA GLY A 120 -14.79 -6.78 2.41
C GLY A 120 -16.10 -6.31 2.99
N VAL A 121 -16.50 -5.10 2.62
CA VAL A 121 -17.72 -4.52 3.11
C VAL A 121 -18.95 -5.20 2.52
N GLY A 122 -19.95 -5.37 3.37
CA GLY A 122 -21.17 -6.02 3.00
C GLY A 122 -21.72 -6.79 4.17
N VAL A 123 -20.81 -7.44 4.88
CA VAL A 123 -21.13 -8.21 6.06
C VAL A 123 -20.25 -7.74 7.22
N GLU A 124 -20.87 -7.40 8.35
CA GLU A 124 -20.13 -6.91 9.51
C GLU A 124 -18.97 -7.84 9.85
N SER A 125 -19.14 -9.13 9.61
CA SER A 125 -18.12 -10.11 9.91
C SER A 125 -17.20 -10.40 8.72
N ASP A 126 -17.34 -9.65 7.62
CA ASP A 126 -16.52 -9.90 6.45
C ASP A 126 -15.71 -8.69 6.02
N ILE A 127 -15.48 -7.81 6.96
CA ILE A 127 -14.71 -6.61 6.71
C ILE A 127 -13.33 -6.70 7.36
N LEU A 128 -12.34 -6.23 6.65
CA LEU A 128 -10.95 -6.24 7.11
C LEU A 128 -10.37 -4.83 7.08
N SER A 129 -9.70 -4.45 8.16
CA SER A 129 -9.10 -3.13 8.26
C SER A 129 -7.58 -3.20 8.18
N LEU A 130 -7.00 -2.32 7.36
CA LEU A 130 -5.56 -2.27 7.17
C LEU A 130 -5.04 -0.85 7.40
N VAL A 131 -3.89 -0.72 8.05
CA VAL A 131 -3.31 0.59 8.32
C VAL A 131 -2.01 0.78 7.53
N ILE A 132 -1.81 2.00 7.02
CA ILE A 132 -0.65 2.31 6.23
C ILE A 132 0.32 3.18 7.04
N PHE A 133 1.61 2.86 6.93
CA PHE A 133 2.66 3.59 7.62
C PHE A 133 3.63 4.21 6.63
N ILE A 134 3.68 5.53 6.59
CA ILE A 134 4.54 6.24 5.67
C ILE A 134 5.95 6.41 6.26
N ASN A 135 6.96 6.13 5.43
CA ASN A 135 8.35 6.25 5.86
C ASN A 135 8.90 7.64 5.54
N ASP A 136 8.95 8.51 6.54
CA ASP A 136 9.45 9.86 6.37
C ASP A 136 10.90 9.85 5.86
N LYS A 137 11.62 8.78 6.17
CA LYS A 137 13.01 8.66 5.75
C LYS A 137 13.12 8.75 4.23
N PHE A 138 12.23 8.05 3.54
CA PHE A 138 12.21 8.04 2.08
C PHE A 138 12.05 9.45 1.54
N LYS A 139 11.14 10.21 2.15
CA LYS A 139 10.86 11.57 1.73
C LYS A 139 12.07 12.47 1.98
N GLN A 140 12.80 12.18 3.06
CA GLN A 140 13.98 12.96 3.42
C GLN A 140 15.02 12.96 2.29
N CYS A 141 15.26 11.79 1.71
CA CYS A 141 16.23 11.67 0.63
C CYS A 141 15.77 12.45 -0.61
N LEU A 142 14.50 12.28 -0.96
CA LEU A 142 13.93 12.96 -2.13
C LEU A 142 14.01 14.47 -1.96
N GLU A 143 13.81 14.93 -0.73
CA GLU A 143 13.86 16.36 -0.43
C GLU A 143 15.28 16.89 -0.55
N GLN A 144 16.25 16.06 -0.18
CA GLN A 144 17.66 16.43 -0.24
C GLN A 144 18.19 16.33 -1.67
N ASN A 145 17.58 15.46 -2.47
CA ASN A 145 17.99 15.27 -3.85
C ASN A 145 16.81 15.50 -4.81
N LYS A 146 16.77 16.68 -5.41
CA LYS A 146 15.70 17.02 -6.34
C LYS A 146 16.21 16.97 -7.78
N VAL A 147 15.27 16.84 -8.72
CA VAL A 147 15.62 16.77 -10.14
C VAL A 147 15.91 18.17 -10.69
N ASP A 148 17.01 18.29 -11.43
CA ASP A 148 17.41 19.56 -12.02
C ASP A 148 18.66 19.40 -12.87
N ARG A 149 18.49 19.53 -14.18
CA ARG A 149 19.61 19.40 -15.11
C ARG A 149 19.94 20.73 -15.76
N ILE A 150 20.39 21.68 -14.95
CA ILE A 150 20.74 23.01 -15.44
C ILE A 150 22.23 23.13 -15.71
N ARG A 151 22.58 23.59 -16.91
CA ARG A 151 23.98 23.75 -17.29
C ARG A 151 24.46 25.18 -17.06
N SER B 1 -15.08 -26.81 -10.26
CA SER B 1 -15.83 -25.53 -10.05
C SER B 1 -14.98 -24.51 -9.31
N LEU B 2 -14.90 -23.31 -9.85
CA LEU B 2 -14.12 -22.23 -9.23
C LEU B 2 -15.04 -21.21 -8.57
N GLU B 3 -14.74 -20.89 -7.31
CA GLU B 3 -15.54 -19.92 -6.56
C GLU B 3 -15.16 -18.49 -6.94
N VAL B 4 -16.11 -17.76 -7.52
CA VAL B 4 -15.87 -16.38 -7.92
C VAL B 4 -15.88 -15.45 -6.72
N TPO B 5 -15.27 -14.28 -6.89
CA TPO B 5 -15.19 -13.29 -5.82
CB TPO B 5 -14.23 -12.14 -6.18
CG2 TPO B 5 -14.19 -11.10 -5.06
OG1 TPO B 5 -12.95 -12.64 -6.40
P TPO B 5 -12.26 -12.32 -7.77
O1P TPO B 5 -10.85 -12.96 -7.64
O2P TPO B 5 -13.09 -13.11 -8.81
O3P TPO B 5 -12.21 -10.86 -8.05
C TPO B 5 -16.57 -12.72 -5.51
O TPO B 5 -17.20 -12.10 -6.37
H2 TPO B 5 -14.84 -14.08 -7.75
HA TPO B 5 -14.82 -13.78 -4.94
HB TPO B 5 -14.58 -11.66 -7.08
HG21 TPO B 5 -13.32 -10.47 -5.20
HG22 TPO B 5 -14.13 -11.59 -4.10
HG23 TPO B 5 -15.08 -10.49 -5.10
N GLU B 6 -17.05 -12.93 -4.29
CA GLU B 6 -18.35 -12.44 -3.88
C GLU B 6 -18.37 -10.91 -3.84
N ALA B 7 -19.43 -10.34 -4.39
CA ALA B 7 -19.57 -8.88 -4.43
C ALA B 7 -21.03 -8.46 -4.27
N ASP B 8 -21.26 -7.47 -3.42
CA ASP B 8 -22.62 -6.98 -3.18
C ASP B 8 -22.60 -5.48 -2.88
N ALA B 9 -23.78 -4.93 -2.61
CA ALA B 9 -23.91 -3.50 -2.31
C ALA B 9 -25.22 -3.21 -1.60
N THR B 10 -25.23 -3.36 -0.28
CA THR B 10 -26.42 -3.11 0.51
C THR B 10 -26.05 -2.68 1.93
N PHE B 11 -27.00 -2.04 2.62
CA PHE B 11 -26.77 -1.58 3.98
C PHE B 11 -28.05 -0.99 4.58
N VAL B 12 -28.76 -1.80 5.35
CA VAL B 12 -30.00 -1.36 5.98
C VAL B 12 -30.53 -2.42 6.96
N GLN B 13 -30.99 -1.96 8.11
CA GLN B 13 -31.51 -2.85 9.13
C GLN B 13 -32.89 -2.39 9.61
N ALA A 1 21.88 -20.01 8.64
CA ALA A 1 20.75 -20.80 9.14
C ALA A 1 19.44 -20.31 8.53
N THR A 2 19.39 -19.03 8.17
CA THR A 2 18.19 -18.44 7.58
C THR A 2 17.09 -18.29 8.62
N GLN A 3 16.62 -19.42 9.14
CA GLN A 3 15.57 -19.41 10.15
C GLN A 3 16.00 -18.63 11.39
N ARG A 4 17.28 -18.73 11.73
CA ARG A 4 17.80 -18.03 12.89
C ARG A 4 17.88 -16.54 12.64
N PHE A 5 18.24 -16.17 11.42
CA PHE A 5 18.34 -14.75 11.04
C PHE A 5 17.01 -14.04 11.29
N LEU A 6 15.92 -14.71 10.97
CA LEU A 6 14.59 -14.14 11.16
C LEU A 6 14.36 -13.80 12.64
N ILE A 7 14.97 -14.60 13.51
CA ILE A 7 14.84 -14.39 14.94
C ILE A 7 15.56 -13.11 15.37
N GLU A 8 16.78 -12.94 14.86
CA GLU A 8 17.59 -11.77 15.17
C GLU A 8 16.87 -10.47 14.79
N LYS A 9 16.07 -10.53 13.74
CA LYS A 9 15.33 -9.37 13.25
C LYS A 9 14.50 -8.72 14.35
N PHE A 10 14.18 -9.47 15.40
CA PHE A 10 13.37 -8.94 16.50
C PHE A 10 13.99 -7.69 17.09
N SER A 11 15.29 -7.72 17.32
CA SER A 11 16.01 -6.60 17.89
C SER A 11 16.33 -5.57 16.81
N GLN A 12 16.66 -6.05 15.62
CA GLN A 12 17.00 -5.17 14.50
C GLN A 12 15.81 -4.27 14.15
N GLU A 13 16.11 -3.06 13.71
CA GLU A 13 15.07 -2.10 13.33
C GLU A 13 14.91 -2.04 11.81
N GLN A 14 13.73 -1.65 11.36
CA GLN A 14 13.44 -1.56 9.94
C GLN A 14 14.18 -0.37 9.32
N ILE A 15 15.03 -0.66 8.34
CA ILE A 15 15.79 0.37 7.67
C ILE A 15 15.01 1.02 6.54
N GLY A 16 15.15 2.33 6.47
CA GLY A 16 14.48 3.10 5.44
C GLY A 16 15.39 3.44 4.29
N GLU A 17 15.84 2.40 3.58
CA GLU A 17 16.75 2.58 2.45
C GLU A 17 15.98 3.01 1.20
N ASN A 18 14.68 2.70 1.15
CA ASN A 18 13.86 3.06 0.00
C ASN A 18 12.46 2.52 0.24
N ILE A 19 12.08 2.57 1.51
CA ILE A 19 10.83 2.08 1.97
C ILE A 19 9.75 3.15 1.89
N VAL A 20 8.98 3.10 0.81
CA VAL A 20 7.91 4.03 0.55
C VAL A 20 6.90 4.04 1.68
N CYS A 21 6.20 2.92 1.86
CA CYS A 21 5.19 2.79 2.91
C CYS A 21 5.15 1.37 3.46
N ARG A 22 4.51 1.20 4.60
CA ARG A 22 4.39 -0.11 5.25
C ARG A 22 2.94 -0.43 5.58
N VAL A 23 2.48 -1.61 5.17
CA VAL A 23 1.12 -2.03 5.44
C VAL A 23 1.04 -2.85 6.71
N ILE A 24 0.21 -2.41 7.65
CA ILE A 24 0.04 -3.09 8.93
C ILE A 24 -1.42 -3.36 9.24
N CYS A 25 -1.77 -4.63 9.45
CA CYS A 25 -3.13 -5.01 9.76
C CYS A 25 -3.35 -5.03 11.28
N THR A 26 -4.15 -4.08 11.76
CA THR A 26 -4.43 -3.98 13.19
C THR A 26 -5.62 -4.84 13.59
N THR A 27 -6.46 -5.20 12.62
CA THR A 27 -7.64 -6.01 12.90
C THR A 27 -7.28 -7.50 13.01
N GLY A 28 -6.01 -7.82 12.80
CA GLY A 28 -5.56 -9.19 12.89
C GLY A 28 -6.13 -10.08 11.81
N GLN A 29 -5.62 -9.92 10.58
CA GLN A 29 -6.09 -10.70 9.44
C GLN A 29 -4.95 -10.98 8.47
N ILE A 30 -4.13 -9.97 8.23
CA ILE A 30 -3.01 -10.10 7.31
C ILE A 30 -1.69 -9.73 7.98
N PRO A 31 -0.59 -10.46 7.70
CA PRO A 31 0.71 -10.20 8.29
C PRO A 31 1.35 -8.94 7.71
N ILE A 32 1.95 -8.13 8.58
CA ILE A 32 2.60 -6.90 8.16
C ILE A 32 3.62 -7.14 7.05
N ARG A 33 3.64 -6.23 6.08
CA ARG A 33 4.56 -6.32 4.96
C ARG A 33 5.21 -4.97 4.70
N ASP A 34 6.30 -4.96 3.95
CA ASP A 34 7.00 -3.71 3.65
C ASP A 34 6.96 -3.36 2.16
N LEU A 35 6.38 -2.21 1.86
CA LEU A 35 6.29 -1.72 0.49
C LEU A 35 7.43 -0.75 0.23
N SER A 36 8.17 -0.93 -0.85
CA SER A 36 9.28 -0.04 -1.14
C SER A 36 9.49 0.25 -2.60
N ALA A 37 10.11 1.39 -2.82
CA ALA A 37 10.44 1.85 -4.18
C ALA A 37 11.82 2.49 -4.22
N ASP A 38 12.45 2.46 -5.39
CA ASP A 38 13.78 3.04 -5.55
C ASP A 38 13.69 4.50 -5.99
N ILE A 39 14.59 5.31 -5.44
CA ILE A 39 14.64 6.73 -5.76
C ILE A 39 14.99 7.00 -7.22
N SER A 40 16.00 6.29 -7.72
CA SER A 40 16.47 6.47 -9.08
C SER A 40 15.37 6.18 -10.11
N GLN A 41 14.62 5.11 -9.88
CA GLN A 41 13.54 4.75 -10.79
C GLN A 41 12.40 5.77 -10.71
N VAL A 42 12.15 6.26 -9.50
CA VAL A 42 11.10 7.25 -9.29
C VAL A 42 11.49 8.60 -9.91
N LEU A 43 12.73 9.01 -9.67
CA LEU A 43 13.21 10.28 -10.20
C LEU A 43 13.40 10.20 -11.72
N LYS A 44 13.72 9.01 -12.21
CA LYS A 44 13.93 8.80 -13.63
C LYS A 44 12.63 9.00 -14.41
N GLU A 45 11.54 8.45 -13.88
CA GLU A 45 10.24 8.57 -14.53
C GLU A 45 9.59 9.92 -14.23
N LYS A 46 9.44 10.74 -15.26
CA LYS A 46 8.84 12.06 -15.11
C LYS A 46 7.32 11.96 -15.03
N ARG A 47 6.76 10.98 -15.72
CA ARG A 47 5.31 10.77 -15.72
C ARG A 47 4.79 10.53 -14.32
N SER A 48 3.47 10.40 -14.20
CA SER A 48 2.84 10.17 -12.90
C SER A 48 2.94 8.70 -12.50
N ILE A 49 3.26 8.46 -11.23
CA ILE A 49 3.39 7.10 -10.71
C ILE A 49 4.57 6.38 -11.35
N LYS A 50 5.13 5.42 -10.61
CA LYS A 50 6.27 4.65 -11.10
C LYS A 50 6.17 3.20 -10.65
N LYS A 51 6.02 3.01 -9.34
CA LYS A 51 5.90 1.67 -8.77
C LYS A 51 4.60 1.53 -7.99
N VAL A 52 3.77 0.58 -8.41
CA VAL A 52 2.49 0.35 -7.75
C VAL A 52 2.36 -1.07 -7.24
N TRP A 53 1.79 -1.19 -6.04
CA TRP A 53 1.59 -2.51 -5.42
C TRP A 53 0.16 -3.00 -5.57
N THR A 54 0.00 -4.28 -5.90
CA THR A 54 -1.32 -4.87 -6.01
C THR A 54 -1.50 -5.90 -4.89
N PHE A 55 -2.59 -5.75 -4.15
CA PHE A 55 -2.87 -6.64 -3.02
C PHE A 55 -4.06 -7.54 -3.31
N GLY A 56 -4.01 -8.77 -2.80
CA GLY A 56 -5.11 -9.69 -3.00
C GLY A 56 -4.75 -11.14 -2.70
N ARG A 57 -5.69 -12.05 -3.01
CA ARG A 57 -5.51 -13.48 -2.77
C ARG A 57 -4.55 -14.11 -3.79
N ASN A 58 -4.15 -13.35 -4.80
CA ASN A 58 -3.26 -13.86 -5.83
C ASN A 58 -1.80 -13.75 -5.42
N PRO A 59 -1.02 -14.83 -5.62
CA PRO A 59 0.41 -14.85 -5.29
C PRO A 59 1.22 -13.95 -6.22
N ALA A 60 0.56 -13.41 -7.23
CA ALA A 60 1.20 -12.51 -8.18
C ALA A 60 1.22 -11.14 -7.59
N CYS A 61 0.08 -10.79 -7.02
CA CYS A 61 -0.11 -9.52 -6.37
C CYS A 61 1.12 -9.15 -5.58
N ASP A 62 1.50 -7.91 -5.65
CA ASP A 62 2.67 -7.44 -4.92
C ASP A 62 2.49 -7.73 -3.43
N TYR A 63 1.24 -7.96 -3.01
CA TYR A 63 0.96 -8.26 -1.62
C TYR A 63 0.10 -9.50 -1.49
N HIS A 64 0.53 -10.44 -0.67
CA HIS A 64 -0.23 -11.68 -0.46
C HIS A 64 -0.98 -11.62 0.85
N LEU A 65 -2.30 -11.48 0.76
CA LEU A 65 -3.15 -11.40 1.95
C LEU A 65 -3.52 -12.80 2.45
N GLY A 66 -4.27 -12.85 3.54
CA GLY A 66 -4.68 -14.12 4.11
C GLY A 66 -5.45 -14.97 3.12
N ASN A 67 -6.78 -14.99 3.27
CA ASN A 67 -7.63 -15.76 2.38
C ASN A 67 -9.10 -15.37 2.57
N ILE A 68 -9.46 -14.18 2.09
CA ILE A 68 -10.82 -13.69 2.20
C ILE A 68 -11.57 -13.86 0.88
N SER A 69 -12.66 -14.63 0.91
CA SER A 69 -13.46 -14.87 -0.28
C SER A 69 -14.11 -13.59 -0.78
N ARG A 70 -14.58 -12.76 0.14
CA ARG A 70 -15.23 -11.51 -0.22
C ARG A 70 -14.29 -10.60 -0.98
N LEU A 71 -12.99 -10.76 -0.75
CA LEU A 71 -11.99 -9.94 -1.43
C LEU A 71 -11.66 -10.52 -2.80
N SER A 72 -11.24 -9.66 -3.73
CA SER A 72 -10.91 -10.08 -5.09
C SER A 72 -9.43 -10.44 -5.23
N ASN A 73 -9.10 -11.16 -6.31
CA ASN A 73 -7.71 -11.56 -6.59
C ASN A 73 -6.76 -10.42 -6.26
N LYS A 74 -7.07 -9.26 -6.83
CA LYS A 74 -6.31 -8.03 -6.59
C LYS A 74 -7.29 -7.03 -6.02
N HIS A 75 -7.51 -7.13 -4.72
CA HIS A 75 -8.47 -6.29 -4.04
C HIS A 75 -8.15 -4.81 -4.15
N PHE A 76 -6.89 -4.48 -3.92
CA PHE A 76 -6.50 -3.07 -4.00
C PHE A 76 -5.06 -2.91 -4.49
N GLN A 77 -4.74 -1.70 -4.95
CA GLN A 77 -3.40 -1.42 -5.45
C GLN A 77 -2.91 -0.06 -4.94
N ILE A 78 -1.61 0.03 -4.62
CA ILE A 78 -1.05 1.29 -4.13
C ILE A 78 0.00 1.83 -5.09
N LEU A 79 -0.13 3.10 -5.48
CA LEU A 79 0.82 3.71 -6.41
C LEU A 79 1.79 4.65 -5.69
N LEU A 80 3.02 4.67 -6.17
CA LEU A 80 4.06 5.52 -5.60
C LEU A 80 4.67 6.41 -6.68
N GLY A 81 4.61 7.73 -6.46
CA GLY A 81 5.18 8.65 -7.42
C GLY A 81 4.65 10.06 -7.25
N GLU A 82 5.06 10.96 -8.14
CA GLU A 82 4.63 12.35 -8.08
C GLU A 82 5.08 13.01 -6.79
N ASP A 83 6.28 13.60 -6.82
CA ASP A 83 6.83 14.27 -5.64
C ASP A 83 6.94 13.31 -4.46
N GLY A 84 7.16 13.86 -3.27
CA GLY A 84 7.27 13.03 -2.09
C GLY A 84 5.92 12.69 -1.49
N ASN A 85 5.05 12.10 -2.29
CA ASN A 85 3.72 11.72 -1.83
C ASN A 85 3.40 10.28 -2.23
N LEU A 86 2.19 9.83 -1.88
CA LEU A 86 1.77 8.47 -2.19
C LEU A 86 0.34 8.47 -2.74
N LEU A 87 0.00 7.42 -3.49
CA LEU A 87 -1.32 7.29 -4.07
C LEU A 87 -1.88 5.90 -3.83
N LEU A 88 -3.16 5.82 -3.49
CA LEU A 88 -3.81 4.55 -3.24
C LEU A 88 -4.86 4.28 -4.31
N ASN A 89 -4.76 3.12 -4.95
CA ASN A 89 -5.70 2.77 -6.01
C ASN A 89 -6.53 1.55 -5.63
N ASP A 90 -7.83 1.75 -5.49
CA ASP A 90 -8.73 0.65 -5.15
C ASP A 90 -9.02 -0.18 -6.40
N ILE A 91 -9.02 -1.50 -6.26
CA ILE A 91 -9.26 -2.38 -7.40
C ILE A 91 -9.97 -3.67 -6.99
N SER A 92 -10.91 -3.58 -6.06
CA SER A 92 -11.63 -4.74 -5.59
C SER A 92 -12.99 -4.87 -6.26
N THR A 93 -13.46 -6.10 -6.36
CA THR A 93 -14.77 -6.36 -6.94
C THR A 93 -15.86 -5.83 -6.01
N ASN A 94 -15.59 -5.87 -4.71
CA ASN A 94 -16.54 -5.43 -3.72
C ASN A 94 -16.32 -3.97 -3.28
N GLY A 95 -15.13 -3.43 -3.51
CA GLY A 95 -14.86 -2.07 -3.15
C GLY A 95 -13.78 -1.92 -2.08
N THR A 96 -13.14 -0.76 -2.08
CA THR A 96 -12.09 -0.43 -1.12
C THR A 96 -12.53 0.76 -0.28
N TRP A 97 -12.28 0.70 1.03
CA TRP A 97 -12.69 1.77 1.92
C TRP A 97 -11.53 2.50 2.57
N LEU A 98 -11.76 3.79 2.82
CA LEU A 98 -10.79 4.62 3.49
C LEU A 98 -11.46 5.24 4.72
N ASN A 99 -10.98 4.85 5.89
CA ASN A 99 -11.52 5.36 7.16
C ASN A 99 -13.06 5.35 7.16
N GLY A 100 -13.66 4.28 6.66
CA GLY A 100 -15.10 4.18 6.64
C GLY A 100 -15.74 4.83 5.43
N GLN A 101 -14.93 5.51 4.63
CA GLN A 101 -15.45 6.17 3.43
C GLN A 101 -15.06 5.41 2.17
N LYS A 102 -16.07 4.93 1.46
CA LYS A 102 -15.85 4.19 0.23
C LYS A 102 -15.39 5.11 -0.90
N VAL A 103 -14.16 4.89 -1.36
CA VAL A 103 -13.60 5.69 -2.44
C VAL A 103 -13.94 5.10 -3.80
N GLU A 104 -13.77 5.91 -4.85
CA GLU A 104 -14.06 5.46 -6.21
C GLU A 104 -13.04 4.41 -6.66
N LYS A 105 -13.53 3.26 -7.10
CA LYS A 105 -12.64 2.18 -7.55
C LYS A 105 -11.68 2.70 -8.61
N ASN A 106 -10.62 1.93 -8.83
CA ASN A 106 -9.58 2.27 -9.81
C ASN A 106 -9.33 3.78 -9.87
N SER A 107 -9.47 4.42 -8.73
CA SER A 107 -9.25 5.86 -8.63
C SER A 107 -8.02 6.18 -7.79
N ASN A 108 -7.30 7.23 -8.16
CA ASN A 108 -6.10 7.63 -7.43
C ASN A 108 -6.43 8.63 -6.33
N GLN A 109 -5.94 8.36 -5.13
CA GLN A 109 -6.18 9.23 -3.99
C GLN A 109 -4.87 9.57 -3.28
N LEU A 110 -4.80 10.75 -2.71
CA LEU A 110 -3.60 11.18 -1.99
C LEU A 110 -3.49 10.44 -0.66
N LEU A 111 -2.40 9.70 -0.49
CA LEU A 111 -2.20 8.93 0.73
C LEU A 111 -2.30 9.82 1.97
N SER A 112 -2.57 9.18 3.10
CA SER A 112 -2.70 9.86 4.37
C SER A 112 -1.74 9.26 5.39
N GLN A 113 -1.33 10.06 6.37
CA GLN A 113 -0.42 9.58 7.41
C GLN A 113 -1.12 8.61 8.33
N GLY A 114 -0.61 7.38 8.38
CA GLY A 114 -1.21 6.36 9.21
C GLY A 114 -2.61 6.00 8.77
N ASP A 115 -2.92 6.31 7.51
CA ASP A 115 -4.23 6.02 6.94
C ASP A 115 -4.57 4.54 7.08
N GLU A 116 -5.81 4.20 6.75
CA GLU A 116 -6.26 2.82 6.85
C GLU A 116 -7.25 2.48 5.74
N ILE A 117 -7.07 1.32 5.11
CA ILE A 117 -7.97 0.88 4.05
C ILE A 117 -8.82 -0.28 4.51
N THR A 118 -10.13 -0.14 4.38
CA THR A 118 -11.07 -1.18 4.79
C THR A 118 -11.61 -1.91 3.57
N VAL A 119 -11.76 -3.22 3.68
CA VAL A 119 -12.26 -4.02 2.57
C VAL A 119 -13.21 -5.11 3.02
N GLY A 120 -14.04 -5.59 2.10
CA GLY A 120 -14.99 -6.63 2.41
C GLY A 120 -16.21 -6.09 3.13
N VAL A 121 -16.70 -4.94 2.66
CA VAL A 121 -17.84 -4.30 3.26
C VAL A 121 -19.15 -4.89 2.76
N GLY A 122 -20.09 -5.02 3.67
CA GLY A 122 -21.38 -5.58 3.39
C GLY A 122 -21.85 -6.41 4.57
N VAL A 123 -20.91 -7.13 5.15
CA VAL A 123 -21.15 -7.95 6.31
C VAL A 123 -20.15 -7.58 7.39
N GLU A 124 -20.64 -7.14 8.54
CA GLU A 124 -19.78 -6.74 9.64
C GLU A 124 -18.73 -7.80 9.96
N SER A 125 -19.03 -9.05 9.61
CA SER A 125 -18.14 -10.16 9.86
C SER A 125 -17.23 -10.46 8.67
N ASP A 126 -17.28 -9.62 7.63
CA ASP A 126 -16.46 -9.86 6.45
C ASP A 126 -15.67 -8.64 6.02
N ILE A 127 -15.41 -7.77 6.95
CA ILE A 127 -14.65 -6.57 6.70
C ILE A 127 -13.25 -6.67 7.28
N LEU A 128 -12.29 -6.19 6.53
CA LEU A 128 -10.89 -6.20 6.92
C LEU A 128 -10.31 -4.79 6.89
N SER A 129 -9.58 -4.42 7.94
CA SER A 129 -8.98 -3.10 8.02
C SER A 129 -7.46 -3.17 7.97
N LEU A 130 -6.87 -2.38 7.07
CA LEU A 130 -5.44 -2.33 6.90
C LEU A 130 -4.91 -0.91 7.11
N VAL A 131 -3.81 -0.78 7.84
CA VAL A 131 -3.23 0.54 8.10
C VAL A 131 -1.91 0.71 7.37
N ILE A 132 -1.69 1.91 6.83
CA ILE A 132 -0.49 2.21 6.09
C ILE A 132 0.44 3.11 6.91
N PHE A 133 1.72 2.78 6.89
CA PHE A 133 2.73 3.55 7.62
C PHE A 133 3.72 4.19 6.65
N ILE A 134 3.68 5.51 6.55
CA ILE A 134 4.57 6.24 5.66
C ILE A 134 5.92 6.51 6.31
N ASN A 135 6.99 6.27 5.56
CA ASN A 135 8.34 6.48 6.07
C ASN A 135 8.80 7.92 5.79
N ASP A 136 9.31 8.59 6.82
CA ASP A 136 9.77 9.96 6.70
C ASP A 136 11.08 10.03 5.91
N LYS A 137 11.88 8.96 6.01
CA LYS A 137 13.15 8.90 5.30
C LYS A 137 12.93 9.02 3.79
N PHE A 138 11.97 8.26 3.29
CA PHE A 138 11.65 8.27 1.87
C PHE A 138 11.28 9.66 1.39
N LYS A 139 10.46 10.35 2.18
CA LYS A 139 10.02 11.70 1.84
C LYS A 139 11.20 12.67 1.82
N GLN A 140 12.12 12.49 2.76
CA GLN A 140 13.29 13.35 2.84
C GLN A 140 14.12 13.31 1.56
N CYS A 141 14.36 12.10 1.06
CA CYS A 141 15.12 11.92 -0.17
C CYS A 141 14.37 12.45 -1.38
N LEU A 142 13.07 12.17 -1.43
CA LEU A 142 12.23 12.62 -2.53
C LEU A 142 12.12 14.14 -2.55
N GLU A 143 12.08 14.74 -1.37
CA GLU A 143 11.97 16.19 -1.25
C GLU A 143 13.23 16.88 -1.75
N GLN A 144 14.38 16.40 -1.31
CA GLN A 144 15.65 16.97 -1.72
C GLN A 144 16.04 16.50 -3.11
N ASN A 145 15.73 15.25 -3.42
CA ASN A 145 16.05 14.66 -4.73
C ASN A 145 17.45 15.04 -5.19
N LYS A 146 18.37 15.19 -4.24
CA LYS A 146 19.74 15.57 -4.55
C LYS A 146 20.72 14.54 -4.00
N VAL A 147 21.67 14.12 -4.83
CA VAL A 147 22.67 13.14 -4.42
C VAL A 147 23.94 13.83 -3.91
N ASP A 148 24.36 13.46 -2.71
CA ASP A 148 25.56 14.04 -2.11
C ASP A 148 26.22 13.05 -1.15
N ARG A 149 27.51 13.27 -0.88
CA ARG A 149 28.26 12.40 0.01
C ARG A 149 28.67 13.15 1.27
N ILE A 150 29.17 12.41 2.26
CA ILE A 150 29.61 13.00 3.51
C ILE A 150 31.12 13.19 3.53
N ARG A 151 31.55 14.41 3.83
CA ARG A 151 32.97 14.73 3.87
C ARG A 151 33.22 16.00 4.70
N SER B 1 -19.44 -18.88 -18.16
CA SER B 1 -19.20 -17.42 -18.05
C SER B 1 -18.09 -17.12 -17.04
N LEU B 2 -17.77 -15.84 -16.88
CA LEU B 2 -16.73 -15.42 -15.95
C LEU B 2 -17.34 -14.89 -14.65
N GLU B 3 -16.89 -15.44 -13.54
CA GLU B 3 -17.39 -15.03 -12.23
C GLU B 3 -16.41 -15.42 -11.12
N VAL B 4 -15.44 -14.54 -10.87
CA VAL B 4 -14.44 -14.79 -9.85
C VAL B 4 -14.72 -13.95 -8.60
N TPO B 5 -14.42 -14.50 -7.43
CA TPO B 5 -14.64 -13.81 -6.17
CB TPO B 5 -13.85 -12.49 -6.13
CG2 TPO B 5 -14.12 -11.73 -4.83
OG1 TPO B 5 -12.47 -12.74 -6.25
P TPO B 5 -11.79 -13.67 -5.21
O1P TPO B 5 -11.51 -14.99 -5.99
O2P TPO B 5 -10.43 -12.99 -4.89
O3P TPO B 5 -12.62 -13.89 -3.98
C TPO B 5 -16.12 -13.51 -5.97
O TPO B 5 -16.87 -13.34 -6.93
H2 TPO B 5 -14.04 -15.41 -7.42
HA TPO B 5 -14.30 -14.44 -5.37
HB TPO B 5 -14.16 -11.87 -6.96
HG21 TPO B 5 -13.27 -11.10 -4.59
HG22 TPO B 5 -14.29 -12.44 -4.03
HG23 TPO B 5 -14.99 -11.11 -4.95
N GLU B 6 -16.55 -13.44 -4.72
CA GLU B 6 -17.93 -13.16 -4.38
C GLU B 6 -18.13 -11.67 -4.11
N ALA B 7 -19.04 -11.04 -4.87
CA ALA B 7 -19.32 -9.63 -4.71
C ALA B 7 -20.80 -9.39 -4.41
N ASP B 8 -21.13 -8.16 -4.02
CA ASP B 8 -22.51 -7.80 -3.71
C ASP B 8 -22.62 -6.31 -3.41
N ALA B 9 -23.86 -5.82 -3.33
CA ALA B 9 -24.10 -4.42 -3.05
C ALA B 9 -25.54 -4.18 -2.62
N THR B 10 -25.73 -3.82 -1.36
CA THR B 10 -27.07 -3.56 -0.83
C THR B 10 -27.06 -2.34 0.10
N PHE B 11 -28.23 -2.00 0.63
CA PHE B 11 -28.36 -0.86 1.53
C PHE B 11 -28.63 -1.33 2.95
N VAL B 12 -27.58 -1.79 3.63
CA VAL B 12 -27.71 -2.26 5.00
C VAL B 12 -27.05 -1.29 5.98
N GLN B 13 -25.94 -0.71 5.57
CA GLN B 13 -25.21 0.24 6.41
C GLN B 13 -25.90 1.61 6.39
#